data_2E9G
#
_entry.id   2E9G
#
_entity_poly.entity_id   1
_entity_poly.type   'polypeptide(L)'
_entity_poly.pdbx_seq_one_letter_code
;GSSGSSGPPPAPIPDLKVFEREGVQLNLSFIRPPENPALLLITITATNFSEGDVTHFICQAAVPKSLQLQLQAPSGNTVP
ARGGLPITQLFRILNPNKAPLRLKLRLTYDHFHQSVQEIFEVNNLPVESWQ
;
_entity_poly.pdbx_strand_id   A
#
# COMPACT_ATOMS: atom_id res chain seq x y z
N GLY A 1 33.87 -1.99 -17.77
CA GLY A 1 32.94 -2.52 -18.75
C GLY A 1 31.59 -2.88 -18.14
N SER A 2 31.31 -4.18 -18.07
CA SER A 2 30.05 -4.66 -17.52
C SER A 2 30.27 -5.90 -16.68
N SER A 3 29.84 -5.85 -15.42
CA SER A 3 29.98 -6.97 -14.51
C SER A 3 28.82 -7.03 -13.53
N GLY A 4 28.18 -8.19 -13.43
CA GLY A 4 27.07 -8.35 -12.53
C GLY A 4 27.51 -8.59 -11.10
N SER A 5 27.28 -9.82 -10.62
CA SER A 5 27.65 -10.17 -9.25
C SER A 5 27.63 -11.69 -9.07
N SER A 6 28.25 -12.16 -7.97
CA SER A 6 28.30 -13.58 -7.69
C SER A 6 27.47 -13.92 -6.46
N GLY A 7 26.37 -14.64 -6.67
CA GLY A 7 25.51 -15.02 -5.57
C GLY A 7 24.11 -15.36 -6.03
N PRO A 8 23.41 -16.21 -5.24
CA PRO A 8 22.05 -16.63 -5.55
C PRO A 8 21.04 -15.50 -5.41
N PRO A 9 19.86 -15.67 -6.03
CA PRO A 9 18.78 -14.68 -5.98
C PRO A 9 18.15 -14.58 -4.60
N PRO A 10 17.89 -13.34 -4.16
CA PRO A 10 17.29 -13.06 -2.85
C PRO A 10 15.82 -13.50 -2.79
N ALA A 11 15.16 -13.17 -1.69
CA ALA A 11 13.76 -13.52 -1.51
C ALA A 11 12.91 -12.28 -1.25
N PRO A 12 12.27 -11.77 -2.31
CA PRO A 12 11.42 -10.58 -2.22
C PRO A 12 10.12 -10.85 -1.45
N ILE A 13 9.24 -9.86 -1.41
CA ILE A 13 7.97 -9.99 -0.71
C ILE A 13 6.80 -9.86 -1.67
N PRO A 14 5.95 -10.89 -1.70
CA PRO A 14 4.77 -10.93 -2.56
C PRO A 14 3.69 -9.94 -2.11
N ASP A 15 2.85 -9.52 -3.05
CA ASP A 15 1.77 -8.58 -2.75
C ASP A 15 0.95 -9.07 -1.56
N LEU A 16 0.19 -8.16 -0.97
CA LEU A 16 -0.66 -8.49 0.19
C LEU A 16 -2.06 -7.93 0.01
N LYS A 17 -3.06 -8.80 0.15
CA LYS A 17 -4.45 -8.39 0.02
C LYS A 17 -4.96 -7.74 1.30
N VAL A 18 -5.49 -6.53 1.16
CA VAL A 18 -6.01 -5.79 2.31
C VAL A 18 -7.50 -5.50 2.15
N PHE A 19 -7.92 -5.31 0.90
CA PHE A 19 -9.33 -5.02 0.61
C PHE A 19 -9.76 -5.69 -0.69
N GLU A 20 -10.87 -6.43 -0.64
CA GLU A 20 -11.38 -7.11 -1.82
C GLU A 20 -12.89 -6.90 -1.96
N ARG A 21 -13.29 -6.25 -3.03
CA ARG A 21 -14.70 -5.98 -3.28
C ARG A 21 -15.14 -6.56 -4.62
N GLU A 22 -16.42 -6.91 -4.73
CA GLU A 22 -16.96 -7.48 -5.95
C GLU A 22 -16.57 -6.64 -7.17
N GLY A 23 -16.18 -5.39 -6.91
CA GLY A 23 -15.78 -4.51 -7.99
C GLY A 23 -14.44 -3.86 -7.75
N VAL A 24 -14.24 -3.35 -6.53
CA VAL A 24 -12.98 -2.71 -6.17
C VAL A 24 -11.97 -3.71 -5.62
N GLN A 25 -10.70 -3.48 -5.89
CA GLN A 25 -9.64 -4.37 -5.41
C GLN A 25 -8.40 -3.58 -5.02
N LEU A 26 -7.96 -3.74 -3.78
CA LEU A 26 -6.78 -3.04 -3.29
C LEU A 26 -5.66 -4.02 -2.97
N ASN A 27 -4.44 -3.66 -3.35
CA ASN A 27 -3.28 -4.50 -3.11
C ASN A 27 -2.19 -3.73 -2.37
N LEU A 28 -1.40 -4.46 -1.57
CA LEU A 28 -0.33 -3.84 -0.81
C LEU A 28 1.03 -4.36 -1.27
N SER A 29 1.96 -3.44 -1.51
CA SER A 29 3.30 -3.81 -1.95
C SER A 29 4.36 -3.20 -1.04
N PHE A 30 5.26 -4.04 -0.54
CA PHE A 30 6.32 -3.59 0.35
C PHE A 30 7.66 -3.51 -0.40
N ILE A 31 8.34 -2.38 -0.27
CA ILE A 31 9.62 -2.18 -0.93
C ILE A 31 10.73 -1.91 0.09
N ARG A 32 11.84 -2.64 -0.05
CA ARG A 32 12.97 -2.48 0.86
C ARG A 32 14.22 -2.08 0.10
N PRO A 33 14.49 -0.76 0.03
CA PRO A 33 15.65 -0.22 -0.66
C PRO A 33 16.96 -0.54 0.06
N PRO A 34 18.04 -0.72 -0.72
CA PRO A 34 19.36 -1.03 -0.19
C PRO A 34 19.98 0.14 0.56
N GLU A 35 19.83 1.33 -0.01
CA GLU A 35 20.38 2.54 0.60
C GLU A 35 19.85 2.72 2.02
N ASN A 36 18.56 2.46 2.21
CA ASN A 36 17.93 2.60 3.52
C ASN A 36 17.16 1.34 3.87
N PRO A 37 17.80 0.45 4.67
CA PRO A 37 17.18 -0.81 5.10
C PRO A 37 16.05 -0.59 6.09
N ALA A 38 16.20 0.43 6.94
CA ALA A 38 15.19 0.75 7.94
C ALA A 38 14.01 1.49 7.31
N LEU A 39 14.13 1.79 6.02
CA LEU A 39 13.07 2.49 5.31
C LEU A 39 12.13 1.50 4.61
N LEU A 40 10.84 1.68 4.83
CA LEU A 40 9.84 0.80 4.22
C LEU A 40 8.88 1.60 3.33
N LEU A 41 9.06 1.50 2.02
CA LEU A 41 8.21 2.20 1.07
C LEU A 41 7.00 1.36 0.69
N ILE A 42 5.84 1.70 1.25
CA ILE A 42 4.61 0.98 0.95
C ILE A 42 3.86 1.61 -0.21
N THR A 43 3.20 0.78 -1.00
CA THR A 43 2.44 1.25 -2.15
C THR A 43 1.02 0.70 -2.14
N ILE A 44 0.11 1.41 -2.79
CA ILE A 44 -1.29 0.99 -2.86
C ILE A 44 -1.78 0.94 -4.30
N THR A 45 -2.60 -0.06 -4.61
CA THR A 45 -3.15 -0.21 -5.96
C THR A 45 -4.64 -0.48 -5.92
N ALA A 46 -5.42 0.59 -6.03
CA ALA A 46 -6.88 0.46 -6.01
C ALA A 46 -7.45 0.36 -7.42
N THR A 47 -7.97 -0.81 -7.75
CA THR A 47 -8.54 -1.05 -9.07
C THR A 47 -10.06 -1.11 -9.01
N ASN A 48 -10.72 -0.55 -10.02
CA ASN A 48 -12.17 -0.55 -10.08
C ASN A 48 -12.66 -1.17 -11.39
N PHE A 49 -13.49 -2.20 -11.27
CA PHE A 49 -14.03 -2.89 -12.43
C PHE A 49 -15.55 -2.70 -12.52
N SER A 50 -16.17 -2.44 -11.37
CA SER A 50 -17.62 -2.25 -11.32
C SER A 50 -18.08 -1.30 -12.42
N GLU A 51 -19.40 -1.19 -12.58
CA GLU A 51 -19.96 -0.32 -13.59
C GLU A 51 -20.17 1.10 -13.05
N GLY A 52 -19.40 1.43 -12.01
CA GLY A 52 -19.51 2.76 -11.41
C GLY A 52 -18.16 3.40 -11.18
N ASP A 53 -17.76 4.28 -12.09
CA ASP A 53 -16.48 4.97 -11.97
C ASP A 53 -16.35 5.68 -10.63
N VAL A 54 -15.25 5.44 -9.93
CA VAL A 54 -15.01 6.06 -8.64
C VAL A 54 -14.28 7.38 -8.79
N THR A 55 -14.55 8.31 -7.87
CA THR A 55 -13.92 9.62 -7.89
C THR A 55 -13.72 10.16 -6.49
N HIS A 56 -12.88 11.19 -6.37
CA HIS A 56 -12.60 11.81 -5.08
C HIS A 56 -12.19 10.75 -4.05
N PHE A 57 -11.44 9.76 -4.51
CA PHE A 57 -10.97 8.69 -3.63
C PHE A 57 -10.02 9.22 -2.58
N ILE A 58 -10.18 8.76 -1.34
CA ILE A 58 -9.33 9.19 -0.24
C ILE A 58 -8.61 8.00 0.39
N CYS A 59 -7.29 8.10 0.46
CA CYS A 59 -6.47 7.04 1.05
C CYS A 59 -5.61 7.57 2.19
N GLN A 60 -5.90 7.12 3.41
CA GLN A 60 -5.15 7.55 4.58
C GLN A 60 -4.63 6.35 5.36
N ALA A 61 -3.70 6.61 6.28
CA ALA A 61 -3.11 5.56 7.09
C ALA A 61 -2.73 6.09 8.47
N ALA A 62 -2.32 5.17 9.36
CA ALA A 62 -1.93 5.54 10.70
C ALA A 62 -0.86 4.60 11.24
N VAL A 63 0.16 5.17 11.89
CA VAL A 63 1.25 4.38 12.45
C VAL A 63 1.60 4.85 13.86
N PRO A 64 2.09 3.91 14.68
CA PRO A 64 2.47 4.21 16.06
C PRO A 64 3.73 5.08 16.15
N LYS A 65 3.77 5.94 17.16
CA LYS A 65 4.91 6.83 17.36
C LYS A 65 6.22 6.13 16.98
N SER A 66 6.42 4.94 17.53
CA SER A 66 7.63 4.16 17.25
C SER A 66 8.06 4.34 15.80
N LEU A 67 7.11 4.19 14.88
CA LEU A 67 7.40 4.34 13.46
C LEU A 67 6.95 5.70 12.95
N GLN A 68 7.27 5.98 11.69
CA GLN A 68 6.89 7.26 11.08
C GLN A 68 6.08 7.03 9.81
N LEU A 69 5.42 8.09 9.34
CA LEU A 69 4.61 8.00 8.13
C LEU A 69 4.72 9.28 7.31
N GLN A 70 4.84 9.14 6.00
CA GLN A 70 4.95 10.29 5.11
C GLN A 70 3.96 10.18 3.96
N LEU A 71 3.03 11.13 3.89
CA LEU A 71 2.02 11.14 2.84
C LEU A 71 2.56 11.83 1.58
N GLN A 72 2.83 11.05 0.55
CA GLN A 72 3.33 11.58 -0.71
C GLN A 72 2.20 11.98 -1.63
N ALA A 73 2.48 12.88 -2.57
CA ALA A 73 1.48 13.36 -3.51
C ALA A 73 0.88 12.19 -4.29
N PRO A 74 -0.45 12.17 -4.39
CA PRO A 74 -1.18 11.11 -5.11
C PRO A 74 -0.98 11.20 -6.62
N SER A 75 -1.85 10.52 -7.37
CA SER A 75 -1.76 10.52 -8.83
C SER A 75 -3.02 11.11 -9.45
N GLY A 76 -4.14 10.93 -8.76
CA GLY A 76 -5.40 11.45 -9.26
C GLY A 76 -6.59 10.95 -8.47
N ASN A 77 -7.53 11.84 -8.17
CA ASN A 77 -8.73 11.47 -7.41
C ASN A 77 -9.81 10.91 -8.34
N THR A 78 -9.42 10.03 -9.25
CA THR A 78 -10.34 9.43 -10.19
C THR A 78 -9.87 8.06 -10.63
N VAL A 79 -10.77 7.08 -10.59
CA VAL A 79 -10.44 5.71 -10.98
C VAL A 79 -11.42 5.20 -12.03
N PRO A 80 -10.88 4.81 -13.19
CA PRO A 80 -11.69 4.29 -14.30
C PRO A 80 -12.27 2.92 -14.00
N ALA A 81 -13.56 2.75 -14.28
CA ALA A 81 -14.25 1.49 -14.04
C ALA A 81 -14.11 0.56 -15.23
N ARG A 82 -13.32 0.98 -16.22
CA ARG A 82 -13.11 0.18 -17.43
C ARG A 82 -11.71 -0.42 -17.44
N GLY A 83 -11.26 -0.89 -16.28
CA GLY A 83 -9.93 -1.48 -16.18
C GLY A 83 -8.84 -0.55 -16.64
N GLY A 84 -8.94 0.72 -16.25
CA GLY A 84 -7.94 1.69 -16.65
C GLY A 84 -6.69 1.63 -15.80
N LEU A 85 -6.33 2.75 -15.18
CA LEU A 85 -5.15 2.81 -14.33
C LEU A 85 -5.52 3.19 -12.90
N PRO A 86 -5.21 2.31 -11.95
CA PRO A 86 -5.50 2.53 -10.53
C PRO A 86 -4.63 3.62 -9.92
N ILE A 87 -5.00 4.08 -8.74
CA ILE A 87 -4.25 5.12 -8.05
C ILE A 87 -3.17 4.51 -7.15
N THR A 88 -2.05 5.21 -7.03
CA THR A 88 -0.94 4.75 -6.20
C THR A 88 -0.40 5.88 -5.33
N GLN A 89 -0.14 5.57 -4.06
CA GLN A 89 0.39 6.55 -3.12
C GLN A 89 1.60 6.00 -2.38
N LEU A 90 2.67 6.81 -2.33
CA LEU A 90 3.89 6.41 -1.65
C LEU A 90 3.85 6.79 -0.17
N PHE A 91 4.36 5.91 0.67
CA PHE A 91 4.38 6.16 2.12
C PHE A 91 5.69 5.66 2.73
N ARG A 92 6.43 6.57 3.35
CA ARG A 92 7.69 6.22 3.98
C ARG A 92 7.50 5.94 5.47
N ILE A 93 8.16 4.88 5.94
CA ILE A 93 8.06 4.50 7.35
C ILE A 93 9.43 4.10 7.91
N LEU A 94 9.72 4.57 9.12
CA LEU A 94 10.99 4.27 9.77
C LEU A 94 10.81 3.21 10.85
N ASN A 95 11.54 2.10 10.71
CA ASN A 95 11.46 1.01 11.68
C ASN A 95 12.84 0.68 12.23
N PRO A 96 13.60 1.72 12.61
CA PRO A 96 14.95 1.56 13.16
C PRO A 96 14.94 0.95 14.56
N ASN A 97 13.80 1.06 15.24
CA ASN A 97 13.65 0.52 16.59
C ASN A 97 13.51 -1.00 16.54
N LYS A 98 13.62 -1.56 15.34
CA LYS A 98 13.50 -3.01 15.17
C LYS A 98 12.21 -3.52 15.81
N ALA A 99 11.12 -2.78 15.64
CA ALA A 99 9.83 -3.17 16.19
C ALA A 99 8.83 -3.45 15.09
N PRO A 100 8.55 -4.74 14.84
CA PRO A 100 7.61 -5.16 13.81
C PRO A 100 6.16 -4.83 14.17
N LEU A 101 5.75 -3.59 13.90
CA LEU A 101 4.40 -3.15 14.21
C LEU A 101 3.49 -3.34 13.00
N ARG A 102 2.25 -2.87 13.12
CA ARG A 102 1.28 -2.99 12.05
C ARG A 102 0.99 -1.63 11.42
N LEU A 103 0.17 -1.62 10.37
CA LEU A 103 -0.19 -0.38 9.68
C LEU A 103 -1.69 -0.30 9.46
N LYS A 104 -2.26 0.87 9.75
CA LYS A 104 -3.70 1.08 9.57
C LYS A 104 -4.00 1.67 8.19
N LEU A 105 -5.05 1.19 7.55
CA LEU A 105 -5.45 1.67 6.24
C LEU A 105 -6.88 2.19 6.26
N ARG A 106 -7.03 3.50 6.12
CA ARG A 106 -8.34 4.13 6.12
C ARG A 106 -8.78 4.45 4.69
N LEU A 107 -9.96 3.95 4.31
CA LEU A 107 -10.49 4.19 2.98
C LEU A 107 -11.81 4.96 3.05
N THR A 108 -11.94 5.99 2.22
CA THR A 108 -13.15 6.80 2.19
C THR A 108 -13.37 7.40 0.81
N TYR A 109 -14.40 6.91 0.12
CA TYR A 109 -14.72 7.40 -1.22
C TYR A 109 -16.21 7.24 -1.51
N ASP A 110 -16.60 7.62 -2.73
CA ASP A 110 -18.00 7.50 -3.13
C ASP A 110 -18.16 6.54 -4.30
N HIS A 111 -19.14 5.65 -4.20
CA HIS A 111 -19.39 4.66 -5.25
C HIS A 111 -20.88 4.57 -5.56
N PHE A 112 -21.21 4.50 -6.84
CA PHE A 112 -22.60 4.42 -7.27
C PHE A 112 -23.46 5.45 -6.54
N HIS A 113 -23.02 6.70 -6.55
CA HIS A 113 -23.74 7.77 -5.89
C HIS A 113 -24.08 7.40 -4.45
N GLN A 114 -23.07 6.91 -3.73
CA GLN A 114 -23.26 6.51 -2.33
C GLN A 114 -21.96 6.65 -1.55
N SER A 115 -22.07 6.75 -0.23
CA SER A 115 -20.91 6.90 0.63
C SER A 115 -20.27 5.55 0.92
N VAL A 116 -18.97 5.45 0.66
CA VAL A 116 -18.24 4.21 0.90
C VAL A 116 -17.15 4.40 1.94
N GLN A 117 -17.39 3.88 3.14
CA GLN A 117 -16.44 4.00 4.23
C GLN A 117 -16.08 2.62 4.80
N GLU A 118 -14.80 2.26 4.70
CA GLU A 118 -14.34 0.97 5.20
C GLU A 118 -12.92 1.08 5.77
N ILE A 119 -12.79 0.83 7.05
CA ILE A 119 -11.49 0.90 7.72
C ILE A 119 -11.03 -0.49 8.17
N PHE A 120 -9.76 -0.79 7.89
CA PHE A 120 -9.19 -2.08 8.27
C PHE A 120 -7.72 -1.93 8.67
N GLU A 121 -7.22 -2.89 9.45
CA GLU A 121 -5.84 -2.86 9.90
C GLU A 121 -5.09 -4.12 9.45
N VAL A 122 -4.04 -3.92 8.66
CA VAL A 122 -3.24 -5.03 8.15
C VAL A 122 -2.41 -5.66 9.27
N ASN A 123 -2.89 -6.78 9.80
CA ASN A 123 -2.18 -7.47 10.86
C ASN A 123 -1.51 -8.73 10.35
N ASN A 124 -1.71 -9.02 9.06
CA ASN A 124 -1.12 -10.20 8.44
C ASN A 124 0.10 -9.82 7.62
N LEU A 125 0.86 -8.84 8.10
CA LEU A 125 2.06 -8.38 7.41
C LEU A 125 3.12 -9.48 7.39
N PRO A 126 3.99 -9.44 6.38
CA PRO A 126 5.08 -10.41 6.22
C PRO A 126 6.16 -10.25 7.29
N VAL A 127 6.92 -11.32 7.51
CA VAL A 127 7.98 -11.30 8.51
C VAL A 127 9.27 -10.71 7.92
N GLU A 128 9.50 -10.97 6.64
CA GLU A 128 10.69 -10.47 5.95
C GLU A 128 10.81 -8.95 6.11
N SER A 129 9.66 -8.28 6.13
CA SER A 129 9.64 -6.83 6.28
C SER A 129 10.61 -6.36 7.35
N TRP A 130 10.37 -6.82 8.58
CA TRP A 130 11.23 -6.45 9.71
C TRP A 130 12.45 -7.36 9.78
N GLN A 131 12.22 -8.67 9.66
CA GLN A 131 13.30 -9.64 9.72
C GLN A 131 14.38 -9.33 8.67
N GLY A 1 25.65 -3.34 -16.92
CA GLY A 1 26.35 -3.95 -15.80
C GLY A 1 25.57 -5.08 -15.17
N SER A 2 26.27 -6.13 -14.75
CA SER A 2 25.63 -7.29 -14.14
C SER A 2 24.65 -6.85 -13.05
N SER A 3 23.59 -7.63 -12.86
CA SER A 3 22.59 -7.31 -11.85
C SER A 3 22.14 -8.58 -11.12
N GLY A 4 21.79 -8.43 -9.85
CA GLY A 4 21.35 -9.57 -9.06
C GLY A 4 22.44 -10.11 -8.17
N SER A 5 22.21 -10.08 -6.86
CA SER A 5 23.19 -10.58 -5.90
C SER A 5 23.75 -11.92 -6.33
N SER A 6 25.01 -11.92 -6.76
CA SER A 6 25.66 -13.15 -7.21
C SER A 6 25.33 -14.31 -6.28
N GLY A 7 24.37 -15.13 -6.70
CA GLY A 7 23.96 -16.27 -5.91
C GLY A 7 22.63 -16.84 -6.34
N PRO A 8 22.06 -17.71 -5.49
CA PRO A 8 20.76 -18.35 -5.77
C PRO A 8 19.60 -17.36 -5.69
N PRO A 9 18.42 -17.78 -6.18
CA PRO A 9 17.22 -16.94 -6.18
C PRO A 9 16.67 -16.73 -4.77
N PRO A 10 16.79 -15.48 -4.27
CA PRO A 10 16.31 -15.12 -2.94
C PRO A 10 14.78 -15.11 -2.84
N ALA A 11 14.27 -14.69 -1.70
CA ALA A 11 12.83 -14.63 -1.49
C ALA A 11 12.38 -13.23 -1.10
N PRO A 12 11.89 -12.47 -2.09
CA PRO A 12 11.41 -11.10 -1.88
C PRO A 12 10.13 -11.04 -1.07
N ILE A 13 9.53 -9.86 -1.00
CA ILE A 13 8.29 -9.68 -0.26
C ILE A 13 7.07 -9.89 -1.16
N PRO A 14 6.27 -10.92 -0.83
CA PRO A 14 5.07 -11.25 -1.60
C PRO A 14 3.96 -10.21 -1.43
N ASP A 15 2.95 -10.29 -2.27
CA ASP A 15 1.83 -9.36 -2.22
C ASP A 15 0.93 -9.65 -1.01
N LEU A 16 0.26 -8.62 -0.53
CA LEU A 16 -0.64 -8.76 0.62
C LEU A 16 -1.98 -8.08 0.35
N LYS A 17 -3.06 -8.84 0.48
CA LYS A 17 -4.40 -8.31 0.26
C LYS A 17 -4.95 -7.70 1.55
N VAL A 18 -5.56 -6.52 1.42
CA VAL A 18 -6.14 -5.83 2.56
C VAL A 18 -7.64 -5.66 2.40
N PHE A 19 -8.08 -5.46 1.16
CA PHE A 19 -9.50 -5.29 0.87
C PHE A 19 -9.86 -5.94 -0.47
N GLU A 20 -11.01 -6.60 -0.50
CA GLU A 20 -11.47 -7.27 -1.71
C GLU A 20 -12.98 -7.10 -1.87
N ARG A 21 -13.39 -6.60 -3.04
CA ARG A 21 -14.81 -6.39 -3.32
C ARG A 21 -15.18 -6.98 -4.68
N GLU A 22 -16.44 -7.38 -4.82
CA GLU A 22 -16.92 -7.96 -6.06
C GLU A 22 -16.53 -7.09 -7.26
N GLY A 23 -16.20 -5.83 -6.98
CA GLY A 23 -15.82 -4.92 -8.04
C GLY A 23 -14.52 -4.21 -7.74
N VAL A 24 -14.38 -3.71 -6.52
CA VAL A 24 -13.16 -3.01 -6.11
C VAL A 24 -12.17 -3.95 -5.44
N GLN A 25 -10.89 -3.77 -5.75
CA GLN A 25 -9.84 -4.60 -5.19
C GLN A 25 -8.63 -3.77 -4.79
N LEU A 26 -8.15 -3.95 -3.57
CA LEU A 26 -6.99 -3.21 -3.07
C LEU A 26 -5.85 -4.16 -2.75
N ASN A 27 -4.69 -3.91 -3.36
CA ASN A 27 -3.51 -4.74 -3.13
C ASN A 27 -2.42 -3.95 -2.40
N LEU A 28 -1.62 -4.66 -1.62
CA LEU A 28 -0.54 -4.02 -0.87
C LEU A 28 0.82 -4.47 -1.40
N SER A 29 1.72 -3.50 -1.58
CA SER A 29 3.05 -3.79 -2.09
C SER A 29 4.12 -3.15 -1.20
N PHE A 30 5.11 -3.93 -0.81
CA PHE A 30 6.20 -3.44 0.03
C PHE A 30 7.48 -3.26 -0.77
N ILE A 31 8.26 -2.25 -0.41
CA ILE A 31 9.51 -1.97 -1.09
C ILE A 31 10.61 -1.58 -0.11
N ARG A 32 11.78 -2.17 -0.26
CA ARG A 32 12.91 -1.89 0.61
C ARG A 32 14.17 -1.58 -0.19
N PRO A 33 14.54 -0.30 -0.23
CA PRO A 33 15.72 0.17 -0.97
C PRO A 33 17.02 -0.30 -0.32
N PRO A 34 18.07 -0.45 -1.14
CA PRO A 34 19.38 -0.89 -0.67
C PRO A 34 20.09 0.17 0.17
N GLU A 35 19.95 1.43 -0.24
CA GLU A 35 20.57 2.54 0.48
C GLU A 35 19.95 2.69 1.87
N ASN A 36 18.64 2.55 1.96
CA ASN A 36 17.94 2.66 3.23
C ASN A 36 17.22 1.37 3.59
N PRO A 37 17.93 0.47 4.27
CA PRO A 37 17.38 -0.82 4.69
C PRO A 37 16.31 -0.68 5.78
N ALA A 38 16.45 0.34 6.60
CA ALA A 38 15.50 0.59 7.69
C ALA A 38 14.28 1.34 7.18
N LEU A 39 14.30 1.69 5.89
CA LEU A 39 13.19 2.42 5.28
C LEU A 39 12.23 1.45 4.59
N LEU A 40 10.94 1.57 4.91
CA LEU A 40 9.92 0.71 4.31
C LEU A 40 8.99 1.53 3.41
N LEU A 41 9.16 1.36 2.10
CA LEU A 41 8.33 2.08 1.14
C LEU A 41 7.12 1.23 0.73
N ILE A 42 5.94 1.63 1.19
CA ILE A 42 4.72 0.90 0.86
C ILE A 42 3.94 1.60 -0.24
N THR A 43 3.38 0.81 -1.15
CA THR A 43 2.62 1.36 -2.27
C THR A 43 1.25 0.71 -2.35
N ILE A 44 0.24 1.50 -2.69
CA ILE A 44 -1.12 1.00 -2.83
C ILE A 44 -1.53 0.86 -4.29
N THR A 45 -2.41 -0.09 -4.56
CA THR A 45 -2.89 -0.34 -5.93
C THR A 45 -4.40 -0.50 -5.96
N ALA A 46 -5.10 0.61 -6.14
CA ALA A 46 -6.56 0.60 -6.20
C ALA A 46 -7.05 0.43 -7.64
N THR A 47 -7.70 -0.71 -7.91
CA THR A 47 -8.21 -1.00 -9.23
C THR A 47 -9.74 -1.17 -9.22
N ASN A 48 -10.42 -0.43 -10.08
CA ASN A 48 -11.88 -0.50 -10.15
C ASN A 48 -12.32 -1.01 -11.51
N PHE A 49 -13.25 -1.97 -11.51
CA PHE A 49 -13.76 -2.55 -12.74
C PHE A 49 -15.28 -2.40 -12.82
N SER A 50 -15.93 -2.46 -11.67
CA SER A 50 -17.38 -2.33 -11.62
C SER A 50 -17.89 -1.32 -12.64
N GLU A 51 -19.12 -1.48 -13.08
CA GLU A 51 -19.72 -0.58 -14.06
C GLU A 51 -19.78 0.84 -13.52
N GLY A 52 -19.53 0.99 -12.22
CA GLY A 52 -19.56 2.30 -11.60
C GLY A 52 -18.17 2.89 -11.41
N ASP A 53 -18.04 4.19 -11.63
CA ASP A 53 -16.76 4.87 -11.48
C ASP A 53 -16.54 5.30 -10.04
N VAL A 54 -15.28 5.56 -9.69
CA VAL A 54 -14.94 5.99 -8.33
C VAL A 54 -14.08 7.24 -8.36
N THR A 55 -14.54 8.29 -7.69
CA THR A 55 -13.81 9.56 -7.63
C THR A 55 -13.56 9.98 -6.19
N HIS A 56 -12.88 11.11 -6.03
CA HIS A 56 -12.57 11.62 -4.70
C HIS A 56 -12.11 10.50 -3.78
N PHE A 57 -11.19 9.69 -4.26
CA PHE A 57 -10.66 8.57 -3.48
C PHE A 57 -9.56 9.05 -2.54
N ILE A 58 -9.85 9.02 -1.24
CA ILE A 58 -8.88 9.45 -0.23
C ILE A 58 -8.43 8.27 0.62
N CYS A 59 -7.13 8.00 0.59
CA CYS A 59 -6.56 6.90 1.36
C CYS A 59 -5.69 7.41 2.50
N GLN A 60 -6.10 7.14 3.72
CA GLN A 60 -5.36 7.60 4.90
C GLN A 60 -4.75 6.41 5.65
N ALA A 61 -3.82 6.69 6.55
CA ALA A 61 -3.17 5.65 7.34
C ALA A 61 -2.72 6.19 8.70
N ALA A 62 -2.25 5.29 9.55
CA ALA A 62 -1.78 5.67 10.87
C ALA A 62 -0.73 4.69 11.39
N VAL A 63 0.30 5.23 12.04
CA VAL A 63 1.37 4.41 12.58
C VAL A 63 1.78 4.87 13.98
N PRO A 64 2.26 3.93 14.80
CA PRO A 64 2.70 4.22 16.17
C PRO A 64 3.97 5.07 16.21
N LYS A 65 4.10 5.88 17.25
CA LYS A 65 5.28 6.74 17.41
C LYS A 65 6.55 5.98 17.04
N SER A 66 6.66 4.74 17.49
CA SER A 66 7.83 3.92 17.19
C SER A 66 8.26 4.08 15.74
N LEU A 67 7.30 3.98 14.83
CA LEU A 67 7.58 4.12 13.41
C LEU A 67 7.07 5.45 12.88
N GLN A 68 7.57 5.85 11.70
CA GLN A 68 7.16 7.10 11.09
C GLN A 68 6.26 6.86 9.88
N LEU A 69 5.56 7.90 9.45
CA LEU A 69 4.66 7.79 8.30
C LEU A 69 4.68 9.07 7.49
N GLN A 70 4.74 8.93 6.16
CA GLN A 70 4.77 10.08 5.26
C GLN A 70 3.79 9.88 4.11
N LEU A 71 2.79 10.75 4.05
CA LEU A 71 1.78 10.67 2.99
C LEU A 71 2.22 11.48 1.77
N GLN A 72 2.55 10.77 0.69
CA GLN A 72 2.99 11.42 -0.53
C GLN A 72 1.79 11.78 -1.42
N ALA A 73 1.97 12.78 -2.27
CA ALA A 73 0.91 13.21 -3.16
C ALA A 73 0.54 12.12 -4.16
N PRO A 74 -0.77 11.86 -4.31
CA PRO A 74 -1.28 10.84 -5.23
C PRO A 74 -1.09 11.23 -6.69
N SER A 75 -1.62 10.40 -7.59
CA SER A 75 -1.51 10.65 -9.02
C SER A 75 -2.79 11.26 -9.57
N GLY A 76 -3.92 10.94 -8.92
CA GLY A 76 -5.20 11.45 -9.36
C GLY A 76 -6.36 10.89 -8.56
N ASN A 77 -7.15 11.76 -7.95
CA ASN A 77 -8.29 11.33 -7.15
C ASN A 77 -9.45 10.91 -8.05
N THR A 78 -9.15 10.06 -9.03
CA THR A 78 -10.16 9.58 -9.96
C THR A 78 -9.77 8.22 -10.55
N VAL A 79 -10.70 7.28 -10.51
CA VAL A 79 -10.45 5.95 -11.04
C VAL A 79 -11.47 5.57 -12.11
N PRO A 80 -10.99 5.13 -13.28
CA PRO A 80 -11.85 4.73 -14.40
C PRO A 80 -12.62 3.45 -14.11
N ALA A 81 -13.90 3.45 -14.45
CA ALA A 81 -14.75 2.29 -14.22
C ALA A 81 -14.55 1.25 -15.33
N ARG A 82 -13.67 1.56 -16.28
CA ARG A 82 -13.39 0.66 -17.38
C ARG A 82 -11.99 0.07 -17.26
N GLY A 83 -11.66 -0.46 -16.09
CA GLY A 83 -10.36 -1.03 -15.87
C GLY A 83 -9.25 -0.24 -16.54
N GLY A 84 -9.14 1.04 -16.17
CA GLY A 84 -8.12 1.89 -16.75
C GLY A 84 -6.80 1.81 -16.00
N LEU A 85 -6.41 2.91 -15.37
CA LEU A 85 -5.17 2.96 -14.61
C LEU A 85 -5.44 3.21 -13.13
N PRO A 86 -4.97 2.28 -12.28
CA PRO A 86 -5.15 2.37 -10.83
C PRO A 86 -4.32 3.49 -10.22
N ILE A 87 -4.71 3.92 -9.01
CA ILE A 87 -4.00 4.98 -8.32
C ILE A 87 -2.98 4.41 -7.34
N THR A 88 -1.75 4.91 -7.42
CA THR A 88 -0.68 4.44 -6.53
C THR A 88 -0.14 5.58 -5.67
N GLN A 89 0.23 5.26 -4.44
CA GLN A 89 0.76 6.25 -3.51
C GLN A 89 2.06 5.78 -2.88
N LEU A 90 2.73 6.67 -2.17
CA LEU A 90 3.99 6.35 -1.50
C LEU A 90 3.92 6.65 -0.02
N PHE A 91 4.50 5.77 0.79
CA PHE A 91 4.52 5.93 2.24
C PHE A 91 5.87 5.54 2.82
N ARG A 92 6.56 6.53 3.38
CA ARG A 92 7.87 6.29 3.98
C ARG A 92 7.75 5.98 5.47
N ILE A 93 8.23 4.80 5.87
CA ILE A 93 8.16 4.38 7.26
C ILE A 93 9.55 3.95 7.76
N LEU A 94 9.85 4.33 9.00
CA LEU A 94 11.14 3.98 9.61
C LEU A 94 10.97 2.87 10.63
N ASN A 95 11.80 1.83 10.52
CA ASN A 95 11.74 0.70 11.44
C ASN A 95 13.14 0.35 11.96
N PRO A 96 13.90 1.38 12.34
CA PRO A 96 15.26 1.20 12.86
C PRO A 96 15.28 0.54 14.23
N ASN A 97 14.16 0.62 14.94
CA ASN A 97 14.05 0.04 16.26
C ASN A 97 13.75 -1.46 16.18
N LYS A 98 13.66 -1.96 14.95
CA LYS A 98 13.39 -3.38 14.74
C LYS A 98 12.15 -3.82 15.52
N ALA A 99 11.07 -3.06 15.39
CA ALA A 99 9.83 -3.38 16.09
C ALA A 99 8.68 -3.55 15.10
N PRO A 100 8.29 -4.81 14.86
CA PRO A 100 7.20 -5.14 13.94
C PRO A 100 5.84 -4.72 14.48
N LEU A 101 5.45 -3.48 14.18
CA LEU A 101 4.17 -2.96 14.64
C LEU A 101 3.08 -3.16 13.58
N ARG A 102 1.88 -2.68 13.86
CA ARG A 102 0.76 -2.81 12.94
C ARG A 102 0.47 -1.48 12.25
N LEU A 103 -0.36 -1.53 11.22
CA LEU A 103 -0.71 -0.33 10.47
C LEU A 103 -2.22 -0.25 10.25
N LYS A 104 -2.76 0.96 10.31
CA LYS A 104 -4.19 1.17 10.12
C LYS A 104 -4.47 1.81 8.75
N LEU A 105 -5.31 1.16 7.97
CA LEU A 105 -5.66 1.66 6.64
C LEU A 105 -7.10 2.15 6.61
N ARG A 106 -7.30 3.37 6.12
CA ARG A 106 -8.64 3.95 6.03
C ARG A 106 -9.00 4.25 4.57
N LEU A 107 -10.23 3.91 4.20
CA LEU A 107 -10.70 4.15 2.83
C LEU A 107 -11.99 4.97 2.85
N THR A 108 -12.05 5.95 1.96
CA THR A 108 -13.23 6.81 1.86
C THR A 108 -13.42 7.32 0.44
N TYR A 109 -14.45 6.80 -0.24
CA TYR A 109 -14.75 7.20 -1.61
C TYR A 109 -16.21 6.95 -1.94
N ASP A 110 -16.65 7.49 -3.07
CA ASP A 110 -18.03 7.34 -3.51
C ASP A 110 -18.12 6.34 -4.67
N HIS A 111 -19.10 5.44 -4.58
CA HIS A 111 -19.29 4.42 -5.62
C HIS A 111 -20.77 4.29 -5.98
N PHE A 112 -21.06 4.25 -7.27
CA PHE A 112 -22.43 4.13 -7.74
C PHE A 112 -23.33 5.16 -7.08
N HIS A 113 -22.87 6.40 -7.06
CA HIS A 113 -23.62 7.49 -6.45
C HIS A 113 -23.96 7.18 -4.99
N GLN A 114 -22.94 6.80 -4.23
CA GLN A 114 -23.13 6.47 -2.82
C GLN A 114 -21.82 6.61 -2.05
N SER A 115 -21.92 7.02 -0.78
CA SER A 115 -20.74 7.19 0.05
C SER A 115 -20.25 5.85 0.59
N VAL A 116 -18.98 5.56 0.36
CA VAL A 116 -18.38 4.31 0.82
C VAL A 116 -17.26 4.57 1.83
N GLN A 117 -17.45 4.09 3.05
CA GLN A 117 -16.46 4.28 4.10
C GLN A 117 -16.16 2.95 4.81
N GLU A 118 -14.93 2.47 4.66
CA GLU A 118 -14.52 1.22 5.29
C GLU A 118 -13.16 1.36 5.95
N ILE A 119 -13.06 0.88 7.18
CA ILE A 119 -11.81 0.95 7.93
C ILE A 119 -11.38 -0.42 8.42
N PHE A 120 -10.16 -0.82 8.06
CA PHE A 120 -9.63 -2.13 8.46
C PHE A 120 -8.15 -2.02 8.81
N GLU A 121 -7.65 -3.03 9.51
CA GLU A 121 -6.24 -3.06 9.90
C GLU A 121 -5.52 -4.25 9.27
N VAL A 122 -4.27 -4.02 8.86
CA VAL A 122 -3.48 -5.08 8.24
C VAL A 122 -2.71 -5.87 9.29
N ASN A 123 -3.26 -7.02 9.66
CA ASN A 123 -2.63 -7.89 10.66
C ASN A 123 -1.84 -9.01 9.98
N ASN A 124 -1.76 -8.95 8.66
CA ASN A 124 -1.03 -9.96 7.89
C ASN A 124 0.27 -9.39 7.34
N LEU A 125 0.65 -8.21 7.82
CA LEU A 125 1.87 -7.56 7.38
C LEU A 125 3.02 -8.55 7.27
N PRO A 126 3.91 -8.34 6.30
CA PRO A 126 5.07 -9.21 6.08
C PRO A 126 6.10 -9.08 7.18
N VAL A 127 6.95 -10.10 7.32
CA VAL A 127 7.99 -10.10 8.34
C VAL A 127 9.31 -9.62 7.77
N GLU A 128 9.60 -9.99 6.52
CA GLU A 128 10.83 -9.60 5.86
C GLU A 128 11.17 -8.14 6.17
N SER A 129 10.13 -7.33 6.39
CA SER A 129 10.32 -5.92 6.70
C SER A 129 11.17 -5.74 7.95
N TRP A 130 10.86 -6.51 8.99
CA TRP A 130 11.60 -6.43 10.25
C TRP A 130 12.70 -7.49 10.29
N GLN A 131 12.36 -8.71 9.93
CA GLN A 131 13.31 -9.82 9.93
C GLN A 131 14.54 -9.47 9.08
N GLY A 1 24.45 -18.16 4.53
CA GLY A 1 23.54 -17.04 4.39
C GLY A 1 24.26 -15.71 4.43
N SER A 2 25.15 -15.49 3.47
CA SER A 2 25.91 -14.25 3.40
C SER A 2 26.76 -14.20 2.14
N SER A 3 27.42 -13.06 1.91
CA SER A 3 28.26 -12.89 0.74
C SER A 3 29.25 -14.05 0.61
N GLY A 4 29.66 -14.34 -0.63
CA GLY A 4 30.60 -15.42 -0.88
C GLY A 4 31.06 -15.47 -2.31
N SER A 5 30.34 -16.23 -3.14
CA SER A 5 30.69 -16.37 -4.54
C SER A 5 29.47 -16.74 -5.38
N SER A 6 28.97 -15.77 -6.15
CA SER A 6 27.80 -15.99 -6.99
C SER A 6 26.71 -16.72 -6.21
N GLY A 7 26.48 -16.30 -4.97
CA GLY A 7 25.47 -16.92 -4.14
C GLY A 7 24.08 -16.83 -4.76
N PRO A 8 23.10 -17.49 -4.13
CA PRO A 8 21.72 -17.49 -4.61
C PRO A 8 21.04 -16.14 -4.43
N PRO A 9 19.90 -15.95 -5.11
CA PRO A 9 19.13 -14.70 -5.05
C PRO A 9 18.46 -14.51 -3.70
N PRO A 10 18.21 -13.24 -3.34
CA PRO A 10 17.56 -12.89 -2.07
C PRO A 10 16.10 -13.30 -2.04
N ALA A 11 15.41 -12.92 -0.97
CA ALA A 11 13.99 -13.25 -0.81
C ALA A 11 13.15 -11.98 -0.74
N PRO A 12 12.54 -11.61 -1.87
CA PRO A 12 11.69 -10.42 -1.97
C PRO A 12 10.37 -10.59 -1.23
N ILE A 13 9.50 -9.60 -1.34
CA ILE A 13 8.20 -9.64 -0.68
C ILE A 13 7.07 -9.62 -1.70
N PRO A 14 6.26 -10.69 -1.71
CA PRO A 14 5.12 -10.81 -2.62
C PRO A 14 4.00 -9.83 -2.28
N ASP A 15 3.01 -9.76 -3.17
CA ASP A 15 1.87 -8.86 -2.96
C ASP A 15 1.07 -9.29 -1.73
N LEU A 16 0.21 -8.38 -1.26
CA LEU A 16 -0.63 -8.66 -0.10
C LEU A 16 -2.02 -8.07 -0.27
N LYS A 17 -3.04 -8.91 -0.08
CA LYS A 17 -4.42 -8.47 -0.22
C LYS A 17 -4.93 -7.89 1.09
N VAL A 18 -5.46 -6.67 1.03
CA VAL A 18 -5.99 -6.01 2.22
C VAL A 18 -7.51 -5.85 2.14
N PHE A 19 -8.00 -5.62 0.92
CA PHE A 19 -9.43 -5.45 0.70
C PHE A 19 -9.85 -6.03 -0.65
N GLU A 20 -10.90 -6.84 -0.65
CA GLU A 20 -11.40 -7.45 -1.87
C GLU A 20 -12.91 -7.28 -1.99
N ARG A 21 -13.34 -6.64 -3.08
CA ARG A 21 -14.77 -6.42 -3.31
C ARG A 21 -15.19 -6.95 -4.68
N GLU A 22 -16.43 -7.38 -4.78
CA GLU A 22 -16.96 -7.90 -6.04
C GLU A 22 -16.42 -7.12 -7.23
N GLY A 23 -16.10 -5.85 -6.99
CA GLY A 23 -15.58 -5.00 -8.05
C GLY A 23 -14.34 -4.24 -7.62
N VAL A 24 -14.37 -3.71 -6.41
CA VAL A 24 -13.25 -2.94 -5.88
C VAL A 24 -12.20 -3.87 -5.27
N GLN A 25 -10.99 -3.83 -5.84
CA GLN A 25 -9.90 -4.67 -5.36
C GLN A 25 -8.72 -3.80 -4.89
N LEU A 26 -8.22 -4.10 -3.70
CA LEU A 26 -7.11 -3.35 -3.14
C LEU A 26 -5.92 -4.27 -2.85
N ASN A 27 -4.75 -3.89 -3.33
CA ASN A 27 -3.53 -4.68 -3.12
C ASN A 27 -2.48 -3.87 -2.35
N LEU A 28 -1.51 -4.57 -1.79
CA LEU A 28 -0.44 -3.93 -1.04
C LEU A 28 0.92 -4.39 -1.53
N SER A 29 1.87 -3.45 -1.60
CA SER A 29 3.22 -3.77 -2.06
C SER A 29 4.26 -3.14 -1.13
N PHE A 30 5.30 -3.91 -0.81
CA PHE A 30 6.36 -3.43 0.06
C PHE A 30 7.65 -3.22 -0.72
N ILE A 31 8.46 -2.26 -0.28
CA ILE A 31 9.73 -1.95 -0.93
C ILE A 31 10.79 -1.56 0.08
N ARG A 32 11.92 -2.26 0.04
CA ARG A 32 13.02 -1.98 0.96
C ARG A 32 14.29 -1.62 0.19
N PRO A 33 14.57 -0.31 0.12
CA PRO A 33 15.75 0.21 -0.58
C PRO A 33 17.05 -0.14 0.14
N PRO A 34 18.14 -0.26 -0.63
CA PRO A 34 19.46 -0.59 -0.08
C PRO A 34 20.05 0.56 0.74
N GLU A 35 19.84 1.78 0.27
CA GLU A 35 20.35 2.97 0.96
C GLU A 35 19.79 3.06 2.37
N ASN A 36 18.51 2.72 2.51
CA ASN A 36 17.85 2.77 3.81
C ASN A 36 17.18 1.43 4.13
N PRO A 37 17.92 0.55 4.82
CA PRO A 37 17.43 -0.77 5.20
C PRO A 37 16.34 -0.70 6.27
N ALA A 38 16.15 0.49 6.83
CA ALA A 38 15.14 0.69 7.86
C ALA A 38 13.93 1.43 7.31
N LEU A 39 14.02 1.84 6.04
CA LEU A 39 12.92 2.56 5.40
C LEU A 39 11.99 1.59 4.68
N LEU A 40 10.72 1.61 5.06
CA LEU A 40 9.73 0.74 4.45
C LEU A 40 8.78 1.53 3.55
N LEU A 41 8.97 1.40 2.24
CA LEU A 41 8.14 2.10 1.28
C LEU A 41 7.00 1.20 0.79
N ILE A 42 5.77 1.57 1.15
CA ILE A 42 4.60 0.81 0.74
C ILE A 42 3.92 1.44 -0.47
N THR A 43 3.30 0.60 -1.30
CA THR A 43 2.61 1.08 -2.49
C THR A 43 1.24 0.42 -2.63
N ILE A 44 0.20 1.25 -2.64
CA ILE A 44 -1.17 0.75 -2.77
C ILE A 44 -1.59 0.69 -4.24
N THR A 45 -2.40 -0.30 -4.57
CA THR A 45 -2.89 -0.48 -5.93
C THR A 45 -4.38 -0.74 -5.96
N ALA A 46 -5.17 0.32 -5.86
CA ALA A 46 -6.63 0.20 -5.87
C ALA A 46 -7.16 0.16 -7.29
N THR A 47 -7.85 -0.93 -7.63
CA THR A 47 -8.41 -1.10 -8.97
C THR A 47 -9.92 -1.15 -8.93
N ASN A 48 -10.56 -0.59 -9.95
CA ASN A 48 -12.02 -0.58 -10.03
C ASN A 48 -12.50 -1.06 -11.39
N PHE A 49 -13.52 -1.91 -11.38
CA PHE A 49 -14.07 -2.45 -12.62
C PHE A 49 -15.60 -2.31 -12.65
N SER A 50 -16.22 -2.37 -11.47
CA SER A 50 -17.66 -2.25 -11.36
C SER A 50 -18.19 -1.17 -12.31
N GLU A 51 -19.47 -1.26 -12.65
CA GLU A 51 -20.09 -0.30 -13.56
C GLU A 51 -20.02 1.11 -12.99
N GLY A 52 -19.86 1.21 -11.67
CA GLY A 52 -19.77 2.50 -11.02
C GLY A 52 -18.35 3.01 -10.94
N ASP A 53 -18.14 4.26 -11.34
CA ASP A 53 -16.81 4.87 -11.31
C ASP A 53 -16.50 5.41 -9.92
N VAL A 54 -15.21 5.56 -9.63
CA VAL A 54 -14.77 6.06 -8.33
C VAL A 54 -13.98 7.35 -8.48
N THR A 55 -14.30 8.33 -7.65
CA THR A 55 -13.61 9.62 -7.69
C THR A 55 -13.22 10.08 -6.29
N HIS A 56 -12.63 11.27 -6.19
CA HIS A 56 -12.21 11.82 -4.91
C HIS A 56 -11.72 10.71 -3.98
N PHE A 57 -11.01 9.74 -4.55
CA PHE A 57 -10.48 8.63 -3.77
C PHE A 57 -9.31 9.08 -2.91
N ILE A 58 -9.39 8.79 -1.61
CA ILE A 58 -8.32 9.16 -0.68
C ILE A 58 -8.01 8.02 0.28
N CYS A 59 -6.75 7.63 0.33
CA CYS A 59 -6.30 6.55 1.20
C CYS A 59 -5.44 7.08 2.34
N GLN A 60 -5.93 6.93 3.57
CA GLN A 60 -5.19 7.40 4.75
C GLN A 60 -4.57 6.23 5.49
N ALA A 61 -3.63 6.54 6.40
CA ALA A 61 -2.96 5.52 7.18
C ALA A 61 -2.48 6.08 8.52
N ALA A 62 -2.38 5.22 9.52
CA ALA A 62 -1.93 5.62 10.85
C ALA A 62 -0.91 4.64 11.40
N VAL A 63 0.19 5.18 11.93
CA VAL A 63 1.24 4.34 12.50
C VAL A 63 1.64 4.83 13.89
N PRO A 64 2.07 3.90 14.75
CA PRO A 64 2.49 4.21 16.12
C PRO A 64 3.79 5.00 16.15
N LYS A 65 4.01 5.72 17.25
CA LYS A 65 5.22 6.52 17.42
C LYS A 65 6.44 5.75 16.92
N SER A 66 6.59 4.51 17.38
CA SER A 66 7.73 3.69 16.99
C SER A 66 8.07 3.90 15.51
N LEU A 67 7.06 3.81 14.66
CA LEU A 67 7.24 3.99 13.23
C LEU A 67 6.80 5.39 12.78
N GLN A 68 7.14 5.75 11.55
CA GLN A 68 6.75 7.05 11.02
C GLN A 68 5.89 6.90 9.77
N LEU A 69 5.16 7.95 9.43
CA LEU A 69 4.29 7.93 8.25
C LEU A 69 4.39 9.24 7.48
N GLN A 70 4.50 9.13 6.16
CA GLN A 70 4.61 10.30 5.30
C GLN A 70 3.75 10.13 4.05
N LEU A 71 2.76 11.01 3.90
CA LEU A 71 1.87 10.98 2.74
C LEU A 71 2.53 11.60 1.52
N GLN A 72 2.88 10.78 0.54
CA GLN A 72 3.50 11.26 -0.68
C GLN A 72 2.46 11.71 -1.69
N ALA A 73 2.84 12.65 -2.56
CA ALA A 73 1.93 13.16 -3.57
C ALA A 73 1.54 12.07 -4.56
N PRO A 74 0.26 11.66 -4.52
CA PRO A 74 -0.27 10.62 -5.40
C PRO A 74 -0.37 11.09 -6.85
N SER A 75 -0.83 10.20 -7.72
CA SER A 75 -0.97 10.52 -9.14
C SER A 75 -2.29 11.24 -9.41
N GLY A 76 -3.32 10.87 -8.66
CA GLY A 76 -4.62 11.48 -8.83
C GLY A 76 -5.64 10.96 -7.84
N ASN A 77 -6.90 11.32 -8.05
CA ASN A 77 -7.98 10.88 -7.17
C ASN A 77 -9.14 10.29 -7.97
N THR A 78 -8.96 10.20 -9.29
CA THR A 78 -9.98 9.64 -10.16
C THR A 78 -9.62 8.23 -10.61
N VAL A 79 -10.63 7.36 -10.65
CA VAL A 79 -10.41 5.98 -11.06
C VAL A 79 -11.48 5.53 -12.05
N PRO A 80 -11.05 5.15 -13.26
CA PRO A 80 -11.95 4.69 -14.32
C PRO A 80 -12.56 3.32 -14.02
N ALA A 81 -13.88 3.24 -14.10
CA ALA A 81 -14.59 1.99 -13.83
C ALA A 81 -14.63 1.11 -15.07
N ARG A 82 -13.84 1.47 -16.08
CA ARG A 82 -13.79 0.71 -17.32
C ARG A 82 -12.43 0.04 -17.49
N GLY A 83 -11.89 -0.48 -16.39
CA GLY A 83 -10.60 -1.14 -16.43
C GLY A 83 -9.50 -0.24 -16.95
N GLY A 84 -9.52 1.03 -16.52
CA GLY A 84 -8.51 1.97 -16.95
C GLY A 84 -7.19 1.79 -16.24
N LEU A 85 -6.82 2.76 -15.42
CA LEU A 85 -5.57 2.70 -14.68
C LEU A 85 -5.78 3.05 -13.21
N PRO A 86 -5.40 2.12 -12.32
CA PRO A 86 -5.55 2.31 -10.87
C PRO A 86 -4.59 3.36 -10.32
N ILE A 87 -4.83 3.80 -9.10
CA ILE A 87 -3.99 4.81 -8.46
C ILE A 87 -2.97 4.16 -7.53
N THR A 88 -1.89 4.89 -7.23
CA THR A 88 -0.84 4.39 -6.36
C THR A 88 -0.28 5.50 -5.48
N GLN A 89 -0.12 5.20 -4.20
CA GLN A 89 0.41 6.18 -3.25
C GLN A 89 1.63 5.63 -2.52
N LEU A 90 2.64 6.47 -2.36
CA LEU A 90 3.88 6.07 -1.68
C LEU A 90 3.86 6.53 -0.23
N PHE A 91 4.45 5.72 0.66
CA PHE A 91 4.51 6.04 2.07
C PHE A 91 5.88 5.67 2.65
N ARG A 92 6.53 6.65 3.28
CA ARG A 92 7.84 6.43 3.88
C ARG A 92 7.72 6.15 5.37
N ILE A 93 8.01 4.91 5.76
CA ILE A 93 7.92 4.51 7.16
C ILE A 93 9.30 4.16 7.71
N LEU A 94 9.60 4.63 8.91
CA LEU A 94 10.88 4.36 9.55
C LEU A 94 10.75 3.23 10.57
N ASN A 95 11.55 2.19 10.41
CA ASN A 95 11.53 1.05 11.32
C ASN A 95 12.92 0.78 11.89
N PRO A 96 13.59 1.86 12.33
CA PRO A 96 14.94 1.76 12.89
C PRO A 96 14.94 1.09 14.27
N ASN A 97 13.81 1.18 14.96
CA ASN A 97 13.68 0.58 16.29
C ASN A 97 13.51 -0.92 16.18
N LYS A 98 13.39 -1.43 14.97
CA LYS A 98 13.23 -2.85 14.73
C LYS A 98 12.01 -3.40 15.47
N ALA A 99 10.99 -2.56 15.61
CA ALA A 99 9.77 -2.95 16.30
C ALA A 99 8.62 -3.14 15.31
N PRO A 100 8.28 -4.40 15.02
CA PRO A 100 7.20 -4.73 14.09
C PRO A 100 5.83 -4.39 14.65
N LEU A 101 5.27 -3.26 14.21
CA LEU A 101 3.96 -2.82 14.68
C LEU A 101 2.90 -3.04 13.60
N ARG A 102 1.68 -2.63 13.90
CA ARG A 102 0.56 -2.79 12.95
C ARG A 102 0.26 -1.47 12.25
N LEU A 103 -0.53 -1.54 11.19
CA LEU A 103 -0.90 -0.34 10.43
C LEU A 103 -2.41 -0.25 10.27
N LYS A 104 -2.93 0.97 10.34
CA LYS A 104 -4.36 1.21 10.20
C LYS A 104 -4.67 1.90 8.87
N LEU A 105 -5.37 1.20 8.00
CA LEU A 105 -5.73 1.76 6.69
C LEU A 105 -7.17 2.24 6.69
N ARG A 106 -7.41 3.43 6.16
CA ARG A 106 -8.74 4.01 6.09
C ARG A 106 -9.09 4.41 4.66
N LEU A 107 -10.10 3.76 4.10
CA LEU A 107 -10.54 4.06 2.74
C LEU A 107 -11.82 4.88 2.74
N THR A 108 -11.79 6.00 2.04
CA THR A 108 -12.95 6.88 1.97
C THR A 108 -13.12 7.44 0.56
N TYR A 109 -14.15 6.96 -0.15
CA TYR A 109 -14.42 7.41 -1.51
C TYR A 109 -15.89 7.24 -1.85
N ASP A 110 -16.28 7.72 -3.03
CA ASP A 110 -17.66 7.61 -3.49
C ASP A 110 -17.82 6.47 -4.49
N HIS A 111 -18.90 5.71 -4.35
CA HIS A 111 -19.17 4.59 -5.24
C HIS A 111 -20.66 4.47 -5.53
N PHE A 112 -20.99 4.27 -6.81
CA PHE A 112 -22.39 4.14 -7.22
C PHE A 112 -23.25 5.19 -6.53
N HIS A 113 -22.74 6.41 -6.43
CA HIS A 113 -23.47 7.49 -5.79
C HIS A 113 -23.74 7.18 -4.32
N GLN A 114 -22.72 6.67 -3.64
CA GLN A 114 -22.85 6.33 -2.23
C GLN A 114 -21.51 6.46 -1.52
N SER A 115 -21.53 7.01 -0.30
CA SER A 115 -20.32 7.20 0.48
C SER A 115 -19.80 5.86 1.01
N VAL A 116 -18.55 5.55 0.67
CA VAL A 116 -17.94 4.30 1.10
C VAL A 116 -16.80 4.56 2.08
N GLN A 117 -17.01 4.18 3.34
CA GLN A 117 -16.00 4.38 4.38
C GLN A 117 -15.82 3.11 5.21
N GLU A 118 -14.74 2.39 4.95
CA GLU A 118 -14.45 1.17 5.68
C GLU A 118 -13.01 1.15 6.20
N ILE A 119 -12.86 1.15 7.52
CA ILE A 119 -11.55 1.14 8.14
C ILE A 119 -11.19 -0.25 8.65
N PHE A 120 -10.04 -0.75 8.20
CA PHE A 120 -9.58 -2.07 8.61
C PHE A 120 -8.10 -2.04 9.01
N GLU A 121 -7.66 -3.07 9.71
CA GLU A 121 -6.27 -3.15 10.16
C GLU A 121 -5.59 -4.37 9.56
N VAL A 122 -4.35 -4.18 9.09
CA VAL A 122 -3.58 -5.26 8.50
C VAL A 122 -2.80 -6.03 9.56
N ASN A 123 -3.10 -7.31 9.71
CA ASN A 123 -2.42 -8.16 10.68
C ASN A 123 -1.65 -9.28 10.00
N ASN A 124 -1.74 -9.32 8.67
CA ASN A 124 -1.05 -10.35 7.89
C ASN A 124 0.17 -9.75 7.18
N LEU A 125 0.79 -8.76 7.80
CA LEU A 125 1.96 -8.11 7.22
C LEU A 125 3.12 -9.10 7.10
N PRO A 126 3.95 -8.91 6.07
CA PRO A 126 5.10 -9.76 5.81
C PRO A 126 6.21 -9.57 6.85
N VAL A 127 6.82 -10.69 7.26
CA VAL A 127 7.89 -10.64 8.25
C VAL A 127 9.16 -10.03 7.67
N GLU A 128 9.45 -10.37 6.42
CA GLU A 128 10.64 -9.86 5.75
C GLU A 128 10.80 -8.36 5.99
N SER A 129 9.69 -7.64 5.97
CA SER A 129 9.69 -6.20 6.19
C SER A 129 10.71 -5.83 7.26
N TRP A 130 10.52 -6.38 8.46
CA TRP A 130 11.42 -6.09 9.57
C TRP A 130 12.62 -7.04 9.55
N GLN A 131 12.40 -8.26 9.09
CA GLN A 131 13.47 -9.25 9.02
C GLN A 131 14.40 -8.96 7.84
N GLY A 1 28.74 -7.97 -1.14
CA GLY A 1 28.44 -6.73 -1.82
C GLY A 1 29.18 -6.59 -3.14
N SER A 2 28.50 -6.91 -4.23
CA SER A 2 29.10 -6.83 -5.56
C SER A 2 28.14 -6.17 -6.55
N SER A 3 28.64 -5.18 -7.28
CA SER A 3 27.84 -4.48 -8.26
C SER A 3 26.96 -5.45 -9.05
N GLY A 4 25.82 -4.95 -9.54
CA GLY A 4 24.92 -5.79 -10.30
C GLY A 4 24.62 -7.11 -9.60
N SER A 5 23.84 -7.95 -10.26
CA SER A 5 23.47 -9.25 -9.69
C SER A 5 24.49 -10.32 -10.09
N SER A 6 25.05 -10.99 -9.09
CA SER A 6 26.04 -12.03 -9.32
C SER A 6 25.50 -13.40 -8.95
N GLY A 7 24.73 -14.00 -9.86
CA GLY A 7 24.16 -15.30 -9.61
C GLY A 7 22.68 -15.37 -9.95
N PRO A 8 21.98 -16.35 -9.37
CA PRO A 8 20.54 -16.54 -9.60
C PRO A 8 19.70 -15.44 -8.98
N PRO A 9 18.49 -15.24 -9.50
CA PRO A 9 17.56 -14.21 -9.01
C PRO A 9 17.01 -14.56 -7.62
N PRO A 10 17.12 -13.60 -6.69
CA PRO A 10 16.63 -13.78 -5.32
C PRO A 10 15.11 -13.83 -5.24
N ALA A 11 14.59 -13.83 -4.02
CA ALA A 11 13.14 -13.88 -3.81
C ALA A 11 12.67 -12.70 -2.97
N PRO A 12 12.17 -11.65 -3.64
CA PRO A 12 11.68 -10.44 -2.97
C PRO A 12 10.39 -10.69 -2.19
N ILE A 13 9.76 -9.62 -1.74
CA ILE A 13 8.51 -9.72 -0.99
C ILE A 13 7.31 -9.62 -1.91
N PRO A 14 6.51 -10.70 -1.96
CA PRO A 14 5.31 -10.75 -2.81
C PRO A 14 4.20 -9.83 -2.29
N ASP A 15 3.30 -9.44 -3.19
CA ASP A 15 2.20 -8.57 -2.83
C ASP A 15 1.32 -9.20 -1.74
N LEU A 16 0.44 -8.41 -1.16
CA LEU A 16 -0.44 -8.88 -0.10
C LEU A 16 -1.84 -8.28 -0.24
N LYS A 17 -2.85 -9.14 -0.31
CA LYS A 17 -4.23 -8.68 -0.44
C LYS A 17 -4.74 -8.14 0.88
N VAL A 18 -5.38 -6.98 0.83
CA VAL A 18 -5.93 -6.35 2.03
C VAL A 18 -7.44 -6.14 1.90
N PHE A 19 -7.87 -5.72 0.72
CA PHE A 19 -9.29 -5.49 0.46
C PHE A 19 -9.71 -6.09 -0.88
N GLU A 20 -10.79 -6.85 -0.86
CA GLU A 20 -11.29 -7.49 -2.08
C GLU A 20 -12.82 -7.46 -2.10
N ARG A 21 -13.38 -6.61 -2.95
CA ARG A 21 -14.82 -6.49 -3.08
C ARG A 21 -15.24 -6.44 -4.55
N GLU A 22 -16.18 -7.31 -4.93
CA GLU A 22 -16.65 -7.37 -6.30
C GLU A 22 -16.70 -5.98 -6.92
N GLY A 23 -15.75 -5.72 -7.83
CA GLY A 23 -15.70 -4.43 -8.48
C GLY A 23 -14.49 -3.61 -8.07
N VAL A 24 -14.25 -3.55 -6.76
CA VAL A 24 -13.12 -2.80 -6.22
C VAL A 24 -12.18 -3.70 -5.45
N GLN A 25 -10.88 -3.58 -5.74
CA GLN A 25 -9.88 -4.40 -5.07
C GLN A 25 -8.70 -3.54 -4.61
N LEU A 26 -7.97 -4.02 -3.61
CA LEU A 26 -6.82 -3.30 -3.07
C LEU A 26 -5.66 -4.25 -2.80
N ASN A 27 -4.49 -3.90 -3.32
CA ASN A 27 -3.29 -4.72 -3.13
C ASN A 27 -2.23 -3.96 -2.36
N LEU A 28 -1.44 -4.68 -1.58
CA LEU A 28 -0.38 -4.07 -0.78
C LEU A 28 1.00 -4.51 -1.27
N SER A 29 1.87 -3.54 -1.53
CA SER A 29 3.21 -3.83 -2.01
C SER A 29 4.26 -3.21 -1.10
N PHE A 30 5.22 -4.03 -0.67
CA PHE A 30 6.29 -3.56 0.21
C PHE A 30 7.61 -3.45 -0.54
N ILE A 31 8.38 -2.42 -0.23
CA ILE A 31 9.68 -2.20 -0.87
C ILE A 31 10.75 -1.84 0.15
N ARG A 32 11.93 -2.42 -0.02
CA ARG A 32 13.04 -2.16 0.89
C ARG A 32 14.31 -1.80 0.11
N PRO A 33 14.61 -0.49 0.08
CA PRO A 33 15.79 0.02 -0.63
C PRO A 33 17.10 -0.37 0.07
N PRO A 34 18.16 -0.56 -0.73
CA PRO A 34 19.48 -0.93 -0.22
C PRO A 34 20.14 0.20 0.56
N GLU A 35 20.00 1.42 0.05
CA GLU A 35 20.59 2.58 0.70
C GLU A 35 20.01 2.77 2.10
N ASN A 36 18.71 2.57 2.24
CA ASN A 36 18.04 2.72 3.52
C ASN A 36 17.27 1.44 3.88
N PRO A 37 17.94 0.54 4.62
CA PRO A 37 17.33 -0.72 5.05
C PRO A 37 16.25 -0.52 6.10
N ALA A 38 16.38 0.54 6.88
CA ALA A 38 15.40 0.85 7.92
C ALA A 38 14.19 1.57 7.35
N LEU A 39 14.25 1.87 6.05
CA LEU A 39 13.16 2.57 5.38
C LEU A 39 12.26 1.58 4.64
N LEU A 40 10.98 1.58 5.00
CA LEU A 40 10.01 0.69 4.36
C LEU A 40 9.04 1.47 3.50
N LEU A 41 9.22 1.39 2.19
CA LEU A 41 8.35 2.09 1.25
C LEU A 41 7.15 1.23 0.87
N ILE A 42 5.97 1.66 1.30
CA ILE A 42 4.74 0.93 1.00
C ILE A 42 3.95 1.61 -0.11
N THR A 43 3.39 0.81 -1.01
CA THR A 43 2.61 1.32 -2.12
C THR A 43 1.27 0.61 -2.24
N ILE A 44 0.24 1.36 -2.59
CA ILE A 44 -1.10 0.80 -2.73
C ILE A 44 -1.50 0.71 -4.20
N THR A 45 -2.55 -0.07 -4.48
CA THR A 45 -3.03 -0.24 -5.84
C THR A 45 -4.54 -0.44 -5.87
N ALA A 46 -5.27 0.58 -6.32
CA ALA A 46 -6.72 0.51 -6.39
C ALA A 46 -7.18 0.29 -7.83
N THR A 47 -7.77 -0.87 -8.09
CA THR A 47 -8.26 -1.21 -9.42
C THR A 47 -9.78 -1.37 -9.42
N ASN A 48 -10.44 -0.69 -10.35
CA ASN A 48 -11.89 -0.76 -10.45
C ASN A 48 -12.30 -1.46 -11.75
N PHE A 49 -13.26 -2.37 -11.64
CA PHE A 49 -13.75 -3.11 -12.80
C PHE A 49 -15.25 -2.91 -12.98
N SER A 50 -15.95 -2.69 -11.87
CA SER A 50 -17.40 -2.49 -11.91
C SER A 50 -17.78 -1.45 -12.95
N GLU A 51 -19.08 -1.26 -13.13
CA GLU A 51 -19.58 -0.29 -14.10
C GLU A 51 -19.52 1.13 -13.53
N GLY A 52 -19.73 1.24 -12.23
CA GLY A 52 -19.70 2.54 -11.58
C GLY A 52 -18.29 3.02 -11.32
N ASP A 53 -17.98 4.23 -11.80
CA ASP A 53 -16.65 4.81 -11.61
C ASP A 53 -16.50 5.38 -10.20
N VAL A 54 -15.26 5.55 -9.77
CA VAL A 54 -14.98 6.09 -8.44
C VAL A 54 -14.20 7.40 -8.54
N THR A 55 -14.51 8.33 -7.64
CA THR A 55 -13.85 9.63 -7.62
C THR A 55 -13.62 10.11 -6.20
N HIS A 56 -13.01 11.28 -6.06
CA HIS A 56 -12.72 11.85 -4.75
C HIS A 56 -12.27 10.77 -3.77
N PHE A 57 -11.39 9.88 -4.24
CA PHE A 57 -10.89 8.80 -3.41
C PHE A 57 -9.76 9.29 -2.51
N ILE A 58 -9.96 9.17 -1.20
CA ILE A 58 -8.96 9.60 -0.22
C ILE A 58 -8.51 8.44 0.66
N CYS A 59 -7.24 8.09 0.56
CA CYS A 59 -6.68 7.00 1.36
C CYS A 59 -5.77 7.53 2.46
N GLN A 60 -6.14 7.25 3.71
CA GLN A 60 -5.36 7.71 4.85
C GLN A 60 -4.66 6.54 5.52
N ALA A 61 -3.71 6.85 6.40
CA ALA A 61 -2.97 5.83 7.12
C ALA A 61 -2.49 6.33 8.48
N ALA A 62 -2.33 5.43 9.43
CA ALA A 62 -1.87 5.79 10.77
C ALA A 62 -0.81 4.82 11.26
N VAL A 63 0.21 5.36 11.93
CA VAL A 63 1.30 4.55 12.45
C VAL A 63 1.68 4.99 13.86
N PRO A 64 2.11 4.02 14.69
CA PRO A 64 2.52 4.29 16.07
C PRO A 64 3.82 5.06 16.16
N LYS A 65 3.98 5.84 17.22
CA LYS A 65 5.19 6.64 17.42
C LYS A 65 6.43 5.83 17.06
N SER A 66 6.40 4.53 17.34
CA SER A 66 7.53 3.66 17.06
C SER A 66 8.01 3.84 15.62
N LEU A 67 7.07 3.85 14.68
CA LEU A 67 7.40 4.02 13.28
C LEU A 67 6.98 5.40 12.78
N GLN A 68 7.38 5.73 11.56
CA GLN A 68 7.04 7.02 10.97
C GLN A 68 6.15 6.85 9.75
N LEU A 69 5.52 7.94 9.32
CA LEU A 69 4.62 7.91 8.17
C LEU A 69 4.75 9.19 7.35
N GLN A 70 4.65 9.07 6.03
CA GLN A 70 4.74 10.21 5.15
C GLN A 70 3.91 10.00 3.88
N LEU A 71 2.88 10.83 3.72
CA LEU A 71 2.01 10.72 2.56
C LEU A 71 2.59 11.49 1.37
N GLN A 72 2.95 10.74 0.32
CA GLN A 72 3.52 11.34 -0.88
C GLN A 72 2.42 11.79 -1.84
N ALA A 73 2.75 12.75 -2.70
CA ALA A 73 1.79 13.28 -3.66
C ALA A 73 1.18 12.14 -4.49
N PRO A 74 -0.16 12.02 -4.41
CA PRO A 74 -0.89 10.99 -5.14
C PRO A 74 -0.91 11.24 -6.64
N SER A 75 -1.55 10.33 -7.38
CA SER A 75 -1.64 10.46 -8.83
C SER A 75 -2.91 11.18 -9.24
N GLY A 76 -4.01 10.86 -8.56
CA GLY A 76 -5.29 11.48 -8.86
C GLY A 76 -6.43 10.89 -8.06
N ASN A 77 -7.42 11.72 -7.74
CA ASN A 77 -8.57 11.27 -6.97
C ASN A 77 -9.68 10.76 -7.89
N THR A 78 -9.28 10.05 -8.94
CA THR A 78 -10.24 9.50 -9.89
C THR A 78 -9.78 8.15 -10.41
N VAL A 79 -10.72 7.20 -10.49
CA VAL A 79 -10.41 5.86 -10.98
C VAL A 79 -11.41 5.41 -12.02
N PRO A 80 -10.91 4.91 -13.16
CA PRO A 80 -11.74 4.43 -14.27
C PRO A 80 -12.48 3.15 -13.92
N ALA A 81 -13.75 3.08 -14.33
CA ALA A 81 -14.56 1.90 -14.06
C ALA A 81 -14.32 0.81 -15.12
N ARG A 82 -13.31 1.02 -15.96
CA ARG A 82 -12.98 0.07 -17.00
C ARG A 82 -11.56 -0.46 -16.83
N GLY A 83 -11.23 -0.91 -15.61
CA GLY A 83 -9.92 -1.43 -15.34
C GLY A 83 -8.82 -0.62 -16.01
N GLY A 84 -8.89 0.70 -15.86
CA GLY A 84 -7.90 1.56 -16.47
C GLY A 84 -6.58 1.57 -15.70
N LEU A 85 -6.26 2.71 -15.09
CA LEU A 85 -5.02 2.84 -14.33
C LEU A 85 -5.31 3.07 -12.86
N PRO A 86 -4.85 2.14 -12.00
CA PRO A 86 -5.06 2.23 -10.56
C PRO A 86 -4.24 3.35 -9.92
N ILE A 87 -4.66 3.78 -8.74
CA ILE A 87 -3.98 4.84 -8.02
C ILE A 87 -2.91 4.28 -7.08
N THR A 88 -1.79 4.98 -6.98
CA THR A 88 -0.69 4.55 -6.11
C THR A 88 -0.37 5.62 -5.07
N GLN A 89 0.02 5.17 -3.88
CA GLN A 89 0.36 6.09 -2.79
C GLN A 89 1.62 5.63 -2.08
N LEU A 90 2.70 6.41 -2.23
CA LEU A 90 3.97 6.09 -1.59
C LEU A 90 3.98 6.54 -0.14
N PHE A 91 4.59 5.73 0.72
CA PHE A 91 4.68 6.04 2.14
C PHE A 91 6.06 5.69 2.69
N ARG A 92 6.69 6.66 3.33
CA ARG A 92 8.02 6.46 3.90
C ARG A 92 7.93 6.17 5.41
N ILE A 93 8.06 4.90 5.77
CA ILE A 93 7.99 4.48 7.16
C ILE A 93 9.37 4.09 7.69
N LEU A 94 9.64 4.44 8.94
CA LEU A 94 10.92 4.12 9.56
C LEU A 94 10.75 3.02 10.61
N ASN A 95 11.45 1.91 10.40
CA ASN A 95 11.37 0.78 11.32
C ASN A 95 12.76 0.43 11.87
N PRO A 96 13.52 1.47 12.26
CA PRO A 96 14.87 1.30 12.81
C PRO A 96 14.86 0.66 14.19
N ASN A 97 13.72 0.78 14.88
CA ASN A 97 13.59 0.20 16.22
C ASN A 97 13.32 -1.30 16.14
N LYS A 98 13.48 -1.87 14.95
CA LYS A 98 13.26 -3.29 14.75
C LYS A 98 12.00 -3.76 15.46
N ALA A 99 10.94 -2.98 15.36
CA ALA A 99 9.67 -3.31 15.99
C ALA A 99 8.56 -3.49 14.96
N PRO A 100 8.19 -4.76 14.70
CA PRO A 100 7.15 -5.08 13.73
C PRO A 100 5.75 -4.67 14.21
N LEU A 101 5.32 -3.48 13.83
CA LEU A 101 4.01 -2.98 14.23
C LEU A 101 2.99 -3.17 13.11
N ARG A 102 1.79 -2.67 13.33
CA ARG A 102 0.72 -2.77 12.33
C ARG A 102 0.44 -1.42 11.68
N LEU A 103 -0.44 -1.43 10.68
CA LEU A 103 -0.79 -0.20 9.98
C LEU A 103 -2.30 -0.03 9.90
N LYS A 104 -2.77 1.19 10.18
CA LYS A 104 -4.20 1.49 10.14
C LYS A 104 -4.58 2.17 8.83
N LEU A 105 -5.29 1.45 7.98
CA LEU A 105 -5.72 1.99 6.69
C LEU A 105 -7.16 2.48 6.76
N ARG A 106 -7.42 3.64 6.18
CA ARG A 106 -8.76 4.22 6.17
C ARG A 106 -9.17 4.63 4.76
N LEU A 107 -10.05 3.85 4.16
CA LEU A 107 -10.53 4.14 2.81
C LEU A 107 -11.86 4.87 2.84
N THR A 108 -11.93 5.99 2.13
CA THR A 108 -13.16 6.79 2.09
C THR A 108 -13.37 7.38 0.70
N TYR A 109 -14.42 6.93 0.01
CA TYR A 109 -14.73 7.42 -1.32
C TYR A 109 -16.21 7.23 -1.64
N ASP A 110 -16.61 7.70 -2.81
CA ASP A 110 -18.01 7.58 -3.24
C ASP A 110 -18.15 6.58 -4.38
N HIS A 111 -19.04 5.62 -4.22
CA HIS A 111 -19.27 4.60 -5.24
C HIS A 111 -20.76 4.48 -5.56
N PHE A 112 -21.07 4.22 -6.83
CA PHE A 112 -22.46 4.08 -7.27
C PHE A 112 -23.36 5.07 -6.54
N HIS A 113 -22.88 6.30 -6.41
CA HIS A 113 -23.65 7.36 -5.73
C HIS A 113 -23.93 6.97 -4.28
N GLN A 114 -22.89 6.55 -3.57
CA GLN A 114 -23.04 6.14 -2.18
C GLN A 114 -21.75 6.40 -1.41
N SER A 115 -21.90 6.80 -0.14
CA SER A 115 -20.74 7.09 0.71
C SER A 115 -20.13 5.79 1.23
N VAL A 116 -18.97 5.43 0.69
CA VAL A 116 -18.28 4.22 1.10
C VAL A 116 -17.18 4.53 2.11
N GLN A 117 -17.31 3.98 3.31
CA GLN A 117 -16.33 4.21 4.37
C GLN A 117 -15.93 2.89 5.02
N GLU A 118 -14.73 2.43 4.71
CA GLU A 118 -14.23 1.17 5.27
C GLU A 118 -12.86 1.37 5.91
N ILE A 119 -12.79 1.17 7.22
CA ILE A 119 -11.54 1.33 7.96
C ILE A 119 -11.08 0.01 8.57
N PHE A 120 -10.00 -0.54 8.03
CA PHE A 120 -9.46 -1.80 8.52
C PHE A 120 -7.96 -1.68 8.80
N GLU A 121 -7.47 -2.53 9.70
CA GLU A 121 -6.06 -2.52 10.06
C GLU A 121 -5.38 -3.82 9.65
N VAL A 122 -4.41 -3.73 8.76
CA VAL A 122 -3.68 -4.89 8.29
C VAL A 122 -2.84 -5.52 9.41
N ASN A 123 -3.22 -6.73 9.82
CA ASN A 123 -2.51 -7.43 10.88
C ASN A 123 -1.76 -8.64 10.34
N ASN A 124 -2.01 -8.95 9.06
CA ASN A 124 -1.36 -10.08 8.42
C ASN A 124 -0.17 -9.62 7.57
N LEU A 125 0.55 -8.62 8.07
CA LEU A 125 1.70 -8.08 7.35
C LEU A 125 2.81 -9.12 7.26
N PRO A 126 3.66 -8.98 6.23
CA PRO A 126 4.78 -9.90 5.99
C PRO A 126 5.88 -9.75 7.04
N VAL A 127 6.74 -10.75 7.15
CA VAL A 127 7.83 -10.73 8.11
C VAL A 127 9.03 -9.97 7.56
N GLU A 128 9.34 -10.19 6.30
CA GLU A 128 10.47 -9.52 5.66
C GLU A 128 10.39 -8.01 5.85
N SER A 129 9.18 -7.46 5.68
CA SER A 129 8.97 -6.03 5.84
C SER A 129 9.85 -5.47 6.95
N TRP A 130 9.93 -6.20 8.06
CA TRP A 130 10.73 -5.78 9.20
C TRP A 130 12.07 -6.51 9.22
N GLN A 131 12.04 -7.79 8.90
CA GLN A 131 13.25 -8.61 8.88
C GLN A 131 14.16 -8.21 7.73
N GLY A 1 37.69 -9.47 -6.13
CA GLY A 1 36.75 -8.46 -6.60
C GLY A 1 35.49 -8.43 -5.77
N SER A 2 34.34 -8.31 -6.43
CA SER A 2 33.06 -8.27 -5.73
C SER A 2 32.78 -9.57 -4.99
N SER A 3 31.69 -9.59 -4.23
CA SER A 3 31.32 -10.78 -3.48
C SER A 3 30.28 -11.59 -4.22
N GLY A 4 29.28 -10.91 -4.78
CA GLY A 4 28.23 -11.59 -5.52
C GLY A 4 28.66 -11.96 -6.93
N SER A 5 29.55 -12.93 -7.03
CA SER A 5 30.05 -13.38 -8.33
C SER A 5 28.94 -14.05 -9.13
N SER A 6 28.16 -13.23 -9.85
CA SER A 6 27.07 -13.74 -10.66
C SER A 6 26.18 -14.68 -9.86
N GLY A 7 25.89 -14.29 -8.61
CA GLY A 7 25.06 -15.11 -7.75
C GLY A 7 23.58 -14.99 -8.09
N PRO A 8 22.78 -15.92 -7.57
CA PRO A 8 21.33 -15.93 -7.81
C PRO A 8 20.61 -14.78 -7.10
N PRO A 9 19.47 -14.35 -7.66
CA PRO A 9 18.67 -13.27 -7.10
C PRO A 9 18.00 -13.65 -5.79
N PRO A 10 17.90 -12.68 -4.86
CA PRO A 10 17.27 -12.89 -3.56
C PRO A 10 15.77 -13.09 -3.66
N ALA A 11 15.09 -13.10 -2.52
CA ALA A 11 13.65 -13.28 -2.48
C ALA A 11 12.97 -12.10 -1.79
N PRO A 12 12.46 -11.15 -2.59
CA PRO A 12 11.78 -9.96 -2.08
C PRO A 12 10.43 -10.29 -1.46
N ILE A 13 9.69 -9.25 -1.08
CA ILE A 13 8.38 -9.43 -0.47
C ILE A 13 7.26 -9.30 -1.50
N PRO A 14 6.50 -10.39 -1.68
CA PRO A 14 5.39 -10.42 -2.64
C PRO A 14 4.22 -9.54 -2.20
N ASP A 15 3.26 -9.36 -3.10
CA ASP A 15 2.10 -8.53 -2.82
C ASP A 15 1.19 -9.21 -1.79
N LEU A 16 0.36 -8.42 -1.13
CA LEU A 16 -0.56 -8.95 -0.12
C LEU A 16 -1.89 -8.21 -0.16
N LYS A 17 -2.95 -8.96 -0.44
CA LYS A 17 -4.30 -8.38 -0.52
C LYS A 17 -4.74 -7.88 0.85
N VAL A 18 -5.28 -6.66 0.89
CA VAL A 18 -5.74 -6.07 2.14
C VAL A 18 -7.24 -5.85 2.11
N PHE A 19 -7.76 -5.42 0.96
CA PHE A 19 -9.19 -5.18 0.80
C PHE A 19 -9.69 -5.73 -0.53
N GLU A 20 -10.78 -6.49 -0.48
CA GLU A 20 -11.37 -7.08 -1.69
C GLU A 20 -12.89 -7.03 -1.63
N ARG A 21 -13.49 -6.22 -2.50
CA ARG A 21 -14.93 -6.08 -2.55
C ARG A 21 -15.44 -6.20 -3.98
N GLU A 22 -16.46 -7.04 -4.17
CA GLU A 22 -17.03 -7.24 -5.50
C GLU A 22 -17.05 -5.94 -6.29
N GLY A 23 -16.12 -5.82 -7.23
CA GLY A 23 -16.04 -4.61 -8.04
C GLY A 23 -14.73 -3.87 -7.86
N VAL A 24 -14.37 -3.61 -6.60
CA VAL A 24 -13.13 -2.90 -6.30
C VAL A 24 -12.18 -3.78 -5.50
N GLN A 25 -10.88 -3.59 -5.71
CA GLN A 25 -9.86 -4.36 -5.01
C GLN A 25 -8.66 -3.49 -4.67
N LEU A 26 -7.96 -3.86 -3.60
CA LEU A 26 -6.78 -3.12 -3.17
C LEU A 26 -5.63 -4.06 -2.84
N ASN A 27 -4.46 -3.79 -3.40
CA ASN A 27 -3.29 -4.62 -3.16
C ASN A 27 -2.18 -3.81 -2.49
N LEU A 28 -1.33 -4.48 -1.72
CA LEU A 28 -0.23 -3.83 -1.03
C LEU A 28 1.11 -4.37 -1.51
N SER A 29 2.11 -3.50 -1.59
CA SER A 29 3.44 -3.88 -2.03
C SER A 29 4.51 -3.35 -1.08
N PHE A 30 5.30 -4.24 -0.51
CA PHE A 30 6.36 -3.86 0.42
C PHE A 30 7.69 -3.72 -0.31
N ILE A 31 8.28 -2.53 -0.24
CA ILE A 31 9.56 -2.28 -0.89
C ILE A 31 10.66 -2.01 0.13
N ARG A 32 11.80 -2.66 -0.04
CA ARG A 32 12.93 -2.50 0.88
C ARG A 32 14.18 -2.06 0.12
N PRO A 33 14.43 -0.74 0.11
CA PRO A 33 15.60 -0.18 -0.58
C PRO A 33 16.91 -0.53 0.12
N PRO A 34 17.98 -0.67 -0.68
CA PRO A 34 19.30 -1.01 -0.16
C PRO A 34 19.93 0.13 0.64
N GLU A 35 19.76 1.36 0.14
CA GLU A 35 20.31 2.53 0.80
C GLU A 35 19.71 2.69 2.20
N ASN A 36 18.41 2.46 2.32
CA ASN A 36 17.72 2.58 3.59
C ASN A 36 17.02 1.28 3.95
N PRO A 37 17.72 0.41 4.69
CA PRO A 37 17.18 -0.89 5.13
C PRO A 37 16.08 -0.73 6.17
N ALA A 38 16.17 0.31 6.99
CA ALA A 38 15.18 0.57 8.02
C ALA A 38 13.97 1.30 7.45
N LEU A 39 14.04 1.63 6.16
CA LEU A 39 12.94 2.33 5.50
C LEU A 39 12.02 1.35 4.78
N LEU A 40 10.71 1.54 4.95
CA LEU A 40 9.73 0.66 4.32
C LEU A 40 8.81 1.47 3.40
N LEU A 41 9.03 1.34 2.10
CA LEU A 41 8.21 2.06 1.12
C LEU A 41 7.02 1.22 0.69
N ILE A 42 5.85 1.52 1.25
CA ILE A 42 4.63 0.81 0.93
C ILE A 42 3.90 1.46 -0.24
N THR A 43 3.24 0.64 -1.06
CA THR A 43 2.50 1.14 -2.20
C THR A 43 1.08 0.58 -2.22
N ILE A 44 0.18 1.29 -2.90
CA ILE A 44 -1.21 0.88 -3.01
C ILE A 44 -1.66 0.79 -4.46
N THR A 45 -2.51 -0.19 -4.76
CA THR A 45 -3.01 -0.37 -6.11
C THR A 45 -4.52 -0.59 -6.10
N ALA A 46 -5.27 0.50 -6.12
CA ALA A 46 -6.73 0.44 -6.12
C ALA A 46 -7.27 0.31 -7.54
N THR A 47 -7.90 -0.82 -7.83
CA THR A 47 -8.46 -1.07 -9.16
C THR A 47 -9.98 -1.14 -9.11
N ASN A 48 -10.63 -0.64 -10.14
CA ASN A 48 -12.08 -0.65 -10.22
C ASN A 48 -12.56 -1.19 -11.56
N PHE A 49 -13.51 -2.12 -11.52
CA PHE A 49 -14.06 -2.71 -12.74
C PHE A 49 -15.58 -2.59 -12.78
N SER A 50 -16.15 -2.11 -11.67
CA SER A 50 -17.60 -1.95 -11.57
C SER A 50 -18.12 -1.06 -12.69
N GLU A 51 -19.43 -0.87 -12.73
CA GLU A 51 -20.06 -0.04 -13.75
C GLU A 51 -20.21 1.40 -13.26
N GLY A 52 -19.70 1.66 -12.07
CA GLY A 52 -19.80 3.00 -11.50
C GLY A 52 -18.43 3.59 -11.19
N ASP A 53 -18.03 4.60 -11.96
CA ASP A 53 -16.75 5.25 -11.75
C ASP A 53 -16.61 5.74 -10.31
N VAL A 54 -15.39 5.70 -9.78
CA VAL A 54 -15.13 6.14 -8.42
C VAL A 54 -14.29 7.42 -8.41
N THR A 55 -14.71 8.39 -7.61
CA THR A 55 -14.00 9.66 -7.51
C THR A 55 -13.79 10.06 -6.05
N HIS A 56 -13.19 11.23 -5.85
CA HIS A 56 -12.92 11.73 -4.50
C HIS A 56 -12.53 10.59 -3.56
N PHE A 57 -11.54 9.80 -3.98
CA PHE A 57 -11.08 8.67 -3.18
C PHE A 57 -9.89 9.07 -2.32
N ILE A 58 -10.12 9.20 -1.02
CA ILE A 58 -9.06 9.57 -0.08
C ILE A 58 -8.51 8.36 0.63
N CYS A 59 -7.19 8.17 0.52
CA CYS A 59 -6.52 7.03 1.16
C CYS A 59 -5.62 7.51 2.30
N GLN A 60 -6.09 7.33 3.53
CA GLN A 60 -5.32 7.75 4.70
C GLN A 60 -4.77 6.53 5.45
N ALA A 61 -3.85 6.78 6.37
CA ALA A 61 -3.25 5.70 7.15
C ALA A 61 -2.82 6.20 8.52
N ALA A 62 -2.29 5.30 9.33
CA ALA A 62 -1.83 5.65 10.69
C ALA A 62 -0.76 4.68 11.16
N VAL A 63 0.24 5.22 11.88
CA VAL A 63 1.33 4.40 12.39
C VAL A 63 1.66 4.79 13.82
N PRO A 64 2.13 3.81 14.61
CA PRO A 64 2.50 4.02 16.01
C PRO A 64 3.75 4.88 16.16
N LYS A 65 3.79 5.68 17.22
CA LYS A 65 4.94 6.55 17.48
C LYS A 65 6.25 5.84 17.15
N SER A 66 6.31 4.55 17.46
CA SER A 66 7.51 3.77 17.19
C SER A 66 8.02 3.99 15.77
N LEU A 67 7.09 3.93 14.82
CA LEU A 67 7.44 4.13 13.41
C LEU A 67 6.97 5.50 12.92
N GLN A 68 7.32 5.84 11.68
CA GLN A 68 6.94 7.12 11.10
C GLN A 68 6.07 6.92 9.88
N LEU A 69 5.37 7.97 9.46
CA LEU A 69 4.49 7.90 8.30
C LEU A 69 4.60 9.18 7.47
N GLN A 70 4.70 9.01 6.16
CA GLN A 70 4.81 10.15 5.25
C GLN A 70 3.89 9.97 4.05
N LEU A 71 3.01 10.95 3.84
CA LEU A 71 2.07 10.92 2.74
C LEU A 71 2.64 11.61 1.51
N GLN A 72 2.85 10.85 0.44
CA GLN A 72 3.40 11.40 -0.80
C GLN A 72 2.28 11.81 -1.75
N ALA A 73 2.57 12.80 -2.58
CA ALA A 73 1.58 13.29 -3.55
C ALA A 73 1.09 12.16 -4.45
N PRO A 74 -0.22 11.89 -4.39
CA PRO A 74 -0.84 10.84 -5.20
C PRO A 74 -0.88 11.20 -6.68
N SER A 75 -1.60 10.39 -7.46
CA SER A 75 -1.72 10.61 -8.90
C SER A 75 -3.05 11.27 -9.23
N GLY A 76 -4.12 10.81 -8.59
CA GLY A 76 -5.44 11.36 -8.83
C GLY A 76 -6.50 10.76 -7.94
N ASN A 77 -7.60 11.48 -7.76
CA ASN A 77 -8.69 11.01 -6.92
C ASN A 77 -9.82 10.42 -7.75
N THR A 78 -9.54 10.18 -9.03
CA THR A 78 -10.53 9.63 -9.94
C THR A 78 -10.09 8.27 -10.47
N VAL A 79 -11.04 7.35 -10.59
CA VAL A 79 -10.76 6.01 -11.09
C VAL A 79 -11.78 5.58 -12.14
N PRO A 80 -11.29 5.02 -13.25
CA PRO A 80 -12.14 4.56 -14.35
C PRO A 80 -12.94 3.32 -13.97
N ALA A 81 -14.16 3.23 -14.49
CA ALA A 81 -15.03 2.10 -14.22
C ALA A 81 -14.80 0.97 -15.22
N ARG A 82 -14.00 1.24 -16.24
CA ARG A 82 -13.70 0.25 -17.27
C ARG A 82 -12.27 -0.24 -17.15
N GLY A 83 -11.92 -0.72 -15.96
CA GLY A 83 -10.57 -1.23 -15.73
C GLY A 83 -9.52 -0.42 -16.46
N GLY A 84 -9.26 0.80 -15.98
CA GLY A 84 -8.28 1.65 -16.61
C GLY A 84 -6.96 1.67 -15.85
N LEU A 85 -6.61 2.83 -15.31
CA LEU A 85 -5.37 2.97 -14.57
C LEU A 85 -5.65 3.26 -13.09
N PRO A 86 -5.28 2.30 -12.22
CA PRO A 86 -5.47 2.43 -10.78
C PRO A 86 -4.57 3.49 -10.15
N ILE A 87 -4.94 3.96 -8.97
CA ILE A 87 -4.17 4.97 -8.27
C ILE A 87 -3.13 4.34 -7.35
N THR A 88 -2.00 5.01 -7.18
CA THR A 88 -0.93 4.51 -6.33
C THR A 88 -0.33 5.63 -5.49
N GLN A 89 0.06 5.31 -4.26
CA GLN A 89 0.66 6.29 -3.36
C GLN A 89 1.89 5.72 -2.67
N LEU A 90 2.82 6.59 -2.31
CA LEU A 90 4.05 6.17 -1.64
C LEU A 90 4.05 6.62 -0.18
N PHE A 91 4.62 5.79 0.69
CA PHE A 91 4.69 6.10 2.11
C PHE A 91 6.05 5.72 2.68
N ARG A 92 6.72 6.69 3.30
CA ARG A 92 8.03 6.46 3.90
C ARG A 92 7.91 6.20 5.40
N ILE A 93 8.06 4.94 5.79
CA ILE A 93 7.97 4.56 7.19
C ILE A 93 9.34 4.23 7.77
N LEU A 94 9.53 4.52 9.05
CA LEU A 94 10.80 4.25 9.71
C LEU A 94 10.65 3.13 10.73
N ASN A 95 11.50 2.10 10.59
CA ASN A 95 11.47 0.96 11.50
C ASN A 95 12.86 0.68 12.07
N PRO A 96 13.55 1.73 12.49
CA PRO A 96 14.90 1.63 13.05
C PRO A 96 14.91 0.95 14.42
N ASN A 97 13.79 1.06 15.13
CA ASN A 97 13.66 0.46 16.46
C ASN A 97 13.47 -1.05 16.35
N LYS A 98 13.43 -1.55 15.13
CA LYS A 98 13.27 -2.99 14.89
C LYS A 98 12.02 -3.50 15.60
N ALA A 99 10.98 -2.69 15.63
CA ALA A 99 9.72 -3.07 16.27
C ALA A 99 8.62 -3.29 15.24
N PRO A 100 8.30 -4.56 14.98
CA PRO A 100 7.26 -4.93 14.01
C PRO A 100 5.86 -4.58 14.50
N LEU A 101 5.37 -3.41 14.10
CA LEU A 101 4.05 -2.96 14.49
C LEU A 101 3.04 -3.16 13.37
N ARG A 102 1.81 -2.69 13.58
CA ARG A 102 0.76 -2.81 12.58
C ARG A 102 0.49 -1.46 11.92
N LEU A 103 -0.22 -1.49 10.79
CA LEU A 103 -0.55 -0.28 10.07
C LEU A 103 -2.05 -0.19 9.79
N LYS A 104 -2.61 1.00 9.97
CA LYS A 104 -4.04 1.22 9.74
C LYS A 104 -4.28 1.84 8.37
N LEU A 105 -5.34 1.39 7.71
CA LEU A 105 -5.68 1.91 6.39
C LEU A 105 -7.16 2.32 6.33
N ARG A 106 -7.40 3.59 6.01
CA ARG A 106 -8.75 4.11 5.92
C ARG A 106 -9.07 4.56 4.49
N LEU A 107 -9.84 3.75 3.78
CA LEU A 107 -10.22 4.07 2.41
C LEU A 107 -11.63 4.67 2.35
N THR A 108 -11.72 5.88 1.80
CA THR A 108 -13.01 6.57 1.69
C THR A 108 -13.19 7.15 0.30
N TYR A 109 -14.18 6.66 -0.42
CA TYR A 109 -14.47 7.14 -1.77
C TYR A 109 -15.95 7.01 -2.10
N ASP A 110 -16.37 7.66 -3.18
CA ASP A 110 -17.77 7.61 -3.61
C ASP A 110 -17.97 6.56 -4.70
N HIS A 111 -19.05 5.80 -4.59
CA HIS A 111 -19.35 4.77 -5.57
C HIS A 111 -20.86 4.68 -5.81
N PHE A 112 -21.23 4.27 -7.01
CA PHE A 112 -22.65 4.15 -7.38
C PHE A 112 -23.48 5.21 -6.68
N HIS A 113 -22.90 6.40 -6.51
CA HIS A 113 -23.60 7.51 -5.86
C HIS A 113 -23.90 7.18 -4.40
N GLN A 114 -22.88 6.68 -3.69
CA GLN A 114 -23.05 6.33 -2.28
C GLN A 114 -21.72 6.42 -1.54
N SER A 115 -21.79 6.72 -0.25
CA SER A 115 -20.59 6.84 0.57
C SER A 115 -20.02 5.46 0.91
N VAL A 116 -18.84 5.18 0.37
CA VAL A 116 -18.17 3.90 0.61
C VAL A 116 -16.86 4.10 1.35
N GLN A 117 -16.83 3.75 2.63
CA GLN A 117 -15.63 3.89 3.43
C GLN A 117 -15.38 2.63 4.27
N GLU A 118 -14.16 2.12 4.19
CA GLU A 118 -13.80 0.91 4.93
C GLU A 118 -12.52 1.13 5.74
N ILE A 119 -12.65 1.06 7.06
CA ILE A 119 -11.51 1.26 7.95
C ILE A 119 -11.05 -0.07 8.56
N PHE A 120 -9.85 -0.48 8.21
CA PHE A 120 -9.28 -1.73 8.72
C PHE A 120 -7.78 -1.62 8.92
N GLU A 121 -7.24 -2.45 9.80
CA GLU A 121 -5.81 -2.44 10.09
C GLU A 121 -5.17 -3.77 9.70
N VAL A 122 -4.20 -3.71 8.79
CA VAL A 122 -3.51 -4.92 8.34
C VAL A 122 -2.70 -5.55 9.46
N ASN A 123 -2.82 -6.87 9.61
CA ASN A 123 -2.11 -7.59 10.65
C ASN A 123 -1.33 -8.76 10.05
N ASN A 124 -1.54 -9.02 8.77
CA ASN A 124 -0.85 -10.10 8.08
C ASN A 124 0.40 -9.60 7.37
N LEU A 125 1.09 -8.66 8.02
CA LEU A 125 2.31 -8.09 7.44
C LEU A 125 3.43 -9.13 7.40
N PRO A 126 4.25 -9.08 6.34
CA PRO A 126 5.37 -9.99 6.16
C PRO A 126 6.49 -9.76 7.16
N VAL A 127 7.00 -10.84 7.74
CA VAL A 127 8.09 -10.75 8.71
C VAL A 127 9.38 -10.28 8.06
N GLU A 128 9.53 -10.59 6.77
CA GLU A 128 10.72 -10.20 6.03
C GLU A 128 11.00 -8.71 6.18
N SER A 129 9.98 -7.95 6.59
CA SER A 129 10.11 -6.52 6.78
C SER A 129 11.09 -6.20 7.91
N TRP A 130 11.13 -7.07 8.91
CA TRP A 130 12.01 -6.88 10.05
C TRP A 130 13.08 -7.96 10.08
N GLN A 131 12.66 -9.21 9.89
CA GLN A 131 13.59 -10.34 9.90
C GLN A 131 14.86 -10.01 9.11
N GLY A 1 25.91 -3.93 -7.21
CA GLY A 1 26.70 -3.48 -8.33
C GLY A 1 26.00 -3.69 -9.66
N SER A 2 26.28 -2.81 -10.62
CA SER A 2 25.66 -2.89 -11.94
C SER A 2 26.46 -3.83 -12.84
N SER A 3 27.77 -3.70 -12.81
CA SER A 3 28.64 -4.54 -13.63
C SER A 3 29.80 -5.08 -12.81
N GLY A 4 29.77 -6.39 -12.54
CA GLY A 4 30.82 -7.02 -11.77
C GLY A 4 30.67 -8.52 -11.70
N SER A 5 29.80 -8.99 -10.81
CA SER A 5 29.57 -10.42 -10.65
C SER A 5 28.14 -10.69 -10.19
N SER A 6 27.56 -11.78 -10.67
CA SER A 6 26.19 -12.15 -10.32
C SER A 6 26.17 -13.48 -9.56
N GLY A 7 25.14 -13.67 -8.75
CA GLY A 7 25.01 -14.89 -7.99
C GLY A 7 23.58 -15.40 -7.93
N PRO A 8 23.25 -16.12 -6.85
CA PRO A 8 21.90 -16.68 -6.66
C PRO A 8 20.86 -15.60 -6.39
N PRO A 9 19.66 -15.79 -6.97
CA PRO A 9 18.54 -14.85 -6.81
C PRO A 9 17.99 -14.85 -5.40
N PRO A 10 17.90 -13.66 -4.78
CA PRO A 10 17.37 -13.50 -3.42
C PRO A 10 15.87 -13.75 -3.35
N ALA A 11 15.29 -13.47 -2.19
CA ALA A 11 13.85 -13.67 -1.99
C ALA A 11 13.18 -12.37 -1.55
N PRO A 12 12.57 -11.67 -2.53
CA PRO A 12 11.88 -10.39 -2.27
C PRO A 12 10.59 -10.59 -1.47
N ILE A 13 9.79 -9.55 -1.41
CA ILE A 13 8.52 -9.61 -0.68
C ILE A 13 7.33 -9.63 -1.65
N PRO A 14 6.52 -10.71 -1.55
CA PRO A 14 5.35 -10.89 -2.40
C PRO A 14 4.24 -9.90 -2.06
N ASP A 15 3.30 -9.72 -2.99
CA ASP A 15 2.19 -8.81 -2.79
C ASP A 15 1.20 -9.37 -1.77
N LEU A 16 0.41 -8.49 -1.18
CA LEU A 16 -0.59 -8.90 -0.19
C LEU A 16 -1.83 -8.03 -0.27
N LYS A 17 -2.99 -8.67 -0.43
CA LYS A 17 -4.25 -7.96 -0.53
C LYS A 17 -4.77 -7.58 0.86
N VAL A 18 -5.38 -6.40 0.96
CA VAL A 18 -5.92 -5.92 2.23
C VAL A 18 -7.42 -5.73 2.15
N PHE A 19 -7.93 -5.54 0.93
CA PHE A 19 -9.36 -5.34 0.72
C PHE A 19 -9.82 -6.00 -0.58
N GLU A 20 -11.01 -6.58 -0.56
CA GLU A 20 -11.56 -7.25 -1.73
C GLU A 20 -13.06 -7.00 -1.85
N ARG A 21 -13.48 -6.52 -3.01
CA ARG A 21 -14.89 -6.25 -3.26
C ARG A 21 -15.35 -6.85 -4.58
N GLU A 22 -16.63 -7.18 -4.66
CA GLU A 22 -17.20 -7.76 -5.87
C GLU A 22 -16.58 -7.14 -7.12
N GLY A 23 -16.15 -5.89 -6.99
CA GLY A 23 -15.54 -5.19 -8.12
C GLY A 23 -14.28 -4.44 -7.73
N VAL A 24 -14.31 -3.81 -6.56
CA VAL A 24 -13.17 -3.06 -6.07
C VAL A 24 -12.18 -3.96 -5.35
N GLN A 25 -10.92 -3.91 -5.78
CA GLN A 25 -9.87 -4.73 -5.18
C GLN A 25 -8.65 -3.88 -4.83
N LEU A 26 -8.21 -3.97 -3.58
CA LEU A 26 -7.05 -3.21 -3.13
C LEU A 26 -5.89 -4.15 -2.80
N ASN A 27 -4.73 -3.88 -3.39
CA ASN A 27 -3.54 -4.69 -3.16
C ASN A 27 -2.49 -3.91 -2.38
N LEU A 28 -1.51 -4.62 -1.84
CA LEU A 28 -0.44 -3.99 -1.08
C LEU A 28 0.92 -4.47 -1.55
N SER A 29 1.93 -3.61 -1.40
CA SER A 29 3.28 -3.94 -1.82
C SER A 29 4.32 -3.34 -0.86
N PHE A 30 5.39 -4.08 -0.62
CA PHE A 30 6.44 -3.63 0.27
C PHE A 30 7.77 -3.48 -0.47
N ILE A 31 8.52 -2.45 -0.11
CA ILE A 31 9.81 -2.19 -0.75
C ILE A 31 10.88 -1.89 0.28
N ARG A 32 12.06 -2.50 0.10
CA ARG A 32 13.17 -2.30 1.03
C ARG A 32 14.42 -1.86 0.27
N PRO A 33 14.67 -0.54 0.25
CA PRO A 33 15.84 0.03 -0.43
C PRO A 33 17.14 -0.30 0.28
N PRO A 34 18.22 -0.47 -0.50
CA PRO A 34 19.54 -0.80 0.04
C PRO A 34 20.17 0.37 0.78
N GLU A 35 20.04 1.57 0.21
CA GLU A 35 20.59 2.77 0.83
C GLU A 35 20.06 2.94 2.26
N ASN A 36 18.77 2.67 2.43
CA ASN A 36 18.13 2.80 3.75
C ASN A 36 17.37 1.53 4.10
N PRO A 37 18.00 0.65 4.89
CA PRO A 37 17.39 -0.61 5.32
C PRO A 37 16.25 -0.39 6.32
N ALA A 38 16.44 0.54 7.23
CA ALA A 38 15.42 0.85 8.23
C ALA A 38 14.22 1.55 7.60
N LEU A 39 14.34 1.87 6.31
CA LEU A 39 13.25 2.53 5.60
C LEU A 39 12.40 1.52 4.84
N LEU A 40 11.09 1.59 5.07
CA LEU A 40 10.15 0.68 4.40
C LEU A 40 9.16 1.45 3.54
N LEU A 41 9.33 1.37 2.24
CA LEU A 41 8.44 2.06 1.29
C LEU A 41 7.30 1.14 0.85
N ILE A 42 6.08 1.52 1.20
CA ILE A 42 4.90 0.74 0.83
C ILE A 42 4.12 1.42 -0.29
N THR A 43 3.41 0.61 -1.08
CA THR A 43 2.62 1.12 -2.18
C THR A 43 1.22 0.52 -2.20
N ILE A 44 0.28 1.22 -2.81
CA ILE A 44 -1.09 0.75 -2.89
C ILE A 44 -1.56 0.67 -4.34
N THR A 45 -2.42 -0.32 -4.63
CA THR A 45 -2.94 -0.51 -5.97
C THR A 45 -4.44 -0.74 -5.95
N ALA A 46 -5.20 0.34 -6.06
CA ALA A 46 -6.67 0.24 -6.04
C ALA A 46 -7.21 0.10 -7.46
N THR A 47 -7.78 -1.07 -7.75
CA THR A 47 -8.33 -1.34 -9.07
C THR A 47 -9.85 -1.39 -9.01
N ASN A 48 -10.50 -0.80 -10.02
CA ASN A 48 -11.96 -0.78 -10.09
C ASN A 48 -12.45 -1.43 -11.38
N PHE A 49 -13.43 -2.31 -11.25
CA PHE A 49 -13.99 -3.00 -12.41
C PHE A 49 -15.51 -2.84 -12.46
N SER A 50 -16.12 -2.70 -11.29
CA SER A 50 -17.56 -2.54 -11.20
C SER A 50 -18.05 -1.45 -12.13
N GLU A 51 -19.35 -1.45 -12.41
CA GLU A 51 -19.94 -0.44 -13.30
C GLU A 51 -20.22 0.85 -12.54
N GLY A 52 -19.28 1.26 -11.70
CA GLY A 52 -19.44 2.48 -10.94
C GLY A 52 -18.14 3.25 -10.79
N ASP A 53 -18.02 4.34 -11.53
CA ASP A 53 -16.82 5.17 -11.49
C ASP A 53 -16.54 5.63 -10.07
N VAL A 54 -15.30 5.46 -9.62
CA VAL A 54 -14.90 5.87 -8.28
C VAL A 54 -14.03 7.12 -8.32
N THR A 55 -14.61 8.25 -7.93
CA THR A 55 -13.89 9.52 -7.92
C THR A 55 -13.74 10.06 -6.50
N HIS A 56 -12.99 11.15 -6.36
CA HIS A 56 -12.77 11.77 -5.06
C HIS A 56 -12.35 10.73 -4.03
N PHE A 57 -11.56 9.75 -4.48
CA PHE A 57 -11.08 8.69 -3.59
C PHE A 57 -10.02 9.22 -2.64
N ILE A 58 -10.13 8.85 -1.37
CA ILE A 58 -9.18 9.29 -0.35
C ILE A 58 -8.50 8.09 0.30
N CYS A 59 -7.18 8.18 0.47
CA CYS A 59 -6.41 7.11 1.08
C CYS A 59 -5.60 7.63 2.26
N GLN A 60 -5.96 7.19 3.46
CA GLN A 60 -5.26 7.61 4.67
C GLN A 60 -4.77 6.41 5.47
N ALA A 61 -3.76 6.64 6.32
CA ALA A 61 -3.20 5.57 7.14
C ALA A 61 -2.59 6.13 8.41
N ALA A 62 -2.41 5.26 9.41
CA ALA A 62 -1.83 5.68 10.68
C ALA A 62 -0.82 4.64 11.18
N VAL A 63 0.30 5.13 11.70
CA VAL A 63 1.35 4.25 12.21
C VAL A 63 1.69 4.60 13.65
N PRO A 64 2.13 3.58 14.41
CA PRO A 64 2.51 3.75 15.82
C PRO A 64 3.80 4.56 15.98
N LYS A 65 3.88 5.30 17.09
CA LYS A 65 5.06 6.11 17.37
C LYS A 65 6.34 5.36 17.00
N SER A 66 6.38 4.07 17.32
CA SER A 66 7.54 3.25 17.03
C SER A 66 8.02 3.45 15.60
N LEU A 67 7.06 3.53 14.67
CA LEU A 67 7.38 3.72 13.26
C LEU A 67 6.87 5.07 12.78
N GLN A 68 7.48 5.58 11.71
CA GLN A 68 7.07 6.86 11.14
C GLN A 68 6.19 6.66 9.92
N LEU A 69 5.44 7.70 9.55
CA LEU A 69 4.55 7.64 8.40
C LEU A 69 4.62 8.93 7.59
N GLN A 70 4.60 8.80 6.27
CA GLN A 70 4.66 9.95 5.39
C GLN A 70 3.68 9.79 4.23
N LEU A 71 2.85 10.83 4.02
CA LEU A 71 1.86 10.80 2.95
C LEU A 71 2.38 11.56 1.72
N GLN A 72 2.59 10.83 0.63
CA GLN A 72 3.09 11.44 -0.61
C GLN A 72 1.92 11.81 -1.52
N ALA A 73 2.12 12.85 -2.33
CA ALA A 73 1.10 13.31 -3.25
C ALA A 73 0.61 12.16 -4.14
N PRO A 74 -0.73 11.99 -4.20
CA PRO A 74 -1.35 10.94 -5.00
C PRO A 74 -1.21 11.19 -6.49
N SER A 75 -1.79 10.30 -7.31
CA SER A 75 -1.73 10.43 -8.75
C SER A 75 -3.00 11.08 -9.29
N GLY A 76 -4.14 10.72 -8.71
CA GLY A 76 -5.41 11.27 -9.14
C GLY A 76 -6.58 10.70 -8.37
N ASN A 77 -7.48 11.58 -7.95
CA ASN A 77 -8.66 11.16 -7.19
C ASN A 77 -9.78 10.71 -8.13
N THR A 78 -9.41 9.94 -9.15
CA THR A 78 -10.39 9.44 -10.11
C THR A 78 -9.97 8.08 -10.65
N VAL A 79 -10.89 7.11 -10.59
CA VAL A 79 -10.61 5.77 -11.07
C VAL A 79 -11.67 5.33 -12.08
N PRO A 80 -11.22 4.87 -13.26
CA PRO A 80 -12.10 4.41 -14.32
C PRO A 80 -12.80 3.09 -13.98
N ALA A 81 -14.07 2.97 -14.38
CA ALA A 81 -14.84 1.77 -14.11
C ALA A 81 -14.63 0.72 -15.20
N ARG A 82 -13.66 0.98 -16.08
CA ARG A 82 -13.36 0.06 -17.17
C ARG A 82 -11.94 -0.46 -17.06
N GLY A 83 -11.58 -0.96 -15.88
CA GLY A 83 -10.24 -1.50 -15.67
C GLY A 83 -9.19 -0.69 -16.38
N GLY A 84 -9.05 0.58 -16.01
CA GLY A 84 -8.07 1.44 -16.64
C GLY A 84 -6.74 1.43 -15.90
N LEU A 85 -6.53 2.45 -15.08
CA LEU A 85 -5.29 2.56 -14.30
C LEU A 85 -5.58 2.89 -12.84
N PRO A 86 -5.13 2.00 -11.94
CA PRO A 86 -5.34 2.17 -10.50
C PRO A 86 -4.50 3.31 -9.93
N ILE A 87 -4.77 3.66 -8.67
CA ILE A 87 -4.04 4.73 -8.01
C ILE A 87 -2.91 4.19 -7.15
N THR A 88 -1.79 4.91 -7.12
CA THR A 88 -0.64 4.49 -6.33
C THR A 88 -0.19 5.60 -5.38
N GLN A 89 0.11 5.22 -4.15
CA GLN A 89 0.55 6.19 -3.14
C GLN A 89 1.80 5.70 -2.43
N LEU A 90 2.76 6.61 -2.25
CA LEU A 90 4.01 6.27 -1.58
C LEU A 90 3.95 6.61 -0.09
N PHE A 91 4.52 5.74 0.74
CA PHE A 91 4.53 5.95 2.17
C PHE A 91 5.89 5.57 2.76
N ARG A 92 6.60 6.58 3.26
CA ARG A 92 7.91 6.36 3.86
C ARG A 92 7.80 6.08 5.35
N ILE A 93 8.17 4.87 5.76
CA ILE A 93 8.10 4.48 7.16
C ILE A 93 9.49 4.20 7.71
N LEU A 94 9.68 4.48 9.00
CA LEU A 94 10.97 4.25 9.65
C LEU A 94 10.87 3.12 10.66
N ASN A 95 11.80 2.17 10.57
CA ASN A 95 11.82 1.02 11.47
C ASN A 95 13.22 0.80 12.04
N PRO A 96 13.86 1.90 12.48
CA PRO A 96 15.21 1.85 13.05
C PRO A 96 15.24 1.18 14.42
N ASN A 97 14.06 1.03 15.03
CA ASN A 97 13.95 0.41 16.34
C ASN A 97 13.73 -1.09 16.20
N LYS A 98 13.75 -1.59 14.97
CA LYS A 98 13.55 -3.00 14.70
C LYS A 98 12.34 -3.54 15.47
N ALA A 99 11.26 -2.77 15.47
CA ALA A 99 10.05 -3.17 16.17
C ALA A 99 8.88 -3.34 15.20
N PRO A 100 8.54 -4.60 14.89
CA PRO A 100 7.45 -4.92 13.98
C PRO A 100 6.07 -4.58 14.55
N LEU A 101 5.32 -3.75 13.84
CA LEU A 101 4.00 -3.34 14.29
C LEU A 101 3.00 -3.40 13.14
N ARG A 102 1.77 -2.96 13.41
CA ARG A 102 0.72 -2.96 12.40
C ARG A 102 0.54 -1.57 11.79
N LEU A 103 -0.34 -1.48 10.81
CA LEU A 103 -0.62 -0.20 10.14
C LEU A 103 -2.10 -0.04 9.86
N LYS A 104 -2.63 1.15 10.18
CA LYS A 104 -4.04 1.44 9.96
C LYS A 104 -4.27 1.96 8.55
N LEU A 105 -5.29 1.42 7.88
CA LEU A 105 -5.63 1.84 6.53
C LEU A 105 -7.08 2.29 6.44
N ARG A 106 -7.28 3.58 6.19
CA ARG A 106 -8.62 4.13 6.08
C ARG A 106 -8.95 4.47 4.63
N LEU A 107 -10.17 4.14 4.21
CA LEU A 107 -10.61 4.41 2.85
C LEU A 107 -11.94 5.15 2.84
N THR A 108 -12.00 6.23 2.05
CA THR A 108 -13.21 7.03 1.96
C THR A 108 -13.40 7.56 0.54
N TYR A 109 -14.38 7.01 -0.17
CA TYR A 109 -14.67 7.44 -1.53
C TYR A 109 -16.17 7.41 -1.80
N ASP A 110 -16.55 7.78 -3.03
CA ASP A 110 -17.95 7.80 -3.42
C ASP A 110 -18.21 6.84 -4.57
N HIS A 111 -18.98 5.79 -4.31
CA HIS A 111 -19.29 4.79 -5.33
C HIS A 111 -20.77 4.85 -5.70
N PHE A 112 -21.06 4.67 -6.98
CA PHE A 112 -22.44 4.70 -7.46
C PHE A 112 -23.24 5.78 -6.76
N HIS A 113 -22.69 7.00 -6.73
CA HIS A 113 -23.36 8.12 -6.09
C HIS A 113 -23.73 7.79 -4.65
N GLN A 114 -22.78 7.21 -3.91
CA GLN A 114 -23.01 6.82 -2.53
C GLN A 114 -21.70 6.86 -1.74
N SER A 115 -21.79 7.28 -0.48
CA SER A 115 -20.62 7.36 0.39
C SER A 115 -20.22 5.97 0.88
N VAL A 116 -18.94 5.62 0.66
CA VAL A 116 -18.44 4.33 1.08
C VAL A 116 -17.29 4.49 2.07
N GLN A 117 -17.59 4.34 3.36
CA GLN A 117 -16.58 4.47 4.41
C GLN A 117 -16.10 3.10 4.88
N GLU A 118 -14.87 2.76 4.55
CA GLU A 118 -14.29 1.48 4.94
C GLU A 118 -13.00 1.67 5.72
N ILE A 119 -12.94 1.11 6.92
CA ILE A 119 -11.77 1.22 7.78
C ILE A 119 -11.34 -0.15 8.30
N PHE A 120 -10.11 -0.53 7.97
CA PHE A 120 -9.57 -1.82 8.42
C PHE A 120 -8.10 -1.69 8.80
N GLU A 121 -7.61 -2.65 9.57
CA GLU A 121 -6.22 -2.65 10.01
C GLU A 121 -5.49 -3.89 9.51
N VAL A 122 -4.44 -3.67 8.73
CA VAL A 122 -3.65 -4.77 8.18
C VAL A 122 -2.90 -5.52 9.28
N ASN A 123 -3.13 -6.83 9.37
CA ASN A 123 -2.48 -7.65 10.37
C ASN A 123 -1.73 -8.81 9.72
N ASN A 124 -1.73 -8.85 8.39
CA ASN A 124 -1.06 -9.90 7.65
C ASN A 124 0.26 -9.39 7.06
N LEU A 125 0.91 -8.49 7.78
CA LEU A 125 2.18 -7.93 7.31
C LEU A 125 3.25 -9.01 7.22
N PRO A 126 4.13 -8.88 6.20
CA PRO A 126 5.22 -9.83 5.97
C PRO A 126 6.29 -9.75 7.05
N VAL A 127 7.09 -10.80 7.17
CA VAL A 127 8.16 -10.85 8.15
C VAL A 127 9.43 -10.19 7.62
N GLU A 128 9.60 -10.21 6.30
CA GLU A 128 10.77 -9.62 5.67
C GLU A 128 10.80 -8.11 5.89
N SER A 129 9.66 -7.47 5.69
CA SER A 129 9.55 -6.02 5.87
C SER A 129 10.41 -5.56 7.04
N TRP A 130 10.13 -6.10 8.22
CA TRP A 130 10.87 -5.73 9.42
C TRP A 130 12.18 -6.54 9.52
N GLN A 131 12.11 -7.81 9.13
CA GLN A 131 13.29 -8.67 9.18
C GLN A 131 14.27 -8.30 8.07
N GLY A 1 22.82 -1.06 -8.58
CA GLY A 1 23.13 -1.46 -9.94
C GLY A 1 24.45 -2.20 -10.05
N SER A 2 24.38 -3.53 -10.21
CA SER A 2 25.58 -4.35 -10.31
C SER A 2 25.35 -5.50 -11.28
N SER A 3 26.22 -5.60 -12.28
CA SER A 3 26.12 -6.66 -13.27
C SER A 3 26.77 -7.94 -12.77
N GLY A 4 26.58 -9.02 -13.52
CA GLY A 4 27.15 -10.31 -13.14
C GLY A 4 26.52 -10.87 -11.88
N SER A 5 26.21 -12.17 -11.90
CA SER A 5 25.59 -12.82 -10.76
C SER A 5 25.66 -14.34 -10.90
N SER A 6 26.39 -14.98 -9.99
CA SER A 6 26.55 -16.42 -10.01
C SER A 6 25.61 -17.09 -9.00
N GLY A 7 24.40 -17.39 -9.44
CA GLY A 7 23.43 -18.02 -8.56
C GLY A 7 22.04 -17.44 -8.71
N PRO A 8 21.04 -18.11 -8.11
CA PRO A 8 19.65 -17.66 -8.17
C PRO A 8 19.42 -16.39 -7.36
N PRO A 9 18.44 -15.57 -7.79
CA PRO A 9 18.10 -14.32 -7.13
C PRO A 9 17.43 -14.54 -5.77
N PRO A 10 17.42 -13.50 -4.94
CA PRO A 10 16.82 -13.55 -3.60
C PRO A 10 15.30 -13.65 -3.66
N ALA A 11 14.65 -13.55 -2.50
CA ALA A 11 13.21 -13.62 -2.42
C ALA A 11 12.63 -12.32 -1.87
N PRO A 12 12.17 -11.44 -2.77
CA PRO A 12 11.58 -10.16 -2.40
C PRO A 12 10.23 -10.31 -1.71
N ILE A 13 9.56 -9.19 -1.45
CA ILE A 13 8.26 -9.20 -0.81
C ILE A 13 7.14 -9.07 -1.83
N PRO A 14 6.28 -10.11 -1.90
CA PRO A 14 5.15 -10.13 -2.83
C PRO A 14 4.06 -9.14 -2.45
N ASP A 15 2.90 -9.27 -3.08
CA ASP A 15 1.78 -8.38 -2.82
C ASP A 15 0.95 -8.90 -1.64
N LEU A 16 0.14 -8.01 -1.06
CA LEU A 16 -0.70 -8.38 0.08
C LEU A 16 -2.10 -7.78 -0.07
N LYS A 17 -3.11 -8.64 -0.03
CA LYS A 17 -4.49 -8.19 -0.16
C LYS A 17 -5.01 -7.65 1.17
N VAL A 18 -5.54 -6.42 1.12
CA VAL A 18 -6.08 -5.79 2.32
C VAL A 18 -7.58 -5.55 2.20
N PHE A 19 -8.03 -5.29 0.97
CA PHE A 19 -9.45 -5.04 0.72
C PHE A 19 -9.87 -5.66 -0.60
N GLU A 20 -10.96 -6.42 -0.57
CA GLU A 20 -11.47 -7.08 -1.77
C GLU A 20 -12.99 -6.97 -1.85
N ARG A 21 -13.48 -6.24 -2.83
CA ARG A 21 -14.92 -6.05 -3.01
C ARG A 21 -15.31 -6.15 -4.48
N GLU A 22 -16.32 -6.96 -4.77
CA GLU A 22 -16.77 -7.15 -6.14
C GLU A 22 -16.67 -5.85 -6.94
N GLY A 23 -15.71 -5.81 -7.86
CA GLY A 23 -15.51 -4.63 -8.67
C GLY A 23 -14.28 -3.83 -8.25
N VAL A 24 -14.21 -3.51 -6.96
CA VAL A 24 -13.09 -2.74 -6.43
C VAL A 24 -12.17 -3.63 -5.60
N GLN A 25 -10.87 -3.55 -5.87
CA GLN A 25 -9.89 -4.34 -5.14
C GLN A 25 -8.73 -3.47 -4.66
N LEU A 26 -8.09 -3.89 -3.57
CA LEU A 26 -6.98 -3.14 -3.01
C LEU A 26 -5.83 -4.08 -2.62
N ASN A 27 -4.62 -3.72 -3.05
CA ASN A 27 -3.45 -4.54 -2.75
C ASN A 27 -2.38 -3.71 -2.04
N LEU A 28 -1.40 -4.40 -1.45
CA LEU A 28 -0.32 -3.72 -0.74
C LEU A 28 1.03 -4.28 -1.15
N SER A 29 1.98 -3.38 -1.39
CA SER A 29 3.33 -3.79 -1.80
C SER A 29 4.39 -3.08 -0.95
N PHE A 30 5.44 -3.82 -0.61
CA PHE A 30 6.52 -3.28 0.20
C PHE A 30 7.80 -3.12 -0.62
N ILE A 31 8.59 -2.12 -0.27
CA ILE A 31 9.85 -1.86 -0.98
C ILE A 31 10.96 -1.49 0.00
N ARG A 32 12.06 -2.22 -0.07
CA ARG A 32 13.20 -1.97 0.81
C ARG A 32 14.43 -1.56 -0.01
N PRO A 33 14.65 -0.25 -0.10
CA PRO A 33 15.79 0.31 -0.85
C PRO A 33 17.12 0.04 -0.16
N PRO A 34 18.19 -0.11 -0.97
CA PRO A 34 19.54 -0.38 -0.46
C PRO A 34 20.13 0.82 0.28
N GLU A 35 19.90 2.02 -0.27
CA GLU A 35 20.41 3.24 0.34
C GLU A 35 19.94 3.37 1.79
N ASN A 36 18.68 3.02 2.02
CA ASN A 36 18.11 3.10 3.36
C ASN A 36 17.39 1.81 3.73
N PRO A 37 18.06 0.96 4.51
CA PRO A 37 17.51 -0.33 4.94
C PRO A 37 16.37 -0.16 5.94
N ALA A 38 16.49 0.83 6.82
CA ALA A 38 15.47 1.09 7.82
C ALA A 38 14.28 1.84 7.21
N LEU A 39 14.37 2.12 5.92
CA LEU A 39 13.30 2.82 5.21
C LEU A 39 12.37 1.83 4.51
N LEU A 40 11.12 1.79 4.95
CA LEU A 40 10.13 0.89 4.37
C LEU A 40 9.14 1.67 3.51
N LEU A 41 9.28 1.56 2.20
CA LEU A 41 8.39 2.25 1.26
C LEU A 41 7.22 1.35 0.88
N ILE A 42 6.03 1.70 1.35
CA ILE A 42 4.82 0.92 1.05
C ILE A 42 4.03 1.57 -0.09
N THR A 43 3.49 0.74 -0.98
CA THR A 43 2.71 1.23 -2.10
C THR A 43 1.36 0.53 -2.17
N ILE A 44 0.31 1.30 -2.47
CA ILE A 44 -1.03 0.74 -2.57
C ILE A 44 -1.48 0.65 -4.03
N THR A 45 -2.52 -0.15 -4.27
CA THR A 45 -3.04 -0.32 -5.63
C THR A 45 -4.56 -0.48 -5.61
N ALA A 46 -5.26 0.49 -6.18
CA ALA A 46 -6.72 0.45 -6.23
C ALA A 46 -7.21 0.21 -7.65
N THR A 47 -7.84 -0.94 -7.87
CA THR A 47 -8.35 -1.30 -9.19
C THR A 47 -9.87 -1.36 -9.18
N ASN A 48 -10.49 -0.84 -10.23
CA ASN A 48 -11.94 -0.84 -10.35
C ASN A 48 -12.38 -1.39 -11.70
N PHE A 49 -13.24 -2.41 -11.66
CA PHE A 49 -13.73 -3.04 -12.89
C PHE A 49 -15.26 -3.13 -12.87
N SER A 50 -15.90 -2.17 -12.20
CA SER A 50 -17.35 -2.15 -12.10
C SER A 50 -17.95 -1.27 -13.20
N GLU A 51 -19.27 -1.10 -13.15
CA GLU A 51 -19.97 -0.28 -14.13
C GLU A 51 -19.84 1.19 -13.80
N GLY A 52 -19.67 1.49 -12.52
CA GLY A 52 -19.54 2.88 -12.09
C GLY A 52 -18.11 3.25 -11.75
N ASP A 53 -17.69 4.43 -12.16
CA ASP A 53 -16.34 4.91 -11.90
C ASP A 53 -16.25 5.54 -10.51
N VAL A 54 -15.11 5.35 -9.86
CA VAL A 54 -14.88 5.90 -8.53
C VAL A 54 -14.04 7.17 -8.59
N THR A 55 -14.52 8.22 -7.92
CA THR A 55 -13.82 9.50 -7.89
C THR A 55 -13.68 10.01 -6.47
N HIS A 56 -12.91 11.09 -6.31
CA HIS A 56 -12.70 11.69 -5.01
C HIS A 56 -12.28 10.63 -3.98
N PHE A 57 -11.43 9.70 -4.41
CA PHE A 57 -10.96 8.63 -3.54
C PHE A 57 -9.83 9.13 -2.64
N ILE A 58 -9.96 8.87 -1.34
CA ILE A 58 -8.95 9.29 -0.39
C ILE A 58 -8.50 8.11 0.49
N CYS A 59 -7.20 8.00 0.69
CA CYS A 59 -6.64 6.93 1.51
C CYS A 59 -5.82 7.49 2.67
N GLN A 60 -6.13 7.01 3.87
CA GLN A 60 -5.43 7.47 5.07
C GLN A 60 -4.87 6.29 5.86
N ALA A 61 -3.83 6.55 6.65
CA ALA A 61 -3.21 5.50 7.46
C ALA A 61 -2.68 6.07 8.77
N ALA A 62 -2.40 5.20 9.73
CA ALA A 62 -1.89 5.61 11.02
C ALA A 62 -0.83 4.64 11.53
N VAL A 63 0.31 5.17 11.93
CA VAL A 63 1.40 4.35 12.44
C VAL A 63 1.79 4.77 13.86
N PRO A 64 2.26 3.79 14.65
CA PRO A 64 2.68 4.02 16.04
C PRO A 64 3.96 4.85 16.12
N LYS A 65 4.16 5.52 17.26
CA LYS A 65 5.34 6.34 17.46
C LYS A 65 6.60 5.59 17.06
N SER A 66 6.68 4.33 17.46
CA SER A 66 7.84 3.50 17.13
C SER A 66 8.25 3.68 15.68
N LEU A 67 7.25 3.79 14.80
CA LEU A 67 7.51 3.96 13.38
C LEU A 67 6.98 5.31 12.89
N GLN A 68 7.43 5.72 11.71
CA GLN A 68 7.00 7.00 11.13
C GLN A 68 6.12 6.78 9.92
N LEU A 69 5.42 7.83 9.49
CA LEU A 69 4.54 7.74 8.33
C LEU A 69 4.60 9.04 7.52
N GLN A 70 4.60 8.90 6.20
CA GLN A 70 4.64 10.06 5.31
C GLN A 70 3.72 9.86 4.12
N LEU A 71 2.89 10.86 3.84
CA LEU A 71 1.95 10.79 2.73
C LEU A 71 2.50 11.52 1.51
N GLN A 72 2.72 10.78 0.44
CA GLN A 72 3.25 11.35 -0.79
C GLN A 72 2.13 11.70 -1.76
N ALA A 73 2.37 12.67 -2.64
CA ALA A 73 1.38 13.09 -3.61
C ALA A 73 0.90 11.92 -4.45
N PRO A 74 -0.44 11.78 -4.55
CA PRO A 74 -1.07 10.70 -5.33
C PRO A 74 -0.85 10.86 -6.82
N SER A 75 -1.55 10.04 -7.61
CA SER A 75 -1.43 10.09 -9.06
C SER A 75 -2.75 10.56 -9.69
N GLY A 76 -3.86 10.22 -9.04
CA GLY A 76 -5.16 10.62 -9.55
C GLY A 76 -6.30 9.96 -8.78
N ASN A 77 -6.81 10.67 -7.77
CA ASN A 77 -7.91 10.16 -6.96
C ASN A 77 -8.96 9.49 -7.84
N THR A 78 -9.01 9.88 -9.11
CA THR A 78 -9.98 9.32 -10.05
C THR A 78 -9.62 7.89 -10.41
N VAL A 79 -10.64 7.04 -10.52
CA VAL A 79 -10.42 5.64 -10.85
C VAL A 79 -11.40 5.19 -11.94
N PRO A 80 -10.85 4.67 -13.05
CA PRO A 80 -11.65 4.19 -14.18
C PRO A 80 -12.43 2.92 -13.85
N ALA A 81 -13.58 2.76 -14.49
CA ALA A 81 -14.42 1.59 -14.26
C ALA A 81 -14.27 0.57 -15.39
N ARG A 82 -13.52 0.94 -16.42
CA ARG A 82 -13.29 0.07 -17.56
C ARG A 82 -11.84 -0.38 -17.63
N GLY A 83 -11.41 -1.12 -16.62
CA GLY A 83 -10.03 -1.59 -16.58
C GLY A 83 -9.05 -0.57 -17.08
N GLY A 84 -8.63 0.34 -16.19
CA GLY A 84 -7.69 1.37 -16.57
C GLY A 84 -6.39 1.29 -15.79
N LEU A 85 -6.10 2.33 -15.02
CA LEU A 85 -4.88 2.38 -14.21
C LEU A 85 -5.20 2.70 -12.76
N PRO A 86 -4.79 1.80 -11.85
CA PRO A 86 -5.02 1.96 -10.41
C PRO A 86 -4.18 3.10 -9.82
N ILE A 87 -4.58 3.57 -8.65
CA ILE A 87 -3.85 4.64 -7.97
C ILE A 87 -2.84 4.08 -6.98
N THR A 88 -1.64 4.65 -7.00
CA THR A 88 -0.57 4.21 -6.10
C THR A 88 0.02 5.39 -5.33
N GLN A 89 0.17 5.22 -4.02
CA GLN A 89 0.73 6.27 -3.18
C GLN A 89 1.94 5.77 -2.40
N LEU A 90 2.97 6.59 -2.31
CA LEU A 90 4.19 6.23 -1.59
C LEU A 90 4.08 6.60 -0.12
N PHE A 91 4.68 5.77 0.74
CA PHE A 91 4.66 6.01 2.18
C PHE A 91 6.01 5.69 2.80
N ARG A 92 6.65 6.71 3.37
CA ARG A 92 7.95 6.53 4.00
C ARG A 92 7.79 6.24 5.49
N ILE A 93 8.22 5.05 5.90
CA ILE A 93 8.14 4.65 7.30
C ILE A 93 9.51 4.34 7.87
N LEU A 94 9.72 4.72 9.12
CA LEU A 94 11.00 4.49 9.79
C LEU A 94 10.93 3.24 10.69
N ASN A 95 11.77 2.25 10.38
CA ASN A 95 11.80 1.02 11.15
C ASN A 95 13.22 0.68 11.57
N PRO A 96 13.98 1.70 11.96
CA PRO A 96 15.37 1.55 12.40
C PRO A 96 15.47 0.83 13.75
N ASN A 97 14.33 0.65 14.41
CA ASN A 97 14.30 -0.01 15.71
C ASN A 97 14.03 -1.50 15.55
N LYS A 98 13.82 -1.93 14.30
CA LYS A 98 13.56 -3.33 14.00
C LYS A 98 12.39 -3.85 14.84
N ALA A 99 11.40 -2.99 15.08
CA ALA A 99 10.22 -3.36 15.85
C ALA A 99 9.00 -3.49 14.96
N PRO A 100 8.61 -4.74 14.68
CA PRO A 100 7.44 -5.03 13.84
C PRO A 100 6.12 -4.66 14.52
N LEU A 101 5.46 -3.65 13.99
CA LEU A 101 4.19 -3.19 14.55
C LEU A 101 3.07 -3.32 13.52
N ARG A 102 1.88 -2.85 13.87
CA ARG A 102 0.73 -2.91 12.98
C ARG A 102 0.42 -1.54 12.39
N LEU A 103 -0.44 -1.52 11.38
CA LEU A 103 -0.81 -0.27 10.72
C LEU A 103 -2.32 -0.21 10.50
N LYS A 104 -2.87 1.00 10.50
CA LYS A 104 -4.30 1.20 10.29
C LYS A 104 -4.57 1.80 8.92
N LEU A 105 -5.58 1.29 8.25
CA LEU A 105 -5.94 1.80 6.92
C LEU A 105 -7.39 2.30 6.90
N ARG A 106 -7.58 3.52 6.42
CA ARG A 106 -8.91 4.12 6.34
C ARG A 106 -9.27 4.46 4.91
N LEU A 107 -10.45 4.02 4.49
CA LEU A 107 -10.92 4.27 3.13
C LEU A 107 -12.22 5.06 3.14
N THR A 108 -12.35 6.00 2.21
CA THR A 108 -13.56 6.82 2.11
C THR A 108 -13.71 7.42 0.72
N TYR A 109 -14.73 6.96 0.00
CA TYR A 109 -14.98 7.44 -1.36
C TYR A 109 -16.46 7.33 -1.69
N ASP A 110 -16.82 7.76 -2.91
CA ASP A 110 -18.20 7.71 -3.36
C ASP A 110 -18.34 6.82 -4.59
N HIS A 111 -19.15 5.78 -4.48
CA HIS A 111 -19.37 4.85 -5.58
C HIS A 111 -20.85 4.80 -5.95
N PHE A 112 -21.11 4.66 -7.26
CA PHE A 112 -22.49 4.59 -7.76
C PHE A 112 -23.37 5.61 -7.04
N HIS A 113 -22.84 6.82 -6.86
CA HIS A 113 -23.58 7.89 -6.19
C HIS A 113 -23.96 7.48 -4.77
N GLN A 114 -22.99 6.99 -4.02
CA GLN A 114 -23.22 6.56 -2.65
C GLN A 114 -21.96 6.68 -1.80
N SER A 115 -22.13 7.07 -0.55
CA SER A 115 -20.99 7.23 0.35
C SER A 115 -20.55 5.88 0.92
N VAL A 116 -19.27 5.56 0.73
CA VAL A 116 -18.72 4.30 1.23
C VAL A 116 -17.61 4.54 2.24
N GLN A 117 -17.90 4.24 3.50
CA GLN A 117 -16.93 4.42 4.58
C GLN A 117 -16.52 3.09 5.18
N GLU A 118 -15.32 2.63 4.86
CA GLU A 118 -14.81 1.36 5.38
C GLU A 118 -13.43 1.53 5.98
N ILE A 119 -13.26 1.04 7.21
CA ILE A 119 -11.98 1.14 7.91
C ILE A 119 -11.55 -0.21 8.45
N PHE A 120 -10.41 -0.71 7.97
CA PHE A 120 -9.89 -1.99 8.42
C PHE A 120 -8.42 -1.87 8.83
N GLU A 121 -7.96 -2.82 9.64
CA GLU A 121 -6.58 -2.82 10.11
C GLU A 121 -5.84 -4.06 9.61
N VAL A 122 -4.66 -3.83 9.03
CA VAL A 122 -3.84 -4.93 8.52
C VAL A 122 -3.07 -5.62 9.64
N ASN A 123 -3.29 -6.91 9.78
CA ASN A 123 -2.62 -7.69 10.82
C ASN A 123 -1.86 -8.88 10.21
N ASN A 124 -2.13 -9.15 8.93
CA ASN A 124 -1.48 -10.24 8.24
C ASN A 124 -0.27 -9.75 7.45
N LEU A 125 0.44 -8.78 8.02
CA LEU A 125 1.62 -8.22 7.37
C LEU A 125 2.72 -9.26 7.23
N PRO A 126 3.61 -9.06 6.24
CA PRO A 126 4.72 -9.98 5.99
C PRO A 126 5.78 -9.94 7.08
N VAL A 127 6.68 -10.92 7.08
CA VAL A 127 7.74 -10.98 8.08
C VAL A 127 9.05 -10.43 7.52
N GLU A 128 9.32 -10.73 6.26
CA GLU A 128 10.54 -10.25 5.61
C GLU A 128 10.89 -8.84 6.06
N SER A 129 9.87 -8.03 6.31
CA SER A 129 10.06 -6.66 6.74
C SER A 129 11.10 -6.58 7.86
N TRP A 130 10.93 -7.43 8.88
CA TRP A 130 11.85 -7.45 10.01
C TRP A 130 12.79 -8.64 9.90
N GLN A 131 12.26 -9.78 9.47
CA GLN A 131 13.06 -10.99 9.33
C GLN A 131 14.34 -10.71 8.52
N GLY A 1 30.91 -3.21 -5.20
CA GLY A 1 31.51 -2.57 -6.36
C GLY A 1 30.92 -3.03 -7.66
N SER A 2 31.22 -4.27 -8.04
CA SER A 2 30.70 -4.84 -9.29
C SER A 2 30.12 -6.23 -9.05
N SER A 3 30.85 -7.06 -8.31
CA SER A 3 30.42 -8.41 -8.01
C SER A 3 29.57 -8.45 -6.73
N GLY A 4 28.29 -8.16 -6.87
CA GLY A 4 27.40 -8.16 -5.72
C GLY A 4 26.95 -9.55 -5.35
N SER A 5 25.79 -9.64 -4.70
CA SER A 5 25.23 -10.92 -4.28
C SER A 5 25.35 -11.95 -5.40
N SER A 6 25.81 -13.15 -5.04
CA SER A 6 25.98 -14.23 -6.00
C SER A 6 25.23 -15.48 -5.57
N GLY A 7 24.52 -16.10 -6.50
CA GLY A 7 23.77 -17.30 -6.18
C GLY A 7 22.42 -17.33 -6.87
N PRO A 8 21.54 -18.25 -6.42
CA PRO A 8 20.20 -18.41 -6.97
C PRO A 8 19.28 -17.24 -6.62
N PRO A 9 18.12 -17.17 -7.28
CA PRO A 9 17.14 -16.11 -7.05
C PRO A 9 16.48 -16.22 -5.68
N PRO A 10 16.60 -15.16 -4.87
CA PRO A 10 16.02 -15.11 -3.52
C PRO A 10 14.50 -15.02 -3.55
N ALA A 11 13.90 -14.86 -2.39
CA ALA A 11 12.44 -14.76 -2.28
C ALA A 11 12.03 -13.45 -1.60
N PRO A 12 11.69 -12.44 -2.41
CA PRO A 12 11.26 -11.13 -1.91
C PRO A 12 9.90 -11.17 -1.23
N ILE A 13 9.39 -10.01 -0.88
CA ILE A 13 8.08 -9.92 -0.22
C ILE A 13 6.96 -9.92 -1.23
N PRO A 14 6.13 -10.97 -1.20
CA PRO A 14 4.99 -11.12 -2.11
C PRO A 14 3.88 -10.11 -1.81
N ASP A 15 3.04 -9.84 -2.81
CA ASP A 15 1.93 -8.90 -2.65
C ASP A 15 0.96 -9.38 -1.58
N LEU A 16 0.19 -8.45 -1.03
CA LEU A 16 -0.78 -8.78 0.01
C LEU A 16 -2.17 -8.25 -0.35
N LYS A 17 -3.19 -8.82 0.28
CA LYS A 17 -4.57 -8.40 0.02
C LYS A 17 -5.19 -7.81 1.28
N VAL A 18 -5.69 -6.59 1.15
CA VAL A 18 -6.32 -5.90 2.28
C VAL A 18 -7.81 -5.70 2.03
N PHE A 19 -8.18 -5.47 0.77
CA PHE A 19 -9.57 -5.27 0.40
C PHE A 19 -9.88 -5.90 -0.96
N GLU A 20 -11.00 -6.61 -1.03
CA GLU A 20 -11.40 -7.26 -2.27
C GLU A 20 -12.91 -7.15 -2.48
N ARG A 21 -13.31 -6.64 -3.64
CA ARG A 21 -14.72 -6.48 -3.95
C ARG A 21 -15.01 -6.93 -5.39
N GLU A 22 -16.24 -7.37 -5.62
CA GLU A 22 -16.64 -7.84 -6.94
C GLU A 22 -16.04 -6.96 -8.04
N GLY A 23 -15.78 -5.69 -7.70
CA GLY A 23 -15.22 -4.76 -8.65
C GLY A 23 -14.02 -4.02 -8.10
N VAL A 24 -14.14 -3.57 -6.85
CA VAL A 24 -13.05 -2.84 -6.21
C VAL A 24 -12.06 -3.79 -5.55
N GLN A 25 -10.79 -3.64 -5.91
CA GLN A 25 -9.74 -4.49 -5.36
C GLN A 25 -8.55 -3.65 -4.91
N LEU A 26 -7.99 -4.00 -3.76
CA LEU A 26 -6.84 -3.28 -3.21
C LEU A 26 -5.69 -4.23 -2.90
N ASN A 27 -4.51 -3.91 -3.40
CA ASN A 27 -3.33 -4.74 -3.18
C ASN A 27 -2.25 -3.96 -2.45
N LEU A 28 -1.52 -4.64 -1.57
CA LEU A 28 -0.46 -4.01 -0.81
C LEU A 28 0.91 -4.49 -1.28
N SER A 29 1.79 -3.56 -1.63
CA SER A 29 3.12 -3.88 -2.10
C SER A 29 4.19 -3.31 -1.17
N PHE A 30 5.12 -4.15 -0.74
CA PHE A 30 6.18 -3.72 0.15
C PHE A 30 7.50 -3.56 -0.62
N ILE A 31 8.22 -2.49 -0.31
CA ILE A 31 9.50 -2.23 -0.97
C ILE A 31 10.56 -1.80 0.04
N ARG A 32 11.69 -2.50 0.03
CA ARG A 32 12.78 -2.20 0.94
C ARG A 32 14.06 -1.88 0.18
N PRO A 33 14.41 -0.59 0.10
CA PRO A 33 15.62 -0.13 -0.60
C PRO A 33 16.89 -0.54 0.12
N PRO A 34 17.97 -0.73 -0.65
CA PRO A 34 19.28 -1.12 -0.11
C PRO A 34 19.94 0.00 0.69
N GLU A 35 19.80 1.22 0.19
CA GLU A 35 20.39 2.39 0.87
C GLU A 35 19.77 2.57 2.25
N ASN A 36 18.46 2.42 2.34
CA ASN A 36 17.76 2.58 3.61
C ASN A 36 16.96 1.32 3.95
N PRO A 37 17.58 0.42 4.72
CA PRO A 37 16.95 -0.85 5.13
C PRO A 37 15.82 -0.62 6.13
N ALA A 38 15.98 0.38 7.00
CA ALA A 38 14.97 0.69 8.00
C ALA A 38 13.81 1.45 7.39
N LEU A 39 13.91 1.74 6.09
CA LEU A 39 12.86 2.46 5.38
C LEU A 39 11.94 1.51 4.63
N LEU A 40 10.66 1.55 4.97
CA LEU A 40 9.67 0.68 4.33
C LEU A 40 8.78 1.48 3.40
N LEU A 41 8.92 1.24 2.10
CA LEU A 41 8.12 1.93 1.09
C LEU A 41 6.93 1.08 0.65
N ILE A 42 5.72 1.52 0.99
CA ILE A 42 4.52 0.80 0.63
C ILE A 42 3.80 1.49 -0.53
N THR A 43 3.22 0.68 -1.41
CA THR A 43 2.50 1.20 -2.57
C THR A 43 1.13 0.55 -2.70
N ILE A 44 0.09 1.38 -2.69
CA ILE A 44 -1.27 0.88 -2.80
C ILE A 44 -1.70 0.80 -4.27
N THR A 45 -2.55 -0.19 -4.58
CA THR A 45 -3.03 -0.37 -5.94
C THR A 45 -4.54 -0.61 -5.96
N ALA A 46 -5.30 0.48 -6.09
CA ALA A 46 -6.75 0.39 -6.13
C ALA A 46 -7.26 0.30 -7.56
N THR A 47 -7.86 -0.85 -7.89
CA THR A 47 -8.39 -1.07 -9.24
C THR A 47 -9.91 -1.14 -9.21
N ASN A 48 -10.54 -0.54 -10.22
CA ASN A 48 -12.00 -0.54 -10.31
C ASN A 48 -12.44 -1.03 -11.69
N PHE A 49 -13.35 -2.00 -11.70
CA PHE A 49 -13.86 -2.55 -12.95
C PHE A 49 -15.37 -2.36 -13.05
N SER A 50 -16.04 -2.38 -11.90
CA SER A 50 -17.50 -2.21 -11.85
C SER A 50 -17.94 -1.10 -12.78
N GLU A 51 -19.20 -1.16 -13.22
CA GLU A 51 -19.75 -0.16 -14.12
C GLU A 51 -19.72 1.22 -13.48
N GLY A 52 -19.70 1.25 -12.15
CA GLY A 52 -19.67 2.52 -11.44
C GLY A 52 -18.26 3.06 -11.27
N ASP A 53 -18.06 4.31 -11.66
CA ASP A 53 -16.75 4.95 -11.56
C ASP A 53 -16.52 5.49 -10.16
N VAL A 54 -15.26 5.54 -9.74
CA VAL A 54 -14.90 6.04 -8.42
C VAL A 54 -14.10 7.35 -8.52
N THR A 55 -14.53 8.36 -7.77
CA THR A 55 -13.86 9.65 -7.77
C THR A 55 -13.58 10.12 -6.35
N HIS A 56 -12.91 11.27 -6.24
CA HIS A 56 -12.58 11.83 -4.93
C HIS A 56 -12.11 10.74 -3.98
N PHE A 57 -11.24 9.87 -4.46
CA PHE A 57 -10.71 8.78 -3.64
C PHE A 57 -9.67 9.29 -2.66
N ILE A 58 -9.76 8.85 -1.41
CA ILE A 58 -8.83 9.26 -0.38
C ILE A 58 -8.42 8.07 0.50
N CYS A 59 -7.11 7.81 0.55
CA CYS A 59 -6.59 6.71 1.35
C CYS A 59 -5.77 7.23 2.53
N GLN A 60 -6.34 7.14 3.73
CA GLN A 60 -5.67 7.60 4.93
C GLN A 60 -4.96 6.44 5.64
N ALA A 61 -3.89 6.77 6.36
CA ALA A 61 -3.13 5.76 7.09
C ALA A 61 -2.68 6.28 8.45
N ALA A 62 -2.43 5.37 9.38
CA ALA A 62 -1.99 5.74 10.71
C ALA A 62 -0.99 4.73 11.27
N VAL A 63 0.20 5.22 11.62
CA VAL A 63 1.25 4.35 12.16
C VAL A 63 1.56 4.70 13.61
N PRO A 64 1.99 3.70 14.38
CA PRO A 64 2.32 3.87 15.80
C PRO A 64 3.60 4.69 15.99
N LYS A 65 3.62 5.52 17.03
CA LYS A 65 4.76 6.37 17.33
C LYS A 65 6.06 5.65 16.97
N SER A 66 6.15 4.37 17.30
CA SER A 66 7.34 3.58 17.02
C SER A 66 7.83 3.84 15.59
N LEU A 67 6.92 3.76 14.64
CA LEU A 67 7.25 3.98 13.23
C LEU A 67 6.76 5.35 12.76
N GLN A 68 7.25 5.78 11.60
CA GLN A 68 6.85 7.07 11.05
C GLN A 68 6.01 6.89 9.78
N LEU A 69 5.26 7.93 9.43
CA LEU A 69 4.41 7.88 8.25
C LEU A 69 4.55 9.16 7.44
N GLN A 70 4.64 9.01 6.11
CA GLN A 70 4.78 10.16 5.22
C GLN A 70 3.95 9.96 3.96
N LEU A 71 3.13 10.94 3.63
CA LEU A 71 2.29 10.89 2.44
C LEU A 71 2.93 11.62 1.27
N GLN A 72 3.22 10.88 0.20
CA GLN A 72 3.85 11.47 -0.98
C GLN A 72 2.79 11.99 -1.95
N ALA A 73 3.21 12.85 -2.87
CA ALA A 73 2.30 13.43 -3.85
C ALA A 73 1.66 12.33 -4.71
N PRO A 74 0.32 12.22 -4.61
CA PRO A 74 -0.45 11.23 -5.36
C PRO A 74 -0.49 11.53 -6.85
N SER A 75 -1.23 10.72 -7.59
CA SER A 75 -1.35 10.91 -9.04
C SER A 75 -2.68 11.55 -9.39
N GLY A 76 -3.73 11.18 -8.66
CA GLY A 76 -5.05 11.74 -8.92
C GLY A 76 -6.10 11.15 -8.01
N ASN A 77 -7.20 11.88 -7.81
CA ASN A 77 -8.28 11.44 -6.96
C ASN A 77 -9.44 10.91 -7.79
N THR A 78 -9.12 10.17 -8.85
CA THR A 78 -10.13 9.61 -9.73
C THR A 78 -9.70 8.26 -10.28
N VAL A 79 -10.65 7.35 -10.43
CA VAL A 79 -10.37 6.01 -10.95
C VAL A 79 -11.39 5.61 -12.01
N PRO A 80 -10.90 5.20 -13.19
CA PRO A 80 -11.75 4.78 -14.30
C PRO A 80 -12.44 3.44 -14.02
N ALA A 81 -13.72 3.38 -14.35
CA ALA A 81 -14.49 2.16 -14.14
C ALA A 81 -14.43 1.24 -15.36
N ARG A 82 -13.58 1.60 -16.31
CA ARG A 82 -13.41 0.82 -17.53
C ARG A 82 -12.02 0.21 -17.61
N GLY A 83 -11.60 -0.45 -16.53
CA GLY A 83 -10.28 -1.07 -16.51
C GLY A 83 -9.20 -0.15 -17.04
N GLY A 84 -9.17 1.08 -16.54
CA GLY A 84 -8.18 2.04 -16.99
C GLY A 84 -6.86 1.88 -16.28
N LEU A 85 -6.51 2.86 -15.46
CA LEU A 85 -5.25 2.81 -14.71
C LEU A 85 -5.48 3.16 -13.24
N PRO A 86 -5.12 2.22 -12.35
CA PRO A 86 -5.27 2.40 -10.91
C PRO A 86 -4.31 3.44 -10.35
N ILE A 87 -4.59 3.92 -9.14
CA ILE A 87 -3.74 4.91 -8.49
C ILE A 87 -2.69 4.24 -7.61
N THR A 88 -1.61 4.98 -7.32
CA THR A 88 -0.54 4.46 -6.49
C THR A 88 0.00 5.54 -5.55
N GLN A 89 -0.10 5.28 -4.25
CA GLN A 89 0.37 6.21 -3.24
C GLN A 89 1.61 5.69 -2.55
N LEU A 90 2.60 6.56 -2.39
CA LEU A 90 3.86 6.19 -1.73
C LEU A 90 3.83 6.57 -0.25
N PHE A 91 4.49 5.76 0.57
CA PHE A 91 4.54 6.00 2.00
C PHE A 91 5.93 5.67 2.56
N ARG A 92 6.58 6.67 3.15
CA ARG A 92 7.91 6.49 3.70
C ARG A 92 7.82 6.26 5.22
N ILE A 93 8.05 5.02 5.63
CA ILE A 93 8.01 4.66 7.05
C ILE A 93 9.40 4.41 7.59
N LEU A 94 9.57 4.63 8.89
CA LEU A 94 10.86 4.43 9.55
C LEU A 94 10.77 3.35 10.61
N ASN A 95 11.60 2.31 10.48
CA ASN A 95 11.61 1.21 11.43
C ASN A 95 13.01 1.01 12.01
N PRO A 96 13.67 2.12 12.37
CA PRO A 96 15.02 2.08 12.94
C PRO A 96 15.04 1.48 14.34
N ASN A 97 13.90 1.53 15.03
CA ASN A 97 13.79 1.00 16.38
C ASN A 97 13.71 -0.52 16.36
N LYS A 98 13.56 -1.09 15.16
CA LYS A 98 13.48 -2.53 14.99
C LYS A 98 12.26 -3.08 15.74
N ALA A 99 11.20 -2.30 15.82
CA ALA A 99 9.99 -2.71 16.49
C ALA A 99 8.87 -2.98 15.49
N PRO A 100 8.58 -4.27 15.26
CA PRO A 100 7.53 -4.69 14.33
C PRO A 100 6.13 -4.37 14.85
N LEU A 101 5.42 -3.51 14.14
CA LEU A 101 4.08 -3.12 14.53
C LEU A 101 3.11 -3.23 13.34
N ARG A 102 1.87 -2.83 13.56
CA ARG A 102 0.85 -2.87 12.52
C ARG A 102 0.58 -1.48 11.96
N LEU A 103 -0.30 -1.42 10.97
CA LEU A 103 -0.66 -0.14 10.35
C LEU A 103 -2.18 0.01 10.24
N LYS A 104 -2.66 1.22 10.46
CA LYS A 104 -4.09 1.50 10.39
C LYS A 104 -4.45 2.11 9.03
N LEU A 105 -5.23 1.36 8.25
CA LEU A 105 -5.65 1.83 6.93
C LEU A 105 -7.11 2.28 6.95
N ARG A 106 -7.38 3.42 6.35
CA ARG A 106 -8.73 3.97 6.30
C ARG A 106 -9.09 4.39 4.89
N LEU A 107 -10.19 3.85 4.37
CA LEU A 107 -10.64 4.18 3.03
C LEU A 107 -11.93 5.00 3.07
N THR A 108 -11.99 6.04 2.25
CA THR A 108 -13.16 6.90 2.19
C THR A 108 -13.39 7.44 0.79
N TYR A 109 -14.44 6.96 0.13
CA TYR A 109 -14.77 7.39 -1.22
C TYR A 109 -16.23 7.16 -1.53
N ASP A 110 -16.67 7.61 -2.71
CA ASP A 110 -18.05 7.44 -3.12
C ASP A 110 -18.16 6.50 -4.31
N HIS A 111 -18.98 5.46 -4.17
CA HIS A 111 -19.17 4.48 -5.24
C HIS A 111 -20.65 4.34 -5.59
N PHE A 112 -20.93 4.19 -6.88
CA PHE A 112 -22.31 4.05 -7.35
C PHE A 112 -23.24 4.96 -6.57
N HIS A 113 -22.80 6.19 -6.32
CA HIS A 113 -23.60 7.16 -5.57
C HIS A 113 -23.90 6.65 -4.16
N GLN A 114 -22.87 6.15 -3.49
CA GLN A 114 -23.02 5.64 -2.14
C GLN A 114 -21.77 5.92 -1.30
N SER A 115 -21.98 6.23 -0.02
CA SER A 115 -20.88 6.53 0.88
C SER A 115 -20.15 5.26 1.29
N VAL A 116 -18.86 5.19 0.98
CA VAL A 116 -18.05 4.01 1.30
C VAL A 116 -16.96 4.37 2.30
N GLN A 117 -17.14 3.97 3.56
CA GLN A 117 -16.17 4.25 4.61
C GLN A 117 -15.88 3.00 5.42
N GLU A 118 -14.67 2.47 5.26
CA GLU A 118 -14.27 1.26 5.98
C GLU A 118 -12.85 1.42 6.54
N ILE A 119 -12.68 1.03 7.81
CA ILE A 119 -11.39 1.13 8.47
C ILE A 119 -10.92 -0.23 8.96
N PHE A 120 -9.76 -0.66 8.47
CA PHE A 120 -9.20 -1.95 8.85
C PHE A 120 -7.70 -1.85 9.08
N GLU A 121 -7.16 -2.71 9.94
CA GLU A 121 -5.74 -2.71 10.23
C GLU A 121 -5.07 -3.97 9.69
N VAL A 122 -4.12 -3.78 8.78
CA VAL A 122 -3.40 -4.90 8.17
C VAL A 122 -2.65 -5.71 9.23
N ASN A 123 -3.19 -6.87 9.58
CA ASN A 123 -2.57 -7.73 10.58
C ASN A 123 -1.81 -8.88 9.92
N ASN A 124 -1.99 -9.01 8.60
CA ASN A 124 -1.33 -10.07 7.86
C ASN A 124 -0.04 -9.57 7.21
N LEU A 125 0.62 -8.62 7.88
CA LEU A 125 1.86 -8.05 7.37
C LEU A 125 2.97 -9.10 7.34
N PRO A 126 3.85 -8.99 6.34
CA PRO A 126 4.97 -9.92 6.17
C PRO A 126 6.03 -9.75 7.26
N VAL A 127 6.91 -10.74 7.38
CA VAL A 127 7.97 -10.69 8.38
C VAL A 127 9.32 -10.45 7.73
N GLU A 128 9.35 -10.48 6.40
CA GLU A 128 10.60 -10.26 5.66
C GLU A 128 11.04 -8.81 5.79
N SER A 129 10.16 -7.96 6.30
CA SER A 129 10.47 -6.54 6.46
C SER A 129 11.45 -6.34 7.61
N TRP A 130 11.29 -7.12 8.68
CA TRP A 130 12.16 -7.02 9.84
C TRP A 130 13.10 -8.21 9.91
N GLN A 131 12.54 -9.41 9.78
CA GLN A 131 13.35 -10.63 9.82
C GLN A 131 14.60 -10.50 8.98
N GLY A 1 34.34 -6.22 -19.86
CA GLY A 1 33.67 -7.49 -19.66
C GLY A 1 34.63 -8.60 -19.26
N SER A 2 34.39 -9.80 -19.78
CA SER A 2 35.23 -10.95 -19.47
C SER A 2 35.21 -11.25 -17.98
N SER A 3 34.02 -11.19 -17.39
CA SER A 3 33.86 -11.45 -15.95
C SER A 3 32.57 -12.21 -15.70
N GLY A 4 32.44 -12.74 -14.48
CA GLY A 4 31.25 -13.49 -14.11
C GLY A 4 30.15 -12.60 -13.55
N SER A 5 30.32 -12.19 -12.29
CA SER A 5 29.34 -11.34 -11.62
C SER A 5 27.94 -11.92 -11.77
N SER A 6 27.82 -13.22 -11.53
CA SER A 6 26.53 -13.90 -11.63
C SER A 6 26.20 -14.65 -10.34
N GLY A 7 25.07 -14.30 -9.73
CA GLY A 7 24.66 -14.95 -8.51
C GLY A 7 23.22 -15.43 -8.56
N PRO A 8 22.82 -16.19 -7.52
CA PRO A 8 21.46 -16.74 -7.43
C PRO A 8 20.42 -15.66 -7.17
N PRO A 9 19.22 -15.85 -7.74
CA PRO A 9 18.11 -14.89 -7.58
C PRO A 9 17.55 -14.89 -6.16
N PRO A 10 17.54 -13.71 -5.53
CA PRO A 10 17.02 -13.54 -4.17
C PRO A 10 15.51 -13.71 -4.09
N ALA A 11 14.95 -13.44 -2.92
CA ALA A 11 13.52 -13.57 -2.71
C ALA A 11 12.92 -12.25 -2.21
N PRO A 12 12.35 -11.46 -3.14
CA PRO A 12 11.74 -10.18 -2.82
C PRO A 12 10.45 -10.33 -2.01
N ILE A 13 9.77 -9.22 -1.77
CA ILE A 13 8.52 -9.23 -1.03
C ILE A 13 7.32 -9.04 -1.95
N PRO A 14 6.55 -10.12 -2.16
CA PRO A 14 5.36 -10.09 -3.02
C PRO A 14 4.22 -9.28 -2.41
N ASP A 15 3.31 -8.83 -3.26
CA ASP A 15 2.16 -8.05 -2.80
C ASP A 15 1.37 -8.80 -1.73
N LEU A 16 0.40 -8.13 -1.13
CA LEU A 16 -0.43 -8.74 -0.09
C LEU A 16 -1.84 -8.15 -0.11
N LYS A 17 -2.83 -9.03 -0.24
CA LYS A 17 -4.22 -8.60 -0.27
C LYS A 17 -4.66 -8.05 1.09
N VAL A 18 -5.34 -6.92 1.08
CA VAL A 18 -5.81 -6.30 2.31
C VAL A 18 -7.32 -6.10 2.28
N PHE A 19 -7.85 -5.72 1.12
CA PHE A 19 -9.28 -5.50 0.96
C PHE A 19 -9.78 -6.12 -0.35
N GLU A 20 -10.93 -6.78 -0.27
CA GLU A 20 -11.52 -7.42 -1.45
C GLU A 20 -13.03 -7.20 -1.49
N ARG A 21 -13.49 -6.44 -2.48
CA ARG A 21 -14.91 -6.15 -2.63
C ARG A 21 -15.33 -6.24 -4.09
N GLU A 22 -16.35 -7.05 -4.36
CA GLU A 22 -16.84 -7.24 -5.72
C GLU A 22 -16.74 -5.94 -6.50
N GLY A 23 -15.81 -5.90 -7.45
CA GLY A 23 -15.61 -4.72 -8.27
C GLY A 23 -14.37 -3.94 -7.88
N VAL A 24 -14.20 -3.69 -6.58
CA VAL A 24 -13.06 -2.96 -6.08
C VAL A 24 -12.06 -3.89 -5.39
N GLN A 25 -10.78 -3.68 -5.64
CA GLN A 25 -9.74 -4.50 -5.04
C GLN A 25 -8.54 -3.65 -4.65
N LEU A 26 -8.03 -3.88 -3.44
CA LEU A 26 -6.88 -3.13 -2.94
C LEU A 26 -5.69 -4.06 -2.70
N ASN A 27 -4.58 -3.77 -3.35
CA ASN A 27 -3.37 -4.57 -3.20
C ASN A 27 -2.28 -3.78 -2.47
N LEU A 28 -1.48 -4.49 -1.68
CA LEU A 28 -0.39 -3.86 -0.93
C LEU A 28 0.97 -4.34 -1.43
N SER A 29 1.89 -3.40 -1.63
CA SER A 29 3.22 -3.73 -2.11
C SER A 29 4.29 -3.10 -1.22
N PHE A 30 5.14 -3.94 -0.62
CA PHE A 30 6.20 -3.48 0.25
C PHE A 30 7.52 -3.39 -0.50
N ILE A 31 8.32 -2.38 -0.17
CA ILE A 31 9.61 -2.18 -0.81
C ILE A 31 10.69 -1.80 0.21
N ARG A 32 11.82 -2.49 0.14
CA ARG A 32 12.92 -2.23 1.07
C ARG A 32 14.22 -1.99 0.30
N PRO A 33 14.63 -0.71 0.21
CA PRO A 33 15.85 -0.32 -0.50
C PRO A 33 17.11 -0.77 0.25
N PRO A 34 18.16 -1.09 -0.53
CA PRO A 34 19.44 -1.53 0.04
C PRO A 34 20.18 -0.41 0.77
N GLU A 35 20.18 0.77 0.17
CA GLU A 35 20.84 1.93 0.75
C GLU A 35 20.29 2.24 2.15
N ASN A 36 18.96 2.16 2.27
CA ASN A 36 18.30 2.43 3.54
C ASN A 36 17.48 1.22 4.00
N PRO A 37 18.09 0.36 4.80
CA PRO A 37 17.43 -0.84 5.33
C PRO A 37 16.35 -0.51 6.34
N ALA A 38 16.52 0.60 7.05
CA ALA A 38 15.55 1.02 8.05
C ALA A 38 14.36 1.72 7.40
N LEU A 39 14.47 1.98 6.10
CA LEU A 39 13.40 2.65 5.35
C LEU A 39 12.50 1.63 4.66
N LEU A 40 11.20 1.73 4.93
CA LEU A 40 10.23 0.82 4.33
C LEU A 40 9.26 1.57 3.42
N LEU A 41 9.46 1.44 2.12
CA LEU A 41 8.60 2.11 1.14
C LEU A 41 7.40 1.23 0.79
N ILE A 42 6.21 1.71 1.13
CA ILE A 42 4.98 0.98 0.85
C ILE A 42 4.13 1.71 -0.18
N THR A 43 3.48 0.94 -1.05
CA THR A 43 2.64 1.51 -2.09
C THR A 43 1.29 0.80 -2.16
N ILE A 44 0.25 1.54 -2.56
CA ILE A 44 -1.09 0.97 -2.66
C ILE A 44 -1.53 0.89 -4.11
N THR A 45 -2.55 0.06 -4.37
CA THR A 45 -3.07 -0.11 -5.72
C THR A 45 -4.58 -0.30 -5.70
N ALA A 46 -5.31 0.73 -6.09
CA ALA A 46 -6.77 0.66 -6.13
C ALA A 46 -7.28 0.46 -7.55
N THR A 47 -7.85 -0.71 -7.81
CA THR A 47 -8.37 -1.03 -9.13
C THR A 47 -9.90 -1.10 -9.11
N ASN A 48 -10.52 -0.57 -10.16
CA ASN A 48 -11.97 -0.58 -10.27
C ASN A 48 -12.42 -1.15 -11.60
N PHE A 49 -13.37 -2.08 -11.55
CA PHE A 49 -13.88 -2.72 -12.75
C PHE A 49 -15.40 -2.59 -12.83
N SER A 50 -16.04 -2.53 -11.67
CA SER A 50 -17.50 -2.40 -11.62
C SER A 50 -17.98 -1.29 -12.53
N GLU A 51 -19.30 -1.24 -12.74
CA GLU A 51 -19.89 -0.22 -13.59
C GLU A 51 -20.13 1.07 -12.82
N GLY A 52 -19.23 1.38 -11.91
CA GLY A 52 -19.35 2.58 -11.11
C GLY A 52 -18.04 3.34 -10.98
N ASP A 53 -17.93 4.44 -11.71
CA ASP A 53 -16.71 5.25 -11.67
C ASP A 53 -16.39 5.68 -10.25
N VAL A 54 -15.16 5.41 -9.82
CA VAL A 54 -14.72 5.77 -8.48
C VAL A 54 -13.87 7.04 -8.49
N THR A 55 -14.34 8.07 -7.80
CA THR A 55 -13.63 9.34 -7.75
C THR A 55 -13.65 9.91 -6.34
N HIS A 56 -13.00 11.06 -6.16
CA HIS A 56 -12.95 11.71 -4.85
C HIS A 56 -12.61 10.71 -3.76
N PHE A 57 -11.74 9.76 -4.08
CA PHE A 57 -11.33 8.74 -3.12
C PHE A 57 -10.13 9.21 -2.31
N ILE A 58 -10.21 9.05 -1.00
CA ILE A 58 -9.13 9.46 -0.10
C ILE A 58 -8.62 8.27 0.70
N CYS A 59 -7.31 8.03 0.62
CA CYS A 59 -6.70 6.92 1.35
C CYS A 59 -5.84 7.44 2.50
N GLN A 60 -6.30 7.22 3.72
CA GLN A 60 -5.56 7.67 4.90
C GLN A 60 -4.93 6.49 5.63
N ALA A 61 -3.90 6.78 6.43
CA ALA A 61 -3.21 5.75 7.17
C ALA A 61 -2.59 6.31 8.46
N ALA A 62 -2.50 5.47 9.48
CA ALA A 62 -1.93 5.88 10.76
C ALA A 62 -0.92 4.86 11.27
N VAL A 63 0.26 5.34 11.66
CA VAL A 63 1.32 4.48 12.17
C VAL A 63 1.68 4.84 13.60
N PRO A 64 2.09 3.84 14.38
CA PRO A 64 2.47 4.03 15.78
C PRO A 64 3.79 4.78 15.91
N LYS A 65 3.90 5.60 16.97
CA LYS A 65 5.10 6.38 17.20
C LYS A 65 6.35 5.61 16.78
N SER A 66 6.47 4.37 17.26
CA SER A 66 7.62 3.54 16.92
C SER A 66 8.04 3.75 15.48
N LEU A 67 7.06 3.73 14.57
CA LEU A 67 7.33 3.92 13.15
C LEU A 67 6.87 5.30 12.69
N GLN A 68 7.35 5.71 11.52
CA GLN A 68 6.98 7.02 10.97
C GLN A 68 6.11 6.85 9.73
N LEU A 69 5.41 7.92 9.36
CA LEU A 69 4.53 7.88 8.20
C LEU A 69 4.57 9.21 7.45
N GLN A 70 4.62 9.13 6.13
CA GLN A 70 4.67 10.33 5.30
C GLN A 70 3.78 10.18 4.06
N LEU A 71 2.80 11.06 3.93
CA LEU A 71 1.88 11.04 2.80
C LEU A 71 2.50 11.70 1.57
N GLN A 72 2.79 10.89 0.55
CA GLN A 72 3.38 11.41 -0.68
C GLN A 72 2.29 11.85 -1.67
N ALA A 73 2.71 12.54 -2.71
CA ALA A 73 1.78 13.02 -3.73
C ALA A 73 1.25 11.87 -4.59
N PRO A 74 -0.06 11.64 -4.54
CA PRO A 74 -0.71 10.58 -5.31
C PRO A 74 -0.71 10.86 -6.81
N SER A 75 -1.40 10.01 -7.56
CA SER A 75 -1.47 10.16 -9.01
C SER A 75 -2.77 10.86 -9.42
N GLY A 76 -3.83 10.61 -8.66
CA GLY A 76 -5.11 11.22 -8.95
C GLY A 76 -6.27 10.55 -8.24
N ASN A 77 -7.11 11.35 -7.60
CA ASN A 77 -8.26 10.82 -6.86
C ASN A 77 -9.36 10.39 -7.83
N THR A 78 -9.02 9.55 -8.79
CA THR A 78 -9.98 9.07 -9.77
C THR A 78 -9.53 7.75 -10.39
N VAL A 79 -10.45 6.80 -10.51
CA VAL A 79 -10.15 5.51 -11.08
C VAL A 79 -11.18 5.11 -12.12
N PRO A 80 -10.70 4.73 -13.32
CA PRO A 80 -11.57 4.32 -14.43
C PRO A 80 -12.26 2.98 -14.17
N ALA A 81 -13.57 2.93 -14.42
CA ALA A 81 -14.34 1.71 -14.21
C ALA A 81 -14.14 0.73 -15.36
N ARG A 82 -13.31 1.13 -16.33
CA ARG A 82 -13.04 0.28 -17.49
C ARG A 82 -11.63 -0.30 -17.42
N GLY A 83 -11.24 -0.74 -16.22
CA GLY A 83 -9.92 -1.32 -16.05
C GLY A 83 -8.83 -0.46 -16.65
N GLY A 84 -8.59 0.70 -16.05
CA GLY A 84 -7.56 1.59 -16.55
C GLY A 84 -6.29 1.55 -15.72
N LEU A 85 -6.03 2.63 -14.97
CA LEU A 85 -4.85 2.70 -14.14
C LEU A 85 -5.22 3.04 -12.69
N PRO A 86 -4.87 2.14 -11.77
CA PRO A 86 -5.16 2.32 -10.34
C PRO A 86 -4.33 3.43 -9.71
N ILE A 87 -4.67 3.81 -8.48
CA ILE A 87 -3.95 4.85 -7.78
C ILE A 87 -2.85 4.27 -6.91
N THR A 88 -1.68 4.93 -6.91
CA THR A 88 -0.54 4.48 -6.12
C THR A 88 0.06 5.63 -5.32
N GLN A 89 0.11 5.46 -4.00
CA GLN A 89 0.67 6.48 -3.13
C GLN A 89 1.90 5.96 -2.39
N LEU A 90 2.95 6.78 -2.34
CA LEU A 90 4.18 6.40 -1.67
C LEU A 90 4.14 6.78 -0.20
N PHE A 91 4.71 5.93 0.65
CA PHE A 91 4.73 6.18 2.08
C PHE A 91 6.11 5.84 2.67
N ARG A 92 6.80 6.86 3.17
CA ARG A 92 8.12 6.67 3.76
C ARG A 92 8.01 6.39 5.26
N ILE A 93 8.18 5.12 5.63
CA ILE A 93 8.11 4.72 7.03
C ILE A 93 9.49 4.40 7.58
N LEU A 94 9.70 4.71 8.86
CA LEU A 94 10.97 4.47 9.51
C LEU A 94 10.86 3.31 10.51
N ASN A 95 11.72 2.31 10.36
CA ASN A 95 11.71 1.16 11.24
C ASN A 95 13.11 0.89 11.79
N PRO A 96 13.78 1.96 12.24
CA PRO A 96 15.13 1.87 12.80
C PRO A 96 15.15 1.17 14.16
N ASN A 97 13.97 1.04 14.76
CA ASN A 97 13.86 0.38 16.06
C ASN A 97 13.63 -1.12 15.90
N LYS A 98 13.44 -1.56 14.66
CA LYS A 98 13.21 -2.97 14.38
C LYS A 98 12.04 -3.50 15.18
N ALA A 99 10.93 -2.77 15.16
CA ALA A 99 9.73 -3.17 15.88
C ALA A 99 8.55 -3.33 14.93
N PRO A 100 8.20 -4.60 14.63
CA PRO A 100 7.09 -4.92 13.74
C PRO A 100 5.74 -4.59 14.34
N LEU A 101 5.14 -3.49 13.89
CA LEU A 101 3.84 -3.06 14.39
C LEU A 101 2.77 -3.18 13.31
N ARG A 102 1.56 -2.72 13.62
CA ARG A 102 0.45 -2.79 12.68
C ARG A 102 0.21 -1.41 12.05
N LEU A 103 -0.62 -1.38 11.02
CA LEU A 103 -0.94 -0.13 10.33
C LEU A 103 -2.44 0.01 10.13
N LYS A 104 -2.97 1.17 10.46
CA LYS A 104 -4.39 1.45 10.32
C LYS A 104 -4.70 2.09 8.97
N LEU A 105 -5.36 1.34 8.10
CA LEU A 105 -5.71 1.82 6.76
C LEU A 105 -7.17 2.26 6.72
N ARG A 106 -7.39 3.51 6.32
CA ARG A 106 -8.74 4.05 6.23
C ARG A 106 -9.09 4.38 4.78
N LEU A 107 -10.24 3.89 4.33
CA LEU A 107 -10.69 4.14 2.96
C LEU A 107 -12.04 4.85 2.95
N THR A 108 -12.13 5.95 2.21
CA THR A 108 -13.36 6.71 2.11
C THR A 108 -13.53 7.30 0.72
N TYR A 109 -14.51 6.79 -0.02
CA TYR A 109 -14.79 7.26 -1.37
C TYR A 109 -16.27 7.14 -1.70
N ASP A 110 -16.63 7.58 -2.90
CA ASP A 110 -18.02 7.52 -3.33
C ASP A 110 -18.19 6.50 -4.47
N HIS A 111 -19.20 5.65 -4.33
CA HIS A 111 -19.48 4.62 -5.33
C HIS A 111 -20.97 4.54 -5.64
N PHE A 112 -21.31 4.56 -6.93
CA PHE A 112 -22.70 4.49 -7.35
C PHE A 112 -23.57 5.42 -6.51
N HIS A 113 -23.13 6.67 -6.37
CA HIS A 113 -23.87 7.65 -5.59
C HIS A 113 -24.07 7.18 -4.15
N GLN A 114 -23.01 6.65 -3.55
CA GLN A 114 -23.06 6.15 -2.19
C GLN A 114 -21.74 6.39 -1.47
N SER A 115 -21.82 6.79 -0.21
CA SER A 115 -20.64 7.06 0.59
C SER A 115 -20.05 5.76 1.16
N VAL A 116 -19.06 5.22 0.48
CA VAL A 116 -18.41 3.98 0.91
C VAL A 116 -17.31 4.27 1.92
N GLN A 117 -17.48 3.75 3.14
CA GLN A 117 -16.50 3.94 4.20
C GLN A 117 -16.17 2.62 4.88
N GLU A 118 -14.90 2.23 4.83
CA GLU A 118 -14.46 0.98 5.44
C GLU A 118 -13.07 1.14 6.04
N ILE A 119 -12.96 0.94 7.35
CA ILE A 119 -11.69 1.06 8.04
C ILE A 119 -11.23 -0.30 8.58
N PHE A 120 -10.08 -0.77 8.08
CA PHE A 120 -9.54 -2.05 8.50
C PHE A 120 -8.04 -1.93 8.77
N GLU A 121 -7.53 -2.81 9.64
CA GLU A 121 -6.11 -2.80 9.99
C GLU A 121 -5.41 -4.04 9.43
N VAL A 122 -4.32 -3.82 8.72
CA VAL A 122 -3.55 -4.91 8.13
C VAL A 122 -2.77 -5.67 9.19
N ASN A 123 -3.33 -6.79 9.65
CA ASN A 123 -2.68 -7.61 10.68
C ASN A 123 -1.88 -8.74 10.03
N ASN A 124 -2.17 -9.02 8.77
CA ASN A 124 -1.48 -10.09 8.05
C ASN A 124 -0.28 -9.53 7.28
N LEU A 125 0.45 -8.62 7.91
CA LEU A 125 1.63 -8.02 7.28
C LEU A 125 2.72 -9.06 7.05
N PRO A 126 3.58 -8.80 6.06
CA PRO A 126 4.68 -9.70 5.71
C PRO A 126 5.78 -9.72 6.77
N VAL A 127 6.59 -10.77 6.76
CA VAL A 127 7.67 -10.91 7.73
C VAL A 127 8.95 -10.24 7.23
N GLU A 128 9.17 -10.31 5.92
CA GLU A 128 10.35 -9.72 5.31
C GLU A 128 10.42 -8.22 5.58
N SER A 129 9.25 -7.59 5.63
CA SER A 129 9.16 -6.16 5.87
C SER A 129 10.05 -5.75 7.03
N TRP A 130 9.92 -6.46 8.14
CA TRP A 130 10.72 -6.19 9.34
C TRP A 130 12.03 -6.96 9.31
N GLN A 131 11.97 -8.19 8.81
CA GLN A 131 13.16 -9.04 8.74
C GLN A 131 14.25 -8.39 7.88
N GLY A 1 34.97 0.89 1.49
CA GLY A 1 34.83 -0.49 1.91
C GLY A 1 34.53 -1.42 0.75
N SER A 2 34.47 -2.72 1.03
CA SER A 2 34.20 -3.72 0.00
C SER A 2 32.80 -4.31 0.17
N SER A 3 31.81 -3.66 -0.44
CA SER A 3 30.43 -4.12 -0.36
C SER A 3 29.87 -4.40 -1.74
N GLY A 4 30.01 -5.64 -2.20
CA GLY A 4 29.51 -6.01 -3.50
C GLY A 4 28.03 -6.35 -3.48
N SER A 5 27.38 -6.23 -4.63
CA SER A 5 25.96 -6.51 -4.75
C SER A 5 25.72 -7.87 -5.41
N SER A 6 26.30 -8.05 -6.59
CA SER A 6 26.15 -9.30 -7.33
C SER A 6 26.26 -10.50 -6.40
N GLY A 7 25.25 -11.37 -6.45
CA GLY A 7 25.24 -12.55 -5.61
C GLY A 7 23.99 -13.38 -5.78
N PRO A 8 23.68 -14.21 -4.77
CA PRO A 8 22.50 -15.07 -4.80
C PRO A 8 21.20 -14.30 -4.69
N PRO A 9 20.13 -14.83 -5.31
CA PRO A 9 18.81 -14.20 -5.30
C PRO A 9 18.16 -14.25 -3.92
N PRO A 10 18.01 -13.08 -3.29
CA PRO A 10 17.40 -12.97 -1.97
C PRO A 10 15.90 -13.26 -1.98
N ALA A 11 15.24 -13.02 -0.86
CA ALA A 11 13.80 -13.26 -0.75
C ALA A 11 13.06 -11.98 -0.39
N PRO A 12 12.50 -11.31 -1.41
CA PRO A 12 11.76 -10.06 -1.23
C PRO A 12 10.43 -10.27 -0.52
N ILE A 13 9.56 -9.28 -0.57
CA ILE A 13 8.25 -9.35 0.06
C ILE A 13 7.15 -9.61 -0.96
N PRO A 14 6.45 -10.73 -0.81
CA PRO A 14 5.35 -11.11 -1.71
C PRO A 14 4.13 -10.21 -1.56
N ASP A 15 3.29 -10.18 -2.58
CA ASP A 15 2.08 -9.36 -2.55
C ASP A 15 1.27 -9.63 -1.29
N LEU A 16 0.57 -8.60 -0.81
CA LEU A 16 -0.24 -8.73 0.39
C LEU A 16 -1.58 -8.00 0.21
N LYS A 17 -2.66 -8.77 0.16
CA LYS A 17 -3.99 -8.21 0.01
C LYS A 17 -4.47 -7.57 1.32
N VAL A 18 -5.15 -6.43 1.21
CA VAL A 18 -5.66 -5.73 2.37
C VAL A 18 -7.17 -5.51 2.26
N PHE A 19 -7.67 -5.50 1.03
CA PHE A 19 -9.10 -5.30 0.79
C PHE A 19 -9.54 -6.03 -0.47
N GLU A 20 -10.73 -6.63 -0.41
CA GLU A 20 -11.27 -7.36 -1.55
C GLU A 20 -12.78 -7.15 -1.67
N ARG A 21 -13.18 -6.41 -2.70
CA ARG A 21 -14.59 -6.14 -2.92
C ARG A 21 -15.08 -6.79 -4.22
N GLU A 22 -16.36 -7.14 -4.26
CA GLU A 22 -16.94 -7.77 -5.43
C GLU A 22 -16.59 -7.00 -6.70
N GLY A 23 -16.19 -5.74 -6.53
CA GLY A 23 -15.83 -4.92 -7.67
C GLY A 23 -14.47 -4.27 -7.50
N VAL A 24 -14.24 -3.68 -6.32
CA VAL A 24 -12.97 -3.02 -6.04
C VAL A 24 -11.97 -3.98 -5.43
N GLN A 25 -10.69 -3.77 -5.73
CA GLN A 25 -9.63 -4.63 -5.20
C GLN A 25 -8.43 -3.80 -4.77
N LEU A 26 -8.01 -3.98 -3.52
CA LEU A 26 -6.86 -3.24 -2.98
C LEU A 26 -5.70 -4.18 -2.69
N ASN A 27 -4.50 -3.79 -3.11
CA ASN A 27 -3.31 -4.61 -2.89
C ASN A 27 -2.26 -3.83 -2.12
N LEU A 28 -1.27 -4.54 -1.59
CA LEU A 28 -0.21 -3.91 -0.82
C LEU A 28 1.16 -4.25 -1.41
N SER A 29 2.02 -3.24 -1.55
CA SER A 29 3.36 -3.45 -2.09
C SER A 29 4.42 -2.92 -1.14
N PHE A 30 5.42 -3.75 -0.87
CA PHE A 30 6.50 -3.38 0.04
C PHE A 30 7.81 -3.18 -0.74
N ILE A 31 8.52 -2.10 -0.42
CA ILE A 31 9.78 -1.81 -1.08
C ILE A 31 10.85 -1.41 -0.07
N ARG A 32 11.99 -2.11 -0.12
CA ARG A 32 13.09 -1.82 0.80
C ARG A 32 14.36 -1.48 0.02
N PRO A 33 14.69 -0.18 0.00
CA PRO A 33 15.88 0.32 -0.70
C PRO A 33 17.18 -0.10 -0.01
N PRO A 34 18.24 -0.26 -0.81
CA PRO A 34 19.55 -0.66 -0.30
C PRO A 34 20.22 0.45 0.53
N GLU A 35 20.08 1.68 0.07
CA GLU A 35 20.66 2.83 0.78
C GLU A 35 20.10 2.94 2.19
N ASN A 36 18.79 2.71 2.32
CA ASN A 36 18.13 2.80 3.63
C ASN A 36 17.36 1.52 3.92
N PRO A 37 18.01 0.57 4.61
CA PRO A 37 17.40 -0.72 4.96
C PRO A 37 16.31 -0.56 6.03
N ALA A 38 16.41 0.49 6.81
CA ALA A 38 15.43 0.76 7.86
C ALA A 38 14.22 1.51 7.31
N LEU A 39 14.28 1.85 6.03
CA LEU A 39 13.19 2.58 5.38
C LEU A 39 12.28 1.61 4.64
N LEU A 40 11.00 1.62 4.99
CA LEU A 40 10.02 0.75 4.35
C LEU A 40 9.07 1.55 3.46
N LEU A 41 9.26 1.45 2.16
CA LEU A 41 8.43 2.15 1.21
C LEU A 41 7.25 1.29 0.75
N ILE A 42 6.06 1.62 1.25
CA ILE A 42 4.85 0.87 0.90
C ILE A 42 4.08 1.57 -0.22
N THR A 43 3.33 0.79 -0.99
CA THR A 43 2.54 1.33 -2.09
C THR A 43 1.18 0.67 -2.16
N ILE A 44 0.15 1.47 -2.44
CA ILE A 44 -1.21 0.95 -2.54
C ILE A 44 -1.66 0.85 -4.00
N THR A 45 -2.52 -0.12 -4.28
CA THR A 45 -3.02 -0.33 -5.64
C THR A 45 -4.53 -0.53 -5.64
N ALA A 46 -5.27 0.53 -5.94
CA ALA A 46 -6.72 0.46 -5.98
C ALA A 46 -7.22 0.25 -7.41
N THR A 47 -7.76 -0.95 -7.67
CA THR A 47 -8.26 -1.27 -8.99
C THR A 47 -9.79 -1.27 -9.01
N ASN A 48 -10.37 -0.74 -10.08
CA ASN A 48 -11.82 -0.68 -10.21
C ASN A 48 -12.27 -1.30 -11.53
N PHE A 49 -13.20 -2.25 -11.45
CA PHE A 49 -13.72 -2.92 -12.63
C PHE A 49 -15.23 -2.79 -12.72
N SER A 50 -15.86 -2.55 -11.57
CA SER A 50 -17.31 -2.41 -11.51
C SER A 50 -17.81 -1.42 -12.57
N GLU A 51 -19.12 -1.34 -12.72
CA GLU A 51 -19.72 -0.43 -13.70
C GLU A 51 -19.69 1.01 -13.20
N GLY A 52 -19.59 1.16 -11.88
CA GLY A 52 -19.56 2.49 -11.30
C GLY A 52 -18.15 3.02 -11.13
N ASP A 53 -17.92 4.26 -11.56
CA ASP A 53 -16.61 4.87 -11.46
C ASP A 53 -16.41 5.50 -10.07
N VAL A 54 -15.14 5.71 -9.71
CA VAL A 54 -14.81 6.29 -8.42
C VAL A 54 -14.05 7.60 -8.59
N THR A 55 -14.29 8.54 -7.68
CA THR A 55 -13.63 9.84 -7.72
C THR A 55 -13.26 10.32 -6.33
N HIS A 56 -12.61 11.48 -6.25
CA HIS A 56 -12.21 12.04 -4.97
C HIS A 56 -11.81 10.95 -3.99
N PHE A 57 -11.00 10.02 -4.46
CA PHE A 57 -10.54 8.91 -3.62
C PHE A 57 -9.51 9.39 -2.60
N ILE A 58 -9.81 9.19 -1.32
CA ILE A 58 -8.91 9.59 -0.25
C ILE A 58 -8.55 8.41 0.65
N CYS A 59 -7.28 8.05 0.65
CA CYS A 59 -6.80 6.94 1.47
C CYS A 59 -5.92 7.44 2.61
N GLN A 60 -6.41 7.27 3.84
CA GLN A 60 -5.65 7.70 5.01
C GLN A 60 -5.07 6.51 5.76
N ALA A 61 -3.99 6.75 6.50
CA ALA A 61 -3.33 5.70 7.25
C ALA A 61 -2.91 6.20 8.63
N ALA A 62 -2.44 5.28 9.47
CA ALA A 62 -2.01 5.64 10.82
C ALA A 62 -0.96 4.65 11.33
N VAL A 63 0.19 5.18 11.72
CA VAL A 63 1.29 4.35 12.22
C VAL A 63 1.66 4.75 13.65
N PRO A 64 2.16 3.77 14.42
CA PRO A 64 2.57 3.99 15.81
C PRO A 64 3.82 4.85 15.92
N LYS A 65 4.01 5.47 17.08
CA LYS A 65 5.17 6.32 17.32
C LYS A 65 6.45 5.64 16.85
N SER A 66 6.64 4.40 17.26
CA SER A 66 7.83 3.63 16.88
C SER A 66 8.19 3.87 15.42
N LEU A 67 7.18 3.80 14.56
CA LEU A 67 7.38 4.01 13.12
C LEU A 67 6.92 5.40 12.71
N GLN A 68 7.19 5.75 11.46
CA GLN A 68 6.80 7.06 10.93
C GLN A 68 5.96 6.91 9.66
N LEU A 69 5.22 7.96 9.33
CA LEU A 69 4.38 7.94 8.14
C LEU A 69 4.44 9.28 7.40
N GLN A 70 4.49 9.22 6.08
CA GLN A 70 4.56 10.42 5.26
C GLN A 70 3.70 10.27 4.01
N LEU A 71 2.65 11.09 3.91
CA LEU A 71 1.75 11.06 2.77
C LEU A 71 2.38 11.73 1.56
N GLN A 72 2.73 10.93 0.55
CA GLN A 72 3.34 11.45 -0.66
C GLN A 72 2.28 11.90 -1.65
N ALA A 73 2.68 12.73 -2.60
CA ALA A 73 1.75 13.24 -3.61
C ALA A 73 1.20 12.11 -4.47
N PRO A 74 -0.13 11.99 -4.51
CA PRO A 74 -0.82 10.95 -5.29
C PRO A 74 -0.70 11.18 -6.79
N SER A 75 -1.47 10.43 -7.56
CA SER A 75 -1.44 10.54 -9.01
C SER A 75 -2.71 11.22 -9.52
N GLY A 76 -3.85 10.86 -8.95
CA GLY A 76 -5.11 11.45 -9.36
C GLY A 76 -6.29 10.85 -8.63
N ASN A 77 -7.12 11.71 -8.02
CA ASN A 77 -8.28 11.27 -7.28
C ASN A 77 -9.40 10.85 -8.24
N THR A 78 -9.11 9.89 -9.10
CA THR A 78 -10.08 9.41 -10.07
C THR A 78 -9.70 8.03 -10.60
N VAL A 79 -10.62 7.08 -10.48
CA VAL A 79 -10.36 5.72 -10.95
C VAL A 79 -11.46 5.27 -11.91
N PRO A 80 -11.04 4.80 -13.10
CA PRO A 80 -11.97 4.33 -14.13
C PRO A 80 -12.64 3.02 -13.74
N ALA A 81 -13.88 2.83 -14.22
CA ALA A 81 -14.63 1.62 -13.92
C ALA A 81 -14.46 0.58 -15.02
N ARG A 82 -13.55 0.86 -15.95
CA ARG A 82 -13.28 -0.05 -17.06
C ARG A 82 -11.88 -0.64 -16.96
N GLY A 83 -11.47 -0.96 -15.73
CA GLY A 83 -10.15 -1.53 -15.53
C GLY A 83 -9.05 -0.69 -16.14
N GLY A 84 -9.19 0.63 -16.04
CA GLY A 84 -8.19 1.52 -16.60
C GLY A 84 -6.88 1.48 -15.84
N LEU A 85 -6.47 2.62 -15.29
CA LEU A 85 -5.23 2.71 -14.54
C LEU A 85 -5.49 3.08 -13.08
N PRO A 86 -5.11 2.17 -12.17
CA PRO A 86 -5.31 2.38 -10.72
C PRO A 86 -4.39 3.46 -10.17
N ILE A 87 -4.57 3.79 -8.90
CA ILE A 87 -3.76 4.81 -8.24
C ILE A 87 -2.70 4.18 -7.36
N THR A 88 -1.61 4.92 -7.13
CA THR A 88 -0.52 4.44 -6.30
C THR A 88 0.06 5.56 -5.44
N GLN A 89 0.10 5.33 -4.14
CA GLN A 89 0.63 6.32 -3.20
C GLN A 89 1.82 5.77 -2.44
N LEU A 90 2.86 6.59 -2.29
CA LEU A 90 4.06 6.19 -1.58
C LEU A 90 4.02 6.65 -0.13
N PHE A 91 4.56 5.84 0.77
CA PHE A 91 4.59 6.17 2.19
C PHE A 91 5.94 5.82 2.81
N ARG A 92 6.65 6.84 3.28
CA ARG A 92 7.96 6.65 3.89
C ARG A 92 7.83 6.30 5.37
N ILE A 93 8.15 5.06 5.71
CA ILE A 93 8.06 4.60 7.09
C ILE A 93 9.43 4.20 7.62
N LEU A 94 9.66 4.43 8.91
CA LEU A 94 10.93 4.10 9.53
C LEU A 94 10.74 2.98 10.56
N ASN A 95 11.51 1.90 10.39
CA ASN A 95 11.43 0.76 11.30
C ASN A 95 12.80 0.44 11.89
N PRO A 96 13.53 1.49 12.30
CA PRO A 96 14.86 1.34 12.89
C PRO A 96 14.82 0.69 14.27
N ASN A 97 13.68 0.80 14.94
CA ASN A 97 13.51 0.24 16.27
C ASN A 97 13.32 -1.27 16.19
N LYS A 98 13.37 -1.82 14.97
CA LYS A 98 13.22 -3.24 14.76
C LYS A 98 11.95 -3.76 15.43
N ALA A 99 10.93 -2.90 15.50
CA ALA A 99 9.67 -3.27 16.12
C ALA A 99 8.59 -3.51 15.06
N PRO A 100 8.28 -4.79 14.82
CA PRO A 100 7.28 -5.18 13.83
C PRO A 100 5.86 -4.83 14.27
N LEU A 101 5.39 -3.66 13.84
CA LEU A 101 4.05 -3.20 14.18
C LEU A 101 3.10 -3.36 13.01
N ARG A 102 1.87 -2.89 13.18
CA ARG A 102 0.86 -2.98 12.13
C ARG A 102 0.62 -1.61 11.48
N LEU A 103 -0.23 -1.59 10.46
CA LEU A 103 -0.54 -0.35 9.75
C LEU A 103 -2.04 -0.19 9.57
N LYS A 104 -2.57 0.95 10.02
CA LYS A 104 -4.00 1.22 9.90
C LYS A 104 -4.32 1.86 8.55
N LEU A 105 -5.32 1.32 7.87
CA LEU A 105 -5.73 1.84 6.57
C LEU A 105 -7.18 2.30 6.60
N ARG A 106 -7.44 3.47 6.02
CA ARG A 106 -8.79 4.02 5.98
C ARG A 106 -9.17 4.44 4.55
N LEU A 107 -10.27 3.90 4.05
CA LEU A 107 -10.74 4.21 2.70
C LEU A 107 -12.06 4.97 2.76
N THR A 108 -12.13 6.07 2.00
CA THR A 108 -13.35 6.88 1.96
C THR A 108 -13.52 7.53 0.59
N TYR A 109 -14.59 7.17 -0.10
CA TYR A 109 -14.87 7.72 -1.43
C TYR A 109 -16.32 7.46 -1.82
N ASP A 110 -16.70 7.96 -3.00
CA ASP A 110 -18.05 7.78 -3.51
C ASP A 110 -18.09 6.69 -4.58
N HIS A 111 -19.00 5.73 -4.39
CA HIS A 111 -19.15 4.63 -5.34
C HIS A 111 -20.62 4.30 -5.57
N PHE A 112 -21.04 4.34 -6.83
CA PHE A 112 -22.43 4.05 -7.19
C PHE A 112 -23.37 5.07 -6.57
N HIS A 113 -22.91 6.31 -6.48
CA HIS A 113 -23.71 7.39 -5.91
C HIS A 113 -24.06 7.09 -4.45
N GLN A 114 -23.05 6.73 -3.67
CA GLN A 114 -23.25 6.42 -2.26
C GLN A 114 -21.95 6.60 -1.47
N SER A 115 -22.08 7.09 -0.24
CA SER A 115 -20.92 7.32 0.60
C SER A 115 -20.40 6.01 1.18
N VAL A 116 -19.24 5.56 0.69
CA VAL A 116 -18.64 4.32 1.15
C VAL A 116 -17.46 4.60 2.08
N GLN A 117 -17.54 4.07 3.31
CA GLN A 117 -16.48 4.26 4.29
C GLN A 117 -16.14 2.94 4.98
N GLU A 118 -15.00 2.37 4.59
CA GLU A 118 -14.55 1.10 5.17
C GLU A 118 -13.19 1.26 5.83
N ILE A 119 -13.11 0.94 7.12
CA ILE A 119 -11.87 1.05 7.86
C ILE A 119 -11.42 -0.32 8.37
N PHE A 120 -10.22 -0.73 7.97
CA PHE A 120 -9.66 -2.01 8.37
C PHE A 120 -8.18 -1.87 8.72
N GLU A 121 -7.69 -2.80 9.56
CA GLU A 121 -6.29 -2.78 9.97
C GLU A 121 -5.58 -4.06 9.53
N VAL A 122 -4.58 -3.91 8.67
CA VAL A 122 -3.82 -5.06 8.17
C VAL A 122 -3.06 -5.74 9.30
N ASN A 123 -3.44 -6.98 9.59
CA ASN A 123 -2.79 -7.74 10.65
C ASN A 123 -2.11 -8.99 10.10
N ASN A 124 -1.92 -9.01 8.77
CA ASN A 124 -1.28 -10.14 8.11
C ASN A 124 -0.02 -9.69 7.36
N LEU A 125 0.42 -8.48 7.64
CA LEU A 125 1.61 -7.93 7.00
C LEU A 125 2.72 -8.98 6.93
N PRO A 126 3.53 -8.91 5.88
CA PRO A 126 4.65 -9.85 5.67
C PRO A 126 5.77 -9.63 6.67
N VAL A 127 6.42 -10.72 7.06
CA VAL A 127 7.52 -10.65 8.02
C VAL A 127 8.78 -10.10 7.37
N GLU A 128 9.03 -10.52 6.14
CA GLU A 128 10.21 -10.06 5.40
C GLU A 128 10.49 -8.59 5.68
N SER A 129 9.44 -7.83 5.96
CA SER A 129 9.56 -6.41 6.24
C SER A 129 10.59 -6.17 7.34
N TRP A 130 10.45 -6.90 8.44
CA TRP A 130 11.37 -6.77 9.56
C TRP A 130 12.44 -7.85 9.54
N GLN A 131 12.02 -9.09 9.27
CA GLN A 131 12.94 -10.21 9.21
C GLN A 131 14.06 -9.95 8.21
N GLY A 1 19.90 0.59 -7.65
CA GLY A 1 20.97 -0.25 -8.13
C GLY A 1 21.15 -1.50 -7.29
N SER A 2 21.27 -2.65 -7.95
CA SER A 2 21.44 -3.92 -7.26
C SER A 2 22.72 -4.62 -7.71
N SER A 3 23.20 -5.53 -6.89
CA SER A 3 24.42 -6.28 -7.20
C SER A 3 24.11 -7.57 -7.94
N GLY A 4 25.03 -7.99 -8.80
CA GLY A 4 24.82 -9.22 -9.56
C GLY A 4 25.47 -10.42 -8.91
N SER A 5 24.79 -11.00 -7.93
CA SER A 5 25.31 -12.16 -7.21
C SER A 5 25.15 -13.42 -8.04
N SER A 6 25.82 -14.48 -7.63
CA SER A 6 25.75 -15.77 -8.33
C SER A 6 25.16 -16.85 -7.44
N GLY A 7 24.16 -17.56 -7.96
CA GLY A 7 23.54 -18.63 -7.19
C GLY A 7 22.03 -18.64 -7.36
N PRO A 8 21.33 -19.24 -6.38
CA PRO A 8 19.86 -19.34 -6.41
C PRO A 8 19.19 -17.98 -6.19
N PRO A 9 17.96 -17.85 -6.71
CA PRO A 9 17.18 -16.61 -6.59
C PRO A 9 16.72 -16.35 -5.16
N PRO A 10 16.74 -15.08 -4.75
CA PRO A 10 16.32 -14.68 -3.40
C PRO A 10 14.83 -14.82 -3.20
N ALA A 11 14.34 -14.35 -2.04
CA ALA A 11 12.91 -14.44 -1.72
C ALA A 11 12.35 -13.05 -1.42
N PRO A 12 11.70 -12.45 -2.44
CA PRO A 12 11.11 -11.11 -2.32
C PRO A 12 9.88 -11.12 -1.41
N ILE A 13 9.21 -9.97 -1.31
CA ILE A 13 8.02 -9.85 -0.50
C ILE A 13 6.76 -9.77 -1.35
N PRO A 14 5.84 -10.73 -1.15
CA PRO A 14 4.58 -10.79 -1.90
C PRO A 14 3.63 -9.66 -1.51
N ASP A 15 2.52 -9.56 -2.25
CA ASP A 15 1.53 -8.52 -1.98
C ASP A 15 0.54 -8.97 -0.92
N LEU A 16 -0.12 -8.02 -0.28
CA LEU A 16 -1.09 -8.31 0.77
C LEU A 16 -2.44 -7.69 0.44
N LYS A 17 -3.51 -8.49 0.56
CA LYS A 17 -4.85 -8.02 0.27
C LYS A 17 -5.44 -7.32 1.49
N VAL A 18 -5.91 -6.09 1.29
CA VAL A 18 -6.51 -5.31 2.36
C VAL A 18 -8.00 -5.13 2.15
N PHE A 19 -8.40 -5.00 0.89
CA PHE A 19 -9.80 -4.81 0.55
C PHE A 19 -10.16 -5.55 -0.74
N GLU A 20 -11.26 -6.30 -0.71
CA GLU A 20 -11.70 -7.06 -1.87
C GLU A 20 -13.22 -7.04 -2.00
N ARG A 21 -13.72 -6.31 -2.98
CA ARG A 21 -15.16 -6.20 -3.20
C ARG A 21 -15.48 -6.31 -4.69
N GLU A 22 -16.47 -7.14 -5.02
CA GLU A 22 -16.88 -7.33 -6.40
C GLU A 22 -16.79 -6.01 -7.18
N GLY A 23 -15.81 -5.93 -8.08
CA GLY A 23 -15.64 -4.73 -8.87
C GLY A 23 -14.52 -3.86 -8.36
N VAL A 24 -14.49 -3.62 -7.05
CA VAL A 24 -13.46 -2.80 -6.43
C VAL A 24 -12.53 -3.64 -5.57
N GLN A 25 -11.24 -3.64 -5.93
CA GLN A 25 -10.25 -4.41 -5.20
C GLN A 25 -9.03 -3.54 -4.87
N LEU A 26 -8.40 -3.81 -3.73
CA LEU A 26 -7.23 -3.06 -3.31
C LEU A 26 -6.09 -4.00 -2.94
N ASN A 27 -4.91 -3.75 -3.51
CA ASN A 27 -3.74 -4.57 -3.24
C ASN A 27 -2.66 -3.77 -2.52
N LEU A 28 -1.78 -4.47 -1.80
CA LEU A 28 -0.71 -3.82 -1.07
C LEU A 28 0.65 -4.39 -1.47
N SER A 29 1.62 -3.52 -1.71
CA SER A 29 2.95 -3.94 -2.10
C SER A 29 4.01 -3.29 -1.21
N PHE A 30 4.94 -4.11 -0.70
CA PHE A 30 6.00 -3.61 0.16
C PHE A 30 7.31 -3.49 -0.61
N ILE A 31 8.12 -2.50 -0.23
CA ILE A 31 9.40 -2.27 -0.88
C ILE A 31 10.47 -1.87 0.12
N ARG A 32 11.64 -2.51 0.04
CA ARG A 32 12.73 -2.22 0.95
C ARG A 32 14.02 -1.94 0.17
N PRO A 33 14.38 -0.65 0.06
CA PRO A 33 15.60 -0.23 -0.65
C PRO A 33 16.87 -0.64 0.08
N PRO A 34 17.94 -0.87 -0.69
CA PRO A 34 19.24 -1.28 -0.14
C PRO A 34 19.91 -0.14 0.62
N GLU A 35 19.80 1.07 0.10
CA GLU A 35 20.41 2.24 0.73
C GLU A 35 19.90 2.41 2.16
N ASN A 36 18.61 2.17 2.35
CA ASN A 36 18.00 2.30 3.68
C ASN A 36 17.17 1.06 4.01
N PRO A 37 17.77 0.14 4.76
CA PRO A 37 17.10 -1.11 5.17
C PRO A 37 15.98 -0.86 6.18
N ALA A 38 16.12 0.20 6.96
CA ALA A 38 15.13 0.55 7.97
C ALA A 38 13.97 1.31 7.34
N LEU A 39 14.07 1.58 6.05
CA LEU A 39 13.02 2.31 5.33
C LEU A 39 12.06 1.34 4.64
N LEU A 40 10.77 1.50 4.88
CA LEU A 40 9.77 0.64 4.27
C LEU A 40 8.83 1.45 3.37
N LEU A 41 9.01 1.33 2.06
CA LEU A 41 8.18 2.05 1.10
C LEU A 41 6.97 1.22 0.71
N ILE A 42 5.79 1.68 1.12
CA ILE A 42 4.54 0.99 0.81
C ILE A 42 3.84 1.64 -0.37
N THR A 43 3.14 0.82 -1.15
CA THR A 43 2.42 1.31 -2.33
C THR A 43 1.01 0.73 -2.38
N ILE A 44 0.04 1.58 -2.71
CA ILE A 44 -1.35 1.15 -2.80
C ILE A 44 -1.78 0.99 -4.25
N THR A 45 -2.55 -0.07 -4.52
CA THR A 45 -3.02 -0.34 -5.88
C THR A 45 -4.53 -0.58 -5.88
N ALA A 46 -5.28 0.46 -6.27
CA ALA A 46 -6.73 0.36 -6.33
C ALA A 46 -7.22 0.24 -7.78
N THR A 47 -7.75 -0.93 -8.12
CA THR A 47 -8.25 -1.17 -9.47
C THR A 47 -9.76 -1.41 -9.46
N ASN A 48 -10.47 -0.66 -10.29
CA ASN A 48 -11.92 -0.79 -10.38
C ASN A 48 -12.34 -1.40 -11.71
N PHE A 49 -13.28 -2.34 -11.67
CA PHE A 49 -13.76 -3.00 -12.87
C PHE A 49 -15.26 -2.78 -13.05
N SER A 50 -15.94 -2.49 -11.95
CA SER A 50 -17.38 -2.26 -11.99
C SER A 50 -17.74 -1.13 -12.94
N GLU A 51 -19.02 -0.95 -13.21
CA GLU A 51 -19.49 0.09 -14.11
C GLU A 51 -19.53 1.44 -13.40
N GLY A 52 -19.71 1.41 -12.09
CA GLY A 52 -19.76 2.63 -11.31
C GLY A 52 -18.39 3.22 -11.07
N ASP A 53 -18.11 4.34 -11.74
CA ASP A 53 -16.82 5.01 -11.59
C ASP A 53 -16.56 5.41 -10.14
N VAL A 54 -15.30 5.37 -9.74
CA VAL A 54 -14.93 5.72 -8.38
C VAL A 54 -14.03 6.97 -8.36
N THR A 55 -14.61 8.10 -7.95
CA THR A 55 -13.85 9.34 -7.90
C THR A 55 -13.76 9.86 -6.46
N HIS A 56 -13.09 10.99 -6.28
CA HIS A 56 -12.93 11.58 -4.96
C HIS A 56 -12.55 10.52 -3.93
N PHE A 57 -11.66 9.62 -4.32
CA PHE A 57 -11.22 8.55 -3.42
C PHE A 57 -10.02 9.00 -2.59
N ILE A 58 -10.17 8.96 -1.28
CA ILE A 58 -9.10 9.35 -0.37
C ILE A 58 -8.69 8.20 0.52
N CYS A 59 -7.38 7.96 0.62
CA CYS A 59 -6.85 6.89 1.45
C CYS A 59 -5.95 7.44 2.54
N GLN A 60 -6.27 7.13 3.79
CA GLN A 60 -5.48 7.59 4.93
C GLN A 60 -4.78 6.43 5.62
N ALA A 61 -3.79 6.75 6.44
CA ALA A 61 -3.04 5.73 7.16
C ALA A 61 -2.54 6.26 8.50
N ALA A 62 -2.18 5.34 9.40
CA ALA A 62 -1.69 5.72 10.72
C ALA A 62 -0.63 4.74 11.21
N VAL A 63 0.36 5.25 11.93
CA VAL A 63 1.44 4.41 12.46
C VAL A 63 1.81 4.83 13.88
N PRO A 64 2.22 3.85 14.69
CA PRO A 64 2.61 4.09 16.09
C PRO A 64 3.91 4.87 16.20
N LYS A 65 4.06 5.64 17.27
CA LYS A 65 5.26 6.43 17.49
C LYS A 65 6.50 5.68 17.02
N SER A 66 6.60 4.41 17.43
CA SER A 66 7.75 3.58 17.05
C SER A 66 8.13 3.83 15.60
N LEU A 67 7.14 3.80 14.71
CA LEU A 67 7.38 4.02 13.29
C LEU A 67 6.91 5.41 12.87
N GLN A 68 7.23 5.79 11.64
CA GLN A 68 6.85 7.09 11.10
C GLN A 68 6.01 6.94 9.84
N LEU A 69 5.34 8.02 9.45
CA LEU A 69 4.50 8.01 8.26
C LEU A 69 4.62 9.32 7.48
N GLN A 70 4.75 9.22 6.17
CA GLN A 70 4.87 10.40 5.33
C GLN A 70 3.99 10.27 4.08
N LEU A 71 2.97 11.12 3.99
CA LEU A 71 2.06 11.11 2.86
C LEU A 71 2.67 11.82 1.66
N GLN A 72 2.86 11.08 0.57
CA GLN A 72 3.43 11.65 -0.65
C GLN A 72 2.33 12.04 -1.64
N ALA A 73 2.61 13.06 -2.44
CA ALA A 73 1.65 13.53 -3.43
C ALA A 73 1.14 12.39 -4.30
N PRO A 74 -0.18 12.17 -4.28
CA PRO A 74 -0.82 11.10 -5.05
C PRO A 74 -0.78 11.39 -6.56
N SER A 75 -1.46 10.54 -7.32
CA SER A 75 -1.51 10.70 -8.78
C SER A 75 -2.84 11.30 -9.22
N GLY A 76 -3.91 10.93 -8.52
CA GLY A 76 -5.23 11.44 -8.86
C GLY A 76 -6.32 10.86 -7.98
N ASN A 77 -7.49 11.47 -8.01
CA ASN A 77 -8.63 11.00 -7.21
C ASN A 77 -9.76 10.53 -8.11
N THR A 78 -9.42 9.82 -9.17
CA THR A 78 -10.41 9.29 -10.10
C THR A 78 -10.00 7.93 -10.64
N VAL A 79 -10.95 7.00 -10.68
CA VAL A 79 -10.69 5.66 -11.18
C VAL A 79 -11.71 5.25 -12.24
N PRO A 80 -11.22 4.82 -13.40
CA PRO A 80 -12.07 4.39 -14.52
C PRO A 80 -12.80 3.08 -14.22
N ALA A 81 -14.05 2.98 -14.66
CA ALA A 81 -14.85 1.79 -14.45
C ALA A 81 -14.35 0.64 -15.31
N ARG A 82 -13.35 0.91 -16.15
CA ARG A 82 -12.80 -0.11 -17.03
C ARG A 82 -11.35 -0.42 -16.64
N GLY A 83 -10.98 -0.05 -15.41
CA GLY A 83 -9.63 -0.31 -14.94
C GLY A 83 -8.66 0.79 -15.34
N GLY A 84 -8.56 1.06 -16.64
CA GLY A 84 -7.67 2.09 -17.11
C GLY A 84 -6.37 2.14 -16.34
N LEU A 85 -6.29 3.06 -15.38
CA LEU A 85 -5.09 3.21 -14.56
C LEU A 85 -5.45 3.48 -13.11
N PRO A 86 -5.04 2.57 -12.21
CA PRO A 86 -5.31 2.70 -10.78
C PRO A 86 -4.52 3.83 -10.14
N ILE A 87 -4.77 4.06 -8.85
CA ILE A 87 -4.07 5.12 -8.12
C ILE A 87 -3.00 4.55 -7.20
N THR A 88 -1.81 5.11 -7.27
CA THR A 88 -0.69 4.66 -6.44
C THR A 88 -0.16 5.78 -5.56
N GLN A 89 0.16 5.44 -4.31
CA GLN A 89 0.67 6.43 -3.37
C GLN A 89 1.95 5.93 -2.71
N LEU A 90 2.77 6.86 -2.23
CA LEU A 90 4.02 6.52 -1.57
C LEU A 90 3.97 6.87 -0.09
N PHE A 91 4.53 5.99 0.74
CA PHE A 91 4.54 6.22 2.19
C PHE A 91 5.89 5.80 2.78
N ARG A 92 6.61 6.77 3.34
CA ARG A 92 7.91 6.51 3.94
C ARG A 92 7.77 6.21 5.43
N ILE A 93 8.10 4.98 5.81
CA ILE A 93 8.02 4.57 7.20
C ILE A 93 9.38 4.17 7.75
N LEU A 94 9.63 4.50 9.02
CA LEU A 94 10.90 4.18 9.66
C LEU A 94 10.71 3.09 10.71
N ASN A 95 11.50 2.02 10.59
CA ASN A 95 11.42 0.91 11.55
C ASN A 95 12.81 0.52 12.03
N PRO A 96 13.63 1.52 12.36
CA PRO A 96 14.99 1.31 12.84
C PRO A 96 15.03 0.68 14.24
N ASN A 97 13.92 0.82 14.96
CA ASN A 97 13.82 0.27 16.31
C ASN A 97 13.55 -1.23 16.27
N LYS A 98 13.68 -1.82 15.08
CA LYS A 98 13.47 -3.25 14.91
C LYS A 98 12.20 -3.70 15.63
N ALA A 99 11.14 -2.90 15.52
CA ALA A 99 9.87 -3.22 16.16
C ALA A 99 8.78 -3.43 15.12
N PRO A 100 8.41 -4.70 14.90
CA PRO A 100 7.38 -5.07 13.93
C PRO A 100 5.98 -4.65 14.39
N LEU A 101 5.65 -3.38 14.19
CA LEU A 101 4.35 -2.86 14.58
C LEU A 101 3.32 -3.09 13.49
N ARG A 102 2.12 -2.57 13.70
CA ARG A 102 1.04 -2.71 12.73
C ARG A 102 0.78 -1.39 12.01
N LEU A 103 -0.03 -1.45 10.95
CA LEU A 103 -0.37 -0.26 10.17
C LEU A 103 -1.87 -0.13 10.01
N LYS A 104 -2.35 1.11 9.92
CA LYS A 104 -3.77 1.38 9.75
C LYS A 104 -4.07 1.87 8.35
N LEU A 105 -5.14 1.35 7.76
CA LEU A 105 -5.54 1.74 6.41
C LEU A 105 -7.01 2.15 6.37
N ARG A 106 -7.26 3.37 5.93
CA ARG A 106 -8.63 3.88 5.84
C ARG A 106 -8.98 4.26 4.41
N LEU A 107 -10.19 3.93 3.99
CA LEU A 107 -10.64 4.23 2.63
C LEU A 107 -11.96 5.01 2.66
N THR A 108 -12.05 6.04 1.83
CA THR A 108 -13.25 6.87 1.77
C THR A 108 -13.48 7.38 0.35
N TYR A 109 -14.46 6.79 -0.33
CA TYR A 109 -14.78 7.19 -1.70
C TYR A 109 -16.27 7.02 -1.98
N ASP A 110 -16.69 7.39 -3.19
CA ASP A 110 -18.08 7.26 -3.58
C ASP A 110 -18.24 6.28 -4.74
N HIS A 111 -19.19 5.36 -4.59
CA HIS A 111 -19.44 4.36 -5.63
C HIS A 111 -20.93 4.27 -5.94
N PHE A 112 -21.26 4.15 -7.22
CA PHE A 112 -22.64 4.06 -7.66
C PHE A 112 -23.52 5.06 -6.90
N HIS A 113 -22.98 6.24 -6.66
CA HIS A 113 -23.72 7.28 -5.94
C HIS A 113 -23.95 6.87 -4.50
N GLN A 114 -22.93 6.33 -3.86
CA GLN A 114 -23.04 5.88 -2.47
C GLN A 114 -21.72 6.11 -1.73
N SER A 115 -21.82 6.50 -0.47
CA SER A 115 -20.64 6.76 0.35
C SER A 115 -20.12 5.46 0.96
N VAL A 116 -18.88 5.11 0.60
CA VAL A 116 -18.26 3.89 1.11
C VAL A 116 -17.10 4.22 2.05
N GLN A 117 -17.28 3.92 3.33
CA GLN A 117 -16.25 4.18 4.33
C GLN A 117 -15.89 2.90 5.08
N GLU A 118 -14.69 2.40 4.85
CA GLU A 118 -14.23 1.19 5.52
C GLU A 118 -12.83 1.37 6.09
N ILE A 119 -12.69 1.14 7.39
CA ILE A 119 -11.40 1.28 8.05
C ILE A 119 -10.88 -0.07 8.55
N PHE A 120 -9.79 -0.54 7.95
CA PHE A 120 -9.20 -1.81 8.33
C PHE A 120 -7.70 -1.67 8.58
N GLU A 121 -7.16 -2.53 9.43
CA GLU A 121 -5.74 -2.50 9.75
C GLU A 121 -5.06 -3.83 9.40
N VAL A 122 -3.99 -3.75 8.62
CA VAL A 122 -3.26 -4.95 8.22
C VAL A 122 -2.42 -5.50 9.38
N ASN A 123 -2.50 -6.81 9.58
CA ASN A 123 -1.76 -7.46 10.66
C ASN A 123 -1.05 -8.72 10.14
N ASN A 124 -1.23 -9.01 8.86
CA ASN A 124 -0.61 -10.18 8.25
C ASN A 124 0.62 -9.79 7.44
N LEU A 125 1.25 -8.70 7.84
CA LEU A 125 2.45 -8.22 7.15
C LEU A 125 3.56 -9.27 7.19
N PRO A 126 4.47 -9.21 6.19
CA PRO A 126 5.58 -10.15 6.09
C PRO A 126 6.63 -9.93 7.18
N VAL A 127 7.48 -10.92 7.38
CA VAL A 127 8.53 -10.84 8.39
C VAL A 127 9.86 -10.42 7.77
N GLU A 128 9.90 -10.37 6.44
CA GLU A 128 11.11 -9.99 5.73
C GLU A 128 11.45 -8.52 5.99
N SER A 129 10.44 -7.75 6.39
CA SER A 129 10.64 -6.33 6.67
C SER A 129 11.60 -6.13 7.82
N TRP A 130 11.52 -7.01 8.81
CA TRP A 130 12.39 -6.92 9.98
C TRP A 130 13.38 -8.08 10.01
N GLN A 131 12.87 -9.29 9.84
CA GLN A 131 13.72 -10.48 9.84
C GLN A 131 14.86 -10.35 8.83
N GLY A 1 38.63 -6.85 -7.42
CA GLY A 1 37.92 -5.74 -6.82
C GLY A 1 36.44 -5.75 -7.14
N SER A 2 36.12 -6.02 -8.40
CA SER A 2 34.73 -6.05 -8.84
C SER A 2 34.08 -7.39 -8.50
N SER A 3 34.35 -7.88 -7.30
CA SER A 3 33.80 -9.16 -6.85
C SER A 3 32.30 -9.19 -7.02
N GLY A 4 31.74 -10.38 -7.16
CA GLY A 4 30.31 -10.53 -7.33
C GLY A 4 29.95 -11.31 -8.58
N SER A 5 28.85 -12.05 -8.52
CA SER A 5 28.41 -12.85 -9.65
C SER A 5 26.96 -13.30 -9.47
N SER A 6 26.26 -13.50 -10.58
CA SER A 6 24.86 -13.92 -10.54
C SER A 6 24.70 -15.18 -9.71
N GLY A 7 24.09 -15.04 -8.54
CA GLY A 7 23.89 -16.18 -7.67
C GLY A 7 22.47 -16.72 -7.74
N PRO A 8 22.06 -17.47 -6.70
CA PRO A 8 20.73 -18.06 -6.62
C PRO A 8 19.64 -17.01 -6.41
N PRO A 9 18.43 -17.29 -6.91
CA PRO A 9 17.29 -16.39 -6.80
C PRO A 9 16.77 -16.28 -5.37
N PRO A 10 16.87 -15.08 -4.77
CA PRO A 10 16.42 -14.83 -3.40
C PRO A 10 14.91 -14.88 -3.28
N ALA A 11 14.41 -14.54 -2.08
CA ALA A 11 12.97 -14.55 -1.84
C ALA A 11 12.50 -13.18 -1.34
N PRO A 12 11.97 -12.36 -2.26
CA PRO A 12 11.47 -11.02 -1.94
C PRO A 12 10.21 -11.06 -1.10
N ILE A 13 9.51 -9.93 -1.03
CA ILE A 13 8.28 -9.83 -0.26
C ILE A 13 7.06 -9.93 -1.16
N PRO A 14 6.23 -10.96 -0.93
CA PRO A 14 5.01 -11.19 -1.71
C PRO A 14 3.94 -10.14 -1.43
N ASP A 15 3.00 -9.99 -2.36
CA ASP A 15 1.93 -9.03 -2.22
C ASP A 15 1.03 -9.38 -1.03
N LEU A 16 0.25 -8.41 -0.57
CA LEU A 16 -0.64 -8.62 0.57
C LEU A 16 -2.01 -8.00 0.30
N LYS A 17 -3.05 -8.82 0.36
CA LYS A 17 -4.41 -8.35 0.12
C LYS A 17 -4.97 -7.66 1.37
N VAL A 18 -5.55 -6.49 1.18
CA VAL A 18 -6.13 -5.73 2.27
C VAL A 18 -7.62 -5.53 2.09
N PHE A 19 -8.05 -5.38 0.83
CA PHE A 19 -9.46 -5.18 0.52
C PHE A 19 -9.82 -5.86 -0.80
N GLU A 20 -10.89 -6.64 -0.79
CA GLU A 20 -11.34 -7.34 -1.98
C GLU A 20 -12.85 -7.24 -2.14
N ARG A 21 -13.28 -6.51 -3.17
CA ARG A 21 -14.71 -6.33 -3.44
C ARG A 21 -15.08 -6.85 -4.81
N GLU A 22 -16.32 -7.28 -4.96
CA GLU A 22 -16.80 -7.81 -6.23
C GLU A 22 -16.52 -6.84 -7.38
N GLY A 23 -16.21 -5.59 -7.02
CA GLY A 23 -15.93 -4.58 -8.02
C GLY A 23 -14.59 -3.90 -7.79
N VAL A 24 -14.37 -3.44 -6.55
CA VAL A 24 -13.13 -2.76 -6.21
C VAL A 24 -12.14 -3.73 -5.56
N GLN A 25 -10.86 -3.55 -5.86
CA GLN A 25 -9.82 -4.40 -5.32
C GLN A 25 -8.60 -3.58 -4.90
N LEU A 26 -8.05 -3.91 -3.74
CA LEU A 26 -6.88 -3.20 -3.22
C LEU A 26 -5.73 -4.16 -2.94
N ASN A 27 -4.53 -3.77 -3.31
CA ASN A 27 -3.34 -4.59 -3.10
C ASN A 27 -2.24 -3.80 -2.42
N LEU A 28 -1.46 -4.47 -1.57
CA LEU A 28 -0.36 -3.83 -0.86
C LEU A 28 0.98 -4.36 -1.34
N SER A 29 1.88 -3.45 -1.70
CA SER A 29 3.20 -3.84 -2.18
C SER A 29 4.29 -3.16 -1.36
N PHE A 30 5.24 -3.95 -0.86
CA PHE A 30 6.33 -3.42 -0.06
C PHE A 30 7.59 -3.25 -0.90
N ILE A 31 8.45 -2.32 -0.49
CA ILE A 31 9.69 -2.06 -1.21
C ILE A 31 10.83 -1.76 -0.25
N ARG A 32 11.89 -2.57 -0.32
CA ARG A 32 13.04 -2.39 0.55
C ARG A 32 14.26 -1.92 -0.25
N PRO A 33 14.47 -0.60 -0.27
CA PRO A 33 15.60 0.00 -1.00
C PRO A 33 16.94 -0.30 -0.35
N PRO A 34 17.99 -0.39 -1.18
CA PRO A 34 19.35 -0.69 -0.70
C PRO A 34 19.95 0.47 0.09
N GLU A 35 19.72 1.69 -0.40
CA GLU A 35 20.23 2.89 0.27
C GLU A 35 19.73 2.96 1.71
N ASN A 36 18.44 2.72 1.89
CA ASN A 36 17.84 2.76 3.22
C ASN A 36 17.14 1.45 3.55
N PRO A 37 17.88 0.56 4.24
CA PRO A 37 17.36 -0.76 4.63
C PRO A 37 16.29 -0.66 5.72
N ALA A 38 16.39 0.39 6.53
CA ALA A 38 15.43 0.60 7.61
C ALA A 38 14.18 1.31 7.11
N LEU A 39 14.18 1.67 5.83
CA LEU A 39 13.06 2.36 5.22
C LEU A 39 12.12 1.38 4.54
N LEU A 40 10.82 1.64 4.65
CA LEU A 40 9.81 0.77 4.04
C LEU A 40 8.85 1.58 3.18
N LEU A 41 9.02 1.49 1.85
CA LEU A 41 8.16 2.21 0.92
C LEU A 41 6.98 1.36 0.50
N ILE A 42 5.79 1.69 1.02
CA ILE A 42 4.58 0.96 0.68
C ILE A 42 3.85 1.59 -0.50
N THR A 43 3.51 0.78 -1.48
CA THR A 43 2.79 1.26 -2.66
C THR A 43 1.45 0.58 -2.81
N ILE A 44 0.39 1.29 -2.43
CA ILE A 44 -0.96 0.75 -2.53
C ILE A 44 -1.43 0.68 -3.98
N THR A 45 -2.33 -0.26 -4.26
CA THR A 45 -2.85 -0.43 -5.61
C THR A 45 -4.35 -0.71 -5.58
N ALA A 46 -5.15 0.28 -6.00
CA ALA A 46 -6.60 0.13 -6.02
C ALA A 46 -7.12 0.12 -7.46
N THR A 47 -7.62 -1.04 -7.88
CA THR A 47 -8.15 -1.19 -9.23
C THR A 47 -9.67 -1.22 -9.22
N ASN A 48 -10.29 -0.53 -10.18
CA ASN A 48 -11.74 -0.49 -10.28
C ASN A 48 -12.21 -1.02 -11.63
N PHE A 49 -13.21 -1.91 -11.60
CA PHE A 49 -13.75 -2.49 -12.83
C PHE A 49 -15.26 -2.34 -12.88
N SER A 50 -15.83 -1.81 -11.81
CA SER A 50 -17.27 -1.61 -11.72
C SER A 50 -17.76 -0.66 -12.82
N GLU A 51 -19.07 -0.66 -13.05
CA GLU A 51 -19.66 0.20 -14.07
C GLU A 51 -19.70 1.65 -13.61
N GLY A 52 -19.33 1.88 -12.35
CA GLY A 52 -19.33 3.22 -11.80
C GLY A 52 -17.94 3.72 -11.47
N ASP A 53 -17.48 4.72 -12.20
CA ASP A 53 -16.16 5.28 -11.97
C ASP A 53 -16.04 5.88 -10.57
N VAL A 54 -14.86 5.76 -9.98
CA VAL A 54 -14.62 6.28 -8.64
C VAL A 54 -13.68 7.48 -8.66
N THR A 55 -13.99 8.48 -7.85
CA THR A 55 -13.17 9.69 -7.78
C THR A 55 -13.10 10.23 -6.35
N HIS A 56 -12.32 11.28 -6.17
CA HIS A 56 -12.16 11.89 -4.85
C HIS A 56 -11.90 10.84 -3.79
N PHE A 57 -11.13 9.82 -4.16
CA PHE A 57 -10.80 8.74 -3.24
C PHE A 57 -9.61 9.11 -2.35
N ILE A 58 -9.75 8.93 -1.05
CA ILE A 58 -8.69 9.25 -0.11
C ILE A 58 -8.27 8.01 0.69
N CYS A 59 -6.97 7.79 0.78
CA CYS A 59 -6.44 6.65 1.52
C CYS A 59 -5.58 7.10 2.69
N GLN A 60 -6.14 7.02 3.89
CA GLN A 60 -5.43 7.43 5.09
C GLN A 60 -4.87 6.21 5.84
N ALA A 61 -3.98 6.46 6.79
CA ALA A 61 -3.37 5.40 7.58
C ALA A 61 -2.95 5.90 8.95
N ALA A 62 -2.41 5.00 9.76
CA ALA A 62 -1.96 5.35 11.10
C ALA A 62 -0.83 4.43 11.56
N VAL A 63 0.20 5.02 12.14
CA VAL A 63 1.35 4.25 12.62
C VAL A 63 1.75 4.69 14.02
N PRO A 64 2.32 3.75 14.79
CA PRO A 64 2.77 4.02 16.17
C PRO A 64 3.98 4.94 16.22
N LYS A 65 4.03 5.80 17.23
CA LYS A 65 5.13 6.73 17.40
C LYS A 65 6.46 6.08 17.01
N SER A 66 6.65 4.84 17.44
CA SER A 66 7.88 4.11 17.13
C SER A 66 8.28 4.29 15.67
N LEU A 67 7.32 4.09 14.77
CA LEU A 67 7.57 4.25 13.35
C LEU A 67 7.05 5.59 12.84
N GLN A 68 7.48 5.97 11.63
CA GLN A 68 7.06 7.23 11.05
C GLN A 68 6.16 6.98 9.83
N LEU A 69 5.43 8.01 9.42
CA LEU A 69 4.54 7.90 8.28
C LEU A 69 4.60 9.17 7.41
N GLN A 70 4.48 8.99 6.11
CA GLN A 70 4.52 10.11 5.17
C GLN A 70 3.49 9.94 4.07
N LEU A 71 2.49 10.83 4.05
CA LEU A 71 1.44 10.77 3.05
C LEU A 71 1.89 11.43 1.75
N GLN A 72 2.07 10.61 0.72
CA GLN A 72 2.50 11.11 -0.58
C GLN A 72 1.30 11.52 -1.44
N ALA A 73 1.57 12.27 -2.50
CA ALA A 73 0.51 12.73 -3.39
C ALA A 73 0.06 11.62 -4.33
N PRO A 74 -1.26 11.42 -4.43
CA PRO A 74 -1.84 10.39 -5.29
C PRO A 74 -1.69 10.72 -6.77
N SER A 75 -2.22 9.84 -7.62
CA SER A 75 -2.14 10.03 -9.07
C SER A 75 -3.13 11.10 -9.53
N GLY A 76 -4.37 11.00 -9.05
CA GLY A 76 -5.38 11.96 -9.42
C GLY A 76 -6.72 11.68 -8.75
N ASN A 77 -6.66 11.07 -7.57
CA ASN A 77 -7.87 10.74 -6.83
C ASN A 77 -9.00 10.34 -7.77
N THR A 78 -8.63 9.70 -8.88
CA THR A 78 -9.61 9.25 -9.87
C THR A 78 -9.24 7.89 -10.43
N VAL A 79 -10.25 7.04 -10.62
CA VAL A 79 -10.03 5.70 -11.16
C VAL A 79 -11.06 5.35 -12.22
N PRO A 80 -10.58 4.93 -13.40
CA PRO A 80 -11.45 4.57 -14.52
C PRO A 80 -12.22 3.28 -14.27
N ALA A 81 -13.52 3.30 -14.55
CA ALA A 81 -14.35 2.12 -14.35
C ALA A 81 -14.22 1.15 -15.50
N ARG A 82 -13.37 1.49 -16.47
CA ARG A 82 -13.14 0.65 -17.64
C ARG A 82 -11.72 0.11 -17.65
N GLY A 83 -11.33 -0.57 -16.57
CA GLY A 83 -10.00 -1.13 -16.47
C GLY A 83 -8.96 -0.23 -17.10
N GLY A 84 -8.55 0.80 -16.37
CA GLY A 84 -7.55 1.71 -16.89
C GLY A 84 -6.26 1.70 -16.06
N LEU A 85 -6.04 2.75 -15.29
CA LEU A 85 -4.85 2.85 -14.45
C LEU A 85 -5.22 3.16 -13.01
N PRO A 86 -4.92 2.21 -12.11
CA PRO A 86 -5.21 2.36 -10.68
C PRO A 86 -4.33 3.40 -10.01
N ILE A 87 -4.75 3.87 -8.85
CA ILE A 87 -3.99 4.87 -8.11
C ILE A 87 -2.97 4.22 -7.19
N THR A 88 -1.83 4.88 -7.03
CA THR A 88 -0.77 4.36 -6.17
C THR A 88 -0.30 5.42 -5.16
N GLN A 89 -0.34 5.07 -3.89
CA GLN A 89 0.08 5.99 -2.83
C GLN A 89 1.35 5.49 -2.15
N LEU A 90 2.35 6.35 -2.09
CA LEU A 90 3.63 6.00 -1.46
C LEU A 90 3.65 6.46 0.00
N PHE A 91 4.28 5.65 0.85
CA PHE A 91 4.38 5.97 2.26
C PHE A 91 5.77 5.64 2.80
N ARG A 92 6.49 6.67 3.25
CA ARG A 92 7.83 6.48 3.78
C ARG A 92 7.80 6.24 5.29
N ILE A 93 8.01 5.00 5.68
CA ILE A 93 8.00 4.64 7.10
C ILE A 93 9.40 4.31 7.60
N LEU A 94 9.66 4.64 8.87
CA LEU A 94 10.97 4.38 9.46
C LEU A 94 10.87 3.31 10.55
N ASN A 95 11.66 2.25 10.40
CA ASN A 95 11.66 1.17 11.37
C ASN A 95 13.07 0.90 11.88
N PRO A 96 13.80 1.97 12.20
CA PRO A 96 15.18 1.87 12.71
C PRO A 96 15.24 1.29 14.11
N ASN A 97 14.11 1.34 14.81
CA ASN A 97 14.03 0.81 16.18
C ASN A 97 13.83 -0.70 16.17
N LYS A 98 13.96 -1.29 14.99
CA LYS A 98 13.80 -2.74 14.85
C LYS A 98 12.59 -3.24 15.64
N ALA A 99 11.45 -2.59 15.43
CA ALA A 99 10.23 -2.96 16.12
C ALA A 99 9.09 -3.19 15.13
N PRO A 100 8.76 -4.47 14.90
CA PRO A 100 7.69 -4.86 13.98
C PRO A 100 6.31 -4.50 14.52
N LEU A 101 5.77 -3.36 14.07
CA LEU A 101 4.46 -2.92 14.51
C LEU A 101 3.41 -3.16 13.42
N ARG A 102 2.19 -2.72 13.68
CA ARG A 102 1.09 -2.89 12.73
C ARG A 102 0.80 -1.58 12.00
N LEU A 103 -0.12 -1.65 11.04
CA LEU A 103 -0.49 -0.47 10.27
C LEU A 103 -1.99 -0.44 10.00
N LYS A 104 -2.61 0.71 10.24
CA LYS A 104 -4.04 0.87 10.02
C LYS A 104 -4.31 1.54 8.68
N LEU A 105 -5.34 1.06 7.98
CA LEU A 105 -5.71 1.61 6.68
C LEU A 105 -7.16 2.08 6.68
N ARG A 106 -7.39 3.27 6.15
CA ARG A 106 -8.73 3.84 6.09
C ARG A 106 -9.09 4.22 4.66
N LEU A 107 -10.27 3.80 4.22
CA LEU A 107 -10.74 4.10 2.87
C LEU A 107 -11.99 4.97 2.91
N THR A 108 -12.07 5.93 1.98
CA THR A 108 -13.21 6.83 1.91
C THR A 108 -13.37 7.40 0.50
N TYR A 109 -14.52 7.13 -0.12
CA TYR A 109 -14.80 7.62 -1.46
C TYR A 109 -16.27 7.47 -1.80
N ASP A 110 -16.66 7.95 -2.98
CA ASP A 110 -18.04 7.88 -3.42
C ASP A 110 -18.19 6.87 -4.55
N HIS A 111 -19.17 5.96 -4.41
CA HIS A 111 -19.41 4.95 -5.41
C HIS A 111 -20.91 4.82 -5.71
N PHE A 112 -21.25 4.75 -6.99
CA PHE A 112 -22.64 4.63 -7.41
C PHE A 112 -23.52 5.63 -6.66
N HIS A 113 -22.96 6.81 -6.40
CA HIS A 113 -23.70 7.85 -5.69
C HIS A 113 -23.97 7.44 -4.25
N GLN A 114 -23.05 6.69 -3.66
CA GLN A 114 -23.18 6.23 -2.29
C GLN A 114 -21.90 6.45 -1.50
N SER A 115 -22.03 6.83 -0.24
CA SER A 115 -20.89 7.09 0.62
C SER A 115 -20.25 5.77 1.08
N VAL A 116 -19.01 5.55 0.66
CA VAL A 116 -18.29 4.33 1.03
C VAL A 116 -17.26 4.61 2.12
N GLN A 117 -17.50 4.04 3.30
CA GLN A 117 -16.59 4.23 4.42
C GLN A 117 -16.28 2.90 5.11
N GLU A 118 -15.08 2.38 4.86
CA GLU A 118 -14.67 1.11 5.44
C GLU A 118 -13.25 1.21 6.01
N ILE A 119 -13.12 0.97 7.30
CA ILE A 119 -11.83 1.03 7.97
C ILE A 119 -11.41 -0.34 8.49
N PHE A 120 -10.37 -0.90 7.88
CA PHE A 120 -9.87 -2.21 8.28
C PHE A 120 -8.40 -2.14 8.67
N GLU A 121 -7.98 -3.06 9.53
CA GLU A 121 -6.59 -3.09 9.98
C GLU A 121 -5.86 -4.30 9.40
N VAL A 122 -4.63 -4.08 8.96
CA VAL A 122 -3.82 -5.14 8.37
C VAL A 122 -3.02 -5.87 9.45
N ASN A 123 -3.48 -7.06 9.81
CA ASN A 123 -2.81 -7.86 10.82
C ASN A 123 -2.11 -9.07 10.20
N ASN A 124 -1.96 -9.04 8.88
CA ASN A 124 -1.31 -10.12 8.16
C ASN A 124 0.03 -9.67 7.58
N LEU A 125 0.36 -8.40 7.80
CA LEU A 125 1.61 -7.85 7.31
C LEU A 125 2.73 -8.89 7.36
N PRO A 126 3.64 -8.83 6.38
CA PRO A 126 4.78 -9.76 6.30
C PRO A 126 5.80 -9.52 7.39
N VAL A 127 6.69 -10.49 7.59
CA VAL A 127 7.72 -10.40 8.61
C VAL A 127 9.08 -10.09 8.00
N GLU A 128 9.27 -10.52 6.75
CA GLU A 128 10.53 -10.29 6.05
C GLU A 128 10.97 -8.84 6.20
N SER A 129 10.02 -7.95 6.45
CA SER A 129 10.32 -6.53 6.62
C SER A 129 11.27 -6.31 7.78
N TRP A 130 11.04 -7.04 8.87
CA TRP A 130 11.88 -6.92 10.07
C TRP A 130 12.79 -8.14 10.21
N GLN A 131 12.21 -9.33 10.09
CA GLN A 131 12.98 -10.56 10.21
C GLN A 131 14.17 -10.55 9.26
N GLY A 1 27.18 -3.62 -5.40
CA GLY A 1 27.62 -3.83 -6.78
C GLY A 1 27.58 -5.29 -7.18
N SER A 2 27.56 -5.55 -8.48
CA SER A 2 27.53 -6.91 -8.99
C SER A 2 28.62 -7.13 -10.04
N SER A 3 28.63 -6.27 -11.06
CA SER A 3 29.61 -6.37 -12.13
C SER A 3 29.51 -7.72 -12.84
N GLY A 4 28.28 -8.15 -13.11
CA GLY A 4 28.07 -9.42 -13.78
C GLY A 4 27.28 -10.39 -12.94
N SER A 5 26.96 -11.55 -13.51
CA SER A 5 26.19 -12.57 -12.81
C SER A 5 26.92 -13.02 -11.54
N SER A 6 26.28 -12.80 -10.40
CA SER A 6 26.86 -13.18 -9.11
C SER A 6 26.33 -14.54 -8.66
N GLY A 7 25.06 -14.79 -8.91
CA GLY A 7 24.46 -16.04 -8.53
C GLY A 7 22.94 -16.01 -8.59
N PRO A 8 22.29 -16.89 -7.82
CA PRO A 8 20.83 -16.97 -7.76
C PRO A 8 20.20 -15.76 -7.07
N PRO A 9 19.09 -15.28 -7.63
CA PRO A 9 18.37 -14.11 -7.09
C PRO A 9 17.68 -14.42 -5.76
N PRO A 10 17.67 -13.43 -4.87
CA PRO A 10 17.05 -13.56 -3.55
C PRO A 10 15.53 -13.66 -3.62
N ALA A 11 14.88 -13.59 -2.46
CA ALA A 11 13.42 -13.66 -2.40
C ALA A 11 12.85 -12.44 -1.69
N PRO A 12 12.40 -11.45 -2.49
CA PRO A 12 11.82 -10.22 -1.96
C PRO A 12 10.45 -10.45 -1.32
N ILE A 13 9.81 -9.37 -0.91
CA ILE A 13 8.49 -9.45 -0.28
C ILE A 13 7.38 -9.37 -1.32
N PRO A 14 6.60 -10.46 -1.44
CA PRO A 14 5.49 -10.54 -2.40
C PRO A 14 4.33 -9.63 -2.00
N ASP A 15 3.45 -9.35 -2.96
CA ASP A 15 2.30 -8.50 -2.73
C ASP A 15 1.42 -9.08 -1.63
N LEU A 16 0.62 -8.22 -1.01
CA LEU A 16 -0.28 -8.65 0.06
C LEU A 16 -1.65 -8.00 -0.08
N LYS A 17 -2.70 -8.82 -0.02
CA LYS A 17 -4.06 -8.32 -0.15
C LYS A 17 -4.56 -7.77 1.19
N VAL A 18 -5.25 -6.62 1.11
CA VAL A 18 -5.78 -5.99 2.32
C VAL A 18 -7.30 -5.86 2.23
N PHE A 19 -7.80 -5.58 1.03
CA PHE A 19 -9.23 -5.42 0.82
C PHE A 19 -9.64 -5.99 -0.53
N GLU A 20 -10.77 -6.70 -0.55
CA GLU A 20 -11.28 -7.30 -1.78
C GLU A 20 -12.79 -7.16 -1.87
N ARG A 21 -13.26 -6.53 -2.95
CA ARG A 21 -14.69 -6.33 -3.15
C ARG A 21 -15.12 -6.90 -4.50
N GLU A 22 -16.40 -7.31 -4.58
CA GLU A 22 -16.93 -7.87 -5.81
C GLU A 22 -16.38 -7.14 -7.03
N GLY A 23 -16.01 -5.88 -6.85
CA GLY A 23 -15.48 -5.09 -7.94
C GLY A 23 -14.27 -4.27 -7.53
N VAL A 24 -14.33 -3.69 -6.33
CA VAL A 24 -13.23 -2.88 -5.82
C VAL A 24 -12.19 -3.75 -5.11
N GLN A 25 -10.98 -3.74 -5.64
CA GLN A 25 -9.89 -4.52 -5.06
C GLN A 25 -8.73 -3.63 -4.65
N LEU A 26 -8.07 -3.98 -3.56
CA LEU A 26 -6.93 -3.20 -3.07
C LEU A 26 -5.75 -4.11 -2.74
N ASN A 27 -4.63 -3.89 -3.44
CA ASN A 27 -3.44 -4.69 -3.22
C ASN A 27 -2.37 -3.88 -2.49
N LEU A 28 -1.42 -4.58 -1.87
CA LEU A 28 -0.35 -3.93 -1.14
C LEU A 28 1.02 -4.39 -1.64
N SER A 29 1.98 -3.48 -1.68
CA SER A 29 3.32 -3.80 -2.13
C SER A 29 4.38 -3.26 -1.17
N PHE A 30 5.34 -4.10 -0.82
CA PHE A 30 6.41 -3.70 0.10
C PHE A 30 7.72 -3.48 -0.65
N ILE A 31 8.37 -2.36 -0.38
CA ILE A 31 9.63 -2.02 -1.02
C ILE A 31 10.69 -1.66 0.01
N ARG A 32 11.87 -2.26 -0.14
CA ARG A 32 12.98 -1.99 0.78
C ARG A 32 14.25 -1.65 0.01
N PRO A 33 14.61 -0.36 -0.01
CA PRO A 33 15.81 0.12 -0.71
C PRO A 33 17.09 -0.32 -0.02
N PRO A 34 18.15 -0.54 -0.81
CA PRO A 34 19.45 -0.97 -0.30
C PRO A 34 20.15 0.13 0.48
N GLU A 35 20.07 1.36 -0.02
CA GLU A 35 20.70 2.50 0.64
C GLU A 35 20.21 2.64 2.07
N ASN A 36 18.91 2.46 2.27
CA ASN A 36 18.31 2.56 3.60
C ASN A 36 17.57 1.29 3.97
N PRO A 37 18.27 0.37 4.66
CA PRO A 37 17.70 -0.91 5.09
C PRO A 37 16.65 -0.73 6.18
N ALA A 38 16.65 0.43 6.82
CA ALA A 38 15.70 0.72 7.88
C ALA A 38 14.46 1.42 7.34
N LEU A 39 14.48 1.74 6.05
CA LEU A 39 13.37 2.42 5.40
C LEU A 39 12.48 1.42 4.67
N LEU A 40 11.17 1.59 4.82
CA LEU A 40 10.21 0.70 4.17
C LEU A 40 9.21 1.49 3.34
N LEU A 41 9.38 1.46 2.02
CA LEU A 41 8.50 2.17 1.11
C LEU A 41 7.30 1.30 0.73
N ILE A 42 6.11 1.75 1.12
CA ILE A 42 4.88 1.02 0.81
C ILE A 42 4.12 1.69 -0.33
N THR A 43 3.46 0.87 -1.15
CA THR A 43 2.69 1.39 -2.27
C THR A 43 1.29 0.78 -2.30
N ILE A 44 0.33 1.53 -2.83
CA ILE A 44 -1.05 1.06 -2.92
C ILE A 44 -1.48 0.87 -4.37
N THR A 45 -2.32 -0.12 -4.61
CA THR A 45 -2.80 -0.42 -5.95
C THR A 45 -4.32 -0.58 -5.96
N ALA A 46 -5.03 0.54 -6.03
CA ALA A 46 -6.49 0.51 -6.04
C ALA A 46 -7.02 0.32 -7.46
N THR A 47 -7.62 -0.83 -7.72
CA THR A 47 -8.17 -1.14 -9.04
C THR A 47 -9.68 -1.32 -8.98
N ASN A 48 -10.40 -0.58 -9.82
CA ASN A 48 -11.86 -0.67 -9.87
C ASN A 48 -12.33 -1.08 -11.26
N PHE A 49 -13.33 -1.94 -11.30
CA PHE A 49 -13.89 -2.41 -12.56
C PHE A 49 -15.41 -2.23 -12.60
N SER A 50 -16.04 -2.40 -11.45
CA SER A 50 -17.49 -2.27 -11.35
C SER A 50 -18.00 -1.15 -12.27
N GLU A 51 -19.15 -1.38 -12.88
CA GLU A 51 -19.74 -0.40 -13.79
C GLU A 51 -19.72 1.00 -13.17
N GLY A 52 -19.64 1.05 -11.84
CA GLY A 52 -19.61 2.32 -11.15
C GLY A 52 -18.21 2.87 -10.99
N ASP A 53 -18.01 4.12 -11.40
CA ASP A 53 -16.70 4.76 -11.29
C ASP A 53 -16.45 5.25 -9.88
N VAL A 54 -15.17 5.43 -9.54
CA VAL A 54 -14.80 5.90 -8.21
C VAL A 54 -14.05 7.22 -8.29
N THR A 55 -14.60 8.25 -7.64
CA THR A 55 -13.99 9.56 -7.64
C THR A 55 -13.75 10.06 -6.21
N HIS A 56 -13.10 11.22 -6.09
CA HIS A 56 -12.82 11.80 -4.79
C HIS A 56 -12.41 10.72 -3.79
N PHE A 57 -11.45 9.88 -4.19
CA PHE A 57 -10.97 8.80 -3.32
C PHE A 57 -9.81 9.28 -2.47
N ILE A 58 -9.88 8.98 -1.17
CA ILE A 58 -8.82 9.37 -0.24
C ILE A 58 -8.36 8.18 0.59
N CYS A 59 -7.10 7.80 0.43
CA CYS A 59 -6.53 6.68 1.17
C CYS A 59 -5.68 7.17 2.34
N GLN A 60 -6.24 7.11 3.54
CA GLN A 60 -5.53 7.55 4.74
C GLN A 60 -4.94 6.37 5.49
N ALA A 61 -3.97 6.65 6.36
CA ALA A 61 -3.32 5.60 7.15
C ALA A 61 -2.80 6.15 8.46
N ALA A 62 -2.44 5.26 9.37
CA ALA A 62 -1.92 5.66 10.67
C ALA A 62 -0.86 4.67 11.17
N VAL A 63 0.21 5.20 11.74
CA VAL A 63 1.29 4.37 12.25
C VAL A 63 1.71 4.81 13.65
N PRO A 64 2.18 3.85 14.45
CA PRO A 64 2.61 4.11 15.83
C PRO A 64 3.90 4.92 15.89
N LYS A 65 4.03 5.74 16.92
CA LYS A 65 5.22 6.57 17.09
C LYS A 65 6.48 5.81 16.69
N SER A 66 6.55 4.54 17.08
CA SER A 66 7.70 3.70 16.76
C SER A 66 8.13 3.90 15.32
N LEU A 67 7.17 3.84 14.39
CA LEU A 67 7.46 4.01 12.98
C LEU A 67 7.04 5.41 12.51
N GLN A 68 7.33 5.71 11.24
CA GLN A 68 6.98 7.01 10.67
C GLN A 68 6.10 6.84 9.44
N LEU A 69 5.38 7.90 9.08
CA LEU A 69 4.50 7.86 7.92
C LEU A 69 4.56 9.18 7.16
N GLN A 70 4.69 9.09 5.84
CA GLN A 70 4.75 10.27 4.99
C GLN A 70 3.86 10.12 3.77
N LEU A 71 2.85 10.97 3.68
CA LEU A 71 1.91 10.94 2.55
C LEU A 71 2.47 11.71 1.36
N GLN A 72 2.80 10.99 0.29
CA GLN A 72 3.34 11.62 -0.91
C GLN A 72 2.21 12.03 -1.85
N ALA A 73 2.47 13.05 -2.67
CA ALA A 73 1.49 13.55 -3.61
C ALA A 73 1.02 12.45 -4.55
N PRO A 74 -0.27 12.09 -4.47
CA PRO A 74 -0.86 11.06 -5.31
C PRO A 74 -0.97 11.48 -6.78
N SER A 75 -1.52 10.60 -7.60
CA SER A 75 -1.68 10.87 -9.02
C SER A 75 -2.95 11.68 -9.29
N GLY A 76 -4.04 11.26 -8.66
CA GLY A 76 -5.31 11.94 -8.84
C GLY A 76 -6.42 11.31 -8.04
N ASN A 77 -7.47 12.09 -7.77
CA ASN A 77 -8.61 11.60 -7.01
C ASN A 77 -9.70 11.07 -7.92
N THR A 78 -9.29 10.35 -8.96
CA THR A 78 -10.23 9.77 -9.92
C THR A 78 -9.74 8.41 -10.41
N VAL A 79 -10.68 7.48 -10.58
CA VAL A 79 -10.35 6.14 -11.05
C VAL A 79 -11.39 5.65 -12.06
N PRO A 80 -10.90 5.30 -13.26
CA PRO A 80 -11.77 4.79 -14.34
C PRO A 80 -12.32 3.42 -14.04
N ALA A 81 -13.64 3.29 -14.12
CA ALA A 81 -14.31 2.02 -13.86
C ALA A 81 -14.18 1.08 -15.06
N ARG A 82 -13.54 1.56 -16.12
CA ARG A 82 -13.35 0.76 -17.33
C ARG A 82 -11.92 0.21 -17.39
N GLY A 83 -11.49 -0.43 -16.32
CA GLY A 83 -10.16 -1.00 -16.28
C GLY A 83 -9.11 -0.05 -16.83
N GLY A 84 -9.14 1.19 -16.36
CA GLY A 84 -8.17 2.17 -16.83
C GLY A 84 -6.85 2.08 -16.12
N LEU A 85 -6.54 3.07 -15.29
CA LEU A 85 -5.29 3.09 -14.54
C LEU A 85 -5.54 3.38 -13.06
N PRO A 86 -5.08 2.45 -12.20
CA PRO A 86 -5.24 2.58 -10.75
C PRO A 86 -4.39 3.70 -10.16
N ILE A 87 -4.66 4.05 -8.91
CA ILE A 87 -3.91 5.11 -8.23
C ILE A 87 -2.83 4.52 -7.34
N THR A 88 -1.61 5.03 -7.49
CA THR A 88 -0.48 4.56 -6.69
C THR A 88 0.05 5.66 -5.79
N GLN A 89 0.16 5.36 -4.50
CA GLN A 89 0.66 6.34 -3.53
C GLN A 89 1.95 5.85 -2.88
N LEU A 90 2.78 6.79 -2.44
CA LEU A 90 4.04 6.46 -1.80
C LEU A 90 4.02 6.82 -0.32
N PHE A 91 4.59 5.95 0.51
CA PHE A 91 4.64 6.18 1.94
C PHE A 91 5.99 5.76 2.52
N ARG A 92 6.67 6.71 3.17
CA ARG A 92 7.98 6.43 3.76
C ARG A 92 7.84 6.07 5.23
N ILE A 93 8.26 4.86 5.58
CA ILE A 93 8.19 4.38 6.95
C ILE A 93 9.57 4.00 7.48
N LEU A 94 9.84 4.38 8.72
CA LEU A 94 11.13 4.07 9.35
C LEU A 94 10.96 2.99 10.41
N ASN A 95 11.69 1.88 10.24
CA ASN A 95 11.64 0.77 11.18
C ASN A 95 13.03 0.47 11.75
N PRO A 96 13.77 1.52 12.11
CA PRO A 96 15.11 1.39 12.66
C PRO A 96 15.11 0.79 14.07
N ASN A 97 13.98 0.91 14.75
CA ASN A 97 13.84 0.38 16.10
C ASN A 97 13.59 -1.12 16.08
N LYS A 98 13.69 -1.71 14.89
CA LYS A 98 13.47 -3.14 14.72
C LYS A 98 12.27 -3.60 15.53
N ALA A 99 11.15 -2.90 15.37
CA ALA A 99 9.93 -3.24 16.08
C ALA A 99 8.78 -3.51 15.10
N PRO A 100 8.38 -4.78 14.99
CA PRO A 100 7.29 -5.20 14.10
C PRO A 100 5.92 -4.70 14.57
N LEU A 101 5.57 -3.50 14.14
CA LEU A 101 4.29 -2.91 14.51
C LEU A 101 3.23 -3.17 13.44
N ARG A 102 2.04 -2.59 13.63
CA ARG A 102 0.96 -2.77 12.69
C ARG A 102 0.64 -1.46 11.96
N LEU A 103 -0.27 -1.53 11.00
CA LEU A 103 -0.65 -0.35 10.23
C LEU A 103 -2.16 -0.26 10.07
N LYS A 104 -2.69 0.96 10.09
CA LYS A 104 -4.13 1.16 9.95
C LYS A 104 -4.45 1.79 8.60
N LEU A 105 -5.44 1.23 7.92
CA LEU A 105 -5.85 1.73 6.61
C LEU A 105 -7.30 2.20 6.63
N ARG A 106 -7.53 3.42 6.14
CA ARG A 106 -8.87 3.99 6.10
C ARG A 106 -9.26 4.39 4.68
N LEU A 107 -10.33 3.81 4.18
CA LEU A 107 -10.80 4.11 2.83
C LEU A 107 -12.11 4.90 2.87
N THR A 108 -12.14 6.03 2.15
CA THR A 108 -13.33 6.87 2.11
C THR A 108 -13.55 7.44 0.71
N TYR A 109 -14.57 6.94 0.03
CA TYR A 109 -14.89 7.40 -1.32
C TYR A 109 -16.36 7.18 -1.64
N ASP A 110 -16.75 7.56 -2.85
CA ASP A 110 -18.14 7.40 -3.28
C ASP A 110 -18.24 6.45 -4.47
N HIS A 111 -19.02 5.39 -4.31
CA HIS A 111 -19.19 4.41 -5.37
C HIS A 111 -20.66 4.29 -5.77
N PHE A 112 -20.91 3.94 -7.03
CA PHE A 112 -22.27 3.80 -7.53
C PHE A 112 -23.20 4.82 -6.89
N HIS A 113 -22.73 6.07 -6.81
CA HIS A 113 -23.53 7.14 -6.21
C HIS A 113 -23.92 6.80 -4.77
N GLN A 114 -22.92 6.41 -3.98
CA GLN A 114 -23.16 6.05 -2.58
C GLN A 114 -21.90 6.20 -1.75
N SER A 115 -22.05 6.66 -0.52
CA SER A 115 -20.92 6.85 0.38
C SER A 115 -20.36 5.51 0.84
N VAL A 116 -19.05 5.33 0.64
CA VAL A 116 -18.39 4.09 1.04
C VAL A 116 -17.31 4.35 2.08
N GLN A 117 -17.59 4.00 3.33
CA GLN A 117 -16.64 4.20 4.41
C GLN A 117 -16.38 2.90 5.17
N GLU A 118 -15.21 2.31 4.92
CA GLU A 118 -14.84 1.06 5.58
C GLU A 118 -13.43 1.14 6.13
N ILE A 119 -13.31 1.04 7.45
CA ILE A 119 -12.02 1.09 8.11
C ILE A 119 -11.62 -0.28 8.67
N PHE A 120 -10.44 -0.75 8.28
CA PHE A 120 -9.94 -2.04 8.73
C PHE A 120 -8.47 -1.98 9.05
N GLU A 121 -7.97 -2.98 9.77
CA GLU A 121 -6.56 -3.03 10.15
C GLU A 121 -5.89 -4.29 9.60
N VAL A 122 -4.72 -4.11 9.01
CA VAL A 122 -3.98 -5.25 8.44
C VAL A 122 -3.13 -5.92 9.50
N ASN A 123 -3.58 -7.08 9.97
CA ASN A 123 -2.86 -7.83 10.99
C ASN A 123 -2.09 -8.99 10.37
N ASN A 124 -2.21 -9.12 9.05
CA ASN A 124 -1.52 -10.19 8.32
C ASN A 124 -0.34 -9.64 7.53
N LEU A 125 0.39 -8.72 8.15
CA LEU A 125 1.56 -8.11 7.50
C LEU A 125 2.72 -9.10 7.43
N PRO A 126 3.60 -8.90 6.44
CA PRO A 126 4.76 -9.76 6.23
C PRO A 126 5.82 -9.58 7.32
N VAL A 127 6.32 -10.69 7.84
CA VAL A 127 7.34 -10.65 8.89
C VAL A 127 8.66 -10.12 8.35
N GLU A 128 9.01 -10.54 7.13
CA GLU A 128 10.25 -10.10 6.50
C GLU A 128 10.54 -8.63 6.80
N SER A 129 9.50 -7.82 6.78
CA SER A 129 9.63 -6.39 7.05
C SER A 129 10.52 -6.15 8.27
N TRP A 130 10.27 -6.91 9.33
CA TRP A 130 11.04 -6.80 10.56
C TRP A 130 12.15 -7.84 10.62
N GLN A 131 11.78 -9.09 10.31
CA GLN A 131 12.74 -10.18 10.33
C GLN A 131 13.70 -10.10 9.15
N GLY A 1 36.60 -13.66 2.10
CA GLY A 1 35.16 -13.47 2.05
C GLY A 1 34.77 -12.14 1.45
N SER A 2 34.64 -12.11 0.13
CA SER A 2 34.27 -10.89 -0.57
C SER A 2 32.94 -11.06 -1.31
N SER A 3 31.95 -10.26 -0.92
CA SER A 3 30.63 -10.33 -1.53
C SER A 3 30.31 -9.04 -2.28
N GLY A 4 29.97 -9.16 -3.56
CA GLY A 4 29.65 -8.00 -4.36
C GLY A 4 28.15 -7.77 -4.49
N SER A 5 27.74 -7.16 -5.60
CA SER A 5 26.32 -6.88 -5.83
C SER A 5 25.63 -8.08 -6.46
N SER A 6 26.28 -8.67 -7.48
CA SER A 6 25.73 -9.82 -8.17
C SER A 6 25.91 -11.09 -7.35
N GLY A 7 24.86 -11.90 -7.28
CA GLY A 7 24.92 -13.14 -6.52
C GLY A 7 23.69 -14.00 -6.71
N PRO A 8 23.39 -14.85 -5.72
CA PRO A 8 22.24 -15.74 -5.76
C PRO A 8 20.91 -15.00 -5.65
N PRO A 9 19.81 -15.69 -5.96
CA PRO A 9 18.47 -15.11 -5.90
C PRO A 9 18.01 -14.84 -4.47
N PRO A 10 17.83 -13.55 -4.14
CA PRO A 10 17.39 -13.13 -2.81
C PRO A 10 15.95 -13.50 -2.52
N ALA A 11 15.40 -12.96 -1.43
CA ALA A 11 14.03 -13.23 -1.06
C ALA A 11 13.20 -11.95 -1.01
N PRO A 12 12.46 -11.68 -2.09
CA PRO A 12 11.62 -10.49 -2.20
C PRO A 12 10.42 -10.55 -1.27
N ILE A 13 9.51 -9.57 -1.41
CA ILE A 13 8.32 -9.52 -0.58
C ILE A 13 7.07 -9.72 -1.41
N PRO A 14 6.28 -10.75 -1.07
CA PRO A 14 5.03 -11.08 -1.77
C PRO A 14 3.94 -10.03 -1.53
N ASP A 15 2.95 -10.02 -2.41
CA ASP A 15 1.84 -9.08 -2.30
C ASP A 15 1.00 -9.37 -1.06
N LEU A 16 0.12 -8.45 -0.71
CA LEU A 16 -0.75 -8.61 0.45
C LEU A 16 -2.13 -8.01 0.19
N LYS A 17 -3.16 -8.84 0.28
CA LYS A 17 -4.53 -8.39 0.07
C LYS A 17 -5.09 -7.72 1.32
N VAL A 18 -5.48 -6.46 1.18
CA VAL A 18 -6.04 -5.71 2.31
C VAL A 18 -7.54 -5.55 2.17
N PHE A 19 -8.02 -5.49 0.93
CA PHE A 19 -9.44 -5.35 0.66
C PHE A 19 -9.81 -5.97 -0.68
N GLU A 20 -10.97 -6.63 -0.72
CA GLU A 20 -11.44 -7.28 -1.94
C GLU A 20 -12.95 -7.11 -2.10
N ARG A 21 -13.34 -6.30 -3.07
CA ARG A 21 -14.76 -6.04 -3.34
C ARG A 21 -15.19 -6.67 -4.65
N GLU A 22 -16.44 -7.12 -4.71
CA GLU A 22 -16.97 -7.74 -5.91
C GLU A 22 -16.58 -6.95 -7.15
N GLY A 23 -16.31 -5.66 -6.97
CA GLY A 23 -15.93 -4.81 -8.08
C GLY A 23 -14.58 -4.16 -7.88
N VAL A 24 -14.37 -3.59 -6.70
CA VAL A 24 -13.11 -2.93 -6.39
C VAL A 24 -12.12 -3.91 -5.77
N GLN A 25 -10.83 -3.62 -5.93
CA GLN A 25 -9.79 -4.48 -5.38
C GLN A 25 -8.59 -3.65 -4.91
N LEU A 26 -8.14 -3.92 -3.69
CA LEU A 26 -7.00 -3.21 -3.13
C LEU A 26 -5.87 -4.17 -2.78
N ASN A 27 -4.66 -3.86 -3.25
CA ASN A 27 -3.50 -4.69 -2.98
C ASN A 27 -2.41 -3.89 -2.27
N LEU A 28 -1.48 -4.60 -1.65
CA LEU A 28 -0.38 -3.96 -0.93
C LEU A 28 0.96 -4.48 -1.41
N SER A 29 1.97 -3.62 -1.41
CA SER A 29 3.31 -3.99 -1.84
C SER A 29 4.37 -3.33 -0.97
N PHE A 30 5.33 -4.12 -0.51
CA PHE A 30 6.40 -3.61 0.34
C PHE A 30 7.71 -3.50 -0.44
N ILE A 31 8.50 -2.47 -0.12
CA ILE A 31 9.77 -2.26 -0.80
C ILE A 31 10.87 -1.91 0.20
N ARG A 32 12.01 -2.59 0.08
CA ARG A 32 13.13 -2.35 0.97
C ARG A 32 14.38 -1.94 0.18
N PRO A 33 14.62 -0.62 0.12
CA PRO A 33 15.77 -0.07 -0.60
C PRO A 33 17.09 -0.39 0.09
N PRO A 34 18.14 -0.58 -0.71
CA PRO A 34 19.49 -0.89 -0.21
C PRO A 34 20.12 0.30 0.51
N GLU A 35 19.91 1.49 -0.02
CA GLU A 35 20.46 2.70 0.57
C GLU A 35 19.96 2.89 2.00
N ASN A 36 18.68 2.63 2.22
CA ASN A 36 18.08 2.77 3.55
C ASN A 36 17.32 1.51 3.93
N PRO A 37 17.98 0.61 4.66
CA PRO A 37 17.38 -0.65 5.10
C PRO A 37 16.31 -0.44 6.17
N ALA A 38 16.35 0.72 6.82
CA ALA A 38 15.38 1.05 7.85
C ALA A 38 14.18 1.76 7.27
N LEU A 39 14.22 2.02 5.97
CA LEU A 39 13.12 2.71 5.28
C LEU A 39 12.23 1.72 4.55
N LEU A 40 10.97 1.66 4.98
CA LEU A 40 10.00 0.74 4.37
C LEU A 40 9.04 1.50 3.47
N LEU A 41 9.22 1.37 2.16
CA LEU A 41 8.34 2.04 1.19
C LEU A 41 7.19 1.13 0.77
N ILE A 42 5.98 1.53 1.12
CA ILE A 42 4.79 0.76 0.78
C ILE A 42 4.03 1.41 -0.37
N THR A 43 3.40 0.57 -1.21
CA THR A 43 2.64 1.07 -2.34
C THR A 43 1.27 0.39 -2.42
N ILE A 44 0.24 1.19 -2.67
CA ILE A 44 -1.12 0.67 -2.77
C ILE A 44 -1.59 0.63 -4.22
N THR A 45 -2.53 -0.26 -4.51
CA THR A 45 -3.07 -0.39 -5.86
C THR A 45 -4.57 -0.67 -5.83
N ALA A 46 -5.36 0.33 -6.20
CA ALA A 46 -6.81 0.20 -6.21
C ALA A 46 -7.34 0.13 -7.65
N THR A 47 -7.95 -1.00 -7.99
CA THR A 47 -8.50 -1.19 -9.32
C THR A 47 -10.02 -1.20 -9.30
N ASN A 48 -10.64 -0.68 -10.35
CA ASN A 48 -12.08 -0.63 -10.45
C ASN A 48 -12.56 -1.27 -11.75
N PHE A 49 -13.66 -2.02 -11.67
CA PHE A 49 -14.21 -2.69 -12.84
C PHE A 49 -15.71 -2.39 -12.97
N SER A 50 -16.38 -2.23 -11.83
CA SER A 50 -17.80 -1.94 -11.82
C SER A 50 -18.14 -0.80 -12.77
N GLU A 51 -19.43 -0.55 -12.95
CA GLU A 51 -19.89 0.52 -13.84
C GLU A 51 -19.67 1.89 -13.20
N GLY A 52 -19.94 1.98 -11.90
CA GLY A 52 -19.77 3.23 -11.20
C GLY A 52 -18.31 3.62 -11.04
N ASP A 53 -17.98 4.86 -11.39
CA ASP A 53 -16.61 5.35 -11.31
C ASP A 53 -16.27 5.74 -9.86
N VAL A 54 -15.01 5.55 -9.49
CA VAL A 54 -14.56 5.89 -8.15
C VAL A 54 -13.73 7.17 -8.14
N THR A 55 -14.32 8.25 -7.65
CA THR A 55 -13.64 9.54 -7.59
C THR A 55 -13.53 10.04 -6.15
N HIS A 56 -12.89 11.19 -5.98
CA HIS A 56 -12.72 11.79 -4.66
C HIS A 56 -12.37 10.71 -3.63
N PHE A 57 -11.48 9.80 -4.01
CA PHE A 57 -11.06 8.72 -3.12
C PHE A 57 -9.91 9.17 -2.22
N ILE A 58 -10.04 8.94 -0.93
CA ILE A 58 -9.03 9.32 0.04
C ILE A 58 -8.48 8.10 0.77
N CYS A 59 -7.16 8.01 0.86
CA CYS A 59 -6.51 6.90 1.53
C CYS A 59 -5.64 7.39 2.69
N GLN A 60 -6.12 7.19 3.91
CA GLN A 60 -5.39 7.62 5.10
C GLN A 60 -4.82 6.42 5.85
N ALA A 61 -3.86 6.68 6.73
CA ALA A 61 -3.24 5.62 7.51
C ALA A 61 -2.71 6.16 8.84
N ALA A 62 -2.35 5.26 9.74
CA ALA A 62 -1.84 5.64 11.05
C ALA A 62 -0.74 4.68 11.51
N VAL A 63 0.29 5.23 12.14
CA VAL A 63 1.40 4.42 12.63
C VAL A 63 1.86 4.89 14.01
N PRO A 64 2.36 3.94 14.82
CA PRO A 64 2.84 4.23 16.18
C PRO A 64 4.11 5.07 16.17
N LYS A 65 4.34 5.80 17.26
CA LYS A 65 5.51 6.65 17.38
C LYS A 65 6.75 5.92 16.86
N SER A 66 7.00 4.73 17.37
CA SER A 66 8.15 3.94 16.96
C SER A 66 8.43 4.13 15.47
N LEU A 67 7.39 3.98 14.65
CA LEU A 67 7.53 4.14 13.21
C LEU A 67 6.97 5.49 12.76
N GLN A 68 7.31 5.88 11.53
CA GLN A 68 6.85 7.15 10.98
C GLN A 68 5.99 6.92 9.73
N LEU A 69 5.25 7.95 9.33
CA LEU A 69 4.39 7.86 8.17
C LEU A 69 4.39 9.18 7.39
N GLN A 70 4.36 9.07 6.06
CA GLN A 70 4.36 10.25 5.21
C GLN A 70 3.51 10.03 3.97
N LEU A 71 2.40 10.75 3.87
CA LEU A 71 1.50 10.63 2.73
C LEU A 71 2.06 11.35 1.51
N GLN A 72 2.43 10.58 0.49
CA GLN A 72 2.97 11.14 -0.74
C GLN A 72 1.86 11.54 -1.70
N ALA A 73 2.09 12.60 -2.46
CA ALA A 73 1.11 13.08 -3.42
C ALA A 73 0.85 12.05 -4.51
N PRO A 74 -0.39 11.52 -4.55
CA PRO A 74 -0.78 10.52 -5.53
C PRO A 74 -0.88 11.09 -6.94
N SER A 75 -1.22 10.24 -7.90
CA SER A 75 -1.33 10.66 -9.29
C SER A 75 -2.67 11.34 -9.54
N GLY A 76 -3.74 10.73 -9.05
CA GLY A 76 -5.07 11.28 -9.22
C GLY A 76 -6.13 10.54 -8.43
N ASN A 77 -7.05 11.29 -7.83
CA ASN A 77 -8.12 10.69 -7.05
C ASN A 77 -9.28 10.26 -7.93
N THR A 78 -8.96 9.75 -9.11
CA THR A 78 -9.98 9.30 -10.06
C THR A 78 -9.63 7.94 -10.63
N VAL A 79 -10.55 7.00 -10.52
CA VAL A 79 -10.35 5.65 -11.04
C VAL A 79 -11.42 5.28 -12.05
N PRO A 80 -10.99 4.88 -13.26
CA PRO A 80 -11.89 4.50 -14.34
C PRO A 80 -12.58 3.17 -14.06
N ALA A 81 -13.91 3.17 -14.17
CA ALA A 81 -14.70 1.96 -13.94
C ALA A 81 -14.55 0.98 -15.09
N ARG A 82 -13.76 1.36 -16.09
CA ARG A 82 -13.54 0.51 -17.26
C ARG A 82 -12.12 -0.03 -17.27
N GLY A 83 -11.71 -0.64 -16.16
CA GLY A 83 -10.37 -1.20 -16.07
C GLY A 83 -9.33 -0.32 -16.75
N GLY A 84 -9.14 0.88 -16.22
CA GLY A 84 -8.17 1.80 -16.79
C GLY A 84 -6.84 1.77 -16.06
N LEU A 85 -6.62 2.77 -15.22
CA LEU A 85 -5.37 2.85 -14.45
C LEU A 85 -5.65 3.14 -12.99
N PRO A 86 -5.23 2.22 -12.11
CA PRO A 86 -5.42 2.35 -10.67
C PRO A 86 -4.56 3.45 -10.06
N ILE A 87 -4.81 3.77 -8.80
CA ILE A 87 -4.06 4.81 -8.11
C ILE A 87 -2.99 4.21 -7.19
N THR A 88 -1.90 4.93 -6.99
CA THR A 88 -0.82 4.47 -6.13
C THR A 88 -0.34 5.57 -5.20
N GLN A 89 -0.13 5.23 -3.94
CA GLN A 89 0.32 6.20 -2.95
C GLN A 89 1.60 5.71 -2.26
N LEU A 90 2.61 6.57 -2.23
CA LEU A 90 3.88 6.24 -1.61
C LEU A 90 3.89 6.63 -0.13
N PHE A 91 4.54 5.82 0.70
CA PHE A 91 4.63 6.09 2.13
C PHE A 91 6.03 5.81 2.65
N ARG A 92 6.60 6.79 3.35
CA ARG A 92 7.94 6.65 3.91
C ARG A 92 7.89 6.35 5.40
N ILE A 93 8.12 5.09 5.76
CA ILE A 93 8.09 4.67 7.15
C ILE A 93 9.50 4.37 7.66
N LEU A 94 9.76 4.73 8.91
CA LEU A 94 11.06 4.49 9.52
C LEU A 94 10.99 3.37 10.55
N ASN A 95 11.83 2.36 10.38
CA ASN A 95 11.86 1.22 11.31
C ASN A 95 13.28 0.99 11.83
N PRO A 96 13.95 2.08 12.22
CA PRO A 96 15.31 2.02 12.76
C PRO A 96 15.37 1.36 14.13
N ASN A 97 14.21 1.20 14.75
CA ASN A 97 14.13 0.58 16.07
C ASN A 97 13.90 -0.92 15.96
N LYS A 98 13.71 -1.40 14.74
CA LYS A 98 13.49 -2.81 14.49
C LYS A 98 12.32 -3.33 15.33
N ALA A 99 11.24 -2.58 15.36
CA ALA A 99 10.05 -2.96 16.12
C ALA A 99 8.86 -3.18 15.20
N PRO A 100 8.50 -4.45 14.99
CA PRO A 100 7.36 -4.82 14.13
C PRO A 100 6.03 -4.44 14.75
N LEU A 101 5.41 -3.40 14.23
CA LEU A 101 4.12 -2.94 14.74
C LEU A 101 3.01 -3.17 13.71
N ARG A 102 1.81 -2.70 14.02
CA ARG A 102 0.67 -2.86 13.11
C ARG A 102 0.41 -1.57 12.33
N LEU A 103 -0.56 -1.61 11.43
CA LEU A 103 -0.91 -0.45 10.63
C LEU A 103 -2.42 -0.35 10.44
N LYS A 104 -2.93 0.88 10.49
CA LYS A 104 -4.37 1.12 10.32
C LYS A 104 -4.64 1.84 9.01
N LEU A 105 -5.35 1.16 8.11
CA LEU A 105 -5.70 1.74 6.82
C LEU A 105 -7.15 2.20 6.79
N ARG A 106 -7.39 3.38 6.22
CA ARG A 106 -8.73 3.92 6.13
C ARG A 106 -9.06 4.34 4.69
N LEU A 107 -10.14 3.78 4.16
CA LEU A 107 -10.55 4.10 2.80
C LEU A 107 -11.94 4.73 2.78
N THR A 108 -12.04 5.92 2.19
CA THR A 108 -13.31 6.63 2.11
C THR A 108 -13.48 7.29 0.76
N TYR A 109 -14.38 6.75 -0.06
CA TYR A 109 -14.65 7.28 -1.39
C TYR A 109 -16.14 7.22 -1.71
N ASP A 110 -16.47 7.59 -2.95
CA ASP A 110 -17.86 7.57 -3.39
C ASP A 110 -18.03 6.66 -4.60
N HIS A 111 -18.96 5.71 -4.49
CA HIS A 111 -19.22 4.77 -5.58
C HIS A 111 -20.70 4.71 -5.90
N PHE A 112 -21.03 4.88 -7.18
CA PHE A 112 -22.43 4.85 -7.62
C PHE A 112 -23.23 5.97 -6.96
N HIS A 113 -22.60 7.13 -6.82
CA HIS A 113 -23.27 8.28 -6.20
C HIS A 113 -23.67 7.96 -4.76
N GLN A 114 -22.79 7.29 -4.04
CA GLN A 114 -23.06 6.93 -2.65
C GLN A 114 -21.78 6.94 -1.82
N SER A 115 -21.92 7.25 -0.53
CA SER A 115 -20.77 7.30 0.36
C SER A 115 -20.28 5.90 0.70
N VAL A 116 -19.08 5.57 0.24
CA VAL A 116 -18.49 4.26 0.49
C VAL A 116 -17.18 4.38 1.26
N GLN A 117 -17.23 4.04 2.54
CA GLN A 117 -16.04 4.11 3.39
C GLN A 117 -15.88 2.84 4.22
N GLU A 118 -14.71 2.23 4.13
CA GLU A 118 -14.43 0.99 4.86
C GLU A 118 -13.08 1.08 5.58
N ILE A 119 -13.07 0.71 6.85
CA ILE A 119 -11.85 0.74 7.65
C ILE A 119 -11.42 -0.67 8.06
N PHE A 120 -10.15 -0.98 7.82
CA PHE A 120 -9.61 -2.29 8.16
C PHE A 120 -8.14 -2.18 8.58
N GLU A 121 -7.64 -3.23 9.21
CA GLU A 121 -6.25 -3.26 9.66
C GLU A 121 -5.53 -4.50 9.15
N VAL A 122 -4.28 -4.32 8.73
CA VAL A 122 -3.48 -5.43 8.21
C VAL A 122 -2.82 -6.20 9.35
N ASN A 123 -3.02 -7.51 9.36
CA ASN A 123 -2.44 -8.37 10.40
C ASN A 123 -1.63 -9.49 9.77
N ASN A 124 -1.68 -9.59 8.45
CA ASN A 124 -0.95 -10.63 7.72
C ASN A 124 0.35 -10.08 7.14
N LEU A 125 0.80 -8.95 7.69
CA LEU A 125 2.02 -8.31 7.21
C LEU A 125 3.17 -9.32 7.15
N PRO A 126 4.00 -9.21 6.11
CA PRO A 126 5.15 -10.11 5.91
C PRO A 126 6.25 -9.88 6.93
N VAL A 127 7.02 -10.91 7.23
CA VAL A 127 8.11 -10.82 8.19
C VAL A 127 9.29 -10.03 7.61
N GLU A 128 9.54 -10.21 6.32
CA GLU A 128 10.63 -9.51 5.65
C GLU A 128 10.70 -8.05 6.10
N SER A 129 9.54 -7.46 6.35
CA SER A 129 9.47 -6.07 6.78
C SER A 129 10.51 -5.78 7.85
N TRP A 130 10.65 -6.70 8.79
CA TRP A 130 11.62 -6.55 9.87
C TRP A 130 12.79 -7.53 9.71
N GLN A 131 12.46 -8.77 9.37
CA GLN A 131 13.48 -9.80 9.18
C GLN A 131 14.30 -9.53 7.92
N GLY A 1 27.71 -21.74 -21.47
CA GLY A 1 26.87 -21.02 -20.54
C GLY A 1 27.66 -20.08 -19.65
N SER A 2 27.96 -20.53 -18.43
CA SER A 2 28.71 -19.71 -17.49
C SER A 2 29.82 -20.52 -16.83
N SER A 3 29.47 -21.73 -16.39
CA SER A 3 30.43 -22.61 -15.74
C SER A 3 31.33 -21.83 -14.79
N GLY A 4 30.73 -20.90 -14.04
CA GLY A 4 31.50 -20.10 -13.11
C GLY A 4 30.72 -19.79 -11.84
N SER A 5 31.31 -18.98 -10.96
CA SER A 5 30.66 -18.61 -9.71
C SER A 5 29.17 -18.40 -9.90
N SER A 6 28.37 -19.19 -9.20
CA SER A 6 26.91 -19.10 -9.30
C SER A 6 26.31 -18.62 -7.97
N GLY A 7 25.22 -17.87 -8.07
CA GLY A 7 24.57 -17.37 -6.87
C GLY A 7 23.06 -17.53 -6.93
N PRO A 8 22.48 -18.13 -5.87
CA PRO A 8 21.05 -18.35 -5.78
C PRO A 8 20.26 -17.05 -5.61
N PRO A 9 19.04 -17.02 -6.15
CA PRO A 9 18.16 -15.84 -6.07
C PRO A 9 17.64 -15.60 -4.66
N PRO A 10 17.58 -14.33 -4.25
CA PRO A 10 17.10 -13.94 -2.92
C PRO A 10 15.60 -14.17 -2.76
N ALA A 11 15.07 -13.74 -1.62
CA ALA A 11 13.64 -13.89 -1.33
C ALA A 11 12.99 -12.55 -1.04
N PRO A 12 12.35 -11.96 -2.05
CA PRO A 12 11.69 -10.66 -1.91
C PRO A 12 10.43 -10.74 -1.05
N ILE A 13 9.59 -9.72 -1.13
CA ILE A 13 8.35 -9.68 -0.35
C ILE A 13 7.14 -9.89 -1.24
N PRO A 14 6.36 -10.94 -0.95
CA PRO A 14 5.15 -11.27 -1.70
C PRO A 14 4.03 -10.26 -1.49
N ASP A 15 3.14 -10.15 -2.48
CA ASP A 15 2.02 -9.21 -2.39
C ASP A 15 0.95 -9.74 -1.44
N LEU A 16 0.28 -8.82 -0.75
CA LEU A 16 -0.78 -9.19 0.18
C LEU A 16 -2.09 -8.50 -0.17
N LYS A 17 -3.19 -9.03 0.36
CA LYS A 17 -4.51 -8.47 0.10
C LYS A 17 -5.04 -7.75 1.33
N VAL A 18 -5.73 -6.63 1.10
CA VAL A 18 -6.30 -5.85 2.19
C VAL A 18 -7.80 -5.64 2.00
N PHE A 19 -8.19 -5.39 0.77
CA PHE A 19 -9.60 -5.17 0.44
C PHE A 19 -9.96 -5.80 -0.90
N GLU A 20 -11.11 -6.46 -0.94
CA GLU A 20 -11.57 -7.12 -2.16
C GLU A 20 -13.07 -6.96 -2.33
N ARG A 21 -13.47 -6.26 -3.39
CA ARG A 21 -14.88 -6.02 -3.68
C ARG A 21 -15.28 -6.63 -5.01
N GLU A 22 -16.55 -7.01 -5.14
CA GLU A 22 -17.06 -7.61 -6.37
C GLU A 22 -16.66 -6.78 -7.58
N GLY A 23 -16.28 -5.52 -7.34
CA GLY A 23 -15.89 -4.64 -8.42
C GLY A 23 -14.49 -4.08 -8.23
N VAL A 24 -14.26 -3.46 -7.08
CA VAL A 24 -12.95 -2.89 -6.77
C VAL A 24 -12.05 -3.89 -6.09
N GLN A 25 -10.74 -3.71 -6.23
CA GLN A 25 -9.77 -4.61 -5.62
C GLN A 25 -8.52 -3.85 -5.19
N LEU A 26 -8.21 -3.90 -3.90
CA LEU A 26 -7.04 -3.22 -3.36
C LEU A 26 -5.95 -4.22 -2.97
N ASN A 27 -4.73 -3.96 -3.42
CA ASN A 27 -3.61 -4.83 -3.12
C ASN A 27 -2.51 -4.08 -2.36
N LEU A 28 -1.66 -4.83 -1.66
CA LEU A 28 -0.58 -4.23 -0.89
C LEU A 28 0.78 -4.61 -1.48
N SER A 29 1.72 -3.68 -1.42
CA SER A 29 3.06 -3.91 -1.95
C SER A 29 4.11 -3.28 -1.05
N PHE A 30 5.13 -4.06 -0.69
CA PHE A 30 6.21 -3.59 0.16
C PHE A 30 7.50 -3.39 -0.63
N ILE A 31 8.27 -2.37 -0.26
CA ILE A 31 9.52 -2.08 -0.95
C ILE A 31 10.61 -1.72 0.05
N ARG A 32 11.73 -2.43 -0.03
CA ARG A 32 12.86 -2.20 0.87
C ARG A 32 14.09 -1.74 0.10
N PRO A 33 14.34 -0.42 0.10
CA PRO A 33 15.48 0.17 -0.61
C PRO A 33 16.81 -0.18 0.05
N PRO A 34 17.87 -0.29 -0.77
CA PRO A 34 19.22 -0.62 -0.29
C PRO A 34 19.83 0.51 0.54
N GLU A 35 19.63 1.74 0.08
CA GLU A 35 20.17 2.91 0.77
C GLU A 35 19.60 3.02 2.17
N ASN A 36 18.29 2.78 2.30
CA ASN A 36 17.62 2.86 3.58
C ASN A 36 16.94 1.53 3.92
N PRO A 37 17.68 0.66 4.62
CA PRO A 37 17.16 -0.65 5.03
C PRO A 37 16.08 -0.55 6.10
N ALA A 38 16.22 0.42 6.98
CA ALA A 38 15.26 0.63 8.06
C ALA A 38 14.00 1.32 7.54
N LEU A 39 14.02 1.67 6.26
CA LEU A 39 12.87 2.33 5.64
C LEU A 39 11.97 1.33 4.93
N LEU A 40 10.66 1.46 5.15
CA LEU A 40 9.70 0.57 4.53
C LEU A 40 8.73 1.34 3.65
N LEU A 41 8.92 1.25 2.33
CA LEU A 41 8.05 1.93 1.38
C LEU A 41 6.90 1.04 0.95
N ILE A 42 5.68 1.45 1.26
CA ILE A 42 4.50 0.69 0.91
C ILE A 42 3.77 1.32 -0.28
N THR A 43 3.24 0.48 -1.16
CA THR A 43 2.52 0.96 -2.34
C THR A 43 1.11 0.38 -2.40
N ILE A 44 0.16 1.18 -2.86
CA ILE A 44 -1.22 0.75 -2.98
C ILE A 44 -1.67 0.69 -4.44
N THR A 45 -2.53 -0.27 -4.75
CA THR A 45 -3.04 -0.44 -6.11
C THR A 45 -4.55 -0.63 -6.11
N ALA A 46 -5.28 0.47 -6.19
CA ALA A 46 -6.74 0.43 -6.21
C ALA A 46 -7.26 0.33 -7.64
N THR A 47 -7.85 -0.82 -7.97
CA THR A 47 -8.39 -1.05 -9.30
C THR A 47 -9.91 -1.18 -9.26
N ASN A 48 -10.59 -0.41 -10.10
CA ASN A 48 -12.04 -0.42 -10.15
C ASN A 48 -12.52 -1.01 -11.48
N PHE A 49 -13.36 -2.04 -11.40
CA PHE A 49 -13.90 -2.69 -12.59
C PHE A 49 -15.42 -2.77 -12.52
N SER A 50 -16.02 -1.96 -11.66
CA SER A 50 -17.47 -1.95 -11.50
C SER A 50 -18.13 -1.17 -12.64
N GLU A 51 -19.45 -1.01 -12.55
CA GLU A 51 -20.20 -0.30 -13.58
C GLU A 51 -20.12 1.20 -13.36
N GLY A 52 -19.90 1.61 -12.12
CA GLY A 52 -19.81 3.02 -11.79
C GLY A 52 -18.39 3.47 -11.57
N ASP A 53 -18.09 4.72 -11.95
CA ASP A 53 -16.76 5.27 -11.79
C ASP A 53 -16.56 5.82 -10.38
N VAL A 54 -15.31 5.89 -9.95
CA VAL A 54 -14.98 6.38 -8.62
C VAL A 54 -14.13 7.64 -8.69
N THR A 55 -14.39 8.59 -7.80
CA THR A 55 -13.65 9.85 -7.77
C THR A 55 -13.35 10.27 -6.34
N HIS A 56 -12.70 11.43 -6.19
CA HIS A 56 -12.36 11.95 -4.87
C HIS A 56 -11.86 10.82 -3.96
N PHE A 57 -10.99 9.98 -4.49
CA PHE A 57 -10.43 8.87 -3.72
C PHE A 57 -9.33 9.34 -2.79
N ILE A 58 -9.46 9.03 -1.51
CA ILE A 58 -8.48 9.43 -0.52
C ILE A 58 -8.08 8.25 0.37
N CYS A 59 -6.80 7.93 0.38
CA CYS A 59 -6.30 6.82 1.19
C CYS A 59 -5.49 7.34 2.38
N GLN A 60 -5.98 7.09 3.59
CA GLN A 60 -5.30 7.53 4.80
C GLN A 60 -4.74 6.34 5.57
N ALA A 61 -3.87 6.62 6.53
CA ALA A 61 -3.26 5.59 7.34
C ALA A 61 -2.84 6.12 8.71
N ALA A 62 -2.42 5.23 9.59
CA ALA A 62 -1.99 5.60 10.93
C ALA A 62 -0.94 4.65 11.47
N VAL A 63 0.17 5.21 11.95
CA VAL A 63 1.26 4.41 12.49
C VAL A 63 1.63 4.87 13.89
N PRO A 64 2.13 3.93 14.70
CA PRO A 64 2.53 4.21 16.09
C PRO A 64 3.79 5.07 16.16
N LYS A 65 3.97 5.76 17.29
CA LYS A 65 5.12 6.61 17.48
C LYS A 65 6.41 5.90 17.08
N SER A 66 6.54 4.64 17.50
CA SER A 66 7.72 3.84 17.19
C SER A 66 8.14 4.05 15.73
N LEU A 67 7.17 3.98 14.83
CA LEU A 67 7.44 4.15 13.40
C LEU A 67 6.93 5.51 12.92
N GLN A 68 7.44 5.95 11.77
CA GLN A 68 7.03 7.22 11.20
C GLN A 68 6.15 7.01 9.97
N LEU A 69 5.39 8.04 9.62
CA LEU A 69 4.50 7.96 8.45
C LEU A 69 4.60 9.22 7.60
N GLN A 70 4.59 9.03 6.28
CA GLN A 70 4.69 10.16 5.36
C GLN A 70 3.80 9.94 4.14
N LEU A 71 2.79 10.79 3.99
CA LEU A 71 1.87 10.69 2.87
C LEU A 71 2.40 11.44 1.66
N GLN A 72 2.72 10.71 0.60
CA GLN A 72 3.23 11.30 -0.62
C GLN A 72 2.10 11.67 -1.57
N ALA A 73 2.23 12.82 -2.23
CA ALA A 73 1.21 13.28 -3.17
C ALA A 73 0.84 12.18 -4.16
N PRO A 74 -0.47 11.93 -4.31
CA PRO A 74 -0.97 10.91 -5.23
C PRO A 74 -0.79 11.30 -6.69
N SER A 75 -1.31 10.46 -7.59
CA SER A 75 -1.19 10.73 -9.02
C SER A 75 -2.52 11.18 -9.61
N GLY A 76 -3.61 10.84 -8.91
CA GLY A 76 -4.92 11.22 -9.38
C GLY A 76 -6.02 10.86 -8.39
N ASN A 77 -7.17 11.52 -8.51
CA ASN A 77 -8.29 11.26 -7.62
C ASN A 77 -9.48 10.70 -8.38
N THR A 78 -9.21 10.15 -9.56
CA THR A 78 -10.26 9.57 -10.40
C THR A 78 -9.87 8.19 -10.89
N VAL A 79 -10.82 7.25 -10.87
CA VAL A 79 -10.58 5.89 -11.31
C VAL A 79 -11.66 5.43 -12.28
N PRO A 80 -11.24 4.90 -13.44
CA PRO A 80 -12.15 4.41 -14.47
C PRO A 80 -12.87 3.14 -14.04
N ALA A 81 -14.13 3.01 -14.45
CA ALA A 81 -14.93 1.84 -14.12
C ALA A 81 -14.87 0.79 -15.22
N ARG A 82 -13.94 0.98 -16.16
CA ARG A 82 -13.76 0.05 -17.26
C ARG A 82 -12.36 -0.55 -17.25
N GLY A 83 -11.82 -0.76 -16.07
CA GLY A 83 -10.48 -1.33 -15.95
C GLY A 83 -9.44 -0.52 -16.70
N GLY A 84 -9.24 0.72 -16.26
CA GLY A 84 -8.27 1.59 -16.91
C GLY A 84 -6.93 1.58 -16.20
N LEU A 85 -6.67 2.62 -15.41
CA LEU A 85 -5.41 2.73 -14.67
C LEU A 85 -5.67 3.06 -13.22
N PRO A 86 -5.29 2.14 -12.31
CA PRO A 86 -5.47 2.31 -10.87
C PRO A 86 -4.54 3.39 -10.30
N ILE A 87 -4.87 3.87 -9.11
CA ILE A 87 -4.07 4.89 -8.45
C ILE A 87 -3.14 4.29 -7.41
N THR A 88 -1.93 4.83 -7.31
CA THR A 88 -0.94 4.34 -6.34
C THR A 88 -0.39 5.48 -5.50
N GLN A 89 0.01 5.17 -4.28
CA GLN A 89 0.56 6.16 -3.37
C GLN A 89 1.84 5.66 -2.70
N LEU A 90 2.59 6.57 -2.10
CA LEU A 90 3.84 6.21 -1.43
C LEU A 90 3.78 6.57 0.05
N PHE A 91 4.40 5.73 0.88
CA PHE A 91 4.42 5.96 2.32
C PHE A 91 5.77 5.59 2.90
N ARG A 92 6.50 6.61 3.36
CA ARG A 92 7.82 6.40 3.94
C ARG A 92 7.72 6.13 5.44
N ILE A 93 8.06 4.90 5.85
CA ILE A 93 8.00 4.51 7.25
C ILE A 93 9.39 4.18 7.78
N LEU A 94 9.62 4.50 9.05
CA LEU A 94 10.92 4.23 9.68
C LEU A 94 10.77 3.16 10.76
N ASN A 95 11.55 2.09 10.64
CA ASN A 95 11.52 1.01 11.61
C ASN A 95 12.90 0.73 12.17
N PRO A 96 13.61 1.81 12.53
CA PRO A 96 14.96 1.71 13.09
C PRO A 96 14.97 1.12 14.50
N ASN A 97 13.84 1.22 15.18
CA ASN A 97 13.71 0.69 16.53
C ASN A 97 13.56 -0.83 16.51
N LYS A 98 13.54 -1.40 15.31
CA LYS A 98 13.41 -2.84 15.16
C LYS A 98 12.15 -3.36 15.85
N ALA A 99 11.09 -2.54 15.82
CA ALA A 99 9.83 -2.92 16.44
C ALA A 99 8.77 -3.21 15.39
N PRO A 100 8.48 -4.50 15.18
CA PRO A 100 7.48 -4.95 14.21
C PRO A 100 6.06 -4.59 14.64
N LEU A 101 5.55 -3.48 14.11
CA LEU A 101 4.19 -3.04 14.44
C LEU A 101 3.25 -3.26 13.26
N ARG A 102 2.01 -2.82 13.42
CA ARG A 102 1.00 -2.97 12.37
C ARG A 102 0.79 -1.65 11.63
N LEU A 103 -0.12 -1.67 10.67
CA LEU A 103 -0.41 -0.48 9.87
C LEU A 103 -1.92 -0.34 9.64
N LYS A 104 -2.46 0.83 9.97
CA LYS A 104 -3.89 1.08 9.79
C LYS A 104 -4.16 1.72 8.43
N LEU A 105 -5.10 1.14 7.70
CA LEU A 105 -5.46 1.64 6.38
C LEU A 105 -6.93 2.06 6.33
N ARG A 106 -7.18 3.32 6.05
CA ARG A 106 -8.54 3.84 5.98
C ARG A 106 -8.89 4.24 4.54
N LEU A 107 -10.08 3.84 4.10
CA LEU A 107 -10.53 4.16 2.75
C LEU A 107 -11.86 4.90 2.78
N THR A 108 -11.94 6.00 2.03
CA THR A 108 -13.15 6.80 1.98
C THR A 108 -13.35 7.41 0.59
N TYR A 109 -14.42 7.00 -0.08
CA TYR A 109 -14.73 7.50 -1.41
C TYR A 109 -16.21 7.41 -1.71
N ASP A 110 -16.61 7.87 -2.89
CA ASP A 110 -18.00 7.83 -3.30
C ASP A 110 -18.21 6.89 -4.48
N HIS A 111 -19.08 5.90 -4.30
CA HIS A 111 -19.37 4.93 -5.35
C HIS A 111 -20.87 4.79 -5.57
N PHE A 112 -21.26 4.61 -6.83
CA PHE A 112 -22.67 4.47 -7.18
C PHE A 112 -23.53 5.47 -6.40
N HIS A 113 -23.11 6.73 -6.41
CA HIS A 113 -23.83 7.79 -5.71
C HIS A 113 -24.11 7.38 -4.26
N GLN A 114 -23.05 7.00 -3.55
CA GLN A 114 -23.18 6.58 -2.15
C GLN A 114 -21.87 6.80 -1.40
N SER A 115 -21.95 6.76 -0.08
CA SER A 115 -20.77 6.95 0.76
C SER A 115 -20.20 5.62 1.21
N VAL A 116 -18.94 5.36 0.85
CA VAL A 116 -18.28 4.11 1.23
C VAL A 116 -17.10 4.36 2.16
N GLN A 117 -17.24 3.96 3.41
CA GLN A 117 -16.17 4.14 4.39
C GLN A 117 -15.83 2.82 5.08
N GLU A 118 -14.65 2.29 4.74
CA GLU A 118 -14.21 1.03 5.32
C GLU A 118 -12.73 1.11 5.74
N ILE A 119 -12.49 0.99 7.04
CA ILE A 119 -11.13 1.06 7.56
C ILE A 119 -10.71 -0.28 8.16
N PHE A 120 -9.55 -0.77 7.72
CA PHE A 120 -9.03 -2.04 8.20
C PHE A 120 -7.54 -1.93 8.53
N GLU A 121 -7.09 -2.73 9.49
CA GLU A 121 -5.70 -2.72 9.90
C GLU A 121 -4.97 -3.97 9.40
N VAL A 122 -3.84 -3.77 8.74
CA VAL A 122 -3.06 -4.88 8.22
C VAL A 122 -2.31 -5.60 9.32
N ASN A 123 -2.74 -6.83 9.62
CA ASN A 123 -2.11 -7.62 10.68
C ASN A 123 -1.39 -8.82 10.08
N ASN A 124 -1.31 -8.87 8.76
CA ASN A 124 -0.65 -9.97 8.06
C ASN A 124 0.60 -9.47 7.32
N LEU A 125 1.17 -8.38 7.83
CA LEU A 125 2.37 -7.81 7.21
C LEU A 125 3.49 -8.84 7.12
N PRO A 126 4.35 -8.70 6.10
CA PRO A 126 5.47 -9.62 5.87
C PRO A 126 6.55 -9.46 6.92
N VAL A 127 7.00 -10.59 7.47
CA VAL A 127 8.04 -10.59 8.49
C VAL A 127 9.41 -10.33 7.88
N GLU A 128 9.49 -10.44 6.55
CA GLU A 128 10.75 -10.22 5.84
C GLU A 128 11.22 -8.78 6.01
N SER A 129 10.32 -7.92 6.47
CA SER A 129 10.65 -6.51 6.68
C SER A 129 11.62 -6.34 7.84
N TRP A 130 11.42 -7.12 8.88
CA TRP A 130 12.28 -7.06 10.06
C TRP A 130 13.22 -8.26 10.11
N GLN A 131 12.67 -9.45 9.90
CA GLN A 131 13.46 -10.67 9.93
C GLN A 131 14.52 -10.66 8.83
N GLY A 1 30.90 -5.77 4.04
CA GLY A 1 30.06 -6.71 3.30
C GLY A 1 30.77 -7.31 2.11
N SER A 2 30.01 -7.94 1.22
CA SER A 2 30.57 -8.57 0.03
C SER A 2 29.80 -8.15 -1.22
N SER A 3 30.53 -7.64 -2.21
CA SER A 3 29.92 -7.20 -3.46
C SER A 3 29.33 -8.38 -4.21
N GLY A 4 28.00 -8.39 -4.33
CA GLY A 4 27.34 -9.47 -5.03
C GLY A 4 27.15 -9.17 -6.51
N SER A 5 27.61 -10.08 -7.37
CA SER A 5 27.50 -9.91 -8.81
C SER A 5 27.40 -11.26 -9.51
N SER A 6 26.86 -11.24 -10.73
CA SER A 6 26.69 -12.47 -11.51
C SER A 6 26.20 -13.61 -10.62
N GLY A 7 25.27 -13.30 -9.73
CA GLY A 7 24.72 -14.30 -8.84
C GLY A 7 23.26 -14.61 -9.13
N PRO A 8 22.69 -15.57 -8.40
CA PRO A 8 21.29 -15.98 -8.57
C PRO A 8 20.32 -14.91 -8.09
N PRO A 9 19.13 -14.87 -8.69
CA PRO A 9 18.08 -13.91 -8.34
C PRO A 9 17.49 -14.17 -6.96
N PRO A 10 17.52 -13.15 -6.10
CA PRO A 10 16.98 -13.25 -4.73
C PRO A 10 15.46 -13.34 -4.72
N ALA A 11 14.89 -13.30 -3.52
CA ALA A 11 13.44 -13.39 -3.37
C ALA A 11 12.90 -12.18 -2.60
N PRO A 12 12.40 -11.19 -3.36
CA PRO A 12 11.83 -9.96 -2.78
C PRO A 12 10.52 -10.21 -2.04
N ILE A 13 9.85 -9.14 -1.65
CA ILE A 13 8.58 -9.23 -0.95
C ILE A 13 7.40 -9.17 -1.91
N PRO A 14 6.62 -10.26 -1.97
CA PRO A 14 5.45 -10.35 -2.84
C PRO A 14 4.32 -9.43 -2.40
N ASP A 15 3.25 -9.40 -3.17
CA ASP A 15 2.09 -8.57 -2.86
C ASP A 15 1.22 -9.22 -1.79
N LEU A 16 0.36 -8.43 -1.16
CA LEU A 16 -0.53 -8.93 -0.13
C LEU A 16 -1.87 -8.21 -0.16
N LYS A 17 -2.95 -8.98 -0.38
CA LYS A 17 -4.29 -8.42 -0.43
C LYS A 17 -4.77 -8.03 0.96
N VAL A 18 -5.29 -6.82 1.10
CA VAL A 18 -5.79 -6.35 2.38
C VAL A 18 -7.30 -6.11 2.32
N PHE A 19 -7.82 -5.92 1.12
CA PHE A 19 -9.24 -5.68 0.93
C PHE A 19 -9.71 -6.21 -0.43
N GLU A 20 -10.80 -6.96 -0.42
CA GLU A 20 -11.35 -7.52 -1.66
C GLU A 20 -12.87 -7.46 -1.66
N ARG A 21 -13.42 -6.68 -2.60
CA ARG A 21 -14.87 -6.53 -2.71
C ARG A 21 -15.31 -6.57 -4.17
N GLU A 22 -16.27 -7.44 -4.46
CA GLU A 22 -16.78 -7.58 -5.82
C GLU A 22 -16.77 -6.24 -6.55
N GLY A 23 -15.85 -6.09 -7.49
CA GLY A 23 -15.74 -4.85 -8.24
C GLY A 23 -14.53 -4.03 -7.85
N VAL A 24 -14.39 -3.78 -6.55
CA VAL A 24 -13.27 -3.00 -6.05
C VAL A 24 -12.34 -3.86 -5.20
N GLN A 25 -11.03 -3.71 -5.42
CA GLN A 25 -10.04 -4.48 -4.67
C GLN A 25 -8.87 -3.60 -4.26
N LEU A 26 -8.09 -4.07 -3.29
CA LEU A 26 -6.93 -3.32 -2.81
C LEU A 26 -5.74 -4.25 -2.57
N ASN A 27 -4.56 -3.81 -2.98
CA ASN A 27 -3.35 -4.60 -2.82
C ASN A 27 -2.32 -3.84 -2.00
N LEU A 28 -1.32 -4.56 -1.49
CA LEU A 28 -0.27 -3.95 -0.69
C LEU A 28 1.11 -4.42 -1.16
N SER A 29 2.00 -3.47 -1.42
CA SER A 29 3.35 -3.77 -1.87
C SER A 29 4.39 -3.09 -1.00
N PHE A 30 5.38 -3.86 -0.55
CA PHE A 30 6.44 -3.33 0.29
C PHE A 30 7.75 -3.24 -0.47
N ILE A 31 8.53 -2.20 -0.17
CA ILE A 31 9.81 -2.00 -0.82
C ILE A 31 10.90 -1.63 0.18
N ARG A 32 12.08 -2.24 0.03
CA ARG A 32 13.19 -1.98 0.93
C ARG A 32 14.44 -1.60 0.14
N PRO A 33 14.72 -0.30 0.04
CA PRO A 33 15.88 0.22 -0.68
C PRO A 33 17.19 -0.10 0.03
N PRO A 34 18.26 -0.26 -0.76
CA PRO A 34 19.60 -0.57 -0.22
C PRO A 34 20.21 0.61 0.53
N GLU A 35 20.01 1.81 -0.01
CA GLU A 35 20.54 3.02 0.62
C GLU A 35 20.01 3.18 2.04
N ASN A 36 18.73 2.86 2.22
CA ASN A 36 18.09 2.97 3.52
C ASN A 36 17.40 1.67 3.91
N PRO A 37 18.12 0.81 4.64
CA PRO A 37 17.59 -0.48 5.08
C PRO A 37 16.51 -0.33 6.15
N ALA A 38 16.54 0.77 6.87
CA ALA A 38 15.56 1.04 7.92
C ALA A 38 14.34 1.75 7.35
N LEU A 39 14.37 2.03 6.06
CA LEU A 39 13.26 2.70 5.39
C LEU A 39 12.32 1.69 4.74
N LEU A 40 11.01 1.90 4.95
CA LEU A 40 10.00 1.01 4.38
C LEU A 40 9.05 1.78 3.47
N LEU A 41 9.22 1.62 2.17
CA LEU A 41 8.36 2.30 1.20
C LEU A 41 7.16 1.43 0.83
N ILE A 42 5.97 1.86 1.26
CA ILE A 42 4.76 1.12 0.97
C ILE A 42 3.99 1.75 -0.19
N THR A 43 3.35 0.91 -1.00
CA THR A 43 2.59 1.39 -2.14
C THR A 43 1.25 0.65 -2.25
N ILE A 44 0.20 1.41 -2.56
CA ILE A 44 -1.13 0.83 -2.69
C ILE A 44 -1.55 0.75 -4.16
N THR A 45 -2.38 -0.24 -4.47
CA THR A 45 -2.85 -0.44 -5.84
C THR A 45 -4.35 -0.66 -5.87
N ALA A 46 -5.12 0.42 -5.85
CA ALA A 46 -6.57 0.33 -5.88
C ALA A 46 -7.09 0.27 -7.31
N THR A 47 -7.64 -0.88 -7.68
CA THR A 47 -8.17 -1.07 -9.03
C THR A 47 -9.70 -1.19 -9.01
N ASN A 48 -10.33 -0.63 -10.03
CA ASN A 48 -11.79 -0.67 -10.13
C ASN A 48 -12.23 -1.20 -11.49
N PHE A 49 -13.04 -2.26 -11.47
CA PHE A 49 -13.53 -2.86 -12.71
C PHE A 49 -15.05 -2.87 -12.74
N SER A 50 -15.66 -2.30 -11.70
CA SER A 50 -17.11 -2.25 -11.61
C SER A 50 -17.69 -1.32 -12.68
N GLU A 51 -19.02 -1.23 -12.71
CA GLU A 51 -19.70 -0.38 -13.69
C GLU A 51 -19.67 1.08 -13.25
N GLY A 52 -19.67 1.30 -11.93
CA GLY A 52 -19.65 2.65 -11.41
C GLY A 52 -18.24 3.20 -11.29
N ASP A 53 -18.06 4.45 -11.70
CA ASP A 53 -16.75 5.10 -11.63
C ASP A 53 -16.43 5.51 -10.20
N VAL A 54 -15.16 5.33 -9.82
CA VAL A 54 -14.72 5.68 -8.47
C VAL A 54 -13.85 6.93 -8.49
N THR A 55 -14.41 8.04 -8.01
CA THR A 55 -13.68 9.30 -7.97
C THR A 55 -13.55 9.81 -6.54
N HIS A 56 -12.98 11.00 -6.40
CA HIS A 56 -12.78 11.61 -5.08
C HIS A 56 -12.40 10.55 -4.05
N PHE A 57 -11.52 9.65 -4.44
CA PHE A 57 -11.08 8.58 -3.54
C PHE A 57 -9.92 9.05 -2.67
N ILE A 58 -10.08 8.94 -1.36
CA ILE A 58 -9.05 9.35 -0.41
C ILE A 58 -8.56 8.16 0.41
N CYS A 59 -7.25 7.94 0.38
CA CYS A 59 -6.65 6.84 1.13
C CYS A 59 -5.65 7.36 2.17
N GLN A 60 -5.98 7.14 3.44
CA GLN A 60 -5.12 7.60 4.52
C GLN A 60 -4.62 6.41 5.35
N ALA A 61 -3.64 6.67 6.21
CA ALA A 61 -3.07 5.64 7.06
C ALA A 61 -2.53 6.21 8.36
N ALA A 62 -2.19 5.34 9.29
CA ALA A 62 -1.67 5.76 10.59
C ALA A 62 -0.63 4.78 11.12
N VAL A 63 0.37 5.30 11.81
CA VAL A 63 1.43 4.46 12.37
C VAL A 63 1.76 4.88 13.80
N PRO A 64 2.20 3.90 14.61
CA PRO A 64 2.56 4.14 16.01
C PRO A 64 3.83 4.96 16.16
N LYS A 65 3.88 5.80 17.18
CA LYS A 65 5.05 6.64 17.43
C LYS A 65 6.34 5.90 17.11
N SER A 66 6.38 4.62 17.48
CA SER A 66 7.56 3.80 17.23
C SER A 66 8.06 3.97 15.79
N LEU A 67 7.13 3.93 14.84
CA LEU A 67 7.47 4.09 13.43
C LEU A 67 7.05 5.45 12.92
N GLN A 68 7.59 5.84 11.78
CA GLN A 68 7.28 7.14 11.18
C GLN A 68 6.38 6.95 9.95
N LEU A 69 5.68 8.02 9.58
CA LEU A 69 4.79 8.00 8.43
C LEU A 69 4.84 9.31 7.65
N GLN A 70 4.79 9.21 6.33
CA GLN A 70 4.84 10.40 5.48
C GLN A 70 3.93 10.24 4.27
N LEU A 71 2.88 11.04 4.20
CA LEU A 71 1.93 10.98 3.10
C LEU A 71 2.47 11.73 1.88
N GLN A 72 2.74 10.98 0.81
CA GLN A 72 3.27 11.57 -0.41
C GLN A 72 2.13 11.97 -1.35
N ALA A 73 2.45 12.80 -2.34
CA ALA A 73 1.45 13.27 -3.29
C ALA A 73 0.91 12.10 -4.13
N PRO A 74 -0.42 12.02 -4.24
CA PRO A 74 -1.09 10.96 -5.00
C PRO A 74 -0.87 11.11 -6.51
N SER A 75 -1.67 10.38 -7.29
CA SER A 75 -1.56 10.43 -8.73
C SER A 75 -2.85 10.94 -9.36
N GLY A 76 -3.95 10.81 -8.62
CA GLY A 76 -5.24 11.27 -9.12
C GLY A 76 -6.40 10.71 -8.33
N ASN A 77 -7.36 11.55 -8.00
CA ASN A 77 -8.53 11.14 -7.23
C ASN A 77 -9.63 10.65 -8.16
N THR A 78 -9.25 9.91 -9.20
CA THR A 78 -10.22 9.38 -10.16
C THR A 78 -9.76 8.04 -10.71
N VAL A 79 -10.67 7.07 -10.73
CA VAL A 79 -10.36 5.74 -11.24
C VAL A 79 -11.40 5.28 -12.25
N PRO A 80 -10.92 4.75 -13.39
CA PRO A 80 -11.80 4.27 -14.47
C PRO A 80 -12.55 3.00 -14.07
N ALA A 81 -13.84 2.97 -14.37
CA ALA A 81 -14.67 1.81 -14.05
C ALA A 81 -14.53 0.73 -15.11
N ARG A 82 -13.72 1.00 -16.13
CA ARG A 82 -13.51 0.05 -17.21
C ARG A 82 -12.06 -0.47 -17.20
N GLY A 83 -11.62 -0.93 -16.04
CA GLY A 83 -10.26 -1.44 -15.91
C GLY A 83 -9.25 -0.59 -16.65
N GLY A 84 -8.83 0.51 -16.02
CA GLY A 84 -7.86 1.40 -16.65
C GLY A 84 -6.57 1.49 -15.86
N LEU A 85 -6.28 2.68 -15.35
CA LEU A 85 -5.05 2.88 -14.58
C LEU A 85 -5.39 3.20 -13.12
N PRO A 86 -5.00 2.29 -12.22
CA PRO A 86 -5.25 2.45 -10.78
C PRO A 86 -4.39 3.56 -10.17
N ILE A 87 -4.61 3.83 -8.89
CA ILE A 87 -3.87 4.86 -8.18
C ILE A 87 -2.89 4.25 -7.18
N THR A 88 -1.77 4.94 -6.98
CA THR A 88 -0.74 4.46 -6.05
C THR A 88 -0.18 5.61 -5.21
N GLN A 89 0.06 5.35 -3.94
CA GLN A 89 0.59 6.35 -3.04
C GLN A 89 1.86 5.86 -2.35
N LEU A 90 2.85 6.73 -2.20
CA LEU A 90 4.10 6.38 -1.57
C LEU A 90 4.08 6.75 -0.09
N PHE A 91 4.70 5.91 0.74
CA PHE A 91 4.76 6.15 2.18
C PHE A 91 6.14 5.80 2.74
N ARG A 92 6.76 6.77 3.41
CA ARG A 92 8.08 6.57 3.99
C ARG A 92 7.98 6.28 5.49
N ILE A 93 8.26 5.04 5.86
CA ILE A 93 8.20 4.63 7.26
C ILE A 93 9.57 4.23 7.78
N LEU A 94 9.80 4.43 9.07
CA LEU A 94 11.08 4.08 9.68
C LEU A 94 10.92 2.89 10.63
N ASN A 95 11.61 1.81 10.33
CA ASN A 95 11.56 0.61 11.15
C ASN A 95 12.95 0.21 11.64
N PRO A 96 13.76 1.20 12.00
CA PRO A 96 15.12 0.99 12.49
C PRO A 96 15.14 0.33 13.86
N ASN A 97 14.07 0.51 14.62
CA ASN A 97 13.97 -0.06 15.96
C ASN A 97 13.69 -1.56 15.88
N LYS A 98 13.67 -2.09 14.67
CA LYS A 98 13.42 -3.52 14.47
C LYS A 98 12.19 -3.97 15.23
N ALA A 99 11.10 -3.21 15.10
CA ALA A 99 9.85 -3.53 15.78
C ALA A 99 8.71 -3.72 14.78
N PRO A 100 8.33 -4.99 14.54
CA PRO A 100 7.26 -5.32 13.61
C PRO A 100 5.89 -4.90 14.13
N LEU A 101 5.52 -3.66 13.88
CA LEU A 101 4.22 -3.14 14.33
C LEU A 101 3.16 -3.35 13.25
N ARG A 102 1.96 -2.84 13.52
CA ARG A 102 0.84 -2.97 12.58
C ARG A 102 0.60 -1.65 11.84
N LEU A 103 -0.31 -1.69 10.88
CA LEU A 103 -0.64 -0.50 10.11
C LEU A 103 -2.15 -0.36 9.94
N LYS A 104 -2.62 0.89 9.87
CA LYS A 104 -4.05 1.16 9.72
C LYS A 104 -4.33 1.81 8.38
N LEU A 105 -5.35 1.33 7.69
CA LEU A 105 -5.72 1.88 6.38
C LEU A 105 -7.16 2.37 6.39
N ARG A 106 -7.36 3.61 5.95
CA ARG A 106 -8.70 4.20 5.92
C ARG A 106 -9.10 4.53 4.49
N LEU A 107 -10.26 4.02 4.07
CA LEU A 107 -10.76 4.27 2.73
C LEU A 107 -12.09 5.02 2.76
N THR A 108 -12.21 6.04 1.92
CA THR A 108 -13.43 6.84 1.85
C THR A 108 -13.63 7.43 0.46
N TYR A 109 -14.58 6.88 -0.28
CA TYR A 109 -14.86 7.36 -1.63
C TYR A 109 -16.36 7.28 -1.92
N ASP A 110 -16.73 7.65 -3.15
CA ASP A 110 -18.14 7.62 -3.56
C ASP A 110 -18.33 6.66 -4.73
N HIS A 111 -18.97 5.53 -4.46
CA HIS A 111 -19.23 4.52 -5.49
C HIS A 111 -20.73 4.37 -5.73
N PHE A 112 -21.11 4.34 -7.00
CA PHE A 112 -22.50 4.19 -7.38
C PHE A 112 -23.37 5.23 -6.66
N HIS A 113 -22.98 6.50 -6.78
CA HIS A 113 -23.72 7.59 -6.15
C HIS A 113 -24.02 7.26 -4.68
N GLN A 114 -23.02 6.75 -3.98
CA GLN A 114 -23.16 6.39 -2.57
C GLN A 114 -21.85 6.60 -1.82
N SER A 115 -21.96 6.90 -0.52
CA SER A 115 -20.78 7.11 0.30
C SER A 115 -20.24 5.79 0.85
N VAL A 116 -18.97 5.52 0.59
CA VAL A 116 -18.33 4.30 1.07
C VAL A 116 -17.18 4.60 2.00
N GLN A 117 -17.33 4.23 3.26
CA GLN A 117 -16.30 4.46 4.27
C GLN A 117 -16.06 3.22 5.11
N GLU A 118 -14.85 2.65 5.01
CA GLU A 118 -14.51 1.46 5.75
C GLU A 118 -13.09 1.55 6.31
N ILE A 119 -12.96 1.43 7.63
CA ILE A 119 -11.66 1.51 8.28
C ILE A 119 -11.26 0.16 8.87
N PHE A 120 -10.07 -0.31 8.52
CA PHE A 120 -9.58 -1.59 9.03
C PHE A 120 -8.07 -1.55 9.21
N GLU A 121 -7.53 -2.52 9.94
CA GLU A 121 -6.09 -2.60 10.19
C GLU A 121 -5.51 -3.88 9.61
N VAL A 122 -4.37 -3.75 8.95
CA VAL A 122 -3.69 -4.90 8.35
C VAL A 122 -2.97 -5.72 9.40
N ASN A 123 -3.60 -6.81 9.85
CA ASN A 123 -3.00 -7.68 10.85
C ASN A 123 -2.43 -8.93 10.21
N ASN A 124 -2.11 -8.84 8.92
CA ASN A 124 -1.55 -9.98 8.19
C ASN A 124 -0.28 -9.57 7.46
N LEU A 125 0.38 -8.53 7.95
CA LEU A 125 1.62 -8.04 7.35
C LEU A 125 2.63 -9.17 7.20
N PRO A 126 3.52 -9.05 6.19
CA PRO A 126 4.55 -10.06 5.92
C PRO A 126 5.63 -10.07 7.00
N VAL A 127 6.28 -11.22 7.17
CA VAL A 127 7.33 -11.37 8.15
C VAL A 127 8.67 -10.86 7.62
N GLU A 128 8.67 -10.42 6.37
CA GLU A 128 9.88 -9.90 5.74
C GLU A 128 9.98 -8.39 5.89
N SER A 129 8.82 -7.73 5.98
CA SER A 129 8.78 -6.28 6.12
C SER A 129 9.77 -5.80 7.16
N TRP A 130 10.11 -6.69 8.10
CA TRP A 130 11.05 -6.36 9.15
C TRP A 130 12.29 -7.26 9.10
N GLN A 131 12.11 -8.45 8.52
CA GLN A 131 13.21 -9.39 8.39
C GLN A 131 13.95 -9.21 7.07
N GLY A 1 33.12 -3.52 -1.98
CA GLY A 1 31.73 -3.25 -2.31
C GLY A 1 31.59 -2.10 -3.28
N SER A 2 30.48 -2.10 -4.03
CA SER A 2 30.22 -1.06 -5.02
C SER A 2 28.79 -1.13 -5.51
N SER A 3 28.41 -0.18 -6.37
CA SER A 3 27.06 -0.12 -6.92
C SER A 3 26.57 -1.53 -7.28
N GLY A 4 27.31 -2.19 -8.15
CA GLY A 4 26.94 -3.53 -8.57
C GLY A 4 26.62 -4.44 -7.40
N SER A 5 26.24 -5.68 -7.70
CA SER A 5 25.90 -6.65 -6.67
C SER A 5 26.84 -7.85 -6.72
N SER A 6 27.61 -8.04 -5.67
CA SER A 6 28.55 -9.15 -5.59
C SER A 6 27.92 -10.34 -4.89
N GLY A 7 27.19 -11.15 -5.64
CA GLY A 7 26.55 -12.32 -5.08
C GLY A 7 25.23 -12.66 -5.78
N PRO A 8 24.52 -13.66 -5.24
CA PRO A 8 23.24 -14.10 -5.80
C PRO A 8 22.14 -13.07 -5.60
N PRO A 9 21.01 -13.27 -6.29
CA PRO A 9 19.85 -12.37 -6.21
C PRO A 9 19.15 -12.45 -4.85
N PRO A 10 18.76 -11.28 -4.32
CA PRO A 10 18.07 -11.20 -3.02
C PRO A 10 16.66 -11.77 -3.08
N ALA A 11 15.92 -11.61 -1.98
CA ALA A 11 14.56 -12.10 -1.90
C ALA A 11 13.58 -10.98 -1.56
N PRO A 12 12.92 -10.44 -2.60
CA PRO A 12 11.96 -9.34 -2.43
C PRO A 12 10.68 -9.79 -1.73
N ILE A 13 9.72 -8.89 -1.62
CA ILE A 13 8.45 -9.20 -0.97
C ILE A 13 7.29 -9.07 -1.95
N PRO A 14 6.55 -10.18 -2.15
CA PRO A 14 5.41 -10.21 -3.06
C PRO A 14 4.23 -9.41 -2.54
N ASP A 15 3.30 -9.08 -3.43
CA ASP A 15 2.12 -8.31 -3.05
C ASP A 15 1.31 -9.04 -1.98
N LEU A 16 0.50 -8.29 -1.23
CA LEU A 16 -0.32 -8.86 -0.19
C LEU A 16 -1.71 -8.22 -0.16
N LYS A 17 -2.74 -9.05 -0.22
CA LYS A 17 -4.11 -8.57 -0.20
C LYS A 17 -4.48 -8.02 1.17
N VAL A 18 -5.22 -6.92 1.19
CA VAL A 18 -5.64 -6.30 2.45
C VAL A 18 -7.15 -6.06 2.46
N PHE A 19 -7.72 -5.81 1.29
CA PHE A 19 -9.15 -5.57 1.16
C PHE A 19 -9.72 -6.25 -0.08
N GLU A 20 -10.85 -6.94 0.10
CA GLU A 20 -11.49 -7.64 -1.00
C GLU A 20 -13.00 -7.44 -0.96
N ARG A 21 -13.52 -6.74 -1.96
CA ARG A 21 -14.95 -6.47 -2.04
C ARG A 21 -15.45 -6.63 -3.48
N GLU A 22 -16.46 -7.48 -3.66
CA GLU A 22 -17.03 -7.73 -4.98
C GLU A 22 -17.00 -6.46 -5.83
N GLY A 23 -16.13 -6.45 -6.83
CA GLY A 23 -16.02 -5.29 -7.70
C GLY A 23 -14.74 -4.51 -7.46
N VAL A 24 -14.49 -4.16 -6.21
CA VAL A 24 -13.30 -3.41 -5.85
C VAL A 24 -12.29 -4.28 -5.10
N GLN A 25 -11.03 -4.22 -5.52
CA GLN A 25 -9.98 -5.01 -4.89
C GLN A 25 -8.76 -4.14 -4.61
N LEU A 26 -8.19 -4.31 -3.41
CA LEU A 26 -7.02 -3.55 -3.01
C LEU A 26 -5.82 -4.47 -2.77
N ASN A 27 -4.66 -4.05 -3.22
CA ASN A 27 -3.43 -4.84 -3.05
C ASN A 27 -2.37 -4.04 -2.31
N LEU A 28 -1.50 -4.75 -1.59
CA LEU A 28 -0.44 -4.11 -0.83
C LEU A 28 0.93 -4.44 -1.41
N SER A 29 1.78 -3.44 -1.55
CA SER A 29 3.12 -3.62 -2.09
C SER A 29 4.18 -3.16 -1.11
N PHE A 30 5.24 -3.95 -0.96
CA PHE A 30 6.33 -3.61 -0.04
C PHE A 30 7.61 -3.32 -0.81
N ILE A 31 8.36 -2.33 -0.35
CA ILE A 31 9.61 -1.94 -0.99
C ILE A 31 10.67 -1.59 0.05
N ARG A 32 11.86 -2.17 -0.11
CA ARG A 32 12.96 -1.91 0.82
C ARG A 32 14.22 -1.50 0.06
N PRO A 33 14.52 -0.20 0.07
CA PRO A 33 15.70 0.35 -0.62
C PRO A 33 17.00 -0.06 0.06
N PRO A 34 18.05 -0.26 -0.75
CA PRO A 34 19.37 -0.66 -0.25
C PRO A 34 20.05 0.47 0.52
N GLU A 35 19.81 1.71 0.11
CA GLU A 35 20.40 2.86 0.76
C GLU A 35 19.88 3.01 2.19
N ASN A 36 18.59 2.76 2.37
CA ASN A 36 17.96 2.87 3.67
C ASN A 36 17.15 1.61 3.99
N PRO A 37 17.76 0.69 4.74
CA PRO A 37 17.10 -0.56 5.13
C PRO A 37 15.98 -0.35 6.14
N ALA A 38 16.16 0.64 7.01
CA ALA A 38 15.16 0.95 8.03
C ALA A 38 13.95 1.64 7.41
N LEU A 39 14.10 2.07 6.15
CA LEU A 39 13.01 2.74 5.44
C LEU A 39 12.16 1.74 4.65
N LEU A 40 10.88 1.68 4.98
CA LEU A 40 9.97 0.76 4.30
C LEU A 40 8.97 1.54 3.44
N LEU A 41 9.19 1.52 2.12
CA LEU A 41 8.31 2.23 1.20
C LEU A 41 7.15 1.33 0.77
N ILE A 42 5.93 1.74 1.13
CA ILE A 42 4.75 0.97 0.78
C ILE A 42 3.96 1.66 -0.33
N THR A 43 3.27 0.86 -1.13
CA THR A 43 2.47 1.39 -2.23
C THR A 43 1.09 0.74 -2.29
N ILE A 44 0.08 1.54 -2.62
CA ILE A 44 -1.29 1.04 -2.69
C ILE A 44 -1.72 0.84 -4.15
N THR A 45 -2.55 -0.17 -4.37
CA THR A 45 -3.04 -0.46 -5.72
C THR A 45 -4.54 -0.73 -5.71
N ALA A 46 -5.32 0.32 -5.93
CA ALA A 46 -6.77 0.20 -5.96
C ALA A 46 -7.30 0.11 -7.39
N THR A 47 -7.96 -1.00 -7.70
CA THR A 47 -8.52 -1.21 -9.04
C THR A 47 -10.03 -1.32 -9.00
N ASN A 48 -10.70 -0.50 -9.80
CA ASN A 48 -12.16 -0.50 -9.85
C ASN A 48 -12.65 -1.27 -11.08
N PHE A 49 -13.54 -2.23 -10.85
CA PHE A 49 -14.09 -3.03 -11.93
C PHE A 49 -15.62 -2.91 -11.99
N SER A 50 -16.23 -2.80 -10.82
CA SER A 50 -17.69 -2.68 -10.73
C SER A 50 -18.21 -1.72 -11.79
N GLU A 51 -19.52 -1.78 -12.03
CA GLU A 51 -20.15 -0.92 -13.03
C GLU A 51 -20.38 0.48 -12.48
N GLY A 52 -19.36 1.01 -11.81
CA GLY A 52 -19.47 2.35 -11.23
C GLY A 52 -18.12 3.02 -11.07
N ASP A 53 -17.89 4.08 -11.83
CA ASP A 53 -16.62 4.81 -11.77
C ASP A 53 -16.42 5.40 -10.38
N VAL A 54 -15.16 5.47 -9.95
CA VAL A 54 -14.82 6.01 -8.64
C VAL A 54 -14.13 7.37 -8.77
N THR A 55 -14.37 8.23 -7.79
CA THR A 55 -13.78 9.56 -7.79
C THR A 55 -13.51 10.05 -6.37
N HIS A 56 -12.70 11.09 -6.25
CA HIS A 56 -12.37 11.66 -4.94
C HIS A 56 -11.82 10.58 -4.01
N PHE A 57 -11.01 9.68 -4.56
CA PHE A 57 -10.42 8.60 -3.78
C PHE A 57 -9.56 9.15 -2.64
N ILE A 58 -10.01 8.92 -1.41
CA ILE A 58 -9.27 9.40 -0.24
C ILE A 58 -8.41 8.29 0.36
N CYS A 59 -7.19 8.65 0.75
CA CYS A 59 -6.27 7.68 1.33
C CYS A 59 -5.78 8.16 2.70
N GLN A 60 -5.90 7.29 3.70
CA GLN A 60 -5.46 7.63 5.05
C GLN A 60 -4.76 6.45 5.71
N ALA A 61 -3.92 6.75 6.70
CA ALA A 61 -3.20 5.70 7.42
C ALA A 61 -2.80 6.17 8.81
N ALA A 62 -2.44 5.22 9.66
CA ALA A 62 -2.04 5.54 11.03
C ALA A 62 -0.97 4.56 11.53
N VAL A 63 0.12 5.10 12.06
CA VAL A 63 1.21 4.28 12.56
C VAL A 63 1.61 4.71 13.97
N PRO A 64 2.11 3.75 14.77
CA PRO A 64 2.54 4.01 16.15
C PRO A 64 3.80 4.85 16.22
N LYS A 65 3.90 5.68 17.25
CA LYS A 65 5.06 6.54 17.43
C LYS A 65 6.34 5.83 16.99
N SER A 66 6.46 4.55 17.33
CA SER A 66 7.63 3.78 16.96
C SER A 66 7.96 3.94 15.49
N LEU A 67 6.94 3.82 14.64
CA LEU A 67 7.13 3.97 13.20
C LEU A 67 6.78 5.38 12.74
N GLN A 68 7.18 5.72 11.52
CA GLN A 68 6.91 7.04 10.96
C GLN A 68 5.97 6.94 9.77
N LEU A 69 5.27 8.04 9.49
CA LEU A 69 4.34 8.09 8.38
C LEU A 69 4.43 9.41 7.64
N GLN A 70 4.24 9.37 6.32
CA GLN A 70 4.30 10.57 5.49
C GLN A 70 3.47 10.41 4.22
N LEU A 71 2.39 11.18 4.13
CA LEU A 71 1.51 11.13 2.97
C LEU A 71 2.15 11.79 1.76
N GLN A 72 2.45 10.99 0.73
CA GLN A 72 3.07 11.52 -0.48
C GLN A 72 2.01 11.99 -1.47
N ALA A 73 2.45 12.72 -2.49
CA ALA A 73 1.53 13.24 -3.50
C ALA A 73 1.02 12.12 -4.39
N PRO A 74 -0.32 11.95 -4.43
CA PRO A 74 -0.97 10.92 -5.23
C PRO A 74 -0.87 11.20 -6.73
N SER A 75 -1.51 10.36 -7.53
CA SER A 75 -1.48 10.52 -8.98
C SER A 75 -2.76 11.22 -9.47
N GLY A 76 -3.89 10.87 -8.86
CA GLY A 76 -5.15 11.47 -9.24
C GLY A 76 -6.32 10.93 -8.43
N ASN A 77 -7.33 11.76 -8.23
CA ASN A 77 -8.51 11.36 -7.47
C ASN A 77 -9.61 10.85 -8.40
N THR A 78 -9.21 10.05 -9.38
CA THR A 78 -10.16 9.48 -10.34
C THR A 78 -9.73 8.10 -10.80
N VAL A 79 -10.67 7.17 -10.83
CA VAL A 79 -10.39 5.80 -11.25
C VAL A 79 -11.45 5.29 -12.22
N PRO A 80 -11.00 4.71 -13.34
CA PRO A 80 -11.90 4.17 -14.37
C PRO A 80 -12.64 2.92 -13.88
N ALA A 81 -13.90 2.80 -14.29
CA ALA A 81 -14.72 1.65 -13.91
C ALA A 81 -14.30 0.40 -14.67
N ARG A 82 -13.35 0.57 -15.59
CA ARG A 82 -12.87 -0.56 -16.38
C ARG A 82 -11.40 -0.83 -16.10
N GLY A 83 -11.00 -0.63 -14.85
CA GLY A 83 -9.61 -0.87 -14.47
C GLY A 83 -8.69 0.23 -14.95
N GLY A 84 -8.59 0.37 -16.27
CA GLY A 84 -7.72 1.39 -16.83
C GLY A 84 -6.41 1.51 -16.10
N LEU A 85 -6.32 2.49 -15.20
CA LEU A 85 -5.10 2.71 -14.42
C LEU A 85 -5.43 3.06 -12.98
N PRO A 86 -5.05 2.17 -12.05
CA PRO A 86 -5.30 2.37 -10.62
C PRO A 86 -4.45 3.48 -10.03
N ILE A 87 -4.70 3.82 -8.77
CA ILE A 87 -3.96 4.87 -8.09
C ILE A 87 -2.89 4.28 -7.17
N THR A 88 -1.67 4.83 -7.26
CA THR A 88 -0.57 4.37 -6.44
C THR A 88 0.07 5.52 -5.66
N GLN A 89 0.24 5.34 -4.36
CA GLN A 89 0.83 6.36 -3.52
C GLN A 89 2.03 5.81 -2.75
N LEU A 90 2.84 6.70 -2.21
CA LEU A 90 4.03 6.30 -1.46
C LEU A 90 3.88 6.66 0.02
N PHE A 91 4.47 5.84 0.88
CA PHE A 91 4.40 6.07 2.32
C PHE A 91 5.73 5.73 2.99
N ARG A 92 6.38 6.73 3.57
CA ARG A 92 7.65 6.53 4.25
C ARG A 92 7.45 6.06 5.68
N ILE A 93 8.22 5.06 6.09
CA ILE A 93 8.13 4.52 7.43
C ILE A 93 9.50 4.14 7.98
N LEU A 94 9.78 4.53 9.21
CA LEU A 94 11.05 4.23 9.85
C LEU A 94 10.89 3.13 10.89
N ASN A 95 11.58 2.01 10.67
CA ASN A 95 11.52 0.88 11.60
C ASN A 95 12.89 0.59 12.19
N PRO A 96 13.59 1.66 12.62
CA PRO A 96 14.92 1.55 13.22
C PRO A 96 14.88 0.90 14.60
N ASN A 97 13.70 0.88 15.21
CA ASN A 97 13.53 0.30 16.54
C ASN A 97 13.34 -1.22 16.43
N LYS A 98 13.64 -1.76 15.26
CA LYS A 98 13.51 -3.20 15.03
C LYS A 98 12.22 -3.73 15.63
N ALA A 99 11.16 -2.93 15.57
CA ALA A 99 9.86 -3.32 16.10
C ALA A 99 8.85 -3.55 14.97
N PRO A 100 8.57 -4.83 14.69
CA PRO A 100 7.63 -5.21 13.64
C PRO A 100 6.18 -4.87 14.01
N LEU A 101 5.76 -3.65 13.68
CA LEU A 101 4.41 -3.20 13.97
C LEU A 101 3.51 -3.35 12.74
N ARG A 102 2.25 -2.95 12.89
CA ARG A 102 1.30 -3.03 11.80
C ARG A 102 0.98 -1.64 11.24
N LEU A 103 0.23 -1.60 10.14
CA LEU A 103 -0.13 -0.34 9.51
C LEU A 103 -1.64 -0.26 9.30
N LYS A 104 -2.21 0.93 9.51
CA LYS A 104 -3.63 1.14 9.34
C LYS A 104 -3.93 1.82 8.00
N LEU A 105 -5.01 1.38 7.35
CA LEU A 105 -5.40 1.93 6.07
C LEU A 105 -6.90 2.22 6.02
N ARG A 106 -7.26 3.41 5.56
CA ARG A 106 -8.66 3.80 5.47
C ARG A 106 -9.01 4.28 4.07
N LEU A 107 -10.26 4.11 3.68
CA LEU A 107 -10.72 4.53 2.35
C LEU A 107 -12.07 5.23 2.44
N THR A 108 -12.21 6.33 1.70
CA THR A 108 -13.45 7.10 1.70
C THR A 108 -13.66 7.79 0.36
N TYR A 109 -14.70 7.40 -0.36
CA TYR A 109 -15.00 8.00 -1.66
C TYR A 109 -16.48 7.79 -2.02
N ASP A 110 -16.85 8.24 -3.21
CA ASP A 110 -18.23 8.10 -3.68
C ASP A 110 -18.34 6.99 -4.72
N HIS A 111 -19.14 5.98 -4.41
CA HIS A 111 -19.33 4.85 -5.32
C HIS A 111 -20.81 4.64 -5.63
N PHE A 112 -21.16 4.65 -6.91
CA PHE A 112 -22.54 4.46 -7.33
C PHE A 112 -23.43 5.56 -6.77
N HIS A 113 -22.91 6.78 -6.74
CA HIS A 113 -23.66 7.93 -6.23
C HIS A 113 -23.98 7.75 -4.75
N GLN A 114 -23.01 7.27 -3.99
CA GLN A 114 -23.19 7.05 -2.56
C GLN A 114 -21.86 7.15 -1.82
N SER A 115 -21.93 7.50 -0.55
CA SER A 115 -20.73 7.65 0.28
C SER A 115 -20.30 6.30 0.85
N VAL A 116 -19.05 5.93 0.59
CA VAL A 116 -18.50 4.66 1.08
C VAL A 116 -17.30 4.89 1.99
N GLN A 117 -17.40 4.38 3.21
CA GLN A 117 -16.32 4.53 4.19
C GLN A 117 -15.95 3.19 4.80
N GLU A 118 -14.81 2.65 4.39
CA GLU A 118 -14.34 1.36 4.90
C GLU A 118 -12.98 1.50 5.57
N ILE A 119 -12.92 1.20 6.87
CA ILE A 119 -11.69 1.28 7.63
C ILE A 119 -11.27 -0.08 8.14
N PHE A 120 -10.06 -0.51 7.77
CA PHE A 120 -9.53 -1.79 8.20
C PHE A 120 -8.05 -1.68 8.57
N GLU A 121 -7.57 -2.64 9.34
CA GLU A 121 -6.17 -2.66 9.75
C GLU A 121 -5.48 -3.95 9.33
N VAL A 122 -4.32 -3.82 8.69
CA VAL A 122 -3.57 -4.98 8.23
C VAL A 122 -2.87 -5.67 9.40
N ASN A 123 -3.00 -6.99 9.46
CA ASN A 123 -2.38 -7.78 10.53
C ASN A 123 -1.56 -8.92 9.95
N ASN A 124 -1.95 -9.40 8.78
CA ASN A 124 -1.25 -10.49 8.11
C ASN A 124 -0.04 -9.96 7.33
N LEU A 125 0.72 -9.07 7.95
CA LEU A 125 1.90 -8.49 7.32
C LEU A 125 2.99 -9.54 7.14
N PRO A 126 3.87 -9.32 6.15
CA PRO A 126 4.97 -10.23 5.85
C PRO A 126 6.05 -10.20 6.93
N VAL A 127 6.81 -11.28 7.03
CA VAL A 127 7.88 -11.38 8.02
C VAL A 127 9.19 -10.84 7.47
N GLU A 128 9.36 -10.91 6.15
CA GLU A 128 10.57 -10.42 5.50
C GLU A 128 10.80 -8.95 5.82
N SER A 129 9.71 -8.19 5.90
CA SER A 129 9.79 -6.76 6.19
C SER A 129 10.83 -6.49 7.28
N TRP A 130 10.70 -7.18 8.40
CA TRP A 130 11.62 -7.01 9.52
C TRP A 130 12.74 -8.04 9.46
N GLN A 131 12.39 -9.29 9.15
CA GLN A 131 13.36 -10.36 9.05
C GLN A 131 14.47 -10.00 8.07
N GLY A 1 28.72 -0.82 -12.61
CA GLY A 1 27.98 0.08 -11.73
C GLY A 1 27.14 -0.67 -10.72
N SER A 2 26.21 -1.48 -11.21
CA SER A 2 25.32 -2.25 -10.34
C SER A 2 24.89 -3.54 -11.01
N SER A 3 24.69 -4.59 -10.21
CA SER A 3 24.27 -5.88 -10.74
C SER A 3 23.30 -6.56 -9.77
N GLY A 4 22.44 -7.41 -10.32
CA GLY A 4 21.48 -8.12 -9.50
C GLY A 4 22.11 -8.80 -8.30
N SER A 5 22.90 -9.84 -8.56
CA SER A 5 23.57 -10.57 -7.49
C SER A 5 24.52 -11.63 -8.06
N SER A 6 25.54 -11.97 -7.29
CA SER A 6 26.52 -12.96 -7.72
C SER A 6 25.83 -14.18 -8.33
N GLY A 7 24.81 -14.68 -7.63
CA GLY A 7 24.08 -15.83 -8.11
C GLY A 7 22.75 -15.46 -8.76
N PRO A 8 21.78 -16.37 -8.70
CA PRO A 8 20.46 -16.16 -9.27
C PRO A 8 19.65 -15.11 -8.52
N PRO A 9 18.51 -14.70 -9.08
CA PRO A 9 17.63 -13.70 -8.48
C PRO A 9 16.93 -14.23 -7.23
N PRO A 10 17.02 -13.47 -6.13
CA PRO A 10 16.40 -13.85 -4.85
C PRO A 10 14.88 -13.76 -4.90
N ALA A 11 14.24 -13.84 -3.74
CA ALA A 11 12.79 -13.75 -3.66
C ALA A 11 12.36 -12.64 -2.73
N PRO A 12 12.01 -11.48 -3.31
CA PRO A 12 11.57 -10.30 -2.56
C PRO A 12 10.20 -10.50 -1.92
N ILE A 13 9.68 -9.45 -1.29
CA ILE A 13 8.38 -9.52 -0.63
C ILE A 13 7.25 -9.39 -1.65
N PRO A 14 6.47 -10.47 -1.79
CA PRO A 14 5.34 -10.51 -2.73
C PRO A 14 4.19 -9.59 -2.30
N ASP A 15 3.28 -9.32 -3.22
CA ASP A 15 2.14 -8.46 -2.94
C ASP A 15 1.29 -9.04 -1.81
N LEU A 16 0.36 -8.24 -1.30
CA LEU A 16 -0.51 -8.67 -0.21
C LEU A 16 -1.87 -7.99 -0.30
N LYS A 17 -2.92 -8.79 -0.48
CA LYS A 17 -4.27 -8.27 -0.59
C LYS A 17 -4.78 -7.78 0.77
N VAL A 18 -5.39 -6.61 0.79
CA VAL A 18 -5.92 -6.03 2.01
C VAL A 18 -7.43 -5.82 1.93
N PHE A 19 -7.90 -5.45 0.74
CA PHE A 19 -9.32 -5.21 0.51
C PHE A 19 -9.77 -5.81 -0.81
N GLU A 20 -10.84 -6.59 -0.78
CA GLU A 20 -11.37 -7.22 -1.98
C GLU A 20 -12.89 -7.11 -2.03
N ARG A 21 -13.39 -6.23 -2.89
CA ARG A 21 -14.83 -6.02 -3.03
C ARG A 21 -15.33 -6.60 -4.36
N GLU A 22 -16.58 -7.04 -4.37
CA GLU A 22 -17.19 -7.60 -5.58
C GLU A 22 -16.89 -6.73 -6.79
N GLY A 23 -16.59 -5.46 -6.54
CA GLY A 23 -16.30 -4.54 -7.62
C GLY A 23 -14.94 -3.89 -7.48
N VAL A 24 -14.68 -3.33 -6.30
CA VAL A 24 -13.40 -2.67 -6.04
C VAL A 24 -12.35 -3.67 -5.54
N GLN A 25 -11.09 -3.37 -5.82
CA GLN A 25 -9.99 -4.24 -5.40
C GLN A 25 -8.76 -3.42 -5.04
N LEU A 26 -8.09 -3.83 -3.95
CA LEU A 26 -6.90 -3.13 -3.50
C LEU A 26 -5.77 -4.12 -3.21
N ASN A 27 -4.56 -3.78 -3.65
CA ASN A 27 -3.40 -4.63 -3.45
C ASN A 27 -2.31 -3.89 -2.70
N LEU A 28 -1.55 -4.62 -1.88
CA LEU A 28 -0.47 -4.03 -1.11
C LEU A 28 0.88 -4.51 -1.62
N SER A 29 1.83 -3.58 -1.73
CA SER A 29 3.17 -3.90 -2.20
C SER A 29 4.23 -3.37 -1.25
N PHE A 30 5.20 -4.22 -0.90
CA PHE A 30 6.28 -3.83 0.00
C PHE A 30 7.56 -3.58 -0.77
N ILE A 31 8.35 -2.62 -0.28
CA ILE A 31 9.62 -2.28 -0.92
C ILE A 31 10.64 -1.82 0.12
N ARG A 32 11.82 -2.45 0.09
CA ARG A 32 12.88 -2.11 1.02
C ARG A 32 14.17 -1.80 0.28
N PRO A 33 14.53 -0.51 0.21
CA PRO A 33 15.75 -0.06 -0.48
C PRO A 33 17.01 -0.47 0.26
N PRO A 34 18.09 -0.71 -0.49
CA PRO A 34 19.39 -1.11 0.07
C PRO A 34 20.06 0.02 0.84
N GLU A 35 19.99 1.22 0.28
CA GLU A 35 20.59 2.39 0.91
C GLU A 35 19.99 2.63 2.29
N ASN A 36 18.68 2.46 2.40
CA ASN A 36 17.98 2.66 3.67
C ASN A 36 17.21 1.40 4.07
N PRO A 37 17.87 0.55 4.87
CA PRO A 37 17.26 -0.71 5.35
C PRO A 37 16.14 -0.47 6.35
N ALA A 38 16.29 0.58 7.17
CA ALA A 38 15.29 0.92 8.16
C ALA A 38 14.08 1.60 7.52
N LEU A 39 14.16 1.82 6.22
CA LEU A 39 13.07 2.47 5.49
C LEU A 39 12.22 1.43 4.78
N LEU A 40 10.91 1.53 4.94
CA LEU A 40 9.97 0.60 4.31
C LEU A 40 9.01 1.34 3.38
N LEU A 41 9.24 1.23 2.08
CA LEU A 41 8.40 1.89 1.09
C LEU A 41 7.21 1.00 0.72
N ILE A 42 6.00 1.48 1.05
CA ILE A 42 4.79 0.73 0.75
C ILE A 42 3.99 1.42 -0.35
N THR A 43 3.47 0.61 -1.28
CA THR A 43 2.68 1.14 -2.39
C THR A 43 1.29 0.52 -2.41
N ILE A 44 0.31 1.28 -2.90
CA ILE A 44 -1.06 0.80 -2.98
C ILE A 44 -1.52 0.71 -4.43
N THR A 45 -2.50 -0.17 -4.67
CA THR A 45 -3.04 -0.35 -6.02
C THR A 45 -4.53 -0.62 -5.98
N ALA A 46 -5.32 0.39 -6.35
CA ALA A 46 -6.78 0.25 -6.35
C ALA A 46 -7.30 0.11 -7.77
N THR A 47 -7.99 -1.00 -8.04
CA THR A 47 -8.55 -1.26 -9.36
C THR A 47 -10.06 -1.35 -9.31
N ASN A 48 -10.73 -0.59 -10.19
CA ASN A 48 -12.18 -0.59 -10.24
C ASN A 48 -12.69 -1.25 -11.51
N PHE A 49 -13.63 -2.17 -11.36
CA PHE A 49 -14.19 -2.88 -12.50
C PHE A 49 -15.71 -2.71 -12.56
N SER A 50 -16.29 -2.26 -11.45
CA SER A 50 -17.73 -2.04 -11.37
C SER A 50 -18.21 -1.13 -12.50
N GLU A 51 -19.51 -0.91 -12.57
CA GLU A 51 -20.10 -0.06 -13.60
C GLU A 51 -19.92 1.41 -13.25
N GLY A 52 -20.11 1.74 -11.98
CA GLY A 52 -19.97 3.12 -11.54
C GLY A 52 -18.52 3.48 -11.23
N ASP A 53 -18.04 4.55 -11.85
CA ASP A 53 -16.66 5.00 -11.64
C ASP A 53 -16.51 5.64 -10.26
N VAL A 54 -15.29 5.60 -9.73
CA VAL A 54 -15.01 6.18 -8.42
C VAL A 54 -14.24 7.48 -8.55
N THR A 55 -14.70 8.51 -7.84
CA THR A 55 -14.05 9.81 -7.88
C THR A 55 -13.82 10.36 -6.48
N HIS A 56 -12.92 11.33 -6.36
CA HIS A 56 -12.61 11.93 -5.06
C HIS A 56 -12.14 10.87 -4.08
N PHE A 57 -11.44 9.86 -4.57
CA PHE A 57 -10.94 8.79 -3.73
C PHE A 57 -10.00 9.32 -2.66
N ILE A 58 -10.07 8.75 -1.46
CA ILE A 58 -9.22 9.18 -0.36
C ILE A 58 -8.53 7.99 0.29
N CYS A 59 -7.21 8.10 0.48
CA CYS A 59 -6.44 7.04 1.08
C CYS A 59 -5.66 7.55 2.29
N GLN A 60 -6.15 7.24 3.49
CA GLN A 60 -5.51 7.67 4.71
C GLN A 60 -4.88 6.49 5.44
N ALA A 61 -3.93 6.79 6.34
CA ALA A 61 -3.24 5.76 7.10
C ALA A 61 -2.74 6.30 8.43
N ALA A 62 -2.34 5.40 9.32
CA ALA A 62 -1.82 5.79 10.63
C ALA A 62 -0.83 4.77 11.16
N VAL A 63 0.23 5.26 11.81
CA VAL A 63 1.25 4.39 12.36
C VAL A 63 1.63 4.81 13.78
N PRO A 64 2.03 3.83 14.60
CA PRO A 64 2.43 4.08 15.99
C PRO A 64 3.74 4.85 16.10
N LYS A 65 3.87 5.66 17.13
CA LYS A 65 5.07 6.45 17.35
C LYS A 65 6.31 5.67 16.94
N SER A 66 6.33 4.38 17.28
CA SER A 66 7.47 3.53 16.95
C SER A 66 7.90 3.74 15.50
N LEU A 67 6.93 3.72 14.58
CA LEU A 67 7.22 3.91 13.17
C LEU A 67 6.75 5.29 12.70
N GLN A 68 7.27 5.72 11.55
CA GLN A 68 6.90 7.02 10.99
C GLN A 68 6.05 6.85 9.74
N LEU A 69 5.30 7.90 9.40
CA LEU A 69 4.44 7.87 8.22
C LEU A 69 4.51 9.18 7.46
N GLN A 70 4.56 9.09 6.14
CA GLN A 70 4.64 10.28 5.28
C GLN A 70 3.77 10.11 4.04
N LEU A 71 2.72 10.92 3.94
CA LEU A 71 1.81 10.86 2.80
C LEU A 71 2.42 11.56 1.59
N GLN A 72 2.81 10.78 0.58
CA GLN A 72 3.41 11.33 -0.63
C GLN A 72 2.32 11.67 -1.66
N ALA A 73 2.56 12.72 -2.43
CA ALA A 73 1.60 13.15 -3.46
C ALA A 73 1.17 11.96 -4.32
N PRO A 74 -0.13 11.64 -4.27
CA PRO A 74 -0.70 10.54 -5.05
C PRO A 74 -0.73 10.83 -6.54
N SER A 75 -1.31 9.91 -7.31
CA SER A 75 -1.39 10.07 -8.76
C SER A 75 -2.65 10.85 -9.15
N GLY A 76 -3.73 10.64 -8.39
CA GLY A 76 -4.97 11.32 -8.67
C GLY A 76 -6.09 10.90 -7.75
N ASN A 77 -7.25 11.53 -7.89
CA ASN A 77 -8.40 11.22 -7.05
C ASN A 77 -9.55 10.67 -7.89
N THR A 78 -9.21 10.07 -9.03
CA THR A 78 -10.21 9.50 -9.93
C THR A 78 -9.80 8.12 -10.42
N VAL A 79 -10.77 7.21 -10.52
CA VAL A 79 -10.51 5.86 -10.98
C VAL A 79 -11.54 5.42 -12.01
N PRO A 80 -11.06 4.99 -13.19
CA PRO A 80 -11.92 4.53 -14.28
C PRO A 80 -12.60 3.21 -13.97
N ALA A 81 -13.90 3.13 -14.24
CA ALA A 81 -14.67 1.92 -14.00
C ALA A 81 -14.44 0.89 -15.09
N ARG A 82 -13.48 1.16 -15.97
CA ARG A 82 -13.16 0.26 -17.06
C ARG A 82 -11.74 -0.29 -16.92
N GLY A 83 -11.39 -0.73 -15.72
CA GLY A 83 -10.07 -1.27 -15.47
C GLY A 83 -8.98 -0.43 -16.09
N GLY A 84 -9.16 0.90 -16.07
CA GLY A 84 -8.17 1.79 -16.63
C GLY A 84 -6.84 1.70 -15.93
N LEU A 85 -6.52 2.72 -15.13
CA LEU A 85 -5.25 2.76 -14.40
C LEU A 85 -5.50 3.01 -12.92
N PRO A 86 -5.03 2.08 -12.07
CA PRO A 86 -5.19 2.18 -10.61
C PRO A 86 -4.32 3.29 -10.02
N ILE A 87 -4.72 3.75 -8.84
CA ILE A 87 -3.98 4.82 -8.17
C ILE A 87 -2.91 4.24 -7.24
N THR A 88 -1.71 4.80 -7.32
CA THR A 88 -0.60 4.35 -6.50
C THR A 88 -0.03 5.49 -5.66
N GLN A 89 0.21 5.21 -4.38
CA GLN A 89 0.74 6.22 -3.46
C GLN A 89 2.00 5.70 -2.78
N LEU A 90 2.83 6.63 -2.32
CA LEU A 90 4.08 6.28 -1.65
C LEU A 90 4.02 6.66 -0.17
N PHE A 91 4.59 5.80 0.68
CA PHE A 91 4.60 6.04 2.11
C PHE A 91 5.96 5.69 2.71
N ARG A 92 6.64 6.69 3.25
CA ARG A 92 7.95 6.50 3.86
C ARG A 92 7.81 6.16 5.35
N ILE A 93 8.19 4.94 5.71
CA ILE A 93 8.11 4.50 7.10
C ILE A 93 9.50 4.18 7.65
N LEU A 94 9.66 4.35 8.96
CA LEU A 94 10.93 4.08 9.61
C LEU A 94 10.78 3.01 10.69
N ASN A 95 11.60 1.97 10.61
CA ASN A 95 11.56 0.88 11.58
C ASN A 95 12.94 0.63 12.18
N PRO A 96 13.62 1.72 12.56
CA PRO A 96 14.96 1.65 13.14
C PRO A 96 14.94 1.07 14.55
N ASN A 97 13.76 1.07 15.18
CA ASN A 97 13.61 0.55 16.52
C ASN A 97 13.40 -0.96 16.50
N LYS A 98 13.59 -1.55 15.32
CA LYS A 98 13.42 -3.00 15.16
C LYS A 98 12.13 -3.48 15.81
N ALA A 99 11.10 -2.63 15.76
CA ALA A 99 9.80 -2.97 16.34
C ALA A 99 8.75 -3.17 15.25
N PRO A 100 8.41 -4.44 14.98
CA PRO A 100 7.42 -4.79 13.97
C PRO A 100 6.00 -4.39 14.37
N LEU A 101 5.67 -3.12 14.18
CA LEU A 101 4.35 -2.62 14.52
C LEU A 101 3.35 -2.88 13.40
N ARG A 102 2.12 -2.39 13.58
CA ARG A 102 1.08 -2.57 12.58
C ARG A 102 0.78 -1.27 11.87
N LEU A 103 0.05 -1.36 10.76
CA LEU A 103 -0.30 -0.18 9.97
C LEU A 103 -1.82 -0.08 9.79
N LYS A 104 -2.34 1.13 9.91
CA LYS A 104 -3.77 1.37 9.75
C LYS A 104 -4.08 1.94 8.38
N LEU A 105 -5.05 1.34 7.70
CA LEU A 105 -5.45 1.79 6.37
C LEU A 105 -6.93 2.20 6.35
N ARG A 106 -7.19 3.43 5.93
CA ARG A 106 -8.55 3.94 5.86
C ARG A 106 -8.91 4.35 4.43
N LEU A 107 -10.07 3.88 3.96
CA LEU A 107 -10.52 4.20 2.61
C LEU A 107 -11.87 4.91 2.64
N THR A 108 -11.96 6.03 1.94
CA THR A 108 -13.19 6.81 1.89
C THR A 108 -13.40 7.42 0.50
N TYR A 109 -14.48 7.01 -0.17
CA TYR A 109 -14.80 7.52 -1.49
C TYR A 109 -16.29 7.41 -1.78
N ASP A 110 -16.68 7.77 -3.00
CA ASP A 110 -18.08 7.71 -3.40
C ASP A 110 -18.29 6.67 -4.48
N HIS A 111 -19.32 5.85 -4.33
CA HIS A 111 -19.63 4.80 -5.30
C HIS A 111 -21.13 4.67 -5.50
N PHE A 112 -21.54 4.41 -6.74
CA PHE A 112 -22.96 4.28 -7.06
C PHE A 112 -23.81 5.24 -6.23
N HIS A 113 -23.34 6.47 -6.12
CA HIS A 113 -24.05 7.50 -5.35
C HIS A 113 -24.29 7.03 -3.91
N GLN A 114 -23.23 6.54 -3.28
CA GLN A 114 -23.32 6.06 -1.91
C GLN A 114 -22.01 6.30 -1.16
N SER A 115 -22.10 6.61 0.13
CA SER A 115 -20.93 6.86 0.94
C SER A 115 -20.27 5.54 1.37
N VAL A 116 -19.01 5.38 1.00
CA VAL A 116 -18.26 4.17 1.34
C VAL A 116 -17.12 4.48 2.30
N GLN A 117 -17.23 3.96 3.51
CA GLN A 117 -16.20 4.18 4.53
C GLN A 117 -15.74 2.86 5.14
N GLU A 118 -14.57 2.40 4.74
CA GLU A 118 -14.02 1.15 5.24
C GLU A 118 -12.67 1.38 5.93
N ILE A 119 -12.58 0.94 7.18
CA ILE A 119 -11.35 1.10 7.95
C ILE A 119 -10.85 -0.25 8.47
N PHE A 120 -9.73 -0.70 7.90
CA PHE A 120 -9.14 -1.97 8.31
C PHE A 120 -7.63 -1.85 8.48
N GLU A 121 -7.06 -2.71 9.31
CA GLU A 121 -5.62 -2.69 9.56
C GLU A 121 -4.98 -4.00 9.13
N VAL A 122 -3.97 -3.91 8.27
CA VAL A 122 -3.26 -5.08 7.78
C VAL A 122 -2.72 -5.92 8.93
N ASN A 123 -3.37 -7.05 9.19
CA ASN A 123 -2.95 -7.94 10.27
C ASN A 123 -2.13 -9.10 9.72
N ASN A 124 -1.93 -9.10 8.41
CA ASN A 124 -1.15 -10.16 7.75
C ASN A 124 0.13 -9.60 7.16
N LEU A 125 0.77 -8.68 7.87
CA LEU A 125 2.01 -8.07 7.40
C LEU A 125 3.15 -9.09 7.39
N PRO A 126 4.01 -8.99 6.37
CA PRO A 126 5.16 -9.89 6.21
C PRO A 126 6.23 -9.66 7.26
N VAL A 127 6.86 -10.74 7.70
CA VAL A 127 7.92 -10.66 8.71
C VAL A 127 9.17 -10.01 8.15
N GLU A 128 9.54 -10.41 6.94
CA GLU A 128 10.73 -9.87 6.28
C GLU A 128 10.87 -8.38 6.56
N SER A 129 9.74 -7.68 6.62
CA SER A 129 9.74 -6.24 6.87
C SER A 129 10.66 -5.90 8.04
N TRP A 130 10.54 -6.66 9.12
CA TRP A 130 11.35 -6.44 10.31
C TRP A 130 12.52 -7.42 10.36
N GLN A 131 12.22 -8.69 10.13
CA GLN A 131 13.24 -9.73 10.15
C GLN A 131 14.42 -9.35 9.27
N GLY A 1 31.97 -0.61 -7.41
CA GLY A 1 32.30 -1.75 -6.57
C GLY A 1 31.34 -2.90 -6.74
N SER A 2 31.37 -3.84 -5.81
CA SER A 2 30.49 -5.01 -5.86
C SER A 2 29.11 -4.63 -6.40
N SER A 3 28.60 -5.43 -7.33
CA SER A 3 27.30 -5.18 -7.93
C SER A 3 26.46 -6.45 -7.97
N GLY A 4 25.39 -6.48 -7.20
CA GLY A 4 24.52 -7.64 -7.16
C GLY A 4 25.29 -8.92 -6.90
N SER A 5 24.56 -10.03 -6.77
CA SER A 5 25.18 -11.33 -6.50
C SER A 5 25.16 -12.20 -7.75
N SER A 6 25.75 -13.38 -7.64
CA SER A 6 25.81 -14.32 -8.76
C SER A 6 24.55 -15.16 -8.83
N GLY A 7 24.32 -15.79 -9.98
CA GLY A 7 23.14 -16.63 -10.15
C GLY A 7 21.88 -15.81 -10.37
N PRO A 8 20.72 -16.45 -10.20
CA PRO A 8 19.42 -15.81 -10.38
C PRO A 8 19.12 -14.79 -9.28
N PRO A 9 18.14 -13.91 -9.53
CA PRO A 9 17.74 -12.87 -8.58
C PRO A 9 17.04 -13.46 -7.35
N PRO A 10 17.10 -12.72 -6.23
CA PRO A 10 16.48 -13.13 -4.98
C PRO A 10 14.95 -13.08 -5.04
N ALA A 11 14.31 -13.31 -3.90
CA ALA A 11 12.85 -13.29 -3.82
C ALA A 11 12.37 -12.22 -2.86
N PRO A 12 11.95 -11.07 -3.41
CA PRO A 12 11.45 -9.94 -2.62
C PRO A 12 10.10 -10.24 -1.97
N ILE A 13 9.50 -9.22 -1.38
CA ILE A 13 8.21 -9.37 -0.73
C ILE A 13 7.06 -9.20 -1.72
N PRO A 14 6.32 -10.29 -1.97
CA PRO A 14 5.19 -10.27 -2.90
C PRO A 14 4.01 -9.47 -2.37
N ASP A 15 3.16 -9.01 -3.27
CA ASP A 15 1.98 -8.23 -2.90
C ASP A 15 1.23 -8.90 -1.76
N LEU A 16 0.31 -8.17 -1.15
CA LEU A 16 -0.49 -8.68 -0.05
C LEU A 16 -1.90 -8.09 -0.06
N LYS A 17 -2.90 -8.96 -0.19
CA LYS A 17 -4.29 -8.52 -0.21
C LYS A 17 -4.72 -8.01 1.16
N VAL A 18 -5.34 -6.84 1.18
CA VAL A 18 -5.81 -6.24 2.43
C VAL A 18 -7.30 -5.98 2.39
N PHE A 19 -7.84 -5.80 1.17
CA PHE A 19 -9.26 -5.53 1.00
C PHE A 19 -9.76 -6.13 -0.32
N GLU A 20 -10.93 -6.76 -0.28
CA GLU A 20 -11.52 -7.36 -1.46
C GLU A 20 -13.01 -7.05 -1.56
N ARG A 21 -13.39 -6.35 -2.61
CA ARG A 21 -14.79 -5.99 -2.82
C ARG A 21 -15.19 -6.16 -4.28
N GLU A 22 -16.25 -6.92 -4.51
CA GLU A 22 -16.74 -7.17 -5.87
C GLU A 22 -16.51 -5.96 -6.76
N GLY A 23 -15.57 -6.07 -7.68
CA GLY A 23 -15.26 -4.97 -8.58
C GLY A 23 -14.02 -4.21 -8.17
N VAL A 24 -13.94 -3.89 -6.88
CA VAL A 24 -12.79 -3.15 -6.36
C VAL A 24 -11.90 -4.04 -5.50
N GLN A 25 -10.61 -4.06 -5.82
CA GLN A 25 -9.65 -4.89 -5.09
C GLN A 25 -8.44 -4.05 -4.68
N LEU A 26 -8.11 -4.10 -3.39
CA LEU A 26 -6.97 -3.35 -2.87
C LEU A 26 -5.78 -4.28 -2.63
N ASN A 27 -4.62 -3.87 -3.15
CA ASN A 27 -3.40 -4.66 -3.00
C ASN A 27 -2.32 -3.85 -2.29
N LEU A 28 -1.39 -4.56 -1.64
CA LEU A 28 -0.31 -3.91 -0.93
C LEU A 28 1.05 -4.44 -1.40
N SER A 29 1.96 -3.52 -1.69
CA SER A 29 3.29 -3.89 -2.17
C SER A 29 4.37 -3.22 -1.31
N PHE A 30 5.22 -4.04 -0.70
CA PHE A 30 6.30 -3.53 0.13
C PHE A 30 7.58 -3.35 -0.67
N ILE A 31 8.42 -2.42 -0.22
CA ILE A 31 9.69 -2.15 -0.90
C ILE A 31 10.78 -1.76 0.09
N ARG A 32 11.90 -2.46 0.04
CA ARG A 32 13.01 -2.19 0.94
C ARG A 32 14.27 -1.81 0.15
N PRO A 33 14.56 -0.51 0.09
CA PRO A 33 15.72 0.01 -0.64
C PRO A 33 17.03 -0.34 0.05
N PRO A 34 18.09 -0.54 -0.75
CA PRO A 34 19.41 -0.89 -0.24
C PRO A 34 20.08 0.26 0.50
N GLU A 35 19.89 1.48 -0.02
CA GLU A 35 20.47 2.67 0.59
C GLU A 35 19.98 2.82 2.03
N ASN A 36 18.69 2.57 2.24
CA ASN A 36 18.10 2.68 3.57
C ASN A 36 17.27 1.45 3.92
N PRO A 37 17.88 0.52 4.66
CA PRO A 37 17.24 -0.72 5.08
C PRO A 37 16.13 -0.48 6.10
N ALA A 38 16.29 0.56 6.91
CA ALA A 38 15.31 0.90 7.93
C ALA A 38 14.10 1.61 7.32
N LEU A 39 14.23 1.99 6.05
CA LEU A 39 13.15 2.68 5.35
C LEU A 39 12.25 1.68 4.63
N LEU A 40 10.97 1.70 4.98
CA LEU A 40 10.00 0.79 4.36
C LEU A 40 9.03 1.56 3.49
N LEU A 41 9.18 1.41 2.17
CA LEU A 41 8.31 2.09 1.22
C LEU A 41 7.12 1.21 0.84
N ILE A 42 5.93 1.66 1.19
CA ILE A 42 4.71 0.92 0.89
C ILE A 42 3.92 1.60 -0.22
N THR A 43 3.25 0.78 -1.05
CA THR A 43 2.45 1.30 -2.16
C THR A 43 1.09 0.62 -2.22
N ILE A 44 0.11 1.34 -2.75
CA ILE A 44 -1.24 0.80 -2.87
C ILE A 44 -1.67 0.69 -4.33
N THR A 45 -2.51 -0.30 -4.63
CA THR A 45 -2.99 -0.51 -5.99
C THR A 45 -4.50 -0.72 -6.00
N ALA A 46 -5.24 0.37 -6.11
CA ALA A 46 -6.70 0.31 -6.14
C ALA A 46 -7.21 0.21 -7.58
N THR A 47 -7.77 -0.96 -7.92
CA THR A 47 -8.29 -1.18 -9.25
C THR A 47 -9.82 -1.31 -9.24
N ASN A 48 -10.47 -0.75 -10.25
CA ASN A 48 -11.91 -0.80 -10.35
C ASN A 48 -12.35 -1.46 -11.65
N PHE A 49 -13.40 -2.29 -11.57
CA PHE A 49 -13.91 -2.98 -12.74
C PHE A 49 -15.42 -2.81 -12.85
N SER A 50 -16.09 -2.70 -11.71
CA SER A 50 -17.54 -2.53 -11.68
C SER A 50 -17.97 -1.41 -12.62
N GLU A 51 -19.27 -1.33 -12.87
CA GLU A 51 -19.82 -0.30 -13.75
C GLU A 51 -20.07 0.99 -12.99
N GLY A 52 -19.23 1.27 -12.00
CA GLY A 52 -19.37 2.47 -11.21
C GLY A 52 -18.05 3.21 -11.02
N ASP A 53 -17.81 4.20 -11.86
CA ASP A 53 -16.57 4.98 -11.77
C ASP A 53 -16.43 5.62 -10.40
N VAL A 54 -15.20 5.61 -9.87
CA VAL A 54 -14.93 6.20 -8.57
C VAL A 54 -14.10 7.47 -8.69
N THR A 55 -14.37 8.43 -7.83
CA THR A 55 -13.65 9.71 -7.84
C THR A 55 -13.45 10.24 -6.43
N HIS A 56 -12.73 11.36 -6.33
CA HIS A 56 -12.48 11.97 -5.03
C HIS A 56 -12.07 10.92 -4.00
N PHE A 57 -11.22 9.99 -4.40
CA PHE A 57 -10.75 8.94 -3.52
C PHE A 57 -9.66 9.45 -2.58
N ILE A 58 -9.75 9.07 -1.31
CA ILE A 58 -8.77 9.49 -0.32
C ILE A 58 -8.43 8.34 0.63
N CYS A 59 -7.16 7.95 0.64
CA CYS A 59 -6.71 6.87 1.51
C CYS A 59 -5.86 7.41 2.65
N GLN A 60 -6.37 7.23 3.87
CA GLN A 60 -5.65 7.71 5.06
C GLN A 60 -5.06 6.54 5.84
N ALA A 61 -3.99 6.83 6.59
CA ALA A 61 -3.33 5.80 7.39
C ALA A 61 -2.79 6.38 8.69
N ALA A 62 -2.40 5.50 9.62
CA ALA A 62 -1.88 5.92 10.90
C ALA A 62 -0.91 4.89 11.47
N VAL A 63 0.34 5.31 11.66
CA VAL A 63 1.36 4.41 12.19
C VAL A 63 1.71 4.78 13.63
N PRO A 64 2.14 3.77 14.41
CA PRO A 64 2.51 3.95 15.82
C PRO A 64 3.81 4.75 15.97
N LYS A 65 3.91 5.50 17.06
CA LYS A 65 5.09 6.30 17.33
C LYS A 65 6.36 5.58 16.87
N SER A 66 6.48 4.32 17.26
CA SER A 66 7.65 3.52 16.88
C SER A 66 8.01 3.73 15.41
N LEU A 67 7.01 3.69 14.55
CA LEU A 67 7.21 3.88 13.11
C LEU A 67 6.71 5.25 12.67
N GLN A 68 7.24 5.75 11.56
CA GLN A 68 6.85 7.05 11.03
C GLN A 68 6.01 6.88 9.77
N LEU A 69 5.29 7.93 9.40
CA LEU A 69 4.45 7.91 8.21
C LEU A 69 4.54 9.23 7.45
N GLN A 70 4.58 9.14 6.12
CA GLN A 70 4.66 10.33 5.27
C GLN A 70 3.76 10.19 4.06
N LEU A 71 2.81 11.11 3.92
CA LEU A 71 1.88 11.09 2.80
C LEU A 71 2.48 11.80 1.59
N GLN A 72 2.79 11.02 0.55
CA GLN A 72 3.36 11.58 -0.67
C GLN A 72 2.27 11.96 -1.66
N ALA A 73 2.52 13.02 -2.44
CA ALA A 73 1.57 13.48 -3.43
C ALA A 73 1.16 12.35 -4.37
N PRO A 74 -0.14 12.02 -4.38
CA PRO A 74 -0.68 10.95 -5.23
C PRO A 74 -0.67 11.33 -6.70
N SER A 75 -1.13 10.41 -7.56
CA SER A 75 -1.16 10.65 -8.99
C SER A 75 -2.47 11.33 -9.40
N GLY A 76 -3.58 10.84 -8.85
CA GLY A 76 -4.87 11.42 -9.16
C GLY A 76 -5.96 10.95 -8.22
N ASN A 77 -7.13 11.57 -8.32
CA ASN A 77 -8.26 11.21 -7.46
C ASN A 77 -9.42 10.68 -8.29
N THR A 78 -9.10 10.09 -9.44
CA THR A 78 -10.12 9.54 -10.32
C THR A 78 -9.77 8.11 -10.74
N VAL A 79 -10.77 7.25 -10.79
CA VAL A 79 -10.58 5.86 -11.18
C VAL A 79 -11.60 5.43 -12.22
N PRO A 80 -11.10 4.98 -13.38
CA PRO A 80 -11.96 4.53 -14.49
C PRO A 80 -12.68 3.21 -14.17
N ALA A 81 -13.92 3.10 -14.61
CA ALA A 81 -14.70 1.89 -14.38
C ALA A 81 -14.44 0.85 -15.46
N ARG A 82 -13.29 0.96 -16.11
CA ARG A 82 -12.92 0.02 -17.16
C ARG A 82 -11.55 -0.59 -16.90
N GLY A 83 -11.15 -0.60 -15.63
CA GLY A 83 -9.86 -1.15 -15.27
C GLY A 83 -8.70 -0.43 -15.93
N GLY A 84 -8.90 0.85 -16.22
CA GLY A 84 -7.86 1.64 -16.86
C GLY A 84 -6.55 1.60 -16.09
N LEU A 85 -6.30 2.65 -15.30
CA LEU A 85 -5.08 2.73 -14.51
C LEU A 85 -5.40 3.05 -13.06
N PRO A 86 -5.03 2.12 -12.15
CA PRO A 86 -5.26 2.29 -10.72
C PRO A 86 -4.38 3.37 -10.10
N ILE A 87 -4.77 3.86 -8.93
CA ILE A 87 -4.02 4.89 -8.25
C ILE A 87 -2.98 4.29 -7.30
N THR A 88 -1.78 4.88 -7.28
CA THR A 88 -0.71 4.39 -6.43
C THR A 88 -0.12 5.52 -5.59
N GLN A 89 0.02 5.28 -4.30
CA GLN A 89 0.56 6.29 -3.39
C GLN A 89 1.84 5.77 -2.72
N LEU A 90 2.66 6.69 -2.24
CA LEU A 90 3.91 6.34 -1.58
C LEU A 90 3.90 6.76 -0.12
N PHE A 91 4.48 5.93 0.74
CA PHE A 91 4.52 6.22 2.18
C PHE A 91 5.89 5.85 2.75
N ARG A 92 6.61 6.85 3.25
CA ARG A 92 7.92 6.64 3.82
C ARG A 92 7.81 6.34 5.32
N ILE A 93 8.11 5.11 5.70
CA ILE A 93 8.04 4.70 7.09
C ILE A 93 9.43 4.35 7.63
N LEU A 94 9.65 4.63 8.91
CA LEU A 94 10.94 4.35 9.55
C LEU A 94 10.80 3.22 10.57
N ASN A 95 11.63 2.20 10.43
CA ASN A 95 11.61 1.06 11.34
C ASN A 95 13.00 0.79 11.91
N PRO A 96 13.68 1.86 12.34
CA PRO A 96 15.02 1.76 12.91
C PRO A 96 15.02 1.09 14.28
N ASN A 97 13.85 0.97 14.87
CA ASN A 97 13.71 0.35 16.19
C ASN A 97 13.52 -1.16 16.06
N LYS A 98 13.62 -1.66 14.83
CA LYS A 98 13.46 -3.09 14.56
C LYS A 98 12.25 -3.65 15.31
N ALA A 99 11.13 -2.92 15.23
CA ALA A 99 9.91 -3.35 15.89
C ALA A 99 8.78 -3.57 14.88
N PRO A 100 8.50 -4.85 14.58
CA PRO A 100 7.44 -5.22 13.63
C PRO A 100 6.04 -4.91 14.15
N LEU A 101 5.58 -3.70 13.92
CA LEU A 101 4.26 -3.27 14.36
C LEU A 101 3.26 -3.33 13.22
N ARG A 102 2.04 -2.87 13.49
CA ARG A 102 0.99 -2.86 12.48
C ARG A 102 0.72 -1.44 11.98
N LEU A 103 -0.22 -1.32 11.04
CA LEU A 103 -0.57 -0.01 10.48
C LEU A 103 -2.08 0.08 10.26
N LYS A 104 -2.62 1.28 10.47
CA LYS A 104 -4.05 1.51 10.28
C LYS A 104 -4.33 2.10 8.91
N LEU A 105 -5.34 1.56 8.22
CA LEU A 105 -5.71 2.04 6.89
C LEU A 105 -7.18 2.45 6.86
N ARG A 106 -7.44 3.57 6.19
CA ARG A 106 -8.81 4.07 6.07
C ARG A 106 -9.14 4.43 4.63
N LEU A 107 -10.32 4.03 4.17
CA LEU A 107 -10.77 4.31 2.82
C LEU A 107 -12.11 5.02 2.81
N THR A 108 -12.18 6.15 2.12
CA THR A 108 -13.41 6.92 2.03
C THR A 108 -13.60 7.51 0.64
N TYR A 109 -14.62 7.05 -0.07
CA TYR A 109 -14.90 7.53 -1.41
C TYR A 109 -16.36 7.27 -1.79
N ASP A 110 -16.75 7.74 -2.97
CA ASP A 110 -18.12 7.57 -3.45
C ASP A 110 -18.19 6.42 -4.45
N HIS A 111 -19.14 5.51 -4.23
CA HIS A 111 -19.33 4.37 -5.12
C HIS A 111 -20.78 4.23 -5.54
N PHE A 112 -21.04 4.37 -6.84
CA PHE A 112 -22.40 4.26 -7.36
C PHE A 112 -23.34 5.23 -6.65
N HIS A 113 -22.93 6.49 -6.59
CA HIS A 113 -23.74 7.52 -5.94
C HIS A 113 -24.08 7.11 -4.51
N GLN A 114 -23.08 6.65 -3.77
CA GLN A 114 -23.27 6.23 -2.39
C GLN A 114 -21.99 6.43 -1.57
N SER A 115 -22.15 6.80 -0.30
CA SER A 115 -21.02 7.02 0.58
C SER A 115 -20.44 5.69 1.06
N VAL A 116 -19.15 5.50 0.83
CA VAL A 116 -18.48 4.28 1.24
C VAL A 116 -17.35 4.57 2.21
N GLN A 117 -17.49 4.09 3.44
CA GLN A 117 -16.47 4.31 4.48
C GLN A 117 -16.14 3.01 5.20
N GLU A 118 -15.00 2.41 4.87
CA GLU A 118 -14.58 1.18 5.49
C GLU A 118 -13.17 1.30 6.06
N ILE A 119 -13.05 1.07 7.36
CA ILE A 119 -11.76 1.17 8.04
C ILE A 119 -11.32 -0.19 8.58
N PHE A 120 -10.11 -0.60 8.23
CA PHE A 120 -9.58 -1.88 8.68
C PHE A 120 -8.08 -1.79 8.96
N GLU A 121 -7.55 -2.76 9.69
CA GLU A 121 -6.13 -2.77 10.03
C GLU A 121 -5.44 -4.00 9.44
N VAL A 122 -4.29 -3.79 8.83
CA VAL A 122 -3.53 -4.88 8.22
C VAL A 122 -2.76 -5.67 9.28
N ASN A 123 -3.33 -6.79 9.70
CA ASN A 123 -2.69 -7.64 10.71
C ASN A 123 -1.92 -8.78 10.05
N ASN A 124 -2.21 -9.02 8.77
CA ASN A 124 -1.54 -10.09 8.03
C ASN A 124 -0.32 -9.55 7.30
N LEU A 125 0.43 -8.68 7.97
CA LEU A 125 1.63 -8.09 7.37
C LEU A 125 2.73 -9.14 7.21
N PRO A 126 3.66 -8.88 6.27
CA PRO A 126 4.77 -9.79 6.01
C PRO A 126 5.79 -9.82 7.14
N VAL A 127 6.68 -10.80 7.11
CA VAL A 127 7.71 -10.94 8.13
C VAL A 127 9.07 -10.47 7.62
N GLU A 128 9.30 -10.67 6.32
CA GLU A 128 10.57 -10.28 5.70
C GLU A 128 10.95 -8.86 6.11
N SER A 129 9.95 -8.04 6.40
CA SER A 129 10.19 -6.65 6.80
C SER A 129 11.18 -6.59 7.95
N TRP A 130 11.06 -7.53 8.88
CA TRP A 130 11.95 -7.58 10.04
C TRP A 130 12.88 -8.78 9.96
N GLN A 131 12.32 -9.93 9.61
CA GLN A 131 13.10 -11.16 9.50
C GLN A 131 14.40 -10.91 8.75
N GLY A 1 37.85 -1.36 -3.93
CA GLY A 1 38.65 -2.57 -3.95
C GLY A 1 37.82 -3.82 -3.73
N SER A 2 37.03 -3.82 -2.67
CA SER A 2 36.19 -4.97 -2.35
C SER A 2 34.81 -4.82 -2.99
N SER A 3 34.64 -5.44 -4.15
CA SER A 3 33.37 -5.38 -4.88
C SER A 3 32.87 -6.78 -5.20
N GLY A 4 31.68 -6.85 -5.78
CA GLY A 4 31.09 -8.13 -6.13
C GLY A 4 29.87 -8.47 -5.31
N SER A 5 30.07 -9.27 -4.27
CA SER A 5 28.97 -9.67 -3.39
C SER A 5 27.71 -9.97 -4.21
N SER A 6 27.90 -10.65 -5.35
CA SER A 6 26.79 -11.00 -6.21
C SER A 6 26.71 -12.52 -6.41
N GLY A 7 25.51 -13.06 -6.30
CA GLY A 7 25.32 -14.50 -6.46
C GLY A 7 23.90 -14.85 -6.83
N PRO A 8 23.33 -15.82 -6.11
CA PRO A 8 21.95 -16.28 -6.35
C PRO A 8 20.92 -15.23 -5.97
N PRO A 9 19.72 -15.34 -6.57
CA PRO A 9 18.61 -14.41 -6.31
C PRO A 9 18.04 -14.58 -4.90
N PRO A 10 17.94 -13.47 -4.16
CA PRO A 10 17.41 -13.47 -2.80
C PRO A 10 15.91 -13.74 -2.76
N ALA A 11 15.29 -13.50 -1.61
CA ALA A 11 13.87 -13.71 -1.44
C ALA A 11 13.16 -12.41 -1.04
N PRO A 12 12.57 -11.73 -2.03
CA PRO A 12 11.87 -10.47 -1.79
C PRO A 12 10.56 -10.67 -1.04
N ILE A 13 9.71 -9.65 -1.06
CA ILE A 13 8.42 -9.73 -0.37
C ILE A 13 7.26 -9.67 -1.36
N PRO A 14 6.41 -10.70 -1.33
CA PRO A 14 5.24 -10.79 -2.22
C PRO A 14 4.16 -9.76 -1.88
N ASP A 15 3.09 -9.75 -2.66
CA ASP A 15 2.00 -8.81 -2.43
C ASP A 15 1.10 -9.29 -1.30
N LEU A 16 0.29 -8.38 -0.77
CA LEU A 16 -0.62 -8.71 0.33
C LEU A 16 -2.00 -8.10 0.09
N LYS A 17 -3.04 -8.86 0.42
CA LYS A 17 -4.41 -8.41 0.24
C LYS A 17 -4.90 -7.70 1.50
N VAL A 18 -5.62 -6.59 1.31
CA VAL A 18 -6.16 -5.82 2.42
C VAL A 18 -7.66 -5.59 2.26
N PHE A 19 -8.07 -5.35 1.02
CA PHE A 19 -9.49 -5.11 0.72
C PHE A 19 -9.91 -5.82 -0.56
N GLU A 20 -11.08 -6.43 -0.53
CA GLU A 20 -11.59 -7.15 -1.69
C GLU A 20 -13.09 -6.91 -1.87
N ARG A 21 -13.48 -6.47 -3.05
CA ARG A 21 -14.88 -6.19 -3.34
C ARG A 21 -15.29 -6.78 -4.70
N GLU A 22 -16.55 -7.16 -4.82
CA GLU A 22 -17.06 -7.73 -6.06
C GLU A 22 -16.41 -7.07 -7.27
N GLY A 23 -16.08 -5.79 -7.14
CA GLY A 23 -15.45 -5.07 -8.22
C GLY A 23 -14.22 -4.30 -7.78
N VAL A 24 -14.28 -3.73 -6.58
CA VAL A 24 -13.15 -2.98 -6.04
C VAL A 24 -12.17 -3.88 -5.33
N GLN A 25 -10.90 -3.80 -5.72
CA GLN A 25 -9.86 -4.63 -5.12
C GLN A 25 -8.64 -3.78 -4.77
N LEU A 26 -8.14 -3.95 -3.54
CA LEU A 26 -6.98 -3.20 -3.08
C LEU A 26 -5.82 -4.15 -2.76
N ASN A 27 -4.68 -3.94 -3.44
CA ASN A 27 -3.51 -4.77 -3.23
C ASN A 27 -2.43 -3.99 -2.49
N LEU A 28 -1.63 -4.70 -1.71
CA LEU A 28 -0.55 -4.08 -0.94
C LEU A 28 0.81 -4.61 -1.38
N SER A 29 1.80 -3.74 -1.41
CA SER A 29 3.15 -4.12 -1.80
C SER A 29 4.19 -3.51 -0.88
N PHE A 30 5.28 -4.24 -0.64
CA PHE A 30 6.35 -3.76 0.23
C PHE A 30 7.65 -3.57 -0.56
N ILE A 31 8.34 -2.47 -0.28
CA ILE A 31 9.59 -2.17 -0.96
C ILE A 31 10.71 -1.92 0.05
N ARG A 32 11.79 -2.69 -0.09
CA ARG A 32 12.94 -2.55 0.80
C ARG A 32 14.17 -2.07 0.05
N PRO A 33 14.38 -0.75 0.04
CA PRO A 33 15.53 -0.13 -0.64
C PRO A 33 16.85 -0.44 0.04
N PRO A 34 17.91 -0.57 -0.76
CA PRO A 34 19.26 -0.88 -0.26
C PRO A 34 19.86 0.30 0.51
N GLU A 35 19.69 1.50 -0.04
CA GLU A 35 20.22 2.70 0.61
C GLU A 35 19.67 2.86 2.03
N ASN A 36 18.38 2.61 2.18
CA ASN A 36 17.73 2.72 3.48
C ASN A 36 17.09 1.40 3.89
N PRO A 37 17.85 0.58 4.64
CA PRO A 37 17.39 -0.72 5.11
C PRO A 37 16.31 -0.60 6.17
N ALA A 38 16.30 0.52 6.87
CA ALA A 38 15.32 0.76 7.92
C ALA A 38 14.07 1.46 7.36
N LEU A 39 14.11 1.77 6.07
CA LEU A 39 12.99 2.45 5.42
C LEU A 39 12.10 1.43 4.71
N LEU A 40 10.79 1.66 4.78
CA LEU A 40 9.82 0.77 4.15
C LEU A 40 8.84 1.56 3.30
N LEU A 41 9.02 1.49 1.98
CA LEU A 41 8.16 2.19 1.05
C LEU A 41 6.96 1.33 0.65
N ILE A 42 5.79 1.67 1.18
CA ILE A 42 4.57 0.93 0.88
C ILE A 42 3.80 1.57 -0.27
N THR A 43 3.18 0.74 -1.11
CA THR A 43 2.41 1.22 -2.24
C THR A 43 1.01 0.63 -2.25
N ILE A 44 0.07 1.35 -2.84
CA ILE A 44 -1.31 0.89 -2.92
C ILE A 44 -1.77 0.79 -4.37
N THR A 45 -2.58 -0.22 -4.66
CA THR A 45 -3.09 -0.43 -6.01
C THR A 45 -4.60 -0.66 -5.99
N ALA A 46 -5.36 0.42 -5.97
CA ALA A 46 -6.82 0.33 -5.96
C ALA A 46 -7.37 0.27 -7.38
N THR A 47 -7.90 -0.89 -7.74
CA THR A 47 -8.47 -1.07 -9.08
C THR A 47 -9.98 -1.24 -9.02
N ASN A 48 -10.68 -0.65 -9.97
CA ASN A 48 -12.14 -0.72 -10.03
C ASN A 48 -12.61 -1.06 -11.43
N PHE A 49 -13.17 -2.26 -11.59
CA PHE A 49 -13.66 -2.71 -12.89
C PHE A 49 -15.19 -2.65 -12.94
N SER A 50 -15.80 -2.47 -11.77
CA SER A 50 -17.26 -2.39 -11.68
C SER A 50 -17.81 -1.36 -12.67
N GLU A 51 -19.12 -1.35 -12.83
CA GLU A 51 -19.78 -0.41 -13.74
C GLU A 51 -20.07 0.91 -13.04
N GLY A 52 -19.09 1.40 -12.28
CA GLY A 52 -19.26 2.64 -11.57
C GLY A 52 -17.94 3.30 -11.22
N ASP A 53 -17.59 4.35 -11.96
CA ASP A 53 -16.34 5.06 -11.72
C ASP A 53 -16.28 5.59 -10.29
N VAL A 54 -15.06 5.67 -9.76
CA VAL A 54 -14.87 6.14 -8.40
C VAL A 54 -14.04 7.43 -8.39
N THR A 55 -14.60 8.49 -7.83
CA THR A 55 -13.92 9.77 -7.75
C THR A 55 -13.61 10.15 -6.31
N HIS A 56 -12.89 11.25 -6.13
CA HIS A 56 -12.53 11.73 -4.80
C HIS A 56 -12.03 10.57 -3.93
N PHE A 57 -11.10 9.79 -4.47
CA PHE A 57 -10.54 8.65 -3.75
C PHE A 57 -9.42 9.10 -2.80
N ILE A 58 -9.69 9.01 -1.51
CA ILE A 58 -8.71 9.41 -0.50
C ILE A 58 -8.32 8.22 0.38
N CYS A 59 -7.03 7.92 0.42
CA CYS A 59 -6.53 6.81 1.24
C CYS A 59 -5.65 7.33 2.36
N GLN A 60 -6.12 7.17 3.60
CA GLN A 60 -5.37 7.62 4.76
C GLN A 60 -4.80 6.43 5.54
N ALA A 61 -3.82 6.70 6.39
CA ALA A 61 -3.20 5.66 7.19
C ALA A 61 -2.78 6.19 8.57
N ALA A 62 -2.28 5.30 9.42
CA ALA A 62 -1.84 5.68 10.76
C ALA A 62 -0.78 4.71 11.28
N VAL A 63 0.28 5.27 11.85
CA VAL A 63 1.36 4.45 12.39
C VAL A 63 1.67 4.85 13.83
N PRO A 64 2.16 3.87 14.61
CA PRO A 64 2.51 4.09 16.02
C PRO A 64 3.74 4.98 16.18
N LYS A 65 3.81 5.68 17.31
CA LYS A 65 4.93 6.57 17.59
C LYS A 65 6.26 5.87 17.30
N SER A 66 6.25 4.54 17.41
CA SER A 66 7.45 3.75 17.17
C SER A 66 7.98 3.97 15.75
N LEU A 67 7.07 3.93 14.78
CA LEU A 67 7.43 4.12 13.38
C LEU A 67 6.96 5.49 12.89
N GLN A 68 7.52 5.93 11.76
CA GLN A 68 7.17 7.22 11.18
C GLN A 68 6.26 7.03 9.97
N LEU A 69 5.63 8.12 9.55
CA LEU A 69 4.74 8.08 8.40
C LEU A 69 4.85 9.37 7.57
N GLN A 70 4.79 9.23 6.25
CA GLN A 70 4.89 10.37 5.36
C GLN A 70 3.97 10.20 4.15
N LEU A 71 2.97 11.08 4.05
CA LEU A 71 2.03 11.02 2.94
C LEU A 71 2.59 11.70 1.70
N GLN A 72 2.75 10.94 0.62
CA GLN A 72 3.28 11.46 -0.62
C GLN A 72 2.15 11.83 -1.59
N ALA A 73 2.41 12.80 -2.46
CA ALA A 73 1.42 13.23 -3.44
C ALA A 73 0.95 12.06 -4.29
N PRO A 74 -0.37 11.84 -4.30
CA PRO A 74 -0.99 10.76 -5.07
C PRO A 74 -0.93 11.01 -6.58
N SER A 75 -1.47 10.08 -7.35
CA SER A 75 -1.47 10.19 -8.80
C SER A 75 -2.76 10.86 -9.30
N GLY A 76 -3.79 10.84 -8.47
CA GLY A 76 -5.05 11.44 -8.83
C GLY A 76 -6.15 11.14 -7.84
N ASN A 77 -7.36 11.61 -8.13
CA ASN A 77 -8.50 11.39 -7.25
C ASN A 77 -9.63 10.70 -7.99
N THR A 78 -9.43 10.45 -9.28
CA THR A 78 -10.43 9.81 -10.11
C THR A 78 -9.97 8.43 -10.56
N VAL A 79 -10.92 7.52 -10.76
CA VAL A 79 -10.61 6.16 -11.20
C VAL A 79 -11.61 5.67 -12.23
N PRO A 80 -11.10 5.19 -13.37
CA PRO A 80 -11.94 4.67 -14.46
C PRO A 80 -12.63 3.36 -14.10
N ALA A 81 -13.94 3.31 -14.30
CA ALA A 81 -14.71 2.11 -13.99
C ALA A 81 -14.60 1.08 -15.12
N ARG A 82 -13.73 1.36 -16.08
CA ARG A 82 -13.53 0.46 -17.22
C ARG A 82 -12.14 -0.15 -17.18
N GLY A 83 -11.74 -0.63 -16.01
CA GLY A 83 -10.43 -1.24 -15.87
C GLY A 83 -9.32 -0.39 -16.47
N GLY A 84 -9.27 0.87 -16.08
CA GLY A 84 -8.25 1.77 -16.60
C GLY A 84 -6.95 1.67 -15.84
N LEU A 85 -6.65 2.69 -15.05
CA LEU A 85 -5.42 2.72 -14.26
C LEU A 85 -5.70 3.08 -12.81
N PRO A 86 -5.34 2.18 -11.89
CA PRO A 86 -5.54 2.38 -10.46
C PRO A 86 -4.64 3.47 -9.89
N ILE A 87 -5.06 4.05 -8.78
CA ILE A 87 -4.27 5.11 -8.13
C ILE A 87 -3.20 4.53 -7.21
N THR A 88 -2.02 5.12 -7.25
CA THR A 88 -0.91 4.66 -6.42
C THR A 88 -0.44 5.75 -5.47
N GLN A 89 -0.08 5.36 -4.26
CA GLN A 89 0.38 6.30 -3.25
C GLN A 89 1.65 5.80 -2.57
N LEU A 90 2.54 6.73 -2.24
CA LEU A 90 3.80 6.37 -1.59
C LEU A 90 3.76 6.74 -0.11
N PHE A 91 4.34 5.88 0.72
CA PHE A 91 4.37 6.10 2.16
C PHE A 91 5.71 5.67 2.75
N ARG A 92 6.42 6.62 3.35
CA ARG A 92 7.72 6.33 3.94
C ARG A 92 7.58 6.02 5.43
N ILE A 93 8.11 4.89 5.85
CA ILE A 93 8.03 4.48 7.25
C ILE A 93 9.42 4.11 7.78
N LEU A 94 9.67 4.47 9.04
CA LEU A 94 10.95 4.18 9.68
C LEU A 94 10.80 3.07 10.73
N ASN A 95 11.60 2.02 10.58
CA ASN A 95 11.56 0.91 11.51
C ASN A 95 12.96 0.62 12.08
N PRO A 96 13.67 1.68 12.47
CA PRO A 96 15.02 1.57 13.03
C PRO A 96 15.01 0.94 14.42
N ASN A 97 13.87 0.99 15.10
CA ASN A 97 13.75 0.42 16.43
C ASN A 97 13.56 -1.09 16.36
N LYS A 98 13.65 -1.63 15.15
CA LYS A 98 13.49 -3.07 14.94
C LYS A 98 12.21 -3.58 15.61
N ALA A 99 11.22 -2.70 15.71
CA ALA A 99 9.94 -3.07 16.32
C ALA A 99 8.88 -3.31 15.25
N PRO A 100 8.57 -4.60 15.01
CA PRO A 100 7.56 -4.99 14.01
C PRO A 100 6.15 -4.62 14.44
N LEU A 101 5.65 -3.49 13.95
CA LEU A 101 4.32 -3.03 14.28
C LEU A 101 3.36 -3.24 13.11
N ARG A 102 2.12 -2.78 13.26
CA ARG A 102 1.12 -2.92 12.22
C ARG A 102 0.84 -1.58 11.54
N LEU A 103 0.02 -1.61 10.50
CA LEU A 103 -0.32 -0.39 9.76
C LEU A 103 -1.83 -0.28 9.56
N LYS A 104 -2.38 0.89 9.88
CA LYS A 104 -3.81 1.13 9.73
C LYS A 104 -4.11 1.82 8.41
N LEU A 105 -5.12 1.33 7.71
CA LEU A 105 -5.51 1.91 6.42
C LEU A 105 -6.99 2.27 6.42
N ARG A 106 -7.29 3.48 5.96
CA ARG A 106 -8.67 3.96 5.90
C ARG A 106 -9.05 4.35 4.48
N LEU A 107 -10.23 3.94 4.05
CA LEU A 107 -10.72 4.25 2.71
C LEU A 107 -12.00 5.08 2.77
N THR A 108 -12.13 6.02 1.85
CA THR A 108 -13.30 6.89 1.80
C THR A 108 -13.47 7.51 0.42
N TYR A 109 -14.49 7.06 -0.31
CA TYR A 109 -14.76 7.58 -1.64
C TYR A 109 -16.23 7.39 -2.02
N ASP A 110 -16.61 7.94 -3.16
CA ASP A 110 -17.99 7.82 -3.64
C ASP A 110 -18.11 6.77 -4.73
N HIS A 111 -19.08 5.88 -4.59
CA HIS A 111 -19.30 4.81 -5.55
C HIS A 111 -20.79 4.65 -5.85
N PHE A 112 -21.12 4.48 -7.12
CA PHE A 112 -22.51 4.31 -7.54
C PHE A 112 -23.42 5.31 -6.84
N HIS A 113 -22.91 6.52 -6.63
CA HIS A 113 -23.67 7.58 -5.97
C HIS A 113 -23.96 7.21 -4.52
N GLN A 114 -22.96 6.66 -3.84
CA GLN A 114 -23.10 6.26 -2.45
C GLN A 114 -21.78 6.40 -1.70
N SER A 115 -21.88 6.82 -0.43
CA SER A 115 -20.69 7.01 0.40
C SER A 115 -20.07 5.66 0.79
N VAL A 116 -18.80 5.48 0.47
CA VAL A 116 -18.10 4.24 0.78
C VAL A 116 -16.95 4.49 1.76
N GLN A 117 -17.15 4.10 3.01
CA GLN A 117 -16.13 4.29 4.04
C GLN A 117 -15.84 2.97 4.75
N GLU A 118 -14.69 2.37 4.42
CA GLU A 118 -14.30 1.11 5.03
C GLU A 118 -12.94 1.24 5.72
N ILE A 119 -12.90 0.87 7.00
CA ILE A 119 -11.67 0.95 7.78
C ILE A 119 -11.23 -0.44 8.26
N PHE A 120 -10.12 -0.92 7.71
CA PHE A 120 -9.59 -2.22 8.08
C PHE A 120 -8.14 -2.11 8.55
N GLU A 121 -7.73 -3.03 9.41
CA GLU A 121 -6.37 -3.03 9.94
C GLU A 121 -5.60 -4.25 9.44
N VAL A 122 -4.41 -4.01 8.90
CA VAL A 122 -3.57 -5.08 8.38
C VAL A 122 -2.84 -5.80 9.50
N ASN A 123 -3.11 -7.09 9.63
CA ASN A 123 -2.48 -7.90 10.67
C ASN A 123 -1.83 -9.15 10.07
N ASN A 124 -1.44 -9.06 8.80
CA ASN A 124 -0.81 -10.17 8.11
C ASN A 124 0.53 -9.75 7.52
N LEU A 125 0.97 -8.55 7.85
CA LEU A 125 2.23 -8.02 7.35
C LEU A 125 3.32 -9.09 7.40
N PRO A 126 4.21 -9.09 6.40
CA PRO A 126 5.32 -10.04 6.30
C PRO A 126 6.37 -9.81 7.37
N VAL A 127 7.33 -10.73 7.46
CA VAL A 127 8.41 -10.62 8.43
C VAL A 127 9.70 -10.13 7.78
N GLU A 128 9.87 -10.45 6.51
CA GLU A 128 11.05 -10.05 5.77
C GLU A 128 11.39 -8.58 6.02
N SER A 129 10.37 -7.81 6.39
CA SER A 129 10.55 -6.38 6.66
C SER A 129 11.52 -6.17 7.82
N TRP A 130 11.37 -6.98 8.86
CA TRP A 130 12.23 -6.87 10.04
C TRP A 130 13.28 -7.98 10.03
N GLN A 131 12.83 -9.22 9.89
CA GLN A 131 13.73 -10.35 9.87
C GLN A 131 14.83 -10.18 8.84
#